data_8SAV
#
_entry.id   8SAV
#
_cell.length_a   1.00
_cell.length_b   1.00
_cell.length_c   1.00
_cell.angle_alpha   90.00
_cell.angle_beta   90.00
_cell.angle_gamma   90.00
#
_symmetry.space_group_name_H-M   'P 1'
#
loop_
_entity.id
_entity.type
_entity.pdbx_description
1 polymer 'CH848.0526.25 gp120'
2 polymer 'CH848.0526.25 gp41'
3 polymer 'VRC01 variable heavy chain'
4 polymer 'VRC01 variable light chain'
5 branched beta-D-mannopyranose-(1-4)-2-acetamido-2-deoxy-beta-D-glucopyranose-(1-4)-2-acetamido-2-deoxy-beta-D-glucopyranose
6 branched 2-acetamido-2-deoxy-beta-D-glucopyranose-(1-4)-2-acetamido-2-deoxy-beta-D-glucopyranose
7 branched alpha-D-mannopyranose-(1-3)-[alpha-D-mannopyranose-(1-6)]beta-D-mannopyranose-(1-4)-2-acetamido-2-deoxy-beta-D-glucopyranose-(1-4)-2-acetamido-2-deoxy-beta-D-glucopyranose
8 non-polymer 2-acetamido-2-deoxy-beta-D-glucopyranose
#
loop_
_entity_poly.entity_id
_entity_poly.type
_entity_poly.pdbx_seq_one_letter_code
_entity_poly.pdbx_strand_id
1 'polypeptide(L)'
;AENLWVTVYYGVPVWKEAKTTLFCASDARAYEKEVHNVWATHACVPTDPSPQELFLENVTENFNMWKNDMVDQMHEDIIS
LWDQSLKPCVKLTPLCVTLICSNATVNNRTAYDTRSNVNVTSINNTIMGEMKNCSFNTTTEIRDKEKKEYALFYKPDIVP
LNETSNTSEYRLINCNTSACTQACPKVTFEPIPIHYCAPAGYAILKCNNETFNGTGPCSNVSTVQCTHGIRPVVSTQLLL
NGSLAEKEIVIRSENLTNNAKIIIVHLNTSVEIVCTRPGNNTRKSVRIGPGQTFYATGDIIGDIRQAHCNISEKQWNETL
QKVGKELQKHFPNKTIKYERSAGGDMEIATHSFNCGGEFFYCNTSKLFNGTYNGTDINISTNSNSTITLQCRIKQIINMW
QGVGRCMYAPPIAGNITCKSNITGLLLTRDGGTNSNKTEETFRPAGGDMRDNWRSELYKYKVVKIEPLGVAPTRCKRRVV
GRRRRRR
;
A,E,I
2 'polypeptide(L)'
;AVGIGAVFLGFLGAAGSTMGAASMTLTVQARNLLSGIVQQQSNLLRAPEAQQHLLKLTVWGIKQLQARVLAVERYLRDQQ
LLGIWGCSGKLICCTNVPWNSSWSNRNLSEIWDNMTWLQWDKEISNYTQIIYGLLEESQNQQEKNEQDLLALD
;
B,F,J
3 'polypeptide(L)'
;QVQLVQSGGQMKKPGESMRISCRASGYEFIDCTLNWIRLAPGKRPEWMGWLKPRGGAVNYARPLQGRVTMTRDVYSDTAF
LELRSLTVDDTAVYFCTRGKNCDYNWDFEHWGRGTPVIVSS
;
C,G,K
4 'polypeptide(L)'
;EIVLTQSPGTLSLSPGETAIISCRTSQYGSLAWYQQRPGQAPRLVIYSGSTRAAGIPDRFSGSRWGPDYNLTISNLESGD
FGVYYCQQYEFFGQGTKVQVD
;
D,H,L
#
loop_
_chem_comp.id
_chem_comp.type
_chem_comp.name
_chem_comp.formula
BMA D-saccharide, beta linking beta-D-mannopyranose 'C6 H12 O6'
MAN D-saccharide, alpha linking alpha-D-mannopyranose 'C6 H12 O6'
NAG D-saccharide, beta linking 2-acetamido-2-deoxy-beta-D-glucopyranose 'C8 H15 N O6'
#
# COMPACT_ATOMS: atom_id res chain seq x y z
N ALA A 1 3.81 -15.84 56.95
CA ALA A 1 4.30 -16.61 55.82
C ALA A 1 5.77 -17.00 56.03
N GLU A 2 5.99 -17.98 56.92
CA GLU A 2 7.33 -18.49 57.20
C GLU A 2 7.66 -19.74 56.40
N ASN A 3 6.73 -20.19 55.56
CA ASN A 3 6.94 -21.38 54.73
C ASN A 3 6.36 -21.21 53.33
N LEU A 4 6.18 -19.98 52.85
CA LEU A 4 5.23 -19.71 51.77
C LEU A 4 5.78 -18.56 50.92
N TRP A 5 6.27 -18.86 49.71
CA TRP A 5 6.85 -17.85 48.84
C TRP A 5 6.46 -18.09 47.39
N VAL A 6 6.35 -16.99 46.64
CA VAL A 6 5.94 -17.06 45.24
C VAL A 6 7.12 -17.47 44.37
N THR A 7 6.81 -17.78 43.12
CA THR A 7 7.82 -18.16 42.13
C THR A 7 7.30 -17.81 40.75
N VAL A 8 8.17 -17.26 39.92
CA VAL A 8 7.83 -16.91 38.55
C VAL A 8 8.17 -18.09 37.64
N TYR A 9 7.28 -18.38 36.69
CA TYR A 9 7.48 -19.42 35.70
C TYR A 9 7.22 -18.83 34.32
N TYR A 10 8.04 -19.23 33.36
CA TYR A 10 7.93 -18.77 31.98
C TYR A 10 7.90 -19.97 31.04
N GLY A 11 7.34 -19.75 29.85
CA GLY A 11 7.15 -20.86 28.93
C GLY A 11 6.18 -21.89 29.43
N VAL A 12 5.09 -21.46 30.04
CA VAL A 12 4.19 -22.35 30.78
C VAL A 12 3.04 -22.75 29.84
N PRO A 13 2.54 -24.00 29.87
CA PRO A 13 1.46 -24.36 28.94
C PRO A 13 0.09 -23.83 29.38
N VAL A 14 -0.22 -22.58 29.03
CA VAL A 14 -1.52 -21.99 29.27
C VAL A 14 -1.92 -21.20 28.04
N TRP A 15 -3.22 -21.16 27.76
CA TRP A 15 -3.73 -20.41 26.61
C TRP A 15 -5.13 -19.89 26.90
N LYS A 16 -5.51 -18.87 26.13
CA LYS A 16 -6.83 -18.25 26.19
C LYS A 16 -7.36 -18.07 24.79
N GLU A 17 -8.67 -17.87 24.68
CA GLU A 17 -9.38 -17.90 23.40
C GLU A 17 -9.51 -16.53 22.73
N ALA A 18 -8.39 -15.93 22.32
CA ALA A 18 -8.42 -14.66 21.62
C ALA A 18 -8.69 -14.88 20.12
N LYS A 19 -8.60 -13.79 19.36
CA LYS A 19 -8.79 -13.81 17.91
C LYS A 19 -7.64 -13.07 17.25
N THR A 20 -7.26 -13.50 16.05
CA THR A 20 -6.14 -12.89 15.35
C THR A 20 -6.25 -13.19 13.86
N THR A 21 -5.35 -12.58 13.09
CA THR A 21 -5.30 -12.78 11.64
C THR A 21 -4.37 -13.95 11.35
N LEU A 22 -4.86 -14.91 10.57
CA LEU A 22 -4.10 -16.13 10.30
C LEU A 22 -3.31 -16.02 9.00
N PHE A 23 -2.27 -16.84 8.90
CA PHE A 23 -1.45 -16.90 7.69
C PHE A 23 -2.11 -17.82 6.67
N CYS A 24 -1.87 -17.52 5.39
CA CYS A 24 -2.33 -18.34 4.29
C CYS A 24 -1.17 -19.19 3.77
N ALA A 25 -1.32 -20.51 3.81
CA ALA A 25 -0.32 -21.45 3.33
C ALA A 25 -0.89 -22.20 2.14
N SER A 26 -0.14 -22.21 1.04
CA SER A 26 -0.63 -22.77 -0.21
C SER A 26 -0.33 -24.27 -0.28
N ASP A 27 -0.51 -24.85 -1.47
CA ASP A 27 -0.38 -26.29 -1.66
C ASP A 27 1.07 -26.78 -1.66
N ALA A 28 2.04 -25.92 -1.94
CA ALA A 28 3.45 -26.31 -1.99
C ALA A 28 3.66 -27.41 -3.05
N ARG A 29 3.48 -27.07 -4.34
CA ARG A 29 3.49 -25.70 -4.87
C ARG A 29 2.85 -25.67 -6.25
N ALA A 30 2.00 -24.66 -6.47
CA ALA A 30 1.40 -24.40 -7.78
C ALA A 30 1.40 -22.91 -8.14
N TYR A 31 2.03 -22.06 -7.32
CA TYR A 31 1.98 -20.61 -7.50
C TYR A 31 3.15 -20.15 -8.35
N GLU A 32 2.84 -19.56 -9.51
CA GLU A 32 3.75 -18.65 -10.19
C GLU A 32 3.34 -17.23 -9.77
N LYS A 33 4.19 -16.58 -8.96
CA LYS A 33 3.74 -15.49 -8.11
C LYS A 33 3.17 -14.29 -8.87
N GLU A 34 3.53 -14.10 -10.14
CA GLU A 34 2.96 -13.01 -10.94
C GLU A 34 2.58 -13.46 -12.35
N VAL A 35 3.16 -14.56 -12.84
CA VAL A 35 2.93 -14.96 -14.23
C VAL A 35 1.45 -15.31 -14.45
N HIS A 36 0.86 -16.08 -13.54
CA HIS A 36 -0.56 -16.40 -13.60
C HIS A 36 -1.05 -16.60 -12.18
N ASN A 37 -2.36 -16.50 -12.01
CA ASN A 37 -3.02 -16.74 -10.73
C ASN A 37 -3.83 -18.02 -10.80
N VAL A 38 -3.56 -18.92 -9.85
CA VAL A 38 -4.18 -20.24 -9.81
C VAL A 38 -5.11 -20.28 -8.61
N TRP A 39 -4.70 -19.72 -7.47
CA TRP A 39 -5.68 -19.16 -6.55
C TRP A 39 -5.30 -17.78 -6.01
N ALA A 40 -4.09 -17.65 -5.47
CA ALA A 40 -3.67 -16.45 -4.76
C ALA A 40 -2.18 -16.19 -4.97
N THR A 41 -1.72 -16.29 -6.22
CA THR A 41 -0.28 -16.18 -6.48
C THR A 41 0.27 -14.82 -6.11
N HIS A 42 -0.48 -13.75 -6.39
CA HIS A 42 -0.03 -12.42 -6.01
C HIS A 42 0.04 -12.22 -4.51
N ALA A 43 -0.76 -12.96 -3.72
CA ALA A 43 -1.02 -12.58 -2.34
C ALA A 43 -0.58 -13.63 -1.32
N CYS A 44 -0.95 -14.89 -1.52
CA CYS A 44 -0.76 -15.90 -0.48
C CYS A 44 0.64 -16.51 -0.53
N VAL A 45 1.00 -17.19 0.56
CA VAL A 45 2.37 -17.66 0.78
C VAL A 45 2.44 -19.12 0.33
N PRO A 46 3.40 -19.50 -0.54
CA PRO A 46 3.68 -20.94 -0.73
C PRO A 46 4.65 -21.49 0.30
N THR A 47 4.22 -22.48 1.08
CA THR A 47 5.07 -23.06 2.11
C THR A 47 4.52 -24.42 2.51
N ASP A 48 5.33 -25.18 3.25
CA ASP A 48 4.97 -26.54 3.62
C ASP A 48 3.80 -26.53 4.61
N PRO A 49 2.66 -27.13 4.30
CA PRO A 49 1.52 -27.11 5.23
C PRO A 49 1.44 -28.29 6.20
N SER A 50 2.52 -29.04 6.39
CA SER A 50 2.53 -30.27 7.19
C SER A 50 1.89 -30.04 8.57
N PRO A 51 0.70 -30.61 8.84
CA PRO A 51 0.02 -30.29 10.12
C PRO A 51 0.82 -30.67 11.36
N GLN A 52 1.47 -31.82 11.38
CA GLN A 52 2.24 -32.27 12.55
C GLN A 52 1.36 -32.33 13.80
N GLU A 53 0.33 -33.17 13.75
CA GLU A 53 -0.65 -33.22 14.82
C GLU A 53 -0.02 -33.75 16.11
N LEU A 54 -0.48 -33.23 17.24
CA LEU A 54 -0.07 -33.68 18.56
C LEU A 54 -1.31 -33.95 19.41
N PHE A 55 -1.33 -35.11 20.06
CA PHE A 55 -2.42 -35.47 20.96
C PHE A 55 -2.09 -35.06 22.39
N LEU A 56 -3.13 -34.70 23.14
CA LEU A 56 -3.01 -34.21 24.51
C LEU A 56 -3.66 -35.19 25.47
N GLU A 57 -3.11 -35.30 26.68
CA GLU A 57 -3.47 -36.38 27.58
C GLU A 57 -4.90 -36.24 28.09
N ASN A 58 -5.16 -35.16 28.84
CA ASN A 58 -6.42 -35.01 29.58
C ASN A 58 -7.11 -33.68 29.31
N VAL A 59 -6.89 -33.08 28.13
CA VAL A 59 -7.47 -31.79 27.85
C VAL A 59 -8.95 -31.96 27.47
N THR A 60 -9.77 -31.03 27.95
CA THR A 60 -11.18 -30.95 27.59
C THR A 60 -11.51 -29.49 27.30
N GLU A 61 -12.01 -29.23 26.10
CA GLU A 61 -12.21 -27.86 25.60
C GLU A 61 -13.59 -27.74 24.99
N ASN A 62 -14.15 -26.53 25.03
CA ASN A 62 -15.47 -26.26 24.49
C ASN A 62 -15.35 -25.65 23.10
N PHE A 63 -15.95 -26.30 22.11
CA PHE A 63 -15.93 -25.84 20.72
C PHE A 63 -17.30 -25.30 20.34
N ASN A 64 -17.30 -24.30 19.46
CA ASN A 64 -18.52 -23.75 18.87
C ASN A 64 -18.26 -23.47 17.40
N MET A 65 -19.02 -24.13 16.53
CA MET A 65 -18.79 -23.98 15.09
C MET A 65 -19.47 -22.72 14.55
N TRP A 66 -20.59 -22.31 15.13
CA TRP A 66 -21.33 -21.18 14.59
C TRP A 66 -20.60 -19.87 14.85
N LYS A 67 -19.96 -19.72 16.01
CA LYS A 67 -19.23 -18.51 16.36
C LYS A 67 -17.79 -18.53 15.88
N ASN A 68 -17.38 -19.54 15.11
CA ASN A 68 -16.00 -19.65 14.65
C ASN A 68 -15.70 -18.50 13.70
N ASP A 69 -14.89 -17.55 14.16
CA ASP A 69 -14.58 -16.37 13.37
C ASP A 69 -13.70 -16.67 12.15
N MET A 70 -13.11 -17.86 12.08
CA MET A 70 -12.29 -18.19 10.92
C MET A 70 -13.09 -18.18 9.63
N VAL A 71 -14.39 -18.47 9.71
CA VAL A 71 -15.21 -18.37 8.51
C VAL A 71 -15.35 -16.91 8.07
N ASP A 72 -15.44 -15.98 9.03
CA ASP A 72 -15.45 -14.57 8.68
C ASP A 72 -14.11 -14.16 8.06
N GLN A 73 -13.01 -14.71 8.59
CA GLN A 73 -11.70 -14.44 8.01
C GLN A 73 -11.64 -14.92 6.56
N MET A 74 -12.17 -16.13 6.31
CA MET A 74 -12.24 -16.65 4.95
C MET A 74 -13.09 -15.73 4.06
N HIS A 75 -14.23 -15.27 4.59
CA HIS A 75 -15.10 -14.38 3.83
C HIS A 75 -14.35 -13.12 3.39
N GLU A 76 -13.69 -12.46 4.35
CA GLU A 76 -12.97 -11.22 4.02
C GLU A 76 -11.83 -11.49 3.07
N ASP A 77 -11.05 -12.56 3.29
CA ASP A 77 -9.93 -12.85 2.41
C ASP A 77 -10.39 -13.15 1.00
N ILE A 78 -11.46 -13.92 0.85
CA ILE A 78 -11.96 -14.28 -0.47
C ILE A 78 -12.44 -13.04 -1.21
N ILE A 79 -13.20 -12.19 -0.52
CA ILE A 79 -13.72 -10.99 -1.17
C ILE A 79 -12.58 -10.08 -1.59
N SER A 80 -11.58 -9.90 -0.71
CA SER A 80 -10.44 -9.06 -1.07
C SER A 80 -9.67 -9.64 -2.24
N LEU A 81 -9.50 -10.96 -2.26
CA LEU A 81 -8.78 -11.61 -3.36
C LEU A 81 -9.48 -11.35 -4.68
N TRP A 82 -10.78 -11.62 -4.75
CA TRP A 82 -11.50 -11.43 -6.01
C TRP A 82 -11.51 -9.96 -6.41
N ASP A 83 -11.71 -9.05 -5.46
CA ASP A 83 -11.79 -7.63 -5.78
C ASP A 83 -10.46 -7.13 -6.34
N GLN A 84 -9.35 -7.48 -5.69
CA GLN A 84 -8.06 -7.00 -6.17
C GLN A 84 -7.61 -7.70 -7.44
N SER A 85 -8.03 -8.94 -7.66
CA SER A 85 -7.66 -9.64 -8.90
C SER A 85 -8.45 -9.15 -10.10
N LEU A 86 -9.72 -8.80 -9.91
CA LEU A 86 -10.54 -8.34 -11.04
C LEU A 86 -10.32 -6.86 -11.35
N LYS A 87 -9.65 -6.12 -10.46
CA LYS A 87 -9.49 -4.68 -10.65
C LYS A 87 -8.71 -4.30 -11.92
N PRO A 88 -7.54 -4.87 -12.21
CA PRO A 88 -6.78 -4.39 -13.38
C PRO A 88 -7.41 -4.71 -14.72
N CYS A 89 -8.37 -5.62 -14.77
CA CYS A 89 -8.83 -6.15 -16.04
C CYS A 89 -9.70 -5.15 -16.80
N VAL A 90 -10.14 -5.57 -17.98
CA VAL A 90 -10.84 -4.69 -18.91
C VAL A 90 -12.22 -4.33 -18.37
N LYS A 91 -12.67 -3.11 -18.66
CA LYS A 91 -14.03 -2.70 -18.37
C LYS A 91 -14.92 -2.96 -19.58
N LEU A 92 -16.19 -3.29 -19.31
CA LEU A 92 -17.16 -3.58 -20.35
C LEU A 92 -17.99 -2.37 -20.75
N THR A 93 -17.72 -1.20 -20.20
CA THR A 93 -18.53 0.00 -20.47
C THR A 93 -18.67 0.35 -21.95
N PRO A 94 -17.63 0.29 -22.80
CA PRO A 94 -17.85 0.62 -24.22
C PRO A 94 -18.80 -0.32 -24.94
N LEU A 95 -19.06 -1.51 -24.39
CA LEU A 95 -19.87 -2.51 -25.08
C LEU A 95 -21.37 -2.35 -24.84
N CYS A 96 -21.80 -1.28 -24.17
CA CYS A 96 -23.21 -1.12 -23.83
C CYS A 96 -24.01 -0.46 -24.94
N VAL A 97 -23.53 -0.56 -26.19
CA VAL A 97 -24.25 0.00 -27.31
C VAL A 97 -25.55 -0.79 -27.54
N THR A 98 -26.51 -0.15 -28.19
CA THR A 98 -27.76 -0.81 -28.54
C THR A 98 -27.51 -2.05 -29.39
N LEU A 99 -28.14 -3.16 -29.00
CA LEU A 99 -27.96 -4.45 -29.66
C LEU A 99 -29.25 -4.84 -30.38
N ILE A 100 -29.13 -5.14 -31.67
CA ILE A 100 -30.21 -5.70 -32.46
C ILE A 100 -29.98 -7.20 -32.57
N CYS A 101 -30.98 -7.99 -32.17
CA CYS A 101 -30.81 -9.42 -31.98
C CYS A 101 -31.89 -10.18 -32.73
N SER A 102 -31.60 -11.45 -33.01
CA SER A 102 -32.51 -12.32 -33.74
C SER A 102 -32.18 -13.76 -33.40
N ASN A 103 -33.10 -14.66 -33.76
CA ASN A 103 -32.91 -16.08 -33.47
C ASN A 103 -31.71 -16.62 -34.22
N ALA A 104 -31.06 -17.63 -33.64
CA ALA A 104 -29.84 -18.18 -34.21
C ALA A 104 -30.14 -19.07 -35.40
N THR A 105 -29.08 -19.47 -36.10
CA THR A 105 -29.15 -20.32 -37.28
C THR A 105 -28.11 -21.42 -37.16
N VAL A 106 -28.44 -22.60 -37.66
CA VAL A 106 -27.59 -23.79 -37.56
C VAL A 106 -27.26 -24.26 -38.97
N ASN A 107 -25.97 -24.46 -39.23
CA ASN A 107 -25.51 -24.88 -40.57
C ASN A 107 -25.40 -26.40 -40.67
N ASN A 108 -26.52 -27.09 -40.49
CA ASN A 108 -26.61 -28.54 -40.66
C ASN A 108 -25.68 -29.29 -39.70
N ARG A 109 -25.96 -29.14 -38.41
CA ARG A 109 -25.35 -29.96 -37.38
C ARG A 109 -26.27 -31.15 -37.07
N THR A 110 -25.92 -31.92 -36.04
CA THR A 110 -26.65 -33.12 -35.65
C THR A 110 -26.93 -33.05 -34.17
N ALA A 111 -27.98 -33.74 -33.74
CA ALA A 111 -28.44 -33.75 -32.35
C ALA A 111 -28.09 -35.07 -31.68
N TYR A 112 -27.56 -34.99 -30.46
CA TYR A 112 -27.26 -36.20 -29.71
C TYR A 112 -28.53 -36.99 -29.40
N ASP A 113 -29.54 -36.32 -28.85
CA ASP A 113 -30.65 -36.99 -28.20
C ASP A 113 -31.58 -37.72 -29.15
N THR A 114 -31.44 -37.54 -30.47
CA THR A 114 -32.28 -38.23 -31.42
C THR A 114 -31.46 -38.58 -32.66
N ARG A 115 -31.89 -39.63 -33.36
CA ARG A 115 -31.17 -40.14 -34.52
C ARG A 115 -31.58 -39.42 -35.80
N SER A 116 -31.46 -38.09 -35.81
CA SER A 116 -31.80 -37.32 -36.99
C SER A 116 -31.04 -36.00 -36.97
N ASN A 117 -30.91 -35.39 -38.14
CA ASN A 117 -30.21 -34.12 -38.25
C ASN A 117 -31.05 -32.99 -37.67
N VAL A 118 -30.36 -31.91 -37.29
CA VAL A 118 -31.04 -30.73 -36.76
C VAL A 118 -31.93 -30.13 -37.83
N ASN A 119 -33.16 -29.80 -37.46
CA ASN A 119 -34.16 -29.23 -38.36
C ASN A 119 -34.62 -27.85 -37.96
N VAL A 120 -34.87 -27.61 -36.67
CA VAL A 120 -35.33 -26.31 -36.20
C VAL A 120 -34.92 -26.13 -34.75
N THR A 121 -34.58 -24.89 -34.37
CA THR A 121 -34.08 -24.63 -33.02
C THR A 121 -35.18 -24.81 -31.98
N SER A 122 -36.43 -24.53 -32.35
CA SER A 122 -37.53 -24.63 -31.39
C SER A 122 -37.74 -26.04 -30.89
N ILE A 123 -37.55 -27.05 -31.74
CA ILE A 123 -37.61 -28.45 -31.34
C ILE A 123 -36.25 -28.93 -30.85
N ASN A 124 -35.17 -28.56 -31.55
CA ASN A 124 -33.82 -28.81 -31.08
C ASN A 124 -33.46 -27.79 -30.01
N ASN A 125 -34.11 -27.90 -28.86
CA ASN A 125 -34.15 -26.81 -27.87
C ASN A 125 -33.18 -27.07 -26.71
N THR A 126 -31.91 -26.78 -26.99
CA THR A 126 -30.90 -26.70 -25.95
C THR A 126 -29.68 -26.01 -26.54
N ILE A 127 -29.05 -25.14 -25.75
CA ILE A 127 -28.01 -24.23 -26.22
C ILE A 127 -28.58 -23.38 -27.35
N MET A 128 -28.71 -23.97 -28.53
CA MET A 128 -29.49 -23.33 -29.58
C MET A 128 -30.93 -23.19 -29.11
N GLY A 129 -31.49 -22.00 -29.32
CA GLY A 129 -32.85 -21.68 -28.91
C GLY A 129 -32.93 -20.80 -27.67
N GLU A 130 -32.11 -21.10 -26.66
CA GLU A 130 -31.99 -20.26 -25.47
C GLU A 130 -30.92 -19.20 -25.62
N MET A 131 -30.30 -19.07 -26.80
CA MET A 131 -29.13 -18.23 -27.01
C MET A 131 -29.39 -17.36 -28.23
N LYS A 132 -29.25 -16.04 -28.07
CA LYS A 132 -29.61 -15.09 -29.10
C LYS A 132 -28.38 -14.60 -29.85
N ASN A 133 -28.57 -14.34 -31.15
CA ASN A 133 -27.52 -13.81 -32.01
C ASN A 133 -27.72 -12.31 -32.16
N CYS A 134 -26.74 -11.54 -31.70
CA CYS A 134 -26.84 -10.08 -31.62
C CYS A 134 -25.71 -9.43 -32.40
N SER A 135 -26.06 -8.37 -33.14
CA SER A 135 -25.10 -7.56 -33.88
C SER A 135 -25.26 -6.11 -33.44
N PHE A 136 -24.13 -5.39 -33.40
CA PHE A 136 -24.12 -4.06 -32.82
C PHE A 136 -22.97 -3.25 -33.40
N ASN A 137 -23.19 -1.96 -33.55
CA ASN A 137 -22.11 -1.04 -33.92
C ASN A 137 -21.15 -0.89 -32.77
N THR A 138 -19.85 -0.97 -33.06
CA THR A 138 -18.80 -0.82 -32.07
C THR A 138 -17.71 0.09 -32.61
N THR A 139 -17.02 0.77 -31.71
CA THR A 139 -15.95 1.68 -32.11
C THR A 139 -14.69 0.90 -32.40
N THR A 140 -13.99 1.30 -33.46
CA THR A 140 -12.65 0.79 -33.71
C THR A 140 -11.66 1.50 -32.81
N GLU A 141 -10.37 1.25 -33.03
CA GLU A 141 -9.35 1.84 -32.18
C GLU A 141 -9.19 3.34 -32.41
N ILE A 142 -9.47 3.81 -33.63
CA ILE A 142 -9.16 5.19 -34.01
C ILE A 142 -10.29 6.16 -33.66
N ARG A 143 -11.40 5.66 -33.12
CA ARG A 143 -12.48 6.48 -32.58
C ARG A 143 -13.27 7.26 -33.63
N ASP A 144 -12.94 7.12 -34.91
CA ASP A 144 -13.65 7.80 -35.98
C ASP A 144 -14.27 6.83 -36.98
N LYS A 145 -14.04 5.53 -36.84
CA LYS A 145 -14.63 4.51 -37.69
C LYS A 145 -15.33 3.47 -36.82
N GLU A 146 -16.44 2.95 -37.33
CA GLU A 146 -17.25 1.97 -36.62
C GLU A 146 -17.63 0.85 -37.59
N LYS A 147 -17.87 -0.33 -37.03
CA LYS A 147 -18.08 -1.53 -37.81
C LYS A 147 -19.17 -2.38 -37.17
N LYS A 148 -19.82 -3.21 -38.00
CA LYS A 148 -20.87 -4.11 -37.55
C LYS A 148 -20.25 -5.42 -37.09
N GLU A 149 -20.01 -5.55 -35.80
CA GLU A 149 -19.58 -6.81 -35.21
C GLU A 149 -20.81 -7.66 -34.87
N TYR A 150 -20.56 -8.92 -34.51
CA TYR A 150 -21.64 -9.79 -34.08
C TYR A 150 -21.10 -10.77 -33.05
N ALA A 151 -21.97 -11.16 -32.12
CA ALA A 151 -21.64 -12.14 -31.10
C ALA A 151 -22.94 -12.76 -30.60
N LEU A 152 -22.82 -13.96 -30.05
CA LEU A 152 -23.98 -14.71 -29.55
C LEU A 152 -24.00 -14.67 -28.03
N PHE A 153 -25.12 -14.21 -27.48
CA PHE A 153 -25.30 -14.04 -26.04
C PHE A 153 -26.37 -14.98 -25.53
N TYR A 154 -26.19 -15.46 -24.31
CA TYR A 154 -27.25 -16.19 -23.63
C TYR A 154 -28.37 -15.23 -23.23
N LYS A 155 -29.61 -15.71 -23.33
CA LYS A 155 -30.78 -14.88 -23.11
C LYS A 155 -30.80 -14.18 -21.74
N PRO A 156 -30.35 -14.81 -20.65
CA PRO A 156 -30.25 -14.08 -19.38
C PRO A 156 -29.32 -12.88 -19.40
N ASP A 157 -28.39 -12.80 -20.35
CA ASP A 157 -27.43 -11.69 -20.39
C ASP A 157 -27.97 -10.45 -21.10
N ILE A 158 -29.17 -10.49 -21.66
CA ILE A 158 -29.75 -9.35 -22.38
C ILE A 158 -31.18 -9.14 -21.90
N VAL A 159 -31.67 -7.91 -22.06
CA VAL A 159 -32.91 -7.46 -21.43
C VAL A 159 -33.74 -6.65 -22.43
N PRO A 160 -34.78 -7.22 -23.06
CA PRO A 160 -35.71 -6.39 -23.82
C PRO A 160 -36.81 -5.81 -22.94
N LEU A 161 -37.79 -5.16 -23.55
CA LEU A 161 -39.04 -4.72 -22.93
C LEU A 161 -38.90 -3.48 -22.05
N ASN A 162 -37.65 -3.04 -21.80
CA ASN A 162 -37.42 -1.64 -21.49
C ASN A 162 -37.00 -0.88 -22.74
N GLU A 163 -36.74 -1.60 -23.84
CA GLU A 163 -36.58 -1.01 -25.16
C GLU A 163 -37.89 -1.09 -25.94
N THR A 164 -39.02 -1.04 -25.21
CA THR A 164 -40.36 -1.15 -25.79
C THR A 164 -40.60 -2.56 -26.34
N SER A 165 -41.86 -2.98 -26.34
CA SER A 165 -42.19 -4.39 -26.57
C SER A 165 -42.35 -4.74 -28.05
N ASN A 166 -41.82 -3.90 -28.96
CA ASN A 166 -41.94 -4.17 -30.38
C ASN A 166 -40.69 -3.83 -31.19
N THR A 167 -39.55 -3.57 -30.56
CA THR A 167 -38.38 -3.05 -31.25
C THR A 167 -37.33 -4.10 -31.59
N SER A 168 -37.31 -5.22 -30.86
CA SER A 168 -36.24 -6.22 -31.01
C SER A 168 -34.86 -5.59 -30.78
N GLU A 169 -34.78 -4.71 -29.78
CA GLU A 169 -33.54 -4.05 -29.39
C GLU A 169 -33.22 -4.38 -27.95
N TYR A 170 -31.96 -4.70 -27.67
CA TYR A 170 -31.55 -5.28 -26.40
C TYR A 170 -30.35 -4.53 -25.84
N ARG A 171 -30.28 -4.46 -24.52
CA ARG A 171 -29.13 -3.97 -23.79
C ARG A 171 -28.42 -5.13 -23.12
N LEU A 172 -27.29 -4.83 -22.48
CA LEU A 172 -26.72 -5.73 -21.50
C LEU A 172 -27.37 -5.47 -20.15
N ILE A 173 -27.62 -6.55 -19.40
CA ILE A 173 -28.40 -6.45 -18.17
C ILE A 173 -27.69 -5.60 -17.12
N ASN A 174 -26.35 -5.58 -17.15
CA ASN A 174 -25.62 -4.90 -16.09
C ASN A 174 -25.80 -3.39 -16.14
N CYS A 175 -25.92 -2.81 -17.34
CA CYS A 175 -25.93 -1.35 -17.50
C CYS A 175 -27.06 -0.67 -16.74
N ASN A 176 -28.13 -1.40 -16.40
CA ASN A 176 -29.20 -0.80 -15.63
C ASN A 176 -28.74 -0.34 -14.25
N THR A 177 -27.70 -0.98 -13.69
CA THR A 177 -27.24 -0.66 -12.34
C THR A 177 -25.74 -0.38 -12.25
N SER A 178 -24.92 -1.10 -13.02
CA SER A 178 -23.48 -1.04 -12.81
C SER A 178 -22.75 -1.43 -14.09
N ALA A 179 -21.43 -1.33 -14.04
CA ALA A 179 -20.55 -1.68 -15.15
C ALA A 179 -19.69 -2.88 -14.77
N CYS A 180 -19.64 -3.86 -15.66
CA CYS A 180 -18.92 -5.10 -15.40
C CYS A 180 -17.45 -4.96 -15.78
N THR A 181 -16.67 -5.96 -15.37
CA THR A 181 -15.27 -6.10 -15.76
C THR A 181 -15.01 -7.53 -16.19
N GLN A 182 -14.24 -7.67 -17.27
CA GLN A 182 -13.94 -9.00 -17.79
C GLN A 182 -12.89 -9.68 -16.92
N ALA A 183 -12.94 -11.01 -16.90
CA ALA A 183 -11.91 -11.78 -16.19
C ALA A 183 -10.67 -11.89 -17.06
N CYS A 184 -9.52 -11.55 -16.49
CA CYS A 184 -8.28 -11.61 -17.25
C CYS A 184 -7.95 -13.06 -17.58
N PRO A 185 -7.65 -13.39 -18.85
CA PRO A 185 -7.43 -14.81 -19.18
C PRO A 185 -6.25 -15.44 -18.45
N LYS A 186 -5.18 -14.68 -18.24
CA LYS A 186 -4.02 -15.21 -17.52
C LYS A 186 -4.26 -15.35 -16.03
N VAL A 187 -5.32 -14.72 -15.50
CA VAL A 187 -5.61 -14.77 -14.06
C VAL A 187 -6.44 -15.99 -13.68
N THR A 188 -6.98 -16.72 -14.64
CA THR A 188 -7.96 -17.79 -14.40
C THR A 188 -7.51 -18.75 -13.32
N PHE A 189 -8.37 -18.93 -12.31
CA PHE A 189 -7.99 -19.52 -11.04
C PHE A 189 -9.10 -20.42 -10.53
N GLU A 190 -8.70 -21.48 -9.83
CA GLU A 190 -9.55 -22.63 -9.55
C GLU A 190 -9.40 -23.01 -8.09
N PRO A 191 -10.27 -23.92 -7.57
CA PRO A 191 -10.18 -24.27 -6.14
C PRO A 191 -8.91 -25.02 -5.75
N ILE A 192 -7.80 -24.30 -5.67
CA ILE A 192 -6.58 -24.90 -5.11
C ILE A 192 -6.77 -25.12 -3.62
N PRO A 193 -6.31 -26.24 -3.04
CA PRO A 193 -6.40 -26.37 -1.58
C PRO A 193 -5.58 -25.30 -0.86
N ILE A 194 -6.10 -24.84 0.27
CA ILE A 194 -5.48 -23.81 1.09
C ILE A 194 -5.40 -24.31 2.52
N HIS A 195 -4.34 -23.91 3.21
CA HIS A 195 -4.13 -24.26 4.62
C HIS A 195 -3.93 -22.97 5.42
N TYR A 196 -4.52 -22.93 6.61
CA TYR A 196 -4.36 -21.80 7.52
C TYR A 196 -3.38 -22.17 8.63
N CYS A 197 -2.34 -21.37 8.78
CA CYS A 197 -1.32 -21.55 9.81
C CYS A 197 -1.41 -20.42 10.81
N ALA A 198 -1.34 -20.76 12.09
CA ALA A 198 -1.42 -19.72 13.12
C ALA A 198 -0.19 -18.84 13.07
N PRO A 199 -0.30 -17.56 13.44
CA PRO A 199 0.90 -16.74 13.59
C PRO A 199 1.65 -17.13 14.86
N ALA A 200 2.81 -16.51 15.04
CA ALA A 200 3.62 -16.80 16.21
C ALA A 200 2.87 -16.43 17.49
N GLY A 201 2.90 -17.34 18.46
CA GLY A 201 2.24 -17.13 19.74
C GLY A 201 0.81 -17.61 19.81
N TYR A 202 0.28 -18.23 18.76
CA TYR A 202 -1.07 -18.77 18.74
C TYR A 202 -1.01 -20.23 18.31
N ALA A 203 -1.95 -21.01 18.85
CA ALA A 203 -2.07 -22.44 18.57
C ALA A 203 -3.48 -22.75 18.10
N ILE A 204 -3.57 -23.58 17.07
CA ILE A 204 -4.84 -24.00 16.50
C ILE A 204 -5.18 -25.38 17.05
N LEU A 205 -6.23 -25.45 17.86
CA LEU A 205 -6.68 -26.71 18.42
C LEU A 205 -7.71 -27.36 17.49
N LYS A 206 -7.74 -28.69 17.50
CA LYS A 206 -8.63 -29.47 16.66
C LYS A 206 -9.29 -30.56 17.51
N CYS A 207 -10.57 -30.82 17.22
CA CYS A 207 -11.33 -31.85 17.93
C CYS A 207 -11.49 -33.07 17.04
N ASN A 208 -11.09 -34.23 17.55
CA ASN A 208 -11.11 -35.47 16.78
C ASN A 208 -12.38 -36.29 17.00
N ASN A 209 -13.06 -36.13 18.12
CA ASN A 209 -14.30 -36.85 18.39
C ASN A 209 -15.38 -36.24 17.50
N GLU A 210 -15.41 -36.72 16.25
CA GLU A 210 -16.14 -36.02 15.19
C GLU A 210 -17.63 -35.92 15.47
N THR A 211 -18.19 -36.84 16.24
CA THR A 211 -19.64 -36.95 16.34
C THR A 211 -20.27 -35.95 17.30
N PHE A 212 -19.53 -34.96 17.81
CA PHE A 212 -20.18 -34.00 18.71
C PHE A 212 -21.10 -33.08 17.93
N ASN A 213 -22.17 -32.65 18.59
CA ASN A 213 -23.29 -31.99 17.93
C ASN A 213 -22.93 -30.63 17.35
N GLY A 214 -21.78 -30.06 17.70
CA GLY A 214 -21.32 -28.78 17.17
C GLY A 214 -21.14 -27.70 18.21
N THR A 215 -21.72 -27.86 19.41
CA THR A 215 -21.58 -26.88 20.49
C THR A 215 -21.56 -27.66 21.81
N GLY A 216 -20.36 -27.93 22.29
CA GLY A 216 -20.18 -28.68 23.51
C GLY A 216 -18.73 -29.08 23.74
N PRO A 217 -18.48 -29.81 24.82
CA PRO A 217 -17.10 -30.22 25.12
C PRO A 217 -16.61 -31.27 24.13
N CYS A 218 -15.29 -31.32 23.97
CA CYS A 218 -14.61 -32.34 23.17
C CYS A 218 -13.38 -32.81 23.93
N SER A 219 -13.25 -34.12 24.08
CA SER A 219 -12.19 -34.71 24.89
C SER A 219 -11.01 -35.23 24.07
N ASN A 220 -11.23 -35.64 22.82
CA ASN A 220 -10.17 -36.15 21.96
C ASN A 220 -9.49 -35.00 21.21
N VAL A 221 -8.98 -34.04 21.99
CA VAL A 221 -8.44 -32.80 21.45
C VAL A 221 -7.03 -33.05 20.92
N SER A 222 -6.62 -32.23 19.96
CA SER A 222 -5.27 -32.29 19.39
C SER A 222 -4.86 -30.91 18.93
N THR A 223 -3.56 -30.70 18.84
CA THR A 223 -2.97 -29.42 18.45
C THR A 223 -2.32 -29.55 17.08
N VAL A 224 -2.48 -28.51 16.26
CA VAL A 224 -2.00 -28.50 14.89
C VAL A 224 -1.45 -27.12 14.56
N GLN A 225 -0.36 -27.08 13.79
CA GLN A 225 0.22 -25.80 13.38
C GLN A 225 -0.44 -25.25 12.13
N CYS A 226 -0.87 -26.11 11.21
CA CYS A 226 -1.50 -25.70 9.96
C CYS A 226 -2.66 -26.63 9.64
N THR A 227 -3.82 -26.04 9.35
CA THR A 227 -5.02 -26.82 9.11
C THR A 227 -4.90 -27.65 7.85
N HIS A 228 -5.69 -28.72 7.78
CA HIS A 228 -5.72 -29.57 6.60
C HIS A 228 -6.26 -28.77 5.41
N GLY A 229 -6.08 -29.34 4.22
CA GLY A 229 -6.44 -28.66 3.00
C GLY A 229 -7.92 -28.38 2.87
N ILE A 230 -8.27 -27.10 2.96
CA ILE A 230 -9.64 -26.65 2.68
C ILE A 230 -9.70 -26.12 1.26
N ARG A 231 -10.70 -26.58 0.51
CA ARG A 231 -10.88 -26.16 -0.87
C ARG A 231 -11.84 -24.97 -0.92
N PRO A 232 -11.46 -23.81 -1.48
CA PRO A 232 -12.38 -22.67 -1.45
C PRO A 232 -13.44 -22.73 -2.55
N VAL A 233 -14.20 -23.83 -2.57
CA VAL A 233 -15.26 -24.00 -3.55
C VAL A 233 -16.54 -23.35 -3.03
N VAL A 234 -17.36 -22.86 -3.96
CA VAL A 234 -18.63 -22.21 -3.63
C VAL A 234 -19.72 -22.83 -4.48
N SER A 235 -20.79 -23.29 -3.83
CA SER A 235 -21.91 -23.89 -4.52
C SER A 235 -23.14 -23.77 -3.62
N THR A 236 -24.31 -23.88 -4.25
CA THR A 236 -25.60 -23.70 -3.58
C THR A 236 -26.43 -24.96 -3.71
N GLN A 237 -27.13 -25.29 -2.61
CA GLN A 237 -28.01 -26.45 -2.47
C GLN A 237 -27.26 -27.78 -2.32
N LEU A 238 -25.95 -27.79 -2.53
CA LEU A 238 -25.17 -29.01 -2.48
C LEU A 238 -23.69 -28.67 -2.31
N LEU A 239 -23.06 -29.27 -1.30
CA LEU A 239 -21.63 -29.16 -1.11
C LEU A 239 -20.95 -30.23 -1.95
N LEU A 240 -19.83 -29.86 -2.59
CA LEU A 240 -19.12 -30.76 -3.46
C LEU A 240 -17.62 -30.56 -3.30
N ASN A 241 -16.86 -31.63 -3.56
CA ASN A 241 -15.42 -31.68 -3.30
C ASN A 241 -15.11 -31.36 -1.84
N GLY A 242 -15.94 -31.88 -0.93
CA GLY A 242 -15.72 -31.72 0.49
C GLY A 242 -15.12 -32.96 1.12
N SER A 243 -15.02 -32.91 2.45
CA SER A 243 -14.54 -34.05 3.22
C SER A 243 -15.70 -35.04 3.44
N LEU A 244 -15.47 -36.03 4.30
CA LEU A 244 -16.49 -37.01 4.65
C LEU A 244 -16.34 -37.40 6.11
N ALA A 245 -17.48 -37.57 6.78
CA ALA A 245 -17.46 -37.96 8.18
C ALA A 245 -17.18 -39.45 8.33
N GLU A 246 -16.41 -39.80 9.36
CA GLU A 246 -16.05 -41.19 9.61
C GLU A 246 -17.24 -42.02 10.07
N LYS A 247 -18.17 -41.42 10.81
CA LYS A 247 -19.42 -42.08 11.17
C LYS A 247 -20.35 -41.96 9.97
N GLU A 248 -21.56 -42.47 10.06
CA GLU A 248 -22.57 -42.27 9.02
C GLU A 248 -23.04 -40.82 9.02
N ILE A 249 -24.10 -40.53 8.27
CA ILE A 249 -24.45 -39.14 7.94
C ILE A 249 -24.70 -38.31 9.20
N VAL A 250 -24.29 -37.05 9.15
CA VAL A 250 -24.30 -36.13 10.29
C VAL A 250 -25.13 -34.90 9.91
N ILE A 251 -25.87 -34.39 10.89
CA ILE A 251 -26.79 -33.25 10.70
C ILE A 251 -26.52 -32.23 11.78
N ARG A 252 -26.55 -30.94 11.42
CA ARG A 252 -26.05 -29.89 12.28
C ARG A 252 -26.91 -28.64 12.19
N SER A 253 -27.38 -28.17 13.35
CA SER A 253 -28.08 -26.90 13.48
C SER A 253 -27.95 -26.47 14.94
N GLU A 254 -27.93 -25.16 15.17
CA GLU A 254 -27.88 -24.70 16.55
C GLU A 254 -29.21 -24.88 17.27
N ASN A 255 -30.32 -24.99 16.53
CA ASN A 255 -31.58 -25.45 17.10
C ASN A 255 -32.47 -25.99 15.99
N LEU A 256 -32.64 -27.32 15.94
CA LEU A 256 -33.49 -27.91 14.91
C LEU A 256 -34.92 -27.43 15.05
N THR A 257 -35.39 -27.19 16.27
CA THR A 257 -36.72 -26.63 16.46
C THR A 257 -36.82 -25.23 15.88
N ASN A 258 -35.71 -24.49 15.79
CA ASN A 258 -35.70 -23.20 15.13
C ASN A 258 -35.70 -23.46 13.62
N ASN A 259 -36.88 -23.36 13.01
CA ASN A 259 -37.04 -23.78 11.62
C ASN A 259 -36.27 -22.90 10.65
N ALA A 260 -36.20 -21.59 10.90
CA ALA A 260 -35.49 -20.70 9.97
C ALA A 260 -33.99 -20.96 9.94
N LYS A 261 -33.42 -21.63 10.95
CA LYS A 261 -31.98 -21.86 10.98
C LYS A 261 -31.62 -22.98 10.03
N ILE A 262 -30.56 -22.76 9.23
CA ILE A 262 -30.18 -23.71 8.21
C ILE A 262 -29.73 -25.03 8.84
N ILE A 263 -29.99 -26.13 8.14
CA ILE A 263 -29.61 -27.46 8.56
C ILE A 263 -28.58 -27.99 7.56
N ILE A 264 -27.35 -28.17 8.02
CA ILE A 264 -26.27 -28.69 7.19
C ILE A 264 -26.17 -30.19 7.43
N VAL A 265 -26.25 -30.95 6.34
CA VAL A 265 -26.13 -32.41 6.38
C VAL A 265 -24.78 -32.77 5.77
N HIS A 266 -24.02 -33.60 6.47
CA HIS A 266 -22.68 -34.00 6.07
C HIS A 266 -22.66 -35.51 5.85
N LEU A 267 -22.26 -35.93 4.65
CA LEU A 267 -22.32 -37.33 4.27
C LEU A 267 -21.04 -38.07 4.68
N ASN A 268 -21.12 -39.40 4.60
CA ASN A 268 -19.98 -40.29 4.81
C ASN A 268 -19.49 -40.96 3.54
N THR A 269 -20.36 -41.13 2.55
CA THR A 269 -20.00 -41.69 1.24
C THR A 269 -20.36 -40.68 0.17
N SER A 270 -19.41 -40.38 -0.71
CA SER A 270 -19.65 -39.41 -1.77
C SER A 270 -20.50 -40.01 -2.88
N VAL A 271 -21.27 -39.15 -3.53
CA VAL A 271 -22.08 -39.49 -4.69
C VAL A 271 -21.54 -38.73 -5.89
N GLU A 272 -21.09 -39.46 -6.89
CA GLU A 272 -20.38 -38.86 -8.02
C GLU A 272 -21.37 -38.17 -8.95
N ILE A 273 -21.00 -36.97 -9.40
CA ILE A 273 -21.80 -36.17 -10.33
C ILE A 273 -20.90 -35.73 -11.47
N VAL A 274 -21.42 -35.87 -12.70
CA VAL A 274 -20.72 -35.46 -13.91
C VAL A 274 -21.59 -34.43 -14.63
N CYS A 275 -20.98 -33.31 -15.01
CA CYS A 275 -21.65 -32.23 -15.71
C CYS A 275 -20.86 -31.87 -16.96
N THR A 276 -21.57 -31.60 -18.04
CA THR A 276 -20.95 -31.42 -19.35
C THR A 276 -21.75 -30.44 -20.18
N ARG A 277 -21.04 -29.64 -20.97
CA ARG A 277 -21.64 -28.78 -21.99
C ARG A 277 -21.09 -29.23 -23.35
N PRO A 278 -21.74 -30.15 -24.05
CA PRO A 278 -21.22 -30.58 -25.35
C PRO A 278 -21.28 -29.45 -26.37
N GLY A 279 -20.68 -29.70 -27.53
CA GLY A 279 -20.58 -28.72 -28.58
C GLY A 279 -19.34 -27.86 -28.45
N ASN A 280 -18.67 -27.60 -29.58
CA ASN A 280 -17.43 -26.84 -29.58
C ASN A 280 -17.73 -25.37 -29.72
N ASN A 281 -17.56 -24.61 -28.63
CA ASN A 281 -17.69 -23.16 -28.70
C ASN A 281 -16.47 -22.56 -29.38
N THR A 282 -16.70 -21.62 -30.29
CA THR A 282 -15.64 -20.92 -31.01
C THR A 282 -15.47 -19.54 -30.39
N ARG A 283 -14.30 -19.30 -29.79
CA ARG A 283 -14.03 -18.05 -29.10
C ARG A 283 -13.78 -16.95 -30.13
N LYS A 284 -14.78 -16.08 -30.32
CA LYS A 284 -14.58 -14.89 -31.13
C LYS A 284 -13.85 -13.83 -30.32
N SER A 285 -12.99 -13.07 -30.99
CA SER A 285 -12.24 -11.98 -30.38
C SER A 285 -12.52 -10.69 -31.15
N VAL A 286 -13.09 -9.71 -30.46
CA VAL A 286 -13.45 -8.42 -31.05
C VAL A 286 -12.71 -7.33 -30.29
N ARG A 287 -12.23 -6.33 -31.03
CA ARG A 287 -11.41 -5.30 -30.44
C ARG A 287 -12.25 -4.17 -29.87
N ILE A 288 -11.79 -3.63 -28.75
CA ILE A 288 -12.37 -2.45 -28.11
C ILE A 288 -11.22 -1.52 -27.73
N GLY A 289 -11.35 -0.24 -28.07
CA GLY A 289 -10.39 0.74 -27.66
C GLY A 289 -9.01 0.51 -28.26
N PRO A 290 -7.98 1.16 -27.71
CA PRO A 290 -6.63 0.95 -28.24
C PRO A 290 -6.09 -0.46 -28.03
N GLY A 291 -6.12 -0.98 -26.81
CA GLY A 291 -5.47 -2.24 -26.48
C GLY A 291 -6.27 -3.16 -25.60
N GLN A 292 -7.59 -3.16 -25.76
CA GLN A 292 -8.48 -4.05 -25.03
C GLN A 292 -9.19 -4.97 -26.01
N THR A 293 -9.32 -6.23 -25.63
CA THR A 293 -9.94 -7.26 -26.46
C THR A 293 -11.06 -7.92 -25.66
N PHE A 294 -12.22 -8.05 -26.30
CA PHE A 294 -13.39 -8.66 -25.70
C PHE A 294 -13.65 -10.00 -26.35
N TYR A 295 -13.90 -11.02 -25.52
CA TYR A 295 -14.11 -12.39 -25.97
C TYR A 295 -15.60 -12.71 -25.89
N ALA A 296 -16.12 -13.35 -26.94
CA ALA A 296 -17.52 -13.76 -26.99
C ALA A 296 -17.65 -15.03 -27.81
N THR A 297 -18.74 -15.74 -27.58
CA THR A 297 -19.00 -16.98 -28.29
C THR A 297 -19.47 -16.67 -29.71
N GLY A 298 -18.76 -17.19 -30.71
CA GLY A 298 -19.20 -17.09 -32.08
C GLY A 298 -20.22 -18.16 -32.38
N ASP A 299 -20.13 -18.80 -33.54
CA ASP A 299 -20.99 -19.94 -33.82
C ASP A 299 -20.51 -21.16 -33.01
N ILE A 300 -21.48 -22.00 -32.66
CA ILE A 300 -21.21 -23.25 -31.94
C ILE A 300 -21.26 -24.38 -32.95
N ILE A 301 -20.13 -25.03 -33.17
CA ILE A 301 -19.97 -26.06 -34.18
C ILE A 301 -19.95 -27.42 -33.48
N GLY A 302 -20.42 -28.43 -34.20
CA GLY A 302 -20.59 -29.76 -33.64
C GLY A 302 -22.01 -29.93 -33.16
N ASP A 303 -22.27 -31.10 -32.58
CA ASP A 303 -23.59 -31.42 -32.09
C ASP A 303 -23.88 -30.63 -30.81
N ILE A 304 -25.13 -30.19 -30.68
CA ILE A 304 -25.47 -29.01 -29.88
C ILE A 304 -26.36 -29.35 -28.69
N ARG A 305 -27.52 -29.95 -28.92
CA ARG A 305 -28.65 -29.82 -27.99
C ARG A 305 -28.45 -30.65 -26.72
N GLN A 306 -27.52 -30.21 -25.88
CA GLN A 306 -27.36 -30.78 -24.56
C GLN A 306 -26.69 -29.78 -23.62
N ALA A 307 -27.21 -29.71 -22.39
CA ALA A 307 -26.50 -29.11 -21.27
C ALA A 307 -26.99 -29.84 -20.02
N HIS A 308 -26.26 -30.88 -19.62
CA HIS A 308 -26.76 -31.90 -18.71
C HIS A 308 -25.83 -32.11 -17.53
N CYS A 309 -26.40 -32.65 -16.46
CA CYS A 309 -25.66 -33.23 -15.36
C CYS A 309 -26.27 -34.59 -15.03
N ASN A 310 -25.43 -35.53 -14.60
CA ASN A 310 -25.83 -36.92 -14.39
C ASN A 310 -25.42 -37.38 -13.00
N ILE A 311 -26.32 -38.11 -12.35
CA ILE A 311 -26.11 -38.66 -11.01
C ILE A 311 -26.59 -40.11 -11.02
N SER A 312 -25.81 -40.99 -10.41
CA SER A 312 -26.23 -42.39 -10.27
C SER A 312 -27.51 -42.46 -9.46
N GLU A 313 -28.49 -43.24 -9.95
CA GLU A 313 -29.80 -43.24 -9.31
C GLU A 313 -29.76 -43.88 -7.94
N LYS A 314 -29.38 -45.16 -7.87
CA LYS A 314 -29.53 -45.91 -6.63
C LYS A 314 -28.60 -45.38 -5.54
N GLN A 315 -27.41 -44.90 -5.93
CA GLN A 315 -26.49 -44.35 -4.94
C GLN A 315 -27.06 -43.11 -4.27
N TRP A 316 -27.54 -42.16 -5.06
CA TRP A 316 -28.17 -40.97 -4.50
C TRP A 316 -29.43 -41.35 -3.72
N ASN A 317 -30.17 -42.33 -4.20
CA ASN A 317 -31.39 -42.76 -3.54
C ASN A 317 -31.09 -43.27 -2.14
N GLU A 318 -30.08 -44.13 -2.00
CA GLU A 318 -29.73 -44.66 -0.69
C GLU A 318 -29.12 -43.57 0.20
N THR A 319 -28.38 -42.63 -0.40
CA THR A 319 -27.86 -41.51 0.40
C THR A 319 -29.00 -40.71 1.01
N LEU A 320 -29.99 -40.36 0.18
CA LEU A 320 -31.16 -39.66 0.70
C LEU A 320 -31.90 -40.50 1.72
N GLN A 321 -31.90 -41.82 1.55
CA GLN A 321 -32.57 -42.68 2.53
C GLN A 321 -31.89 -42.59 3.89
N LYS A 322 -30.56 -42.62 3.91
CA LYS A 322 -29.85 -42.52 5.17
C LYS A 322 -30.03 -41.15 5.81
N VAL A 323 -30.07 -40.09 4.99
CA VAL A 323 -30.41 -38.77 5.52
C VAL A 323 -31.78 -38.81 6.18
N GLY A 324 -32.74 -39.46 5.51
CA GLY A 324 -34.08 -39.55 6.07
C GLY A 324 -34.12 -40.30 7.38
N LYS A 325 -33.33 -41.38 7.47
CA LYS A 325 -33.29 -42.15 8.71
C LYS A 325 -32.74 -41.30 9.86
N GLU A 326 -31.66 -40.56 9.62
CA GLU A 326 -31.11 -39.73 10.68
C GLU A 326 -32.08 -38.63 11.09
N LEU A 327 -32.72 -37.98 10.12
CA LEU A 327 -33.68 -36.93 10.47
C LEU A 327 -34.89 -37.51 11.16
N GLN A 328 -35.24 -38.77 10.88
CA GLN A 328 -36.29 -39.43 11.63
C GLN A 328 -35.87 -39.70 13.07
N LYS A 329 -34.59 -40.03 13.29
CA LYS A 329 -34.09 -40.11 14.67
C LYS A 329 -34.26 -38.78 15.38
N HIS A 330 -33.82 -37.70 14.75
CA HIS A 330 -33.90 -36.39 15.40
C HIS A 330 -35.35 -35.93 15.59
N PHE A 331 -36.21 -36.17 14.59
CA PHE A 331 -37.61 -35.78 14.66
C PHE A 331 -38.45 -37.05 14.88
N PRO A 332 -38.69 -37.47 16.13
CA PRO A 332 -39.26 -38.80 16.35
C PRO A 332 -40.71 -38.91 15.89
N ASN A 333 -41.07 -40.14 15.50
CA ASN A 333 -42.45 -40.53 15.24
C ASN A 333 -43.11 -39.67 14.17
N LYS A 334 -42.39 -39.42 13.07
CA LYS A 334 -42.99 -38.76 11.91
C LYS A 334 -42.09 -39.01 10.70
N THR A 335 -42.71 -39.01 9.53
CA THR A 335 -42.01 -39.27 8.28
C THR A 335 -41.09 -38.10 7.93
N ILE A 336 -40.37 -38.27 6.83
CA ILE A 336 -39.56 -37.20 6.24
C ILE A 336 -39.94 -37.12 4.76
N LYS A 337 -40.19 -35.91 4.28
CA LYS A 337 -40.76 -35.68 2.95
C LYS A 337 -40.00 -34.54 2.28
N TYR A 338 -39.04 -34.89 1.43
CA TYR A 338 -38.30 -33.89 0.68
C TYR A 338 -39.20 -33.32 -0.42
N GLU A 339 -38.84 -32.13 -0.90
CA GLU A 339 -39.70 -31.42 -1.83
C GLU A 339 -38.85 -30.52 -2.73
N ARG A 340 -39.53 -29.91 -3.70
CA ARG A 340 -38.89 -29.01 -4.65
C ARG A 340 -38.33 -27.80 -3.92
N SER A 341 -37.48 -27.05 -4.61
CA SER A 341 -36.91 -25.83 -4.02
C SER A 341 -38.02 -24.82 -3.75
N ALA A 342 -37.87 -24.06 -2.67
CA ALA A 342 -38.93 -23.16 -2.25
C ALA A 342 -39.16 -22.03 -3.23
N GLY A 343 -38.10 -21.43 -3.74
CA GLY A 343 -38.22 -20.33 -4.68
C GLY A 343 -37.01 -19.41 -4.56
N GLY A 344 -37.24 -18.14 -4.84
CA GLY A 344 -36.20 -17.14 -4.75
C GLY A 344 -35.42 -17.00 -6.05
N ASP A 345 -34.33 -16.24 -5.95
CA ASP A 345 -33.50 -15.97 -7.10
C ASP A 345 -32.90 -17.27 -7.64
N MET A 346 -32.62 -17.29 -8.94
CA MET A 346 -32.18 -18.53 -9.59
C MET A 346 -30.80 -18.97 -9.09
N GLU A 347 -30.02 -18.09 -8.49
CA GLU A 347 -28.73 -18.49 -7.93
C GLU A 347 -28.89 -19.39 -6.71
N ILE A 348 -30.05 -19.39 -6.08
CA ILE A 348 -30.35 -20.29 -4.97
C ILE A 348 -31.56 -21.17 -5.22
N ALA A 349 -32.43 -20.83 -6.18
CA ALA A 349 -33.49 -21.76 -6.58
C ALA A 349 -32.95 -22.89 -7.45
N THR A 350 -31.70 -22.79 -7.91
CA THR A 350 -31.05 -23.83 -8.69
C THR A 350 -29.66 -24.12 -8.12
N HIS A 351 -29.21 -25.36 -8.30
CA HIS A 351 -27.86 -25.72 -7.92
C HIS A 351 -26.87 -24.96 -8.79
N SER A 352 -25.88 -24.33 -8.15
CA SER A 352 -24.94 -23.44 -8.82
C SER A 352 -23.51 -23.89 -8.53
N PHE A 353 -22.66 -23.76 -9.54
CA PHE A 353 -21.25 -24.13 -9.45
C PHE A 353 -20.57 -23.67 -10.72
N ASN A 354 -19.24 -23.73 -10.70
CA ASN A 354 -18.40 -23.33 -11.83
C ASN A 354 -17.45 -24.46 -12.21
N CYS A 355 -17.39 -24.75 -13.51
CA CYS A 355 -16.46 -25.72 -14.07
C CYS A 355 -15.68 -25.08 -15.21
N GLY A 356 -14.36 -25.08 -15.09
CA GLY A 356 -13.51 -24.57 -16.15
C GLY A 356 -13.76 -23.11 -16.46
N GLY A 357 -14.14 -22.33 -15.44
CA GLY A 357 -14.44 -20.93 -15.63
C GLY A 357 -15.81 -20.65 -16.22
N GLU A 358 -16.67 -21.65 -16.36
CA GLU A 358 -18.03 -21.48 -16.86
C GLU A 358 -19.01 -21.76 -15.73
N PHE A 359 -19.93 -20.81 -15.50
CA PHE A 359 -20.88 -20.89 -14.40
C PHE A 359 -22.12 -21.65 -14.85
N PHE A 360 -22.53 -22.63 -14.06
CA PHE A 360 -23.67 -23.48 -14.35
C PHE A 360 -24.80 -23.22 -13.37
N TYR A 361 -26.03 -23.37 -13.86
CA TYR A 361 -27.24 -23.33 -13.04
C TYR A 361 -28.11 -24.50 -13.46
N CYS A 362 -28.59 -25.28 -12.49
CA CYS A 362 -29.27 -26.53 -12.78
C CYS A 362 -30.54 -26.69 -11.95
N ASN A 363 -31.63 -26.97 -12.65
CA ASN A 363 -32.94 -27.25 -12.05
C ASN A 363 -32.82 -28.57 -11.27
N THR A 364 -33.13 -28.52 -9.98
CA THR A 364 -32.98 -29.66 -9.09
C THR A 364 -34.31 -30.31 -8.69
N SER A 365 -35.40 -30.03 -9.42
CA SER A 365 -36.68 -30.64 -9.07
C SER A 365 -36.65 -32.15 -9.25
N LYS A 366 -35.80 -32.65 -10.15
CA LYS A 366 -35.68 -34.09 -10.34
C LYS A 366 -35.15 -34.78 -9.09
N LEU A 367 -34.38 -34.06 -8.28
CA LEU A 367 -33.51 -34.69 -7.29
C LEU A 367 -34.15 -34.85 -5.91
N PHE A 368 -34.90 -33.84 -5.44
CA PHE A 368 -35.48 -33.84 -4.10
C PHE A 368 -36.93 -34.30 -4.06
N ASN A 369 -37.47 -34.77 -5.19
CA ASN A 369 -38.87 -35.20 -5.24
C ASN A 369 -39.04 -36.55 -4.56
N GLY A 370 -39.01 -36.55 -3.23
CA GLY A 370 -39.00 -37.76 -2.44
C GLY A 370 -40.29 -38.01 -1.68
N THR A 371 -40.18 -38.90 -0.69
CA THR A 371 -41.31 -39.30 0.15
C THR A 371 -40.72 -39.87 1.45
N TYR A 372 -41.52 -40.67 2.18
CA TYR A 372 -41.17 -41.20 3.50
C TYR A 372 -39.76 -41.77 3.54
N ASN A 373 -38.88 -41.07 4.27
CA ASN A 373 -37.52 -41.49 4.60
C ASN A 373 -36.72 -41.94 3.36
N GLY A 374 -37.13 -41.45 2.19
CA GLY A 374 -36.45 -41.81 0.96
C GLY A 374 -37.31 -41.50 -0.25
N THR A 375 -36.85 -41.98 -1.41
CA THR A 375 -37.60 -41.81 -2.64
C THR A 375 -38.72 -42.85 -2.74
N ASP A 376 -39.66 -42.59 -3.63
CA ASP A 376 -40.83 -43.45 -3.75
C ASP A 376 -40.43 -44.80 -4.37
N ILE A 377 -41.23 -45.81 -4.02
CA ILE A 377 -40.97 -47.19 -4.42
C ILE A 377 -42.20 -47.73 -5.16
N SER A 385 -29.18 -46.80 -14.66
CA SER A 385 -30.12 -45.69 -14.61
C SER A 385 -29.49 -44.46 -13.99
N THR A 386 -29.70 -43.30 -14.63
CA THR A 386 -29.11 -42.04 -14.20
C THR A 386 -30.14 -40.93 -14.27
N ILE A 387 -30.10 -40.05 -13.28
CA ILE A 387 -31.00 -38.90 -13.21
C ILE A 387 -30.35 -37.73 -13.94
N THR A 388 -31.07 -37.14 -14.88
CA THR A 388 -30.57 -36.07 -15.73
C THR A 388 -31.13 -34.74 -15.25
N LEU A 389 -30.24 -33.76 -15.07
CA LEU A 389 -30.63 -32.41 -14.68
C LEU A 389 -30.47 -31.47 -15.87
N GLN A 390 -31.57 -30.88 -16.31
CA GLN A 390 -31.48 -29.80 -17.29
C GLN A 390 -30.87 -28.58 -16.62
N CYS A 391 -30.05 -27.85 -17.36
CA CYS A 391 -29.26 -26.75 -16.80
C CYS A 391 -29.30 -25.54 -17.71
N ARG A 392 -28.81 -24.42 -17.18
CA ARG A 392 -28.75 -23.15 -17.89
C ARG A 392 -27.42 -22.49 -17.54
N ILE A 393 -26.98 -21.59 -18.41
CA ILE A 393 -25.67 -20.96 -18.30
C ILE A 393 -25.82 -19.45 -18.37
N LYS A 394 -25.08 -18.76 -17.50
CA LYS A 394 -24.97 -17.31 -17.51
C LYS A 394 -23.51 -16.92 -17.64
N GLN A 395 -23.27 -15.78 -18.29
CA GLN A 395 -21.94 -15.18 -18.39
C GLN A 395 -21.76 -13.99 -17.46
N ILE A 396 -22.77 -13.14 -17.33
CA ILE A 396 -22.71 -12.00 -16.42
C ILE A 396 -23.08 -12.50 -15.02
N ILE A 397 -22.20 -12.22 -14.05
CA ILE A 397 -22.30 -12.80 -12.72
C ILE A 397 -22.23 -11.68 -11.69
N ASN A 398 -23.18 -11.71 -10.75
CA ASN A 398 -23.05 -10.99 -9.49
C ASN A 398 -22.22 -11.88 -8.56
N MET A 399 -21.18 -11.30 -7.96
CA MET A 399 -20.06 -12.11 -7.49
C MET A 399 -20.47 -13.10 -6.40
N TRP A 400 -21.17 -12.61 -5.37
CA TRP A 400 -21.63 -13.47 -4.27
C TRP A 400 -23.04 -13.05 -3.89
N GLN A 401 -24.00 -13.93 -4.15
CA GLN A 401 -25.39 -13.75 -3.73
C GLN A 401 -25.97 -12.46 -4.27
N GLY A 402 -25.67 -11.34 -3.61
CA GLY A 402 -26.23 -10.05 -3.98
C GLY A 402 -25.30 -8.87 -3.80
N VAL A 403 -23.99 -9.13 -3.71
CA VAL A 403 -23.04 -8.04 -3.62
C VAL A 403 -23.05 -7.25 -4.92
N GLY A 404 -22.68 -5.97 -4.84
CA GLY A 404 -22.82 -5.08 -5.98
C GLY A 404 -21.75 -5.21 -7.04
N ARG A 405 -20.77 -6.10 -6.84
CA ARG A 405 -19.66 -6.26 -7.79
C ARG A 405 -20.06 -7.26 -8.87
N CYS A 406 -20.19 -6.78 -10.10
CA CYS A 406 -20.54 -7.63 -11.23
C CYS A 406 -19.28 -8.09 -11.97
N MET A 407 -19.43 -9.18 -12.72
CA MET A 407 -18.33 -9.76 -13.47
C MET A 407 -18.87 -10.46 -14.70
N TYR A 408 -18.07 -10.43 -15.77
CA TYR A 408 -18.37 -11.13 -17.01
C TYR A 408 -17.39 -12.29 -17.15
N ALA A 409 -17.91 -13.46 -17.47
CA ALA A 409 -17.08 -14.65 -17.64
C ALA A 409 -16.82 -14.88 -19.12
N PRO A 410 -15.58 -14.81 -19.60
CA PRO A 410 -15.33 -15.10 -21.02
C PRO A 410 -15.66 -16.54 -21.34
N PRO A 411 -16.16 -16.84 -22.54
CA PRO A 411 -16.48 -18.24 -22.85
C PRO A 411 -15.23 -19.08 -23.03
N ILE A 412 -15.38 -20.38 -22.79
CA ILE A 412 -14.30 -21.36 -22.94
C ILE A 412 -14.59 -22.20 -24.17
N ALA A 413 -13.62 -22.26 -25.08
CA ALA A 413 -13.81 -22.97 -26.33
C ALA A 413 -13.81 -24.47 -26.12
N GLY A 414 -14.40 -25.18 -27.07
CA GLY A 414 -14.46 -26.63 -27.01
C GLY A 414 -15.39 -27.13 -25.93
N ASN A 415 -15.74 -28.41 -26.04
CA ASN A 415 -16.58 -29.03 -25.03
C ASN A 415 -15.88 -29.07 -23.69
N ILE A 416 -16.66 -28.92 -22.63
CA ILE A 416 -16.16 -28.86 -21.26
C ILE A 416 -16.90 -29.89 -20.42
N THR A 417 -16.16 -30.65 -19.63
CA THR A 417 -16.71 -31.68 -18.76
C THR A 417 -15.97 -31.63 -17.43
N CYS A 418 -16.71 -31.81 -16.35
CA CYS A 418 -16.15 -31.81 -15.01
C CYS A 418 -16.82 -32.89 -14.18
N LYS A 419 -16.10 -33.32 -13.14
CA LYS A 419 -16.56 -34.34 -12.22
C LYS A 419 -16.42 -33.80 -10.81
N SER A 420 -17.28 -34.27 -9.90
CA SER A 420 -17.26 -33.79 -8.53
C SER A 420 -17.83 -34.86 -7.61
N ASN A 421 -17.45 -34.76 -6.33
CA ASN A 421 -17.95 -35.65 -5.29
C ASN A 421 -18.90 -34.86 -4.39
N ILE A 422 -20.19 -35.21 -4.42
CA ILE A 422 -21.16 -34.59 -3.53
C ILE A 422 -20.95 -35.13 -2.12
N THR A 423 -20.78 -34.23 -1.15
CA THR A 423 -20.45 -34.59 0.22
C THR A 423 -21.42 -34.05 1.26
N GLY A 424 -22.21 -33.05 0.95
CA GLY A 424 -23.11 -32.47 1.93
C GLY A 424 -24.27 -31.77 1.27
N LEU A 425 -25.33 -31.57 2.06
CA LEU A 425 -26.56 -30.94 1.61
C LEU A 425 -26.88 -29.76 2.53
N LEU A 426 -27.67 -28.82 2.00
CA LEU A 426 -28.12 -27.65 2.73
C LEU A 426 -29.65 -27.62 2.68
N LEU A 427 -30.29 -27.70 3.84
CA LEU A 427 -31.74 -27.84 3.94
C LEU A 427 -32.32 -26.79 4.86
N THR A 428 -33.63 -26.56 4.70
CA THR A 428 -34.44 -25.80 5.63
C THR A 428 -35.77 -26.53 5.79
N ARG A 429 -36.61 -26.02 6.69
CA ARG A 429 -37.83 -26.71 7.10
C ARG A 429 -39.05 -25.81 6.88
N ASP A 430 -40.20 -26.45 6.73
CA ASP A 430 -41.46 -25.71 6.65
C ASP A 430 -41.79 -25.08 7.99
N GLY A 431 -42.57 -24.01 7.95
CA GLY A 431 -42.86 -23.20 9.12
C GLY A 431 -44.14 -23.56 9.86
N GLY A 432 -45.14 -22.68 9.75
CA GLY A 432 -46.33 -22.79 10.56
C GLY A 432 -47.03 -24.14 10.45
N THR A 433 -47.94 -24.36 11.40
CA THR A 433 -48.52 -25.67 11.67
C THR A 433 -49.96 -25.45 12.12
N ASN A 434 -50.90 -26.36 11.79
CA ASN A 434 -50.85 -27.62 11.01
C ASN A 434 -49.77 -28.59 11.50
N SER A 435 -49.94 -29.06 12.74
CA SER A 435 -48.90 -29.86 13.38
C SER A 435 -48.90 -31.29 12.85
N ASN A 436 -50.08 -31.86 12.63
CA ASN A 436 -50.16 -33.27 12.27
C ASN A 436 -49.61 -33.56 10.87
N LYS A 437 -49.35 -32.52 10.05
CA LYS A 437 -48.98 -32.73 8.66
C LYS A 437 -47.87 -31.77 8.18
N THR A 438 -46.95 -31.34 9.07
CA THR A 438 -45.94 -30.34 8.71
C THR A 438 -44.51 -30.73 9.03
N GLU A 439 -44.28 -31.46 10.13
CA GLU A 439 -42.91 -31.71 10.59
C GLU A 439 -42.10 -32.50 9.56
N GLU A 440 -42.77 -33.25 8.69
CA GLU A 440 -42.05 -34.11 7.76
C GLU A 440 -41.36 -33.33 6.65
N THR A 441 -41.90 -32.17 6.27
CA THR A 441 -41.43 -31.49 5.07
C THR A 441 -40.02 -30.93 5.26
N PHE A 442 -39.18 -31.12 4.24
CA PHE A 442 -37.88 -30.46 4.13
C PHE A 442 -37.66 -30.08 2.68
N ARG A 443 -36.87 -29.01 2.49
CA ARG A 443 -36.56 -28.49 1.16
C ARG A 443 -35.08 -28.15 1.07
N PRO A 444 -34.52 -28.12 -0.14
CA PRO A 444 -33.19 -27.50 -0.29
C PRO A 444 -33.29 -26.00 -0.17
N ALA A 445 -32.18 -25.38 0.22
CA ALA A 445 -32.11 -23.95 0.41
C ALA A 445 -30.77 -23.43 -0.09
N GLY A 446 -30.71 -22.13 -0.32
CA GLY A 446 -29.47 -21.50 -0.67
C GLY A 446 -28.50 -21.52 0.50
N GLY A 447 -27.44 -20.73 0.36
CA GLY A 447 -26.48 -20.64 1.43
C GLY A 447 -25.39 -19.62 1.20
N ASP A 448 -25.12 -18.82 2.23
CA ASP A 448 -23.94 -17.98 2.22
C ASP A 448 -22.70 -18.86 2.20
N MET A 449 -21.61 -18.31 1.68
CA MET A 449 -20.37 -19.07 1.64
C MET A 449 -19.85 -19.39 3.03
N ARG A 450 -20.30 -18.64 4.04
CA ARG A 450 -20.05 -19.03 5.42
C ARG A 450 -20.61 -20.41 5.70
N ASP A 451 -21.81 -20.70 5.17
CA ASP A 451 -22.41 -22.02 5.39
C ASP A 451 -21.57 -23.12 4.75
N ASN A 452 -20.98 -22.86 3.58
CA ASN A 452 -20.11 -23.85 2.97
C ASN A 452 -18.83 -24.04 3.78
N TRP A 453 -18.18 -22.94 4.16
CA TRP A 453 -16.89 -23.04 4.82
C TRP A 453 -17.01 -23.52 6.25
N ARG A 454 -18.20 -23.43 6.86
CA ARG A 454 -18.37 -23.97 8.20
C ARG A 454 -18.27 -25.49 8.22
N SER A 455 -18.71 -26.16 7.17
CA SER A 455 -18.62 -27.62 7.13
C SER A 455 -17.18 -28.12 7.17
N GLU A 456 -16.21 -27.27 6.81
CA GLU A 456 -14.79 -27.63 6.81
C GLU A 456 -14.04 -27.04 8.00
N LEU A 457 -14.32 -25.80 8.39
CA LEU A 457 -13.72 -25.21 9.59
C LEU A 457 -14.50 -25.54 10.87
N TYR A 458 -15.41 -26.51 10.81
CA TYR A 458 -15.97 -27.17 11.96
C TYR A 458 -14.97 -27.52 13.06
N LYS A 459 -13.82 -28.06 12.67
CA LYS A 459 -12.97 -28.78 13.60
C LYS A 459 -12.12 -27.87 14.48
N TYR A 460 -11.91 -26.61 14.08
CA TYR A 460 -10.78 -25.84 14.57
C TYR A 460 -11.21 -24.73 15.53
N LYS A 461 -10.24 -24.32 16.35
CA LYS A 461 -10.38 -23.20 17.27
C LYS A 461 -9.01 -22.55 17.42
N VAL A 462 -9.01 -21.24 17.70
CA VAL A 462 -7.78 -20.45 17.83
C VAL A 462 -7.68 -19.94 19.25
N VAL A 463 -6.51 -20.13 19.86
CA VAL A 463 -6.23 -19.69 21.22
C VAL A 463 -4.84 -19.07 21.25
N LYS A 464 -4.68 -18.04 22.07
CA LYS A 464 -3.39 -17.38 22.24
C LYS A 464 -2.68 -17.95 23.47
N ILE A 465 -1.37 -18.12 23.36
CA ILE A 465 -0.58 -18.62 24.48
C ILE A 465 -0.40 -17.51 25.50
N GLU A 466 -0.53 -17.86 26.78
CA GLU A 466 -0.18 -16.97 27.90
C GLU A 466 1.04 -17.57 28.61
N PRO A 467 2.25 -17.33 28.09
CA PRO A 467 3.39 -18.16 28.51
C PRO A 467 3.96 -17.85 29.89
N LEU A 468 3.35 -16.95 30.66
CA LEU A 468 3.85 -16.57 31.98
C LEU A 468 2.84 -16.97 33.03
N GLY A 469 3.33 -17.55 34.14
CA GLY A 469 2.47 -17.95 35.23
C GLY A 469 3.23 -17.87 36.55
N VAL A 470 2.45 -17.86 37.63
CA VAL A 470 2.97 -17.74 38.99
C VAL A 470 2.40 -18.87 39.83
N ALA A 471 3.17 -19.37 40.78
CA ALA A 471 2.75 -20.46 41.63
C ALA A 471 3.64 -20.49 42.87
N PRO A 472 3.20 -21.14 43.96
CA PRO A 472 4.08 -21.29 45.11
C PRO A 472 5.03 -22.48 44.95
N THR A 473 6.28 -22.27 45.35
CA THR A 473 7.30 -23.30 45.35
C THR A 473 8.04 -23.24 46.68
N ARG A 474 9.11 -24.03 46.78
CA ARG A 474 9.75 -24.25 48.07
C ARG A 474 10.87 -23.27 48.39
N CYS A 475 11.16 -22.31 47.50
CA CYS A 475 12.33 -21.46 47.63
C CYS A 475 11.96 -20.04 48.04
N LYS A 476 12.68 -19.52 49.02
CA LYS A 476 12.86 -18.08 49.22
C LYS A 476 14.21 -17.72 48.64
N ARG A 477 14.29 -16.58 47.94
CA ARG A 477 15.48 -16.24 47.20
C ARG A 477 16.68 -16.12 48.13
N ARG A 478 17.56 -17.11 48.06
CA ARG A 478 18.86 -17.11 48.72
C ARG A 478 18.78 -17.31 50.24
N VAL A 479 17.60 -17.67 50.78
CA VAL A 479 17.40 -17.62 52.24
C VAL A 479 16.99 -18.96 52.85
N VAL A 480 15.79 -19.46 52.52
CA VAL A 480 15.18 -20.57 53.27
C VAL A 480 14.41 -21.51 52.35
N GLY A 481 14.01 -22.65 52.91
CA GLY A 481 13.20 -23.64 52.23
C GLY A 481 11.73 -23.55 52.64
N ARG A 482 11.07 -24.70 52.63
CA ARG A 482 9.61 -24.72 52.78
C ARG A 482 9.10 -26.04 53.35
N ARG A 483 8.01 -25.93 54.11
CA ARG A 483 7.17 -27.07 54.47
C ARG A 483 5.86 -26.97 53.68
N ARG A 484 5.40 -28.09 53.11
CA ARG A 484 4.26 -28.03 52.20
C ARG A 484 3.49 -29.35 52.24
N ARG A 485 2.52 -29.47 51.33
CA ARG A 485 1.53 -30.52 51.30
C ARG A 485 1.69 -31.40 50.06
N ARG A 486 0.93 -32.49 50.04
CA ARG A 486 0.86 -33.42 48.91
C ARG A 486 -0.60 -33.75 48.65
N ARG A 487 -0.89 -34.20 47.43
CA ARG A 487 -2.17 -34.81 47.07
C ARG A 487 -2.68 -35.76 48.17
N ALA B 1 4.85 -28.89 40.96
CA ALA B 1 5.17 -27.51 40.67
C ALA B 1 6.52 -27.34 39.97
N VAL B 2 7.28 -28.43 39.81
CA VAL B 2 8.63 -28.35 39.26
C VAL B 2 9.08 -29.74 38.84
N GLY B 3 9.97 -29.81 37.86
CA GLY B 3 10.56 -31.07 37.44
C GLY B 3 11.57 -30.86 36.33
N ILE B 4 12.16 -31.98 35.90
CA ILE B 4 13.26 -31.93 34.93
C ILE B 4 12.70 -31.78 33.52
N GLY B 5 13.10 -30.71 32.84
CA GLY B 5 12.49 -30.34 31.57
C GLY B 5 12.93 -31.18 30.39
N ALA B 6 12.29 -30.92 29.25
CA ALA B 6 12.57 -31.62 28.01
C ALA B 6 12.18 -30.74 26.84
N VAL B 7 12.65 -31.10 25.65
CA VAL B 7 12.42 -30.32 24.44
C VAL B 7 11.95 -31.17 23.27
N PHE B 8 12.02 -32.49 23.32
CA PHE B 8 11.70 -33.31 22.16
C PHE B 8 10.21 -33.36 21.84
N LEU B 9 9.34 -32.83 22.70
CA LEU B 9 7.91 -32.86 22.45
C LEU B 9 7.50 -31.95 21.30
N GLY B 10 8.35 -31.02 20.88
CA GLY B 10 8.02 -30.14 19.76
C GLY B 10 7.12 -28.97 20.07
N PHE B 11 5.99 -29.22 20.72
CA PHE B 11 5.04 -28.15 21.07
C PHE B 11 4.27 -28.58 22.32
N LEU B 12 3.04 -28.11 22.48
CA LEU B 12 2.32 -27.96 23.74
C LEU B 12 1.76 -29.28 24.28
N GLY B 13 2.32 -30.42 23.87
CA GLY B 13 1.78 -31.76 24.16
C GLY B 13 1.43 -32.04 25.60
N ALA B 14 1.87 -31.21 26.55
CA ALA B 14 1.39 -31.28 27.92
C ALA B 14 1.61 -29.93 28.61
N ALA B 15 0.57 -29.25 29.12
CA ALA B 15 -0.88 -29.49 29.01
C ALA B 15 -1.40 -30.74 29.74
N GLY B 16 -2.65 -30.64 30.21
CA GLY B 16 -3.33 -31.81 30.75
C GLY B 16 -2.79 -32.30 32.08
N SER B 17 -1.52 -32.70 32.10
CA SER B 17 -0.91 -33.24 33.29
C SER B 17 -0.80 -32.19 34.38
N THR B 18 -0.63 -32.65 35.61
CA THR B 18 -0.51 -31.74 36.74
C THR B 18 0.70 -30.83 36.59
N MET B 19 0.75 -29.81 37.44
CA MET B 19 1.77 -28.79 37.33
C MET B 19 3.16 -29.38 37.53
N GLY B 20 3.31 -30.27 38.51
CA GLY B 20 4.54 -31.00 38.69
C GLY B 20 4.85 -31.98 37.58
N ALA B 21 3.87 -32.30 36.73
CA ALA B 21 4.09 -33.08 35.53
C ALA B 21 3.78 -32.29 34.26
N ALA B 22 3.75 -30.95 34.33
CA ALA B 22 3.54 -30.10 33.17
C ALA B 22 4.50 -28.93 33.07
N SER B 23 5.22 -28.56 34.13
CA SER B 23 6.17 -27.45 34.06
C SER B 23 7.53 -27.92 33.55
N MET B 24 7.54 -28.62 32.40
CA MET B 24 8.76 -29.21 31.86
C MET B 24 8.97 -28.87 30.39
N THR B 25 7.93 -28.36 29.71
CA THR B 25 8.03 -27.90 28.33
C THR B 25 8.52 -26.47 28.23
N LEU B 26 9.20 -25.94 29.26
CA LEU B 26 9.53 -24.53 29.28
C LEU B 26 10.48 -24.16 28.14
N THR B 27 11.45 -25.03 27.85
CA THR B 27 12.37 -24.76 26.75
C THR B 27 11.62 -24.64 25.42
N VAL B 28 10.81 -25.64 25.11
CA VAL B 28 10.12 -25.65 23.81
C VAL B 28 9.06 -24.56 23.75
N GLN B 29 8.36 -24.31 24.87
CA GLN B 29 7.37 -23.24 24.90
C GLN B 29 8.02 -21.88 24.68
N ALA B 30 9.18 -21.66 25.30
CA ALA B 30 9.91 -20.42 25.05
C ALA B 30 10.37 -20.34 23.60
N ARG B 31 10.79 -21.46 23.03
CA ARG B 31 11.27 -21.46 21.65
C ARG B 31 10.16 -21.08 20.68
N ASN B 32 9.02 -21.77 20.76
CA ASN B 32 7.97 -21.60 19.75
C ASN B 32 7.18 -20.31 19.93
N LEU B 33 7.34 -19.62 21.06
CA LEU B 33 6.60 -18.39 21.29
C LEU B 33 6.96 -17.29 20.31
N LEU B 34 8.17 -17.33 19.75
CA LEU B 34 8.69 -16.29 18.87
C LEU B 34 9.20 -16.83 17.54
N SER B 35 9.80 -18.01 17.53
CA SER B 35 10.40 -18.53 16.31
C SER B 35 9.33 -18.86 15.27
N GLY B 36 9.69 -18.69 13.99
CA GLY B 36 8.79 -19.02 12.92
C GLY B 36 7.67 -17.99 12.79
N ILE B 37 6.71 -18.25 11.89
CA ILE B 37 6.70 -19.39 10.95
C ILE B 37 7.74 -19.20 9.85
N VAL B 38 7.85 -17.97 9.36
CA VAL B 38 8.80 -17.65 8.30
C VAL B 38 10.22 -17.81 8.81
N LYS B 56 -0.48 -6.78 -9.53
CA LYS B 56 0.58 -7.45 -8.80
C LYS B 56 0.72 -6.89 -7.39
N LEU B 57 0.39 -5.62 -7.22
CA LEU B 57 0.47 -4.98 -5.91
C LEU B 57 -0.55 -5.61 -4.97
N THR B 58 -0.09 -5.97 -3.76
CA THR B 58 -0.93 -6.60 -2.75
C THR B 58 -0.60 -6.01 -1.39
N VAL B 59 -1.56 -6.08 -0.47
CA VAL B 59 -1.46 -5.40 0.82
C VAL B 59 -1.29 -6.35 2.00
N TRP B 60 -1.26 -7.67 1.78
CA TRP B 60 -1.14 -8.60 2.90
C TRP B 60 0.25 -8.56 3.53
N GLY B 61 1.21 -7.88 2.90
CA GLY B 61 2.44 -7.56 3.62
C GLY B 61 2.16 -6.79 4.90
N ILE B 62 1.14 -5.93 4.87
CA ILE B 62 0.72 -5.23 6.08
C ILE B 62 0.26 -6.22 7.13
N LYS B 63 -0.54 -7.22 6.73
CA LYS B 63 -1.02 -8.21 7.69
C LYS B 63 0.13 -9.00 8.29
N GLN B 64 1.06 -9.45 7.44
CA GLN B 64 2.20 -10.22 7.93
C GLN B 64 3.06 -9.39 8.88
N LEU B 65 3.33 -8.13 8.51
CA LEU B 65 4.14 -7.28 9.36
C LEU B 65 3.44 -7.00 10.68
N GLN B 66 2.11 -6.82 10.64
CA GLN B 66 1.36 -6.59 11.87
C GLN B 66 1.45 -7.79 12.80
N ALA B 67 1.30 -8.99 12.25
CA ALA B 67 1.39 -10.19 13.07
C ALA B 67 2.79 -10.33 13.67
N ARG B 68 3.82 -10.14 12.85
CA ARG B 68 5.19 -10.27 13.32
C ARG B 68 5.49 -9.25 14.42
N VAL B 69 5.06 -8.00 14.21
CA VAL B 69 5.35 -6.95 15.17
C VAL B 69 4.60 -7.20 16.47
N LEU B 70 3.36 -7.66 16.39
CA LEU B 70 2.60 -7.95 17.61
C LEU B 70 3.25 -9.08 18.40
N ALA B 71 3.69 -10.13 17.70
CA ALA B 71 4.37 -11.22 18.40
C ALA B 71 5.66 -10.74 19.06
N VAL B 72 6.43 -9.92 18.35
CA VAL B 72 7.69 -9.41 18.90
C VAL B 72 7.42 -8.54 20.13
N GLU B 73 6.38 -7.71 20.07
CA GLU B 73 6.07 -6.85 21.20
C GLU B 73 5.59 -7.66 22.39
N ARG B 74 4.81 -8.72 22.14
CA ARG B 74 4.41 -9.63 23.22
C ARG B 74 5.64 -10.21 23.91
N TYR B 75 6.57 -10.74 23.12
CA TYR B 75 7.77 -11.34 23.70
C TYR B 75 8.58 -10.31 24.48
N LEU B 76 8.71 -9.10 23.93
CA LEU B 76 9.51 -8.08 24.59
C LEU B 76 8.87 -7.63 25.90
N ARG B 77 7.54 -7.51 25.93
CA ARG B 77 6.87 -7.15 27.17
C ARG B 77 7.06 -8.24 28.23
N ASP B 78 6.94 -9.50 27.83
CA ASP B 78 7.16 -10.58 28.80
C ASP B 78 8.58 -10.56 29.33
N GLN B 79 9.56 -10.38 28.44
CA GLN B 79 10.95 -10.37 28.87
C GLN B 79 11.24 -9.18 29.76
N GLN B 80 10.64 -8.03 29.47
CA GLN B 80 10.83 -6.86 30.33
C GLN B 80 10.25 -7.10 31.71
N LEU B 81 9.05 -7.69 31.78
CA LEU B 81 8.45 -7.98 33.08
C LEU B 81 9.32 -8.95 33.87
N LEU B 82 9.92 -9.93 33.18
CA LEU B 82 10.87 -10.80 33.88
C LEU B 82 12.10 -10.02 34.33
N GLY B 83 12.57 -9.08 33.51
CA GLY B 83 13.79 -8.36 33.85
C GLY B 83 13.63 -7.46 35.06
N ILE B 84 12.46 -6.85 35.20
CA ILE B 84 12.24 -5.97 36.35
C ILE B 84 12.30 -6.76 37.65
N TRP B 85 11.84 -8.01 37.63
CA TRP B 85 11.78 -8.82 38.84
C TRP B 85 13.08 -9.56 39.12
N GLY B 86 14.14 -9.31 38.35
CA GLY B 86 15.39 -10.01 38.54
C GLY B 86 15.41 -11.41 37.98
N CYS B 87 14.46 -11.76 37.12
CA CYS B 87 14.32 -13.13 36.61
C CYS B 87 14.79 -13.29 35.17
N SER B 88 15.16 -12.21 34.48
CA SER B 88 15.64 -12.34 33.11
C SER B 88 16.90 -13.18 33.08
N GLY B 89 17.00 -14.04 32.05
CA GLY B 89 18.07 -15.00 31.95
C GLY B 89 17.74 -16.38 32.48
N LYS B 90 16.54 -16.58 33.03
CA LYS B 90 16.09 -17.87 33.51
C LYS B 90 14.64 -18.08 33.11
N LEU B 91 14.23 -19.35 33.04
CA LEU B 91 12.83 -19.71 32.90
C LEU B 91 12.18 -19.93 34.26
N ILE B 92 12.73 -20.81 35.08
CA ILE B 92 12.40 -20.85 36.50
C ILE B 92 13.02 -19.64 37.18
N CYS B 93 12.37 -19.13 38.22
CA CYS B 93 12.94 -18.01 38.96
C CYS B 93 12.35 -17.97 40.36
N CYS B 94 13.15 -18.33 41.36
CA CYS B 94 12.78 -18.08 42.74
C CYS B 94 12.86 -16.59 43.05
N THR B 95 11.97 -16.13 43.93
CA THR B 95 11.92 -14.72 44.32
C THR B 95 11.69 -14.63 45.84
N ASN B 96 11.65 -13.39 46.33
CA ASN B 96 11.65 -13.13 47.77
C ASN B 96 10.27 -12.75 48.31
N VAL B 97 9.34 -12.34 47.46
CA VAL B 97 8.02 -11.88 47.89
C VAL B 97 7.33 -12.97 48.70
N PRO B 98 7.00 -12.78 49.97
CA PRO B 98 6.24 -13.80 50.69
C PRO B 98 4.83 -13.93 50.17
N TRP B 99 4.26 -15.09 50.42
CA TRP B 99 2.86 -15.38 50.09
C TRP B 99 1.97 -14.35 50.77
N ASN B 100 0.94 -13.89 50.05
CA ASN B 100 0.22 -12.69 50.46
C ASN B 100 -0.43 -12.86 51.82
N SER B 101 -0.46 -11.75 52.57
CA SER B 101 -1.14 -11.72 53.86
C SER B 101 -2.62 -12.01 53.72
N SER B 102 -3.21 -11.68 52.56
CA SER B 102 -4.63 -11.86 52.35
C SER B 102 -5.02 -13.26 51.90
N TRP B 103 -4.07 -14.07 51.41
CA TRP B 103 -4.45 -15.39 50.89
C TRP B 103 -4.37 -16.47 51.96
N SER B 104 -3.14 -16.88 52.33
CA SER B 104 -2.85 -17.87 53.37
C SER B 104 -3.79 -19.08 53.37
N ASN B 105 -4.34 -19.48 52.22
CA ASN B 105 -5.47 -20.40 52.18
C ASN B 105 -5.44 -21.45 51.07
N ARG B 106 -4.57 -21.32 50.08
CA ARG B 106 -4.79 -22.02 48.82
C ARG B 106 -4.59 -23.53 48.97
N ASN B 107 -5.12 -24.26 47.99
CA ASN B 107 -5.20 -25.72 48.02
C ASN B 107 -3.92 -26.35 47.47
N LEU B 108 -2.83 -26.29 48.23
CA LEU B 108 -1.53 -26.67 47.69
C LEU B 108 -1.41 -28.17 47.45
N SER B 109 -2.17 -28.98 48.21
CA SER B 109 -2.17 -30.43 48.00
C SER B 109 -2.53 -30.76 46.56
N GLU B 110 -3.43 -29.97 45.97
CA GLU B 110 -3.78 -30.13 44.56
C GLU B 110 -2.92 -29.27 43.64
N ILE B 111 -2.19 -28.28 44.18
CA ILE B 111 -1.20 -27.58 43.36
C ILE B 111 -0.13 -28.55 42.91
N TRP B 112 0.38 -29.38 43.82
CA TRP B 112 1.61 -30.10 43.51
C TRP B 112 1.38 -31.18 42.47
N ASP B 113 0.27 -31.93 42.58
CA ASP B 113 0.08 -33.14 41.79
C ASP B 113 -1.31 -33.36 41.20
N ASN B 114 -2.26 -32.44 41.38
CA ASN B 114 -3.60 -32.59 40.81
C ASN B 114 -3.88 -31.53 39.75
N MET B 115 -3.81 -30.24 40.09
CA MET B 115 -4.19 -29.21 39.14
C MET B 115 -3.17 -29.11 38.02
N THR B 116 -3.65 -29.12 36.78
CA THR B 116 -2.83 -28.72 35.65
C THR B 116 -2.76 -27.21 35.58
N TRP B 117 -1.84 -26.71 34.74
CA TRP B 117 -1.68 -25.27 34.62
C TRP B 117 -2.93 -24.61 34.07
N LEU B 118 -3.61 -25.26 33.13
CA LEU B 118 -4.82 -24.70 32.55
C LEU B 118 -5.92 -24.49 33.58
N GLN B 119 -5.92 -25.27 34.66
CA GLN B 119 -6.86 -25.07 35.77
C GLN B 119 -6.32 -24.08 36.79
N TRP B 120 -5.03 -24.20 37.13
CA TRP B 120 -4.47 -23.33 38.17
C TRP B 120 -4.46 -21.87 37.73
N ASP B 121 -4.36 -21.61 36.43
CA ASP B 121 -4.35 -20.23 35.96
C ASP B 121 -5.66 -19.51 36.25
N LYS B 122 -6.76 -20.26 36.37
CA LYS B 122 -8.03 -19.65 36.72
C LYS B 122 -8.11 -19.23 38.18
N GLU B 123 -7.47 -19.99 39.08
CA GLU B 123 -7.56 -19.69 40.50
C GLU B 123 -6.69 -18.51 40.93
N ILE B 124 -5.60 -18.23 40.22
CA ILE B 124 -4.79 -17.05 40.52
C ILE B 124 -5.34 -15.79 39.89
N SER B 125 -6.28 -15.89 38.95
CA SER B 125 -6.92 -14.70 38.40
C SER B 125 -7.65 -13.94 39.50
N ASN B 126 -7.85 -12.64 39.25
CA ASN B 126 -8.47 -11.69 40.18
C ASN B 126 -7.49 -11.30 41.29
N TYR B 127 -6.28 -11.87 41.31
CA TYR B 127 -5.26 -11.52 42.29
C TYR B 127 -3.87 -11.33 41.69
N THR B 128 -3.68 -11.59 40.40
CA THR B 128 -2.35 -11.53 39.81
C THR B 128 -1.79 -10.12 39.82
N GLN B 129 -2.65 -9.11 39.65
CA GLN B 129 -2.20 -7.73 39.54
C GLN B 129 -1.42 -7.24 40.76
N ILE B 130 -1.72 -7.78 41.94
CA ILE B 130 -0.98 -7.38 43.14
C ILE B 130 0.43 -7.95 43.11
N ILE B 131 0.59 -9.15 42.55
CA ILE B 131 1.84 -9.88 42.66
C ILE B 131 2.95 -9.19 41.87
N TYR B 132 2.61 -8.62 40.71
CA TYR B 132 3.63 -7.92 39.93
C TYR B 132 4.16 -6.70 40.68
N GLY B 133 3.28 -5.93 41.29
CA GLY B 133 3.72 -4.81 42.09
C GLY B 133 4.57 -5.22 43.27
N LEU B 134 4.16 -6.31 43.95
CA LEU B 134 4.95 -6.81 45.07
C LEU B 134 6.35 -7.21 44.62
N LEU B 135 6.43 -7.96 43.51
CA LEU B 135 7.73 -8.38 43.00
C LEU B 135 8.60 -7.18 42.64
N GLU B 136 8.00 -6.18 41.99
CA GLU B 136 8.76 -4.99 41.58
C GLU B 136 9.32 -4.26 42.80
N GLU B 137 8.49 -4.05 43.82
CA GLU B 137 8.93 -3.34 45.01
C GLU B 137 10.04 -4.10 45.71
N SER B 138 9.86 -5.42 45.87
CA SER B 138 10.88 -6.22 46.54
C SER B 138 12.19 -6.22 45.78
N GLN B 139 12.13 -6.33 44.45
CA GLN B 139 13.35 -6.31 43.64
C GLN B 139 14.07 -4.98 43.77
N ASN B 140 13.33 -3.87 43.73
CA ASN B 140 14.00 -2.58 43.82
C ASN B 140 14.62 -2.37 45.19
N GLN B 141 13.95 -2.84 46.25
CA GLN B 141 14.55 -2.79 47.57
C GLN B 141 15.85 -3.58 47.61
N GLN B 142 15.83 -4.79 47.04
CA GLN B 142 17.05 -5.60 47.02
C GLN B 142 18.15 -4.93 46.21
N GLU B 143 17.78 -4.29 45.10
CA GLU B 143 18.76 -3.61 44.26
C GLU B 143 19.47 -2.51 45.03
N LYS B 144 18.70 -1.63 45.67
CA LYS B 144 19.34 -0.56 46.43
C LYS B 144 20.12 -1.11 47.61
N ASN B 145 19.65 -2.19 48.23
CA ASN B 145 20.38 -2.79 49.34
C ASN B 145 21.73 -3.30 48.88
N GLU B 146 21.77 -4.00 47.74
CA GLU B 146 23.05 -4.50 47.22
C GLU B 146 23.97 -3.37 46.83
N GLN B 147 23.43 -2.30 46.24
CA GLN B 147 24.26 -1.15 45.90
C GLN B 147 24.86 -0.52 47.15
N ASP B 148 24.05 -0.39 48.21
CA ASP B 148 24.57 0.14 49.47
C ASP B 148 25.64 -0.77 50.07
N LEU B 149 25.42 -2.08 49.99
CA LEU B 149 26.41 -3.02 50.52
C LEU B 149 27.73 -2.90 49.78
N LEU B 150 27.69 -2.77 48.45
CA LEU B 150 28.91 -2.58 47.70
C LEU B 150 29.55 -1.24 48.02
N ALA B 151 28.73 -0.22 48.27
CA ALA B 151 29.26 1.10 48.61
C ALA B 151 29.70 1.22 50.06
N LEU B 152 29.49 0.19 50.89
CA LEU B 152 29.79 0.31 52.31
C LEU B 152 31.27 0.56 52.56
N ASP B 153 32.15 -0.26 52.00
CA ASP B 153 33.57 -0.22 52.33
C ASP B 153 34.23 1.10 51.90
N GLN C 1 -31.35 2.86 12.45
CA GLN C 1 -32.78 3.11 12.71
C GLN C 1 -33.63 2.12 11.91
N VAL C 2 -34.81 1.83 12.43
CA VAL C 2 -35.76 0.90 11.81
C VAL C 2 -37.01 1.68 11.43
N GLN C 3 -37.48 1.48 10.21
CA GLN C 3 -38.71 2.07 9.72
C GLN C 3 -39.34 1.11 8.72
N LEU C 4 -40.62 0.77 8.94
CA LEU C 4 -41.34 -0.20 8.12
C LEU C 4 -42.60 0.48 7.58
N VAL C 5 -42.49 1.01 6.37
CA VAL C 5 -43.62 1.63 5.70
C VAL C 5 -44.46 0.54 5.03
N GLN C 6 -45.75 0.83 4.79
CA GLN C 6 -46.65 -0.13 4.18
C GLN C 6 -47.65 0.61 3.31
N SER C 7 -48.27 -0.14 2.39
CA SER C 7 -49.26 0.44 1.49
C SER C 7 -50.60 0.56 2.18
N GLY C 8 -51.51 1.28 1.53
CA GLY C 8 -52.83 1.49 2.10
C GLY C 8 -53.73 0.29 1.93
N GLY C 9 -54.92 0.41 2.51
CA GLY C 9 -55.90 -0.66 2.47
C GLY C 9 -56.57 -0.76 1.11
N GLN C 10 -57.38 -1.82 0.98
CA GLN C 10 -58.06 -2.10 -0.28
C GLN C 10 -59.09 -3.20 -0.04
N MET C 11 -60.01 -3.33 -0.98
CA MET C 11 -61.10 -4.30 -0.92
C MET C 11 -61.05 -5.20 -2.14
N LYS C 12 -61.16 -6.51 -1.91
CA LYS C 12 -60.95 -7.52 -2.95
C LYS C 12 -62.16 -8.45 -3.01
N LYS C 13 -62.32 -9.08 -4.19
CA LYS C 13 -63.39 -10.03 -4.49
C LYS C 13 -62.88 -11.46 -4.32
N PRO C 14 -63.76 -12.44 -4.07
CA PRO C 14 -63.28 -13.82 -3.96
C PRO C 14 -62.67 -14.32 -5.28
N GLY C 15 -61.61 -15.11 -5.15
CA GLY C 15 -60.91 -15.67 -6.29
C GLY C 15 -59.92 -14.75 -6.96
N GLU C 16 -59.90 -13.47 -6.62
CA GLU C 16 -58.97 -12.52 -7.20
C GLU C 16 -57.71 -12.47 -6.35
N SER C 17 -56.63 -11.88 -6.88
CA SER C 17 -55.38 -11.72 -6.17
C SER C 17 -55.20 -10.28 -5.68
N MET C 18 -54.44 -10.15 -4.59
CA MET C 18 -53.96 -8.87 -4.08
C MET C 18 -52.44 -8.85 -4.07
N ARG C 19 -51.87 -7.66 -4.14
CA ARG C 19 -50.46 -7.41 -3.91
C ARG C 19 -50.31 -6.40 -2.78
N ILE C 20 -49.24 -6.55 -2.00
CA ILE C 20 -48.91 -5.66 -0.90
C ILE C 20 -47.43 -5.31 -0.98
N SER C 21 -47.09 -4.11 -0.51
CA SER C 21 -45.71 -3.62 -0.51
C SER C 21 -45.34 -3.17 0.88
N CYS C 22 -44.06 -3.33 1.22
CA CYS C 22 -43.51 -2.83 2.47
C CYS C 22 -42.07 -2.41 2.22
N ARG C 23 -41.72 -1.20 2.65
CA ARG C 23 -40.46 -0.57 2.29
C ARG C 23 -39.63 -0.33 3.54
N ALA C 24 -38.32 -0.54 3.41
CA ALA C 24 -37.40 -0.42 4.53
C ALA C 24 -36.61 0.88 4.46
N SER C 25 -35.99 1.24 5.58
CA SER C 25 -35.15 2.43 5.65
C SER C 25 -34.37 2.42 6.95
N GLY C 26 -33.22 3.09 6.93
CA GLY C 26 -32.42 3.31 8.12
C GLY C 26 -31.47 2.19 8.47
N TYR C 27 -31.36 1.14 7.66
CA TYR C 27 -30.49 0.02 7.95
C TYR C 27 -30.11 -0.67 6.65
N GLU C 28 -29.27 -1.70 6.77
CA GLU C 28 -28.90 -2.52 5.62
C GLU C 28 -30.01 -3.51 5.29
N PHE C 29 -30.72 -3.28 4.20
CA PHE C 29 -31.84 -4.14 3.86
C PHE C 29 -31.39 -5.52 3.40
N ILE C 30 -30.19 -5.61 2.83
CA ILE C 30 -29.78 -6.87 2.19
C ILE C 30 -29.51 -7.95 3.23
N ASP C 31 -28.88 -7.61 4.34
CA ASP C 31 -28.37 -8.61 5.28
C ASP C 31 -29.38 -9.05 6.33
N CYS C 32 -30.51 -8.36 6.46
CA CYS C 32 -31.38 -8.48 7.62
C CYS C 32 -32.64 -9.26 7.25
N THR C 33 -32.96 -10.26 8.07
CA THR C 33 -34.15 -11.08 7.85
C THR C 33 -35.40 -10.22 7.98
N LEU C 34 -36.41 -10.54 7.16
CA LEU C 34 -37.67 -9.84 7.14
C LEU C 34 -38.79 -10.87 7.21
N ASN C 35 -39.91 -10.49 7.81
CA ASN C 35 -41.01 -11.39 8.09
C ASN C 35 -42.33 -10.76 7.64
N TRP C 36 -43.40 -11.54 7.70
CA TRP C 36 -44.76 -11.07 7.48
C TRP C 36 -45.69 -11.84 8.40
N ILE C 37 -46.60 -11.12 9.07
CA ILE C 37 -47.57 -11.72 9.98
C ILE C 37 -48.96 -11.25 9.59
N ARG C 38 -49.87 -12.21 9.39
CA ARG C 38 -51.28 -11.92 9.29
C ARG C 38 -51.86 -11.79 10.68
N LEU C 39 -52.86 -10.91 10.83
CA LEU C 39 -53.50 -10.66 12.13
C LEU C 39 -55.00 -10.50 11.88
N ALA C 40 -55.72 -11.61 11.97
CA ALA C 40 -57.17 -11.57 11.81
C ALA C 40 -57.82 -11.13 13.12
N PRO C 41 -59.03 -10.56 13.07
CA PRO C 41 -59.66 -10.08 14.30
C PRO C 41 -60.25 -11.22 15.12
N GLY C 42 -59.99 -11.19 16.42
CA GLY C 42 -60.67 -12.07 17.35
C GLY C 42 -60.25 -13.52 17.33
N LYS C 43 -59.06 -13.83 16.82
CA LYS C 43 -58.57 -15.21 16.83
C LYS C 43 -57.05 -15.19 16.80
N ARG C 44 -56.46 -16.37 16.67
CA ARG C 44 -55.01 -16.52 16.71
C ARG C 44 -54.36 -15.71 15.59
N PRO C 45 -53.36 -14.87 15.87
CA PRO C 45 -52.50 -14.43 14.78
C PRO C 45 -51.78 -15.63 14.19
N GLU C 46 -51.61 -15.61 12.87
CA GLU C 46 -51.07 -16.75 12.13
C GLU C 46 -49.77 -16.36 11.46
N TRP C 47 -48.84 -17.30 11.40
CA TRP C 47 -47.61 -17.09 10.66
C TRP C 47 -47.89 -17.21 9.17
N MET C 48 -47.10 -16.50 8.35
CA MET C 48 -47.24 -16.58 6.89
C MET C 48 -45.94 -16.92 6.19
N GLY C 49 -44.80 -16.38 6.62
CA GLY C 49 -43.56 -16.71 5.93
C GLY C 49 -42.39 -15.87 6.40
N TRP C 50 -41.24 -16.16 5.81
CA TRP C 50 -39.99 -15.43 6.03
C TRP C 50 -39.51 -14.88 4.71
N LEU C 51 -38.44 -14.07 4.77
CA LEU C 51 -37.74 -13.60 3.57
C LEU C 51 -36.35 -13.13 3.98
N LYS C 52 -35.35 -13.56 3.21
CA LYS C 52 -33.95 -13.17 3.42
C LYS C 52 -33.51 -12.31 2.24
N PRO C 53 -33.48 -10.98 2.35
CA PRO C 53 -33.30 -10.15 1.14
C PRO C 53 -31.97 -10.35 0.43
N ARG C 54 -30.95 -10.92 1.07
CA ARG C 54 -29.66 -11.11 0.40
C ARG C 54 -29.83 -12.02 -0.82
N GLY C 55 -30.18 -13.28 -0.58
CA GLY C 55 -30.36 -14.24 -1.66
C GLY C 55 -31.77 -14.35 -2.19
N GLY C 56 -32.73 -13.72 -1.52
CA GLY C 56 -34.12 -13.89 -1.91
C GLY C 56 -34.72 -15.20 -1.43
N ALA C 57 -34.04 -15.93 -0.55
CA ALA C 57 -34.59 -17.17 -0.03
C ALA C 57 -35.86 -16.89 0.78
N VAL C 58 -36.80 -17.84 0.70
CA VAL C 58 -38.10 -17.70 1.35
C VAL C 58 -38.46 -19.03 1.99
N ASN C 59 -39.43 -18.97 2.89
CA ASN C 59 -40.02 -20.17 3.49
C ASN C 59 -41.42 -19.81 3.96
N TYR C 60 -42.35 -20.75 3.77
CA TYR C 60 -43.78 -20.47 3.89
C TYR C 60 -44.40 -21.38 4.93
N ALA C 61 -45.39 -20.85 5.64
CA ALA C 61 -46.22 -21.68 6.50
C ALA C 61 -46.95 -22.70 5.65
N ARG C 62 -47.00 -23.94 6.12
CA ARG C 62 -47.53 -25.02 5.29
C ARG C 62 -48.94 -24.84 4.78
N PRO C 63 -49.93 -24.37 5.56
CA PRO C 63 -51.29 -24.29 5.00
C PRO C 63 -51.46 -23.26 3.91
N LEU C 64 -50.45 -22.40 3.67
CA LEU C 64 -50.51 -21.34 2.67
C LEU C 64 -49.51 -21.49 1.54
N GLN C 65 -48.65 -22.51 1.56
CA GLN C 65 -47.60 -22.59 0.55
C GLN C 65 -48.13 -22.90 -0.84
N GLY C 66 -49.38 -23.32 -0.97
CA GLY C 66 -49.99 -23.47 -2.28
C GLY C 66 -50.49 -22.18 -2.90
N ARG C 67 -50.41 -21.06 -2.17
CA ARG C 67 -50.92 -19.77 -2.64
C ARG C 67 -49.93 -18.62 -2.51
N VAL C 68 -49.03 -18.63 -1.53
CA VAL C 68 -48.24 -17.44 -1.22
C VAL C 68 -47.02 -17.38 -2.15
N THR C 69 -46.67 -16.15 -2.55
CA THR C 69 -45.42 -15.87 -3.24
C THR C 69 -44.84 -14.59 -2.67
N MET C 70 -43.61 -14.66 -2.18
CA MET C 70 -42.97 -13.56 -1.47
C MET C 70 -41.69 -13.17 -2.20
N THR C 71 -41.60 -11.89 -2.58
CA THR C 71 -40.49 -11.39 -3.38
C THR C 71 -39.97 -10.10 -2.76
N ARG C 72 -38.85 -9.62 -3.30
CA ARG C 72 -38.25 -8.37 -2.85
C ARG C 72 -37.49 -7.74 -4.01
N ASP C 73 -37.06 -6.49 -3.79
CA ASP C 73 -36.26 -5.75 -4.75
C ASP C 73 -35.19 -4.98 -3.98
N VAL C 74 -33.93 -5.36 -4.17
CA VAL C 74 -32.84 -4.82 -3.35
C VAL C 74 -32.66 -3.32 -3.63
N TYR C 75 -32.69 -2.93 -4.90
CA TYR C 75 -32.36 -1.55 -5.26
C TYR C 75 -33.43 -0.55 -4.83
N SER C 76 -34.64 -1.01 -4.48
CA SER C 76 -35.68 -0.16 -3.96
C SER C 76 -35.95 -0.35 -2.47
N ASP C 77 -35.29 -1.32 -1.83
CA ASP C 77 -35.49 -1.62 -0.41
C ASP C 77 -36.92 -1.96 -0.09
N THR C 78 -37.62 -2.61 -1.03
CA THR C 78 -39.05 -2.92 -0.91
C THR C 78 -39.25 -4.43 -0.89
N ALA C 79 -40.04 -4.89 0.07
CA ALA C 79 -40.57 -6.24 0.07
C ALA C 79 -41.96 -6.24 -0.56
N PHE C 80 -42.37 -7.40 -1.06
CA PHE C 80 -43.66 -7.55 -1.71
C PHE C 80 -44.25 -8.91 -1.36
N LEU C 81 -45.57 -9.02 -1.50
CA LEU C 81 -46.30 -10.22 -1.13
C LEU C 81 -47.51 -10.37 -2.04
N GLU C 82 -48.05 -11.57 -2.11
CA GLU C 82 -49.21 -11.83 -2.95
C GLU C 82 -49.93 -13.08 -2.45
N LEU C 83 -51.24 -13.12 -2.69
CA LEU C 83 -52.07 -14.30 -2.48
C LEU C 83 -52.65 -14.70 -3.84
N ARG C 84 -52.28 -15.88 -4.33
CA ARG C 84 -52.64 -16.27 -5.69
C ARG C 84 -54.14 -16.53 -5.86
N SER C 85 -54.86 -16.77 -4.76
CA SER C 85 -56.29 -17.07 -4.85
C SER C 85 -56.91 -16.81 -3.49
N LEU C 86 -57.83 -15.84 -3.42
CA LEU C 86 -58.35 -15.36 -2.16
C LEU C 86 -59.66 -16.05 -1.79
N THR C 87 -60.08 -15.82 -0.54
CA THR C 87 -61.36 -16.26 -0.02
C THR C 87 -61.74 -15.30 1.10
N VAL C 88 -63.03 -15.31 1.48
CA VAL C 88 -63.51 -14.40 2.52
C VAL C 88 -62.77 -14.62 3.84
N ASP C 89 -62.27 -15.83 4.07
CA ASP C 89 -61.58 -16.12 5.32
C ASP C 89 -60.21 -15.45 5.42
N ASP C 90 -59.71 -14.85 4.36
CA ASP C 90 -58.41 -14.18 4.40
C ASP C 90 -58.50 -12.75 4.94
N THR C 91 -59.67 -12.29 5.35
CA THR C 91 -59.83 -10.93 5.86
C THR C 91 -59.00 -10.72 7.12
N ALA C 92 -57.97 -9.88 7.03
CA ALA C 92 -57.06 -9.67 8.16
C ALA C 92 -56.10 -8.56 7.81
N VAL C 93 -55.39 -8.07 8.84
CA VAL C 93 -54.35 -7.06 8.69
C VAL C 93 -53.03 -7.77 8.44
N TYR C 94 -52.15 -7.13 7.68
CA TYR C 94 -50.88 -7.70 7.24
C TYR C 94 -49.74 -6.81 7.72
N PHE C 95 -48.82 -7.39 8.48
CA PHE C 95 -47.78 -6.64 9.19
C PHE C 95 -46.39 -7.13 8.75
N CYS C 96 -45.74 -6.37 7.88
CA CYS C 96 -44.34 -6.64 7.59
C CYS C 96 -43.49 -6.29 8.80
N THR C 97 -42.43 -7.05 9.03
CA THR C 97 -41.80 -7.09 10.35
C THR C 97 -40.34 -7.52 10.22
N ARG C 98 -39.50 -6.97 11.10
CA ARG C 98 -38.09 -7.33 11.22
C ARG C 98 -37.79 -7.97 12.57
N GLY C 99 -36.50 -8.28 12.77
CA GLY C 99 -35.91 -8.38 14.09
C GLY C 99 -34.87 -7.27 14.27
N LYS C 100 -34.65 -6.88 15.53
CA LYS C 100 -33.84 -5.69 15.76
C LYS C 100 -32.35 -5.96 15.50
N ASN C 101 -31.81 -7.02 16.09
CA ASN C 101 -30.50 -7.53 15.68
C ASN C 101 -30.62 -8.33 14.39
N CYS C 102 -31.74 -9.04 14.21
CA CYS C 102 -32.00 -9.98 13.11
C CYS C 102 -30.83 -10.87 12.77
N ASP C 103 -30.12 -11.35 13.80
CA ASP C 103 -29.45 -12.64 13.75
C ASP C 103 -30.33 -13.74 14.31
N TYR C 104 -31.57 -13.42 14.68
CA TYR C 104 -32.53 -14.32 15.28
C TYR C 104 -33.85 -14.11 14.56
N ASN C 105 -34.43 -15.18 14.01
CA ASN C 105 -35.55 -15.05 13.08
C ASN C 105 -36.73 -14.35 13.73
N TRP C 106 -36.96 -14.63 15.01
CA TRP C 106 -38.14 -14.16 15.70
C TRP C 106 -38.01 -12.65 15.94
N ASP C 107 -39.16 -11.97 16.29
CA ASP C 107 -39.42 -10.53 15.97
C ASP C 107 -40.15 -9.84 17.15
N PHE C 108 -39.47 -9.10 18.06
CA PHE C 108 -38.03 -8.71 18.22
C PHE C 108 -37.69 -7.52 17.28
N GLU C 109 -38.73 -6.83 16.75
CA GLU C 109 -38.68 -5.45 16.25
C GLU C 109 -40.12 -5.06 15.87
N HIS C 110 -40.32 -3.82 15.41
CA HIS C 110 -41.42 -3.48 14.51
C HIS C 110 -41.63 -4.62 13.50
N TRP C 111 -42.88 -5.04 13.23
CA TRP C 111 -44.20 -4.41 13.48
C TRP C 111 -44.31 -2.94 13.10
N GLY C 112 -44.24 -2.69 11.79
CA GLY C 112 -44.62 -1.41 11.22
C GLY C 112 -46.12 -1.19 11.30
N ARG C 113 -46.61 -0.09 10.70
CA ARG C 113 -47.96 0.38 10.98
C ARG C 113 -49.06 -0.56 10.46
N GLY C 114 -48.75 -1.51 9.60
CA GLY C 114 -49.74 -2.45 9.11
C GLY C 114 -50.53 -1.91 7.94
N THR C 115 -51.39 -2.77 7.41
CA THR C 115 -52.28 -2.42 6.30
C THR C 115 -53.48 -3.35 6.37
N PRO C 116 -54.72 -2.86 6.50
CA PRO C 116 -55.87 -3.75 6.54
C PRO C 116 -56.44 -4.00 5.16
N VAL C 117 -56.90 -5.23 4.93
CA VAL C 117 -57.54 -5.61 3.69
C VAL C 117 -58.70 -6.54 4.01
N ILE C 118 -59.81 -6.35 3.30
CA ILE C 118 -61.04 -7.12 3.50
C ILE C 118 -61.43 -7.79 2.19
N VAL C 119 -61.83 -9.05 2.28
CA VAL C 119 -62.39 -9.80 1.15
C VAL C 119 -63.89 -9.94 1.42
N SER C 120 -64.70 -9.45 0.47
CA SER C 120 -66.14 -9.38 0.64
C SER C 120 -66.83 -9.76 -0.66
N SER C 121 -68.12 -10.04 -0.56
CA SER C 121 -68.93 -10.42 -1.71
C SER C 121 -70.36 -9.89 -1.57
N GLU D 1 -46.91 -28.96 16.97
CA GLU D 1 -47.88 -29.32 17.99
C GLU D 1 -48.51 -28.04 18.54
N ILE D 2 -49.37 -28.17 19.56
CA ILE D 2 -50.00 -27.01 20.16
C ILE D 2 -48.96 -26.39 21.10
N VAL D 3 -48.14 -25.51 20.55
CA VAL D 3 -46.95 -25.06 21.27
C VAL D 3 -47.31 -23.99 22.30
N LEU D 4 -48.39 -23.24 22.08
CA LEU D 4 -48.76 -22.13 22.95
C LEU D 4 -50.22 -22.23 23.36
N THR D 5 -50.49 -21.88 24.60
CA THR D 5 -51.85 -21.88 25.13
C THR D 5 -51.92 -20.87 26.26
N GLN D 6 -52.51 -19.72 26.01
CA GLN D 6 -52.63 -18.67 27.03
C GLN D 6 -53.92 -18.86 27.83
N SER D 7 -53.93 -18.28 29.02
CA SER D 7 -55.08 -18.32 29.90
C SER D 7 -54.86 -17.32 31.03
N PRO D 8 -55.94 -16.66 31.52
CA PRO D 8 -57.34 -16.68 31.10
C PRO D 8 -57.61 -15.80 29.88
N GLY D 9 -58.50 -16.25 29.00
CA GLY D 9 -58.77 -15.49 27.79
C GLY D 9 -59.43 -14.15 28.06
N THR D 10 -60.29 -14.08 29.07
CA THR D 10 -61.03 -12.87 29.42
C THR D 10 -60.69 -12.48 30.85
N LEU D 11 -60.41 -11.20 31.06
CA LEU D 11 -60.03 -10.69 32.38
C LEU D 11 -60.68 -9.33 32.57
N SER D 12 -61.26 -9.11 33.75
CA SER D 12 -61.85 -7.84 34.14
C SER D 12 -60.98 -7.26 35.26
N LEU D 13 -60.45 -6.06 35.03
CA LEU D 13 -59.50 -5.43 35.94
C LEU D 13 -59.85 -3.96 36.12
N SER D 14 -59.88 -3.52 37.37
CA SER D 14 -60.08 -2.11 37.67
C SER D 14 -58.77 -1.35 37.47
N PRO D 15 -58.83 -0.04 37.18
CA PRO D 15 -57.58 0.72 37.03
C PRO D 15 -56.80 0.76 38.34
N GLY D 16 -55.48 0.71 38.23
CA GLY D 16 -54.61 0.65 39.39
C GLY D 16 -54.48 -0.71 40.02
N GLU D 17 -55.12 -1.74 39.47
CA GLU D 17 -55.07 -3.09 40.00
C GLU D 17 -54.06 -3.92 39.20
N THR D 18 -53.50 -4.95 39.85
CA THR D 18 -52.49 -5.78 39.22
C THR D 18 -53.14 -6.83 38.34
N ALA D 19 -52.58 -7.05 37.15
CA ALA D 19 -53.06 -8.04 36.21
C ALA D 19 -52.19 -9.29 36.25
N ILE D 20 -52.77 -10.41 35.84
CA ILE D 20 -52.08 -11.71 35.81
C ILE D 20 -52.50 -12.46 34.56
N ILE D 21 -51.52 -12.91 33.78
CA ILE D 21 -51.76 -13.74 32.59
C ILE D 21 -50.74 -14.87 32.60
N SER D 22 -51.14 -16.03 32.08
CA SER D 22 -50.30 -17.22 32.01
C SER D 22 -50.26 -17.76 30.59
N CYS D 23 -49.08 -18.21 30.18
CA CYS D 23 -48.86 -18.85 28.89
C CYS D 23 -48.09 -20.16 29.10
N ARG D 24 -48.71 -21.27 28.76
CA ARG D 24 -48.01 -22.54 28.75
C ARG D 24 -47.10 -22.64 27.52
N THR D 25 -46.16 -23.58 27.58
CA THR D 25 -45.28 -23.86 26.45
C THR D 25 -44.95 -25.34 26.49
N SER D 26 -45.44 -26.08 25.49
CA SER D 26 -45.28 -27.53 25.46
C SER D 26 -43.95 -27.98 24.86
N GLN D 27 -43.12 -27.07 24.37
CA GLN D 27 -41.80 -27.41 23.85
C GLN D 27 -40.79 -26.37 24.33
N TYR D 28 -39.55 -26.81 24.44
CA TYR D 28 -38.46 -25.92 24.85
C TYR D 28 -38.28 -24.82 23.81
N GLY D 29 -38.12 -23.59 24.28
CA GLY D 29 -37.93 -22.48 23.38
C GLY D 29 -38.12 -21.16 24.09
N SER D 30 -37.85 -20.09 23.35
CA SER D 30 -38.05 -18.75 23.87
C SER D 30 -39.53 -18.47 24.09
N LEU D 31 -39.81 -17.39 24.83
CA LEU D 31 -41.16 -16.98 25.13
C LEU D 31 -41.18 -15.46 25.26
N ALA D 32 -42.36 -14.87 25.14
CA ALA D 32 -42.47 -13.42 25.10
C ALA D 32 -43.92 -13.00 25.26
N TRP D 33 -44.13 -11.68 25.29
CA TRP D 33 -45.46 -11.11 25.41
C TRP D 33 -45.54 -9.84 24.56
N TYR D 34 -46.70 -9.63 23.94
CA TYR D 34 -46.95 -8.48 23.07
C TYR D 34 -48.14 -7.71 23.61
N GLN D 35 -48.12 -6.39 23.45
CA GLN D 35 -49.22 -5.52 23.85
C GLN D 35 -49.89 -5.02 22.57
N GLN D 36 -51.14 -5.44 22.37
CA GLN D 36 -51.97 -4.89 21.31
C GLN D 36 -52.75 -3.72 21.87
N ARG D 37 -52.28 -2.51 21.60
CA ARG D 37 -53.08 -1.33 21.88
C ARG D 37 -54.31 -1.40 20.97
N PRO D 38 -55.53 -1.20 21.49
CA PRO D 38 -56.73 -1.41 20.65
C PRO D 38 -56.73 -0.52 19.41
N GLY D 39 -57.02 -1.14 18.26
CA GLY D 39 -57.05 -0.41 17.00
C GLY D 39 -55.72 0.15 16.57
N GLN D 40 -54.61 -0.43 17.01
CA GLN D 40 -53.28 0.05 16.67
C GLN D 40 -52.36 -1.15 16.44
N ALA D 41 -51.13 -0.85 16.04
CA ALA D 41 -50.14 -1.89 15.81
C ALA D 41 -49.62 -2.46 17.14
N PRO D 42 -49.62 -3.78 17.35
CA PRO D 42 -49.00 -4.31 18.56
C PRO D 42 -47.52 -3.96 18.69
N ARG D 43 -46.97 -4.25 19.87
CA ARG D 43 -45.61 -3.87 20.22
C ARG D 43 -45.05 -4.88 21.20
N LEU D 44 -43.72 -5.05 21.16
CA LEU D 44 -43.03 -5.95 22.06
C LEU D 44 -43.05 -5.42 23.50
N VAL D 45 -43.15 -6.34 24.46
CA VAL D 45 -43.17 -5.99 25.88
C VAL D 45 -42.04 -6.71 26.62
N ILE D 46 -42.09 -8.04 26.63
CA ILE D 46 -41.10 -8.88 27.31
C ILE D 46 -40.64 -9.92 26.31
N TYR D 47 -39.36 -10.30 26.39
CA TYR D 47 -38.83 -11.33 25.51
C TYR D 47 -37.74 -12.10 26.25
N SER D 48 -37.43 -13.29 25.73
CA SER D 48 -36.44 -14.18 26.32
C SER D 48 -36.79 -14.52 27.76
N GLY D 49 -38.08 -14.66 28.04
CA GLY D 49 -38.54 -14.96 29.38
C GLY D 49 -38.90 -13.71 30.17
N SER D 50 -37.96 -13.24 31.00
CA SER D 50 -38.22 -12.16 31.96
C SER D 50 -37.68 -10.81 31.51
N THR D 51 -36.78 -10.76 30.54
CA THR D 51 -36.16 -9.50 30.15
C THR D 51 -37.18 -8.59 29.49
N ARG D 52 -37.25 -7.34 29.95
CA ARG D 52 -38.20 -6.38 29.41
C ARG D 52 -37.72 -5.80 28.10
N ALA D 53 -38.67 -5.30 27.31
CA ALA D 53 -38.34 -4.64 26.05
C ALA D 53 -37.89 -3.20 26.32
N ALA D 54 -37.52 -2.52 25.24
CA ALA D 54 -37.02 -1.15 25.37
C ALA D 54 -38.15 -0.19 25.70
N GLY D 55 -37.89 0.67 26.69
CA GLY D 55 -38.84 1.72 27.04
C GLY D 55 -40.02 1.28 27.87
N ILE D 56 -40.05 0.03 28.33
CA ILE D 56 -41.19 -0.48 29.09
C ILE D 56 -40.94 -0.21 30.58
N PRO D 57 -41.85 0.45 31.30
CA PRO D 57 -41.67 0.57 32.77
C PRO D 57 -41.59 -0.79 33.45
N ASP D 58 -41.28 -0.74 34.75
CA ASP D 58 -41.04 -1.93 35.55
C ASP D 58 -42.33 -2.62 36.00
N ARG D 59 -43.50 -2.08 35.64
CA ARG D 59 -44.76 -2.78 35.94
C ARG D 59 -44.79 -4.16 35.31
N PHE D 60 -44.13 -4.32 34.16
CA PHE D 60 -44.22 -5.53 33.37
C PHE D 60 -43.09 -6.48 33.77
N SER D 61 -43.45 -7.69 34.21
CA SER D 61 -42.45 -8.65 34.65
C SER D 61 -43.06 -10.05 34.61
N GLY D 62 -42.19 -11.05 34.67
CA GLY D 62 -42.63 -12.44 34.66
C GLY D 62 -41.44 -13.36 34.74
N SER D 63 -41.75 -14.65 34.81
CA SER D 63 -40.71 -15.67 34.96
C SER D 63 -41.30 -17.04 34.67
N ARG D 64 -40.41 -18.00 34.42
CA ARG D 64 -40.82 -19.39 34.22
C ARG D 64 -39.67 -20.33 34.56
N TRP D 65 -40.03 -21.58 34.81
CA TRP D 65 -39.11 -22.71 34.69
C TRP D 65 -39.79 -23.79 33.87
N GLY D 66 -39.36 -23.93 32.61
CA GLY D 66 -39.87 -24.96 31.75
C GLY D 66 -41.27 -24.67 31.21
N PRO D 67 -42.26 -25.50 31.55
CA PRO D 67 -43.51 -25.49 30.78
C PRO D 67 -44.59 -24.52 31.23
N ASP D 68 -44.29 -23.53 32.07
CA ASP D 68 -45.32 -22.60 32.54
C ASP D 68 -44.72 -21.25 32.84
N TYR D 69 -45.26 -20.21 32.22
CA TYR D 69 -44.87 -18.82 32.45
C TYR D 69 -46.05 -18.05 33.03
N ASN D 70 -45.76 -17.22 34.03
CA ASN D 70 -46.72 -16.29 34.61
C ASN D 70 -46.28 -14.87 34.26
N LEU D 71 -47.19 -14.11 33.64
CA LEU D 71 -47.00 -12.68 33.41
C LEU D 71 -47.82 -11.92 34.44
N THR D 72 -47.23 -10.87 35.01
CA THR D 72 -47.91 -10.01 35.96
C THR D 72 -47.63 -8.56 35.62
N ILE D 73 -48.68 -7.75 35.61
CA ILE D 73 -48.59 -6.32 35.35
C ILE D 73 -49.12 -5.62 36.59
N SER D 74 -48.21 -5.13 37.43
CA SER D 74 -48.62 -4.42 38.63
C SER D 74 -49.30 -3.11 38.25
N ASN D 75 -50.36 -2.76 39.00
CA ASN D 75 -51.12 -1.52 38.93
C ASN D 75 -51.30 -0.97 37.52
N LEU D 76 -51.94 -1.75 36.65
CA LEU D 76 -52.13 -1.40 35.25
C LEU D 76 -52.84 -0.06 35.13
N GLU D 77 -52.27 0.84 34.32
CA GLU D 77 -52.93 2.10 34.01
C GLU D 77 -54.00 1.87 32.95
N SER D 78 -54.80 2.91 32.72
CA SER D 78 -55.88 2.81 31.74
C SER D 78 -55.34 2.57 30.34
N GLY D 79 -54.23 3.24 29.99
CA GLY D 79 -53.72 3.18 28.64
C GLY D 79 -53.16 1.83 28.22
N ASP D 80 -52.76 1.00 29.19
CA ASP D 80 -52.10 -0.26 28.90
C ASP D 80 -53.06 -1.44 28.78
N PHE D 81 -54.36 -1.22 28.92
CA PHE D 81 -55.31 -2.29 28.68
C PHE D 81 -55.31 -2.70 27.21
N GLY D 82 -55.83 -3.88 26.95
CA GLY D 82 -55.97 -4.36 25.58
C GLY D 82 -55.96 -5.89 25.55
N VAL D 83 -55.25 -6.42 24.55
CA VAL D 83 -55.14 -7.85 24.33
C VAL D 83 -53.66 -8.19 24.26
N TYR D 84 -53.27 -9.28 24.93
CA TYR D 84 -51.87 -9.68 25.05
C TYR D 84 -51.66 -11.06 24.45
N TYR D 85 -50.60 -11.21 23.65
CA TYR D 85 -50.31 -12.41 22.88
C TYR D 85 -48.98 -13.02 23.31
N CYS D 86 -48.92 -14.35 23.25
CA CYS D 86 -47.72 -15.11 23.58
C CYS D 86 -47.16 -15.74 22.31
N GLN D 87 -45.85 -15.60 22.09
CA GLN D 87 -45.20 -15.98 20.84
C GLN D 87 -44.00 -16.87 21.11
N GLN D 88 -43.75 -17.84 20.22
CA GLN D 88 -42.58 -18.72 20.36
C GLN D 88 -42.15 -19.23 19.00
N TYR D 89 -41.18 -18.54 18.40
CA TYR D 89 -40.47 -18.81 17.15
C TYR D 89 -41.30 -18.70 15.87
N GLU D 90 -42.59 -19.05 15.93
CA GLU D 90 -43.54 -18.67 14.89
C GLU D 90 -44.97 -18.54 15.42
N PHE D 91 -45.29 -19.28 16.47
CA PHE D 91 -46.66 -19.44 16.93
C PHE D 91 -47.16 -18.17 17.59
N PHE D 92 -48.48 -18.11 17.77
CA PHE D 92 -49.10 -17.13 18.63
C PHE D 92 -50.16 -17.82 19.46
N GLY D 93 -50.24 -17.46 20.74
CA GLY D 93 -51.31 -17.94 21.57
C GLY D 93 -52.63 -17.34 21.15
N GLN D 94 -53.72 -17.88 21.72
CA GLN D 94 -55.04 -17.38 21.35
C GLN D 94 -55.32 -15.98 21.89
N GLY D 95 -54.47 -15.45 22.75
CA GLY D 95 -54.62 -14.11 23.25
C GLY D 95 -55.48 -14.05 24.50
N THR D 96 -55.27 -12.98 25.28
CA THR D 96 -56.00 -12.75 26.52
C THR D 96 -56.41 -11.29 26.56
N LYS D 97 -57.69 -11.04 26.77
CA LYS D 97 -58.26 -9.70 26.72
C LYS D 97 -58.43 -9.15 28.14
N VAL D 98 -57.95 -7.93 28.35
CA VAL D 98 -58.07 -7.23 29.62
C VAL D 98 -58.81 -5.92 29.36
N GLN D 99 -59.91 -5.71 30.09
CA GLN D 99 -60.77 -4.55 29.94
C GLN D 99 -60.85 -3.80 31.26
N VAL D 100 -61.05 -2.48 31.17
CA VAL D 100 -61.03 -1.61 32.34
C VAL D 100 -62.45 -1.47 32.87
N ASP D 101 -62.60 -1.64 34.18
CA ASP D 101 -63.89 -1.44 34.85
C ASP D 101 -64.01 0.02 35.29
N ALA E 1 35.87 -37.64 28.71
CA ALA E 1 36.12 -36.23 28.45
C ALA E 1 36.37 -35.47 29.74
N GLU E 2 37.57 -35.65 30.31
CA GLU E 2 38.00 -34.97 31.53
C GLU E 2 38.84 -33.70 31.26
N ASN E 3 39.03 -33.31 30.00
CA ASN E 3 39.79 -32.13 29.65
C ASN E 3 39.14 -31.35 28.50
N LEU E 4 37.85 -31.55 28.24
CA LEU E 4 37.25 -31.21 26.97
C LEU E 4 35.85 -30.66 27.24
N TRP E 5 35.62 -29.37 26.94
CA TRP E 5 34.32 -28.74 27.20
C TRP E 5 34.00 -27.69 26.16
N VAL E 6 32.70 -27.59 25.83
CA VAL E 6 32.25 -26.63 24.83
C VAL E 6 32.27 -25.22 25.41
N THR E 7 32.11 -24.23 24.53
CA THR E 7 32.03 -22.83 24.91
C THR E 7 31.26 -22.09 23.84
N VAL E 8 30.25 -21.35 24.24
CA VAL E 8 29.45 -20.56 23.31
C VAL E 8 30.17 -19.23 23.07
N TYR E 9 30.16 -18.79 21.82
CA TYR E 9 30.73 -17.51 21.42
C TYR E 9 29.69 -16.74 20.61
N TYR E 10 29.66 -15.42 20.81
CA TYR E 10 28.74 -14.55 20.11
C TYR E 10 29.50 -13.36 19.56
N GLY E 11 28.97 -12.76 18.50
CA GLY E 11 29.70 -11.73 17.79
C GLY E 11 30.90 -12.27 17.03
N VAL E 12 30.87 -13.56 16.68
CA VAL E 12 32.01 -14.17 15.99
C VAL E 12 32.01 -13.73 14.55
N PRO E 13 33.18 -13.48 13.90
CA PRO E 13 33.17 -13.06 12.50
C PRO E 13 33.04 -14.22 11.52
N VAL E 14 31.79 -14.63 11.24
CA VAL E 14 31.50 -15.66 10.25
C VAL E 14 30.35 -15.16 9.39
N TRP E 15 30.32 -15.59 8.13
CA TRP E 15 29.25 -15.20 7.22
C TRP E 15 29.01 -16.30 6.19
N LYS E 16 27.82 -16.25 5.60
CA LYS E 16 27.41 -17.17 4.54
C LYS E 16 26.76 -16.37 3.42
N GLU E 17 26.66 -16.99 2.24
CA GLU E 17 26.27 -16.29 1.02
C GLU E 17 24.77 -16.36 0.73
N ALA E 18 23.95 -15.71 1.56
CA ALA E 18 22.51 -15.65 1.32
C ALA E 18 22.19 -14.50 0.36
N LYS E 19 20.88 -14.26 0.18
CA LYS E 19 20.37 -13.21 -0.68
C LYS E 19 19.30 -12.43 0.07
N THR E 20 19.23 -11.12 -0.16
CA THR E 20 18.26 -10.28 0.53
C THR E 20 18.04 -9.00 -0.25
N THR E 21 17.00 -8.26 0.15
CA THR E 21 16.72 -6.97 -0.45
C THR E 21 17.65 -5.91 0.13
N LEU E 22 18.07 -4.96 -0.71
CA LEU E 22 19.06 -3.96 -0.35
C LEU E 22 18.44 -2.58 -0.28
N PHE E 23 19.08 -1.72 0.52
CA PHE E 23 18.63 -0.33 0.67
C PHE E 23 19.13 0.50 -0.51
N CYS E 24 18.31 1.43 -0.96
CA CYS E 24 18.70 2.40 -1.98
C CYS E 24 19.21 3.66 -1.28
N ALA E 25 20.48 3.99 -1.51
CA ALA E 25 21.10 5.19 -0.96
C ALA E 25 21.42 6.16 -2.09
N SER E 26 20.96 7.40 -1.95
CA SER E 26 21.05 8.38 -3.01
C SER E 26 22.40 9.10 -2.97
N ASP E 27 22.52 10.17 -3.75
CA ASP E 27 23.77 10.92 -3.87
C ASP E 27 24.07 11.79 -2.65
N ALA E 28 23.06 12.13 -1.85
CA ALA E 28 23.24 12.96 -0.66
C ALA E 28 23.85 14.32 -1.02
N ARG E 29 23.07 15.16 -1.73
CA ARG E 29 21.64 15.00 -2.00
C ARG E 29 21.24 15.86 -3.20
N ALA E 30 20.30 15.35 -4.00
CA ALA E 30 19.72 16.08 -5.12
C ALA E 30 18.22 15.82 -5.26
N TYR E 31 17.56 15.38 -4.19
CA TYR E 31 16.17 14.92 -4.26
C TYR E 31 15.21 16.00 -3.79
N GLU E 32 13.95 15.87 -4.21
CA GLU E 32 12.82 16.60 -3.65
C GLU E 32 11.64 15.64 -3.65
N LYS E 33 11.29 15.12 -2.46
CA LYS E 33 10.48 13.89 -2.35
C LYS E 33 9.08 14.02 -2.95
N GLU E 34 8.49 15.19 -3.22
CA GLU E 34 7.23 15.27 -3.94
C GLU E 34 7.23 16.35 -5.01
N VAL E 35 8.11 17.35 -4.90
CA VAL E 35 8.07 18.48 -5.83
C VAL E 35 8.45 18.05 -7.23
N HIS E 36 9.54 17.31 -7.38
CA HIS E 36 9.99 16.86 -8.69
C HIS E 36 10.93 15.68 -8.52
N ASN E 37 10.83 14.73 -9.44
CA ASN E 37 11.67 13.55 -9.42
C ASN E 37 12.91 13.75 -10.30
N VAL E 38 14.05 13.32 -9.76
CA VAL E 38 15.34 13.47 -10.44
C VAL E 38 15.86 12.07 -10.74
N TRP E 39 15.75 11.13 -9.79
CA TRP E 39 15.65 9.73 -10.17
C TRP E 39 14.60 8.94 -9.40
N ALA E 40 14.60 9.06 -8.08
CA ALA E 40 13.74 8.23 -7.23
C ALA E 40 13.29 9.01 -5.99
N THR E 41 12.87 10.27 -6.19
CA THR E 41 12.59 11.13 -5.05
C THR E 41 11.41 10.62 -4.22
N HIS E 42 10.37 10.11 -4.87
CA HIS E 42 9.24 9.53 -4.16
C HIS E 42 9.63 8.29 -3.37
N ALA E 43 10.67 7.57 -3.78
CA ALA E 43 10.91 6.21 -3.31
C ALA E 43 12.23 6.05 -2.54
N CYS E 44 13.34 6.43 -3.15
CA CYS E 44 14.66 6.10 -2.60
C CYS E 44 15.01 7.01 -1.41
N VAL E 45 16.03 6.60 -0.66
CA VAL E 45 16.38 7.20 0.63
C VAL E 45 17.52 8.19 0.40
N PRO E 46 17.37 9.48 0.77
CA PRO E 46 18.53 10.40 0.72
C PRO E 46 19.41 10.33 1.95
N THR E 47 20.38 9.41 1.97
CA THR E 47 21.27 9.24 3.11
C THR E 47 22.72 9.20 2.63
N ASP E 48 23.65 9.29 3.58
CA ASP E 48 25.07 9.38 3.28
C ASP E 48 25.60 8.06 2.72
N PRO E 49 26.18 8.04 1.51
CA PRO E 49 26.67 6.78 0.94
C PRO E 49 28.13 6.44 1.20
N SER E 50 28.79 7.08 2.16
CA SER E 50 30.22 6.94 2.41
C SER E 50 30.63 5.46 2.51
N PRO E 51 31.37 4.91 1.53
CA PRO E 51 31.66 3.47 1.57
C PRO E 51 32.42 2.99 2.80
N GLN E 52 33.44 3.72 3.26
CA GLN E 52 34.22 3.35 4.43
C GLN E 52 34.82 1.94 4.27
N GLU E 53 35.69 1.80 3.27
CA GLU E 53 36.23 0.50 2.93
C GLU E 53 37.13 -0.02 4.06
N LEU E 54 37.14 -1.35 4.23
CA LEU E 54 38.01 -2.04 5.18
C LEU E 54 38.70 -3.19 4.47
N PHE E 55 40.02 -3.29 4.68
CA PHE E 55 40.79 -4.38 4.10
C PHE E 55 40.93 -5.53 5.10
N LEU E 56 40.93 -6.75 4.58
CA LEU E 56 40.99 -7.97 5.38
C LEU E 56 42.33 -8.65 5.17
N GLU E 57 42.86 -9.25 6.24
CA GLU E 57 44.24 -9.73 6.23
C GLU E 57 44.43 -10.86 5.22
N ASN E 58 43.77 -12.01 5.46
CA ASN E 58 44.04 -13.24 4.73
C ASN E 58 42.80 -13.87 4.12
N VAL E 59 41.75 -13.09 3.85
CA VAL E 59 40.52 -13.65 3.33
C VAL E 59 40.68 -13.98 1.86
N THR E 60 40.15 -15.13 1.46
CA THR E 60 40.06 -15.54 0.07
C THR E 60 38.64 -16.00 -0.21
N GLU E 61 38.02 -15.43 -1.23
CA GLU E 61 36.59 -15.61 -1.50
C GLU E 61 36.37 -15.84 -2.99
N ASN E 62 35.32 -16.57 -3.31
CA ASN E 62 34.95 -16.88 -4.68
C ASN E 62 33.85 -15.93 -5.14
N PHE E 63 34.05 -15.29 -6.30
CA PHE E 63 33.10 -14.36 -6.89
C PHE E 63 32.58 -14.93 -8.20
N ASN E 64 31.44 -14.38 -8.64
CA ASN E 64 30.85 -14.75 -9.93
C ASN E 64 29.95 -13.61 -10.36
N MET E 65 30.30 -12.96 -11.47
CA MET E 65 29.53 -11.80 -11.92
C MET E 65 28.22 -12.22 -12.57
N TRP E 66 28.21 -13.35 -13.27
CA TRP E 66 27.03 -13.74 -14.03
C TRP E 66 25.86 -14.09 -13.11
N LYS E 67 26.15 -14.75 -11.99
CA LYS E 67 25.12 -15.18 -11.04
C LYS E 67 24.80 -14.11 -10.01
N ASN E 68 25.40 -12.92 -10.09
CA ASN E 68 25.19 -11.85 -9.13
C ASN E 68 23.74 -11.39 -9.22
N ASP E 69 22.96 -11.70 -8.18
CA ASP E 69 21.53 -11.37 -8.18
C ASP E 69 21.25 -9.89 -8.04
N MET E 70 22.26 -9.08 -7.68
CA MET E 70 22.03 -7.64 -7.55
C MET E 70 21.64 -7.00 -8.88
N VAL E 71 22.06 -7.58 -10.00
CA VAL E 71 21.60 -7.06 -11.29
C VAL E 71 20.11 -7.31 -11.45
N ASP E 72 19.61 -8.47 -10.99
CA ASP E 72 18.18 -8.72 -11.00
C ASP E 72 17.46 -7.74 -10.08
N GLN E 73 18.06 -7.45 -8.92
CA GLN E 73 17.47 -6.47 -8.01
C GLN E 73 17.37 -5.10 -8.68
N MET E 74 18.44 -4.69 -9.38
CA MET E 74 18.42 -3.43 -10.12
C MET E 74 17.32 -3.44 -11.17
N HIS E 75 17.18 -4.55 -11.90
CA HIS E 75 16.18 -4.65 -12.95
C HIS E 75 14.77 -4.47 -12.38
N GLU E 76 14.47 -5.20 -11.31
CA GLU E 76 13.15 -5.11 -10.68
C GLU E 76 12.90 -3.70 -10.14
N ASP E 77 13.89 -3.13 -9.46
CA ASP E 77 13.71 -1.79 -8.89
C ASP E 77 13.48 -0.76 -9.98
N ILE E 78 14.23 -0.85 -11.08
CA ILE E 78 14.10 0.13 -12.16
C ILE E 78 12.71 0.02 -12.80
N ILE E 79 12.27 -1.22 -13.08
CA ILE E 79 10.96 -1.38 -13.69
C ILE E 79 9.87 -0.88 -12.76
N SER E 80 9.97 -1.18 -11.47
CA SER E 80 8.97 -0.69 -10.52
C SER E 80 8.96 0.82 -10.46
N LEU E 81 10.14 1.45 -10.46
CA LEU E 81 10.24 2.90 -10.43
C LEU E 81 9.55 3.52 -11.63
N TRP E 82 9.91 3.08 -12.84
CA TRP E 82 9.32 3.66 -14.03
C TRP E 82 7.81 3.41 -14.08
N ASP E 83 7.37 2.20 -13.73
CA ASP E 83 5.95 1.88 -13.81
C ASP E 83 5.14 2.73 -12.84
N GLN E 84 5.63 2.90 -11.61
CA GLN E 84 4.87 3.68 -10.63
C GLN E 84 4.94 5.17 -10.93
N SER E 85 6.05 5.64 -11.53
CA SER E 85 6.14 7.06 -11.84
C SER E 85 5.30 7.45 -13.05
N LEU E 86 5.17 6.56 -14.04
CA LEU E 86 4.39 6.89 -15.22
C LEU E 86 2.89 6.68 -15.02
N LYS E 87 2.49 6.03 -13.94
CA LYS E 87 1.07 5.71 -13.74
C LYS E 87 0.17 6.94 -13.61
N PRO E 88 0.49 7.96 -12.80
CA PRO E 88 -0.46 9.08 -12.65
C PRO E 88 -0.56 9.97 -13.88
N CYS E 89 0.37 9.87 -14.82
CA CYS E 89 0.49 10.85 -15.88
C CYS E 89 -0.63 10.67 -16.92
N VAL E 90 -0.53 11.46 -18.00
CA VAL E 90 -1.63 11.59 -18.95
C VAL E 90 -1.74 10.32 -19.77
N LYS E 91 -2.96 10.06 -20.27
CA LYS E 91 -3.19 8.99 -21.24
C LYS E 91 -3.33 9.59 -22.64
N LEU E 92 -2.83 8.88 -23.64
CA LEU E 92 -2.85 9.34 -25.02
C LEU E 92 -4.04 8.79 -25.81
N THR E 93 -4.96 8.07 -25.16
CA THR E 93 -6.08 7.45 -25.87
C THR E 93 -6.93 8.42 -26.68
N PRO E 94 -7.27 9.62 -26.19
CA PRO E 94 -8.09 10.52 -27.02
C PRO E 94 -7.40 10.98 -28.30
N LEU E 95 -6.07 10.85 -28.38
CA LEU E 95 -5.32 11.40 -29.52
C LEU E 95 -5.27 10.44 -30.71
N CYS E 96 -5.96 9.30 -30.66
CA CYS E 96 -5.83 8.30 -31.71
C CYS E 96 -6.79 8.57 -32.88
N VAL E 97 -7.21 9.82 -33.05
CA VAL E 97 -8.09 10.16 -34.17
C VAL E 97 -7.31 10.01 -35.48
N THR E 98 -8.06 9.81 -36.56
CA THR E 98 -7.47 9.71 -37.89
C THR E 98 -6.69 10.98 -38.22
N LEU E 99 -5.43 10.83 -38.60
CA LEU E 99 -4.54 11.93 -38.92
C LEU E 99 -4.35 12.02 -40.42
N ILE E 100 -4.47 13.24 -40.95
CA ILE E 100 -4.16 13.55 -42.34
C ILE E 100 -2.85 14.32 -42.35
N CYS E 101 -1.88 13.83 -43.12
CA CYS E 101 -0.51 14.30 -43.05
C CYS E 101 0.00 14.67 -44.44
N SER E 102 1.02 15.53 -44.45
CA SER E 102 1.63 16.00 -45.69
C SER E 102 3.06 16.43 -45.39
N ASN E 103 3.84 16.61 -46.46
CA ASN E 103 5.23 17.01 -46.31
C ASN E 103 5.33 18.39 -45.67
N ALA E 104 6.42 18.62 -44.94
CA ALA E 104 6.59 19.86 -44.21
C ALA E 104 7.00 20.99 -45.14
N THR E 105 7.00 22.20 -44.59
CA THR E 105 7.36 23.43 -45.30
C THR E 105 8.32 24.24 -44.45
N VAL E 106 9.27 24.91 -45.10
CA VAL E 106 10.31 25.68 -44.43
C VAL E 106 10.20 27.13 -44.88
N ASN E 107 10.10 28.05 -43.90
CA ASN E 107 9.93 29.46 -44.21
C ASN E 107 11.27 30.17 -44.35
N ASN E 108 12.08 29.73 -45.32
CA ASN E 108 13.36 30.37 -45.65
C ASN E 108 14.33 30.35 -44.46
N ARG E 109 14.69 29.14 -44.03
CA ARG E 109 15.79 28.95 -43.09
C ARG E 109 17.08 28.69 -43.86
N THR E 110 18.18 28.58 -43.11
CA THR E 110 19.52 28.35 -43.65
C THR E 110 19.98 26.94 -43.24
N ALA E 111 21.00 26.43 -43.93
CA ALA E 111 21.55 25.11 -43.70
C ALA E 111 22.98 25.22 -43.18
N TYR E 112 23.33 24.35 -42.23
CA TYR E 112 24.69 24.37 -41.68
C TYR E 112 25.71 23.94 -42.73
N ASP E 113 25.47 22.82 -43.39
CA ASP E 113 26.52 22.12 -44.12
C ASP E 113 26.76 22.67 -45.52
N THR E 114 26.02 23.68 -45.96
CA THR E 114 26.24 24.28 -47.26
C THR E 114 26.04 25.79 -47.15
N ARG E 115 26.79 26.53 -47.96
CA ARG E 115 26.74 27.99 -47.94
C ARG E 115 25.61 28.51 -48.82
N SER E 116 24.37 28.08 -48.56
CA SER E 116 23.23 28.53 -49.32
C SER E 116 21.97 28.34 -48.48
N ASN E 117 20.93 29.08 -48.82
CA ASN E 117 19.66 28.99 -48.10
C ASN E 117 18.94 27.68 -48.44
N VAL E 118 18.03 27.29 -47.54
CA VAL E 118 17.25 26.08 -47.76
C VAL E 118 16.36 26.27 -48.98
N ASN E 119 16.33 25.25 -49.84
CA ASN E 119 15.58 25.28 -51.09
C ASN E 119 14.53 24.19 -51.19
N VAL E 120 14.84 22.98 -50.74
CA VAL E 120 13.90 21.86 -50.82
C VAL E 120 14.22 20.85 -49.73
N THR E 121 13.19 20.26 -49.14
CA THR E 121 13.40 19.35 -48.00
C THR E 121 14.07 18.05 -48.45
N SER E 122 13.78 17.59 -49.66
CA SER E 122 14.32 16.32 -50.14
C SER E 122 15.84 16.33 -50.23
N ILE E 123 16.43 17.49 -50.54
CA ILE E 123 17.89 17.64 -50.54
C ILE E 123 18.39 18.12 -49.20
N ASN E 124 17.68 19.04 -48.56
CA ASN E 124 17.95 19.42 -47.18
C ASN E 124 17.37 18.37 -46.25
N ASN E 125 17.97 17.17 -46.28
CA ASN E 125 17.35 15.96 -45.75
C ASN E 125 17.91 15.58 -44.39
N THR E 126 17.40 16.25 -43.36
CA THR E 126 17.62 15.84 -41.98
C THR E 126 16.67 16.66 -41.11
N ILE E 127 16.10 15.99 -40.09
CA ILE E 127 15.00 16.54 -39.29
C ILE E 127 13.87 16.89 -40.25
N MET E 128 13.98 18.02 -40.94
CA MET E 128 13.07 18.29 -42.04
C MET E 128 13.30 17.25 -43.14
N GLY E 129 12.20 16.72 -43.67
CA GLY E 129 12.23 15.64 -44.65
C GLY E 129 11.86 14.30 -44.04
N GLU E 130 12.34 14.02 -42.83
CA GLU E 130 11.92 12.86 -42.06
C GLU E 130 10.79 13.19 -41.09
N MET E 131 10.17 14.37 -41.20
CA MET E 131 9.08 14.80 -40.35
C MET E 131 7.85 15.03 -41.20
N LYS E 132 6.70 14.55 -40.72
CA LYS E 132 5.42 14.72 -41.39
C LYS E 132 4.56 15.70 -40.60
N ASN E 133 3.94 16.62 -41.33
CA ASN E 133 3.07 17.64 -40.76
C ASN E 133 1.63 17.13 -40.80
N CYS E 134 1.06 16.87 -39.62
CA CYS E 134 -0.22 16.19 -39.49
C CYS E 134 -1.22 17.10 -38.79
N SER E 135 -2.45 17.11 -39.33
CA SER E 135 -3.57 17.84 -38.74
C SER E 135 -4.71 16.86 -38.50
N PHE E 136 -5.47 17.11 -37.44
CA PHE E 136 -6.47 16.14 -37.00
C PHE E 136 -7.54 16.85 -36.17
N ASN E 137 -8.77 16.34 -36.27
CA ASN E 137 -9.84 16.81 -35.42
C ASN E 137 -9.65 16.26 -34.00
N THR E 138 -9.78 17.13 -33.00
CA THR E 138 -9.66 16.76 -31.60
C THR E 138 -10.82 17.35 -30.82
N THR E 139 -11.19 16.64 -29.75
CA THR E 139 -12.29 17.10 -28.91
C THR E 139 -11.81 18.21 -27.98
N THR E 140 -12.60 19.27 -27.86
CA THR E 140 -12.31 20.32 -26.91
C THR E 140 -12.77 19.88 -25.52
N GLU E 141 -12.70 20.79 -24.55
CA GLU E 141 -13.03 20.44 -23.17
C GLU E 141 -14.53 20.16 -23.00
N ILE E 142 -15.38 20.86 -23.77
CA ILE E 142 -16.82 20.81 -23.53
C ILE E 142 -17.47 19.60 -24.20
N ARG E 143 -16.71 18.82 -24.98
CA ARG E 143 -17.16 17.53 -25.52
C ARG E 143 -18.17 17.65 -26.65
N ASP E 144 -18.59 18.87 -27.00
CA ASP E 144 -19.56 19.09 -28.07
C ASP E 144 -18.98 19.92 -29.22
N LYS E 145 -17.75 20.40 -29.11
CA LYS E 145 -17.10 21.17 -30.15
C LYS E 145 -15.73 20.56 -30.44
N GLU E 146 -15.33 20.63 -31.72
CA GLU E 146 -14.08 20.06 -32.19
C GLU E 146 -13.40 21.07 -33.10
N LYS E 147 -12.08 20.96 -33.18
CA LYS E 147 -11.28 21.96 -33.89
C LYS E 147 -10.11 21.27 -34.59
N LYS E 148 -9.59 21.94 -35.61
CA LYS E 148 -8.47 21.43 -36.40
C LYS E 148 -7.16 21.89 -35.78
N GLU E 149 -6.59 21.06 -34.91
CA GLU E 149 -5.23 21.28 -34.43
C GLU E 149 -4.23 20.78 -35.47
N TYR E 150 -2.96 21.08 -35.23
CA TYR E 150 -1.88 20.56 -36.08
C TYR E 150 -0.65 20.33 -35.23
N ALA E 151 0.17 19.38 -35.67
CA ALA E 151 1.43 19.08 -35.00
C ALA E 151 2.33 18.35 -35.98
N LEU E 152 3.62 18.34 -35.68
CA LEU E 152 4.61 17.64 -36.48
C LEU E 152 5.08 16.39 -35.75
N PHE E 153 5.05 15.25 -36.45
CA PHE E 153 5.44 13.96 -35.91
C PHE E 153 6.62 13.41 -36.69
N TYR E 154 7.50 12.69 -35.99
CA TYR E 154 8.53 11.92 -36.67
C TYR E 154 7.89 10.76 -37.41
N LYS E 155 8.44 10.43 -38.57
CA LYS E 155 7.88 9.39 -39.43
C LYS E 155 7.75 8.03 -38.75
N PRO E 156 8.70 7.60 -37.90
CA PRO E 156 8.49 6.34 -37.17
C PRO E 156 7.29 6.36 -36.23
N ASP E 157 6.78 7.52 -35.83
CA ASP E 157 5.66 7.58 -34.90
C ASP E 157 4.30 7.39 -35.55
N ILE E 158 4.22 7.28 -36.87
CA ILE E 158 2.97 7.14 -37.59
C ILE E 158 3.08 6.01 -38.60
N VAL E 159 1.94 5.43 -38.96
CA VAL E 159 1.87 4.19 -39.72
C VAL E 159 0.82 4.29 -40.82
N PRO E 160 1.19 4.52 -42.10
CA PRO E 160 0.21 4.38 -43.18
C PRO E 160 0.09 2.95 -43.66
N LEU E 161 -0.67 2.73 -44.73
CA LEU E 161 -0.73 1.49 -45.50
C LEU E 161 -1.56 0.39 -44.81
N ASN E 162 -1.95 0.62 -43.56
CA ASN E 162 -3.15 -0.04 -43.03
C ASN E 162 -4.36 0.88 -43.16
N GLU E 163 -4.14 2.14 -43.52
CA GLU E 163 -5.21 3.05 -43.93
C GLU E 163 -5.30 3.07 -45.46
N THR E 164 -5.00 1.94 -46.10
CA THR E 164 -5.02 1.79 -47.55
C THR E 164 -3.91 2.62 -48.19
N SER E 165 -3.39 2.14 -49.33
CA SER E 165 -2.14 2.65 -49.88
C SER E 165 -2.29 3.91 -50.73
N ASN E 166 -3.47 4.55 -50.69
CA ASN E 166 -3.68 5.77 -51.49
C ASN E 166 -4.49 6.84 -50.77
N THR E 167 -4.51 6.88 -49.44
CA THR E 167 -5.39 7.77 -48.69
C THR E 167 -4.68 8.92 -48.00
N SER E 168 -3.37 8.82 -47.76
CA SER E 168 -2.62 9.80 -46.99
C SER E 168 -3.23 10.00 -45.60
N GLU E 169 -3.67 8.91 -44.97
CA GLU E 169 -4.25 8.93 -43.64
C GLU E 169 -3.41 8.05 -42.72
N TYR E 170 -3.15 8.56 -41.52
CA TYR E 170 -2.16 7.97 -40.62
C TYR E 170 -2.75 7.80 -39.23
N ARG E 171 -2.31 6.76 -38.54
CA ARG E 171 -2.59 6.54 -37.13
C ARG E 171 -1.33 6.78 -36.32
N LEU E 172 -1.49 6.73 -34.99
CA LEU E 172 -0.34 6.54 -34.13
C LEU E 172 -0.02 5.05 -34.04
N ILE E 173 1.28 4.74 -34.03
CA ILE E 173 1.71 3.34 -34.13
C ILE E 173 1.26 2.53 -32.93
N ASN E 174 1.10 3.18 -31.76
CA ASN E 174 0.81 2.44 -30.55
C ASN E 174 -0.58 1.83 -30.56
N CYS E 175 -1.56 2.50 -31.18
CA CYS E 175 -2.96 2.09 -31.11
C CYS E 175 -3.19 0.68 -31.64
N ASN E 176 -2.31 0.17 -32.50
CA ASN E 176 -2.45 -1.20 -32.98
C ASN E 176 -2.37 -2.22 -31.85
N THR E 177 -1.65 -1.91 -30.78
CA THR E 177 -1.40 -2.87 -29.70
C THR E 177 -1.80 -2.36 -28.32
N SER E 178 -1.52 -1.09 -28.02
CA SER E 178 -1.65 -0.60 -26.66
C SER E 178 -1.82 0.91 -26.65
N ALA E 179 -2.15 1.44 -25.47
CA ALA E 179 -2.33 2.87 -25.24
C ALA E 179 -1.13 3.42 -24.48
N CYS E 180 -0.58 4.53 -24.96
CA CYS E 180 0.60 5.12 -24.35
C CYS E 180 0.21 6.07 -23.23
N THR E 181 1.22 6.50 -22.48
CA THR E 181 1.08 7.53 -21.46
C THR E 181 2.23 8.52 -21.58
N GLN E 182 1.89 9.81 -21.51
CA GLN E 182 2.88 10.85 -21.62
C GLN E 182 3.70 10.92 -20.34
N ALA E 183 4.98 11.24 -20.49
CA ALA E 183 5.82 11.46 -19.32
C ALA E 183 5.51 12.82 -18.72
N CYS E 184 5.29 12.86 -17.41
CA CYS E 184 4.95 14.10 -16.75
C CYS E 184 6.13 15.07 -16.85
N PRO E 185 5.88 16.38 -17.01
CA PRO E 185 7.02 17.29 -17.19
C PRO E 185 7.85 17.46 -15.93
N LYS E 186 7.21 17.66 -14.77
CA LYS E 186 7.93 17.84 -13.52
C LYS E 186 8.64 16.56 -13.07
N VAL E 187 8.23 15.39 -13.57
CA VAL E 187 8.81 14.13 -13.13
C VAL E 187 10.13 13.82 -13.82
N THR E 188 10.53 14.62 -14.81
CA THR E 188 11.69 14.31 -15.67
C THR E 188 12.94 14.03 -14.85
N PHE E 189 13.60 12.92 -15.17
CA PHE E 189 14.58 12.30 -14.29
C PHE E 189 15.73 11.72 -15.10
N GLU E 190 16.92 11.76 -14.52
CA GLU E 190 18.18 11.59 -15.24
C GLU E 190 19.08 10.66 -14.44
N PRO E 191 20.18 10.14 -15.05
CA PRO E 191 21.03 9.18 -14.34
C PRO E 191 21.80 9.74 -13.15
N ILE E 192 21.09 9.98 -12.05
CA ILE E 192 21.77 10.32 -10.79
C ILE E 192 22.51 9.08 -10.28
N PRO E 193 23.71 9.20 -9.71
CA PRO E 193 24.34 8.00 -9.12
C PRO E 193 23.52 7.46 -7.96
N ILE E 194 23.52 6.13 -7.83
CA ILE E 194 22.80 5.42 -6.79
C ILE E 194 23.78 4.48 -6.10
N HIS E 195 23.65 4.36 -4.79
CA HIS E 195 24.47 3.49 -3.97
C HIS E 195 23.58 2.49 -3.26
N TYR E 196 24.03 1.23 -3.20
CA TYR E 196 23.33 0.16 -2.51
C TYR E 196 24.02 -0.11 -1.18
N CYS E 197 23.25 -0.03 -0.09
CA CYS E 197 23.72 -0.32 1.25
C CYS E 197 23.02 -1.59 1.75
N ALA E 198 23.80 -2.47 2.38
CA ALA E 198 23.24 -3.70 2.87
C ALA E 198 22.30 -3.40 4.04
N PRO E 199 21.27 -4.22 4.26
CA PRO E 199 20.48 -4.07 5.49
C PRO E 199 21.27 -4.59 6.68
N ALA E 200 20.69 -4.40 7.86
CA ALA E 200 21.36 -4.83 9.08
C ALA E 200 21.56 -6.35 9.08
N GLY E 201 22.76 -6.78 9.46
CA GLY E 201 23.09 -8.19 9.48
C GLY E 201 23.71 -8.74 8.22
N TYR E 202 23.88 -7.92 7.19
CA TYR E 202 24.50 -8.33 5.93
C TYR E 202 25.66 -7.40 5.62
N ALA E 203 26.67 -7.98 4.97
CA ALA E 203 27.89 -7.25 4.60
C ALA E 203 28.15 -7.42 3.11
N ILE E 204 28.48 -6.31 2.46
CA ILE E 204 28.77 -6.30 1.02
C ILE E 204 30.28 -6.36 0.87
N LEU E 205 30.78 -7.51 0.40
CA LEU E 205 32.20 -7.68 0.13
C LEU E 205 32.54 -7.17 -1.25
N LYS E 206 33.80 -6.79 -1.44
CA LYS E 206 34.30 -6.29 -2.71
C LYS E 206 35.66 -6.91 -2.99
N CYS E 207 35.95 -7.11 -4.28
CA CYS E 207 37.24 -7.64 -4.74
C CYS E 207 38.01 -6.53 -5.44
N ASN E 208 39.23 -6.29 -4.97
CA ASN E 208 40.05 -5.21 -5.49
C ASN E 208 41.03 -5.65 -6.57
N ASN E 209 41.31 -6.95 -6.68
CA ASN E 209 42.23 -7.45 -7.70
C ASN E 209 41.51 -7.37 -9.05
N GLU E 210 41.56 -6.17 -9.64
CA GLU E 210 40.71 -5.83 -10.77
C GLU E 210 40.92 -6.72 -11.99
N THR E 211 42.09 -7.34 -12.13
CA THR E 211 42.39 -8.08 -13.35
C THR E 211 41.67 -9.41 -13.47
N PHE E 212 40.92 -9.82 -12.45
CA PHE E 212 40.25 -11.11 -12.52
C PHE E 212 39.16 -11.10 -13.57
N ASN E 213 39.01 -12.22 -14.27
CA ASN E 213 38.14 -12.35 -15.44
C ASN E 213 36.65 -12.32 -15.11
N GLY E 214 36.24 -12.24 -13.83
CA GLY E 214 34.85 -12.23 -13.44
C GLY E 214 34.39 -13.44 -12.68
N THR E 215 35.22 -14.48 -12.55
CA THR E 215 34.90 -15.67 -11.79
C THR E 215 36.15 -16.10 -11.03
N GLY E 216 36.02 -17.20 -10.27
CA GLY E 216 37.12 -17.75 -9.55
C GLY E 216 37.41 -17.01 -8.27
N PRO E 217 38.52 -17.35 -7.60
CA PRO E 217 38.83 -16.72 -6.32
C PRO E 217 39.38 -15.31 -6.49
N CYS E 218 39.35 -14.57 -5.37
CA CYS E 218 39.94 -13.25 -5.28
C CYS E 218 40.54 -13.08 -3.89
N SER E 219 41.76 -12.53 -3.84
CA SER E 219 42.52 -12.44 -2.59
C SER E 219 42.59 -11.04 -2.00
N ASN E 220 42.53 -9.99 -2.82
CA ASN E 220 42.58 -8.61 -2.33
C ASN E 220 41.18 -8.13 -1.95
N VAL E 221 40.56 -8.86 -1.03
CA VAL E 221 39.17 -8.65 -0.69
C VAL E 221 39.05 -7.48 0.28
N SER E 222 37.88 -6.83 0.28
CA SER E 222 37.60 -5.73 1.18
C SER E 222 36.11 -5.69 1.47
N THR E 223 35.76 -5.05 2.58
CA THR E 223 34.39 -4.95 3.05
C THR E 223 33.92 -3.50 2.95
N VAL E 224 32.66 -3.31 2.55
CA VAL E 224 32.09 -1.99 2.32
C VAL E 224 30.64 -2.00 2.79
N GLN E 225 30.20 -0.90 3.41
CA GLN E 225 28.81 -0.79 3.85
C GLN E 225 27.89 -0.31 2.74
N CYS E 226 28.40 0.51 1.82
CA CYS E 226 27.60 1.06 0.73
C CYS E 226 28.45 1.13 -0.53
N THR E 227 27.93 0.57 -1.62
CA THR E 227 28.68 0.50 -2.86
C THR E 227 28.93 1.90 -3.42
N HIS E 228 29.87 1.98 -4.35
CA HIS E 228 30.15 3.23 -5.01
C HIS E 228 28.95 3.63 -5.89
N GLY E 229 29.07 4.80 -6.50
CA GLY E 229 27.95 5.34 -7.24
C GLY E 229 27.77 4.71 -8.61
N ILE E 230 26.77 3.83 -8.73
CA ILE E 230 26.41 3.29 -10.03
C ILE E 230 25.36 4.19 -10.67
N ARG E 231 25.60 4.56 -11.92
CA ARG E 231 24.70 5.43 -12.66
C ARG E 231 23.69 4.58 -13.43
N PRO E 232 22.36 4.74 -13.24
CA PRO E 232 21.43 3.86 -13.94
C PRO E 232 21.21 4.27 -15.39
N VAL E 233 22.29 4.31 -16.17
CA VAL E 233 22.20 4.64 -17.58
C VAL E 233 21.91 3.39 -18.38
N VAL E 234 21.18 3.57 -19.49
CA VAL E 234 20.81 2.47 -20.37
C VAL E 234 21.17 2.84 -21.80
N SER E 235 21.95 2.00 -22.45
CA SER E 235 22.35 2.22 -23.84
C SER E 235 22.70 0.87 -24.46
N THR E 236 22.67 0.85 -25.79
CA THR E 236 22.88 -0.37 -26.56
C THR E 236 24.08 -0.20 -27.49
N GLN E 237 24.85 -1.28 -27.62
CA GLN E 237 26.06 -1.37 -28.44
C GLN E 237 27.26 -0.63 -27.86
N LEU E 238 27.07 0.15 -26.81
CA LEU E 238 28.14 0.96 -26.23
C LEU E 238 27.74 1.40 -24.84
N LEU E 239 28.60 1.10 -23.86
CA LEU E 239 28.45 1.61 -22.51
C LEU E 239 29.03 3.02 -22.46
N LEU E 240 28.37 3.91 -21.71
CA LEU E 240 28.81 5.29 -21.61
C LEU E 240 28.54 5.82 -20.21
N ASN E 241 29.35 6.80 -19.80
CA ASN E 241 29.36 7.30 -18.43
C ASN E 241 29.61 6.17 -17.44
N GLY E 242 30.51 5.26 -17.78
CA GLY E 242 30.88 4.16 -16.91
C GLY E 242 32.20 4.42 -16.20
N SER E 243 32.67 3.39 -15.49
CA SER E 243 33.96 3.43 -14.82
C SER E 243 35.06 3.05 -15.81
N LEU E 244 36.27 2.83 -15.30
CA LEU E 244 37.40 2.41 -16.12
C LEU E 244 38.28 1.47 -15.32
N ALA E 245 38.91 0.52 -16.02
CA ALA E 245 39.79 -0.44 -15.38
C ALA E 245 41.20 0.11 -15.25
N GLU E 246 41.81 -0.12 -14.08
CA GLU E 246 43.14 0.37 -13.81
C GLU E 246 44.21 -0.31 -14.67
N LYS E 247 43.97 -1.55 -15.08
CA LYS E 247 44.85 -2.23 -16.03
C LYS E 247 44.42 -1.75 -17.41
N GLU E 248 45.03 -2.25 -18.48
CA GLU E 248 44.55 -2.01 -19.83
C GLU E 248 43.23 -2.75 -20.04
N ILE E 249 42.76 -2.80 -21.29
CA ILE E 249 41.38 -3.19 -21.58
C ILE E 249 41.08 -4.60 -21.06
N VAL E 250 39.88 -4.76 -20.51
CA VAL E 250 39.43 -5.99 -19.87
C VAL E 250 38.27 -6.57 -20.66
N ILE E 251 38.25 -7.90 -20.80
CA ILE E 251 37.23 -8.62 -21.56
C ILE E 251 36.75 -9.78 -20.70
N ARG E 252 35.43 -9.97 -20.67
CA ARG E 252 34.81 -10.93 -19.75
C ARG E 252 33.63 -11.62 -20.41
N SER E 253 33.74 -12.94 -20.55
CA SER E 253 32.64 -13.80 -20.97
C SER E 253 32.68 -15.04 -20.11
N GLU E 254 31.52 -15.68 -19.92
CA GLU E 254 31.50 -16.93 -19.19
C GLU E 254 32.12 -18.07 -19.98
N ASN E 255 32.08 -18.00 -21.30
CA ASN E 255 32.85 -18.90 -22.16
C ASN E 255 33.02 -18.28 -23.52
N LEU E 256 34.25 -17.88 -23.86
CA LEU E 256 34.49 -17.26 -25.16
C LEU E 256 34.21 -18.23 -26.29
N THR E 257 34.52 -19.52 -26.12
CA THR E 257 34.19 -20.50 -27.14
C THR E 257 32.69 -20.64 -27.35
N ASN E 258 31.88 -20.35 -26.33
CA ASN E 258 30.43 -20.31 -26.48
C ASN E 258 30.09 -19.01 -27.17
N ASN E 259 29.92 -19.07 -28.49
CA ASN E 259 29.83 -17.86 -29.30
C ASN E 259 28.57 -17.05 -28.99
N ALA E 260 27.45 -17.72 -28.66
CA ALA E 260 26.22 -16.98 -28.39
C ALA E 260 26.30 -16.13 -27.13
N LYS E 261 27.26 -16.40 -26.24
CA LYS E 261 27.38 -15.62 -25.02
C LYS E 261 27.99 -14.25 -25.32
N ILE E 262 27.38 -13.20 -24.76
CA ILE E 262 27.85 -11.85 -25.02
C ILE E 262 29.25 -11.67 -24.45
N ILE E 263 30.04 -10.81 -25.11
CA ILE E 263 31.39 -10.48 -24.70
C ILE E 263 31.40 -9.00 -24.32
N ILE E 264 31.60 -8.72 -23.04
CA ILE E 264 31.65 -7.35 -22.53
C ILE E 264 33.10 -6.92 -22.48
N VAL E 265 33.41 -5.82 -23.16
CA VAL E 265 34.74 -5.23 -23.17
C VAL E 265 34.70 -3.97 -22.33
N HIS E 266 35.67 -3.83 -21.42
CA HIS E 266 35.73 -2.73 -20.47
C HIS E 266 37.03 -1.97 -20.71
N LEU E 267 36.93 -0.69 -21.03
CA LEU E 267 38.09 0.09 -21.41
C LEU E 267 38.81 0.63 -20.19
N ASN E 268 40.03 1.13 -20.43
CA ASN E 268 40.83 1.81 -19.42
C ASN E 268 40.93 3.31 -19.66
N THR E 269 40.73 3.78 -20.89
CA THR E 269 40.71 5.20 -21.22
C THR E 269 39.43 5.51 -21.97
N SER E 270 38.73 6.56 -21.54
CA SER E 270 37.46 6.92 -22.15
C SER E 270 37.68 7.62 -23.49
N VAL E 271 36.72 7.46 -24.39
CA VAL E 271 36.69 8.13 -25.68
C VAL E 271 35.47 9.04 -25.70
N GLU E 272 35.71 10.34 -25.86
CA GLU E 272 34.66 11.34 -25.71
C GLU E 272 33.75 11.34 -26.94
N ILE E 273 32.44 11.42 -26.70
CA ILE E 273 31.43 11.48 -27.75
C ILE E 273 30.51 12.65 -27.47
N VAL E 274 30.24 13.44 -28.50
CA VAL E 274 29.33 14.59 -28.43
C VAL E 274 28.19 14.35 -29.40
N CYS E 275 26.96 14.53 -28.90
CA CYS E 275 25.75 14.35 -29.71
C CYS E 275 24.87 15.58 -29.56
N THR E 276 24.24 15.97 -30.66
CA THR E 276 23.52 17.23 -30.72
C THR E 276 22.38 17.13 -31.72
N ARG E 277 21.27 17.80 -31.40
CA ARG E 277 20.16 18.01 -32.33
C ARG E 277 20.04 19.50 -32.58
N PRO E 278 20.72 20.07 -33.57
CA PRO E 278 20.59 21.51 -33.82
C PRO E 278 19.17 21.87 -34.26
N GLY E 279 18.91 23.18 -34.26
CA GLY E 279 17.60 23.69 -34.57
C GLY E 279 16.74 23.85 -33.33
N ASN E 280 16.00 24.95 -33.26
CA ASN E 280 15.19 25.27 -32.09
C ASN E 280 13.78 24.72 -32.29
N ASN E 281 13.46 23.65 -31.55
CA ASN E 281 12.11 23.13 -31.56
C ASN E 281 11.20 24.03 -30.74
N THR E 282 9.99 24.26 -31.24
CA THR E 282 8.99 25.08 -30.57
C THR E 282 7.93 24.15 -29.97
N ARG E 283 7.83 24.13 -28.64
CA ARG E 283 6.91 23.25 -27.95
C ARG E 283 5.49 23.78 -28.11
N LYS E 284 4.68 23.09 -28.91
CA LYS E 284 3.26 23.38 -28.98
C LYS E 284 2.53 22.68 -27.85
N SER E 285 1.48 23.33 -27.34
CA SER E 285 0.63 22.79 -26.29
C SER E 285 -0.81 22.80 -26.77
N VAL E 286 -1.38 21.60 -26.91
CA VAL E 286 -2.75 21.42 -27.38
C VAL E 286 -3.55 20.75 -26.28
N ARG E 287 -4.80 21.18 -26.12
CA ARG E 287 -5.62 20.73 -25.01
C ARG E 287 -6.37 19.46 -25.35
N ILE E 288 -6.52 18.61 -24.33
CA ILE E 288 -7.32 17.39 -24.41
C ILE E 288 -8.16 17.31 -23.14
N GLY E 289 -9.45 17.05 -23.29
CA GLY E 289 -10.32 16.82 -22.16
C GLY E 289 -10.45 18.04 -21.27
N PRO E 290 -10.96 17.84 -20.04
CA PRO E 290 -11.12 18.99 -19.13
C PRO E 290 -9.81 19.63 -18.72
N GLY E 291 -8.86 18.86 -18.19
CA GLY E 291 -7.65 19.41 -17.60
C GLY E 291 -6.39 18.66 -17.96
N GLN E 292 -6.32 18.11 -19.16
CA GLN E 292 -5.17 17.39 -19.65
C GLN E 292 -4.58 18.14 -20.83
N THR E 293 -3.25 18.15 -20.93
CA THR E 293 -2.54 18.89 -21.96
C THR E 293 -1.53 17.98 -22.63
N PHE E 294 -1.47 18.06 -23.96
CA PHE E 294 -0.55 17.26 -24.77
C PHE E 294 0.46 18.17 -25.44
N TYR E 295 1.73 17.77 -25.39
CA TYR E 295 2.83 18.54 -25.95
C TYR E 295 3.30 17.91 -27.26
N ALA E 296 3.53 18.75 -28.26
CA ALA E 296 4.01 18.30 -29.56
C ALA E 296 4.89 19.37 -30.18
N THR E 297 5.72 18.95 -31.12
CA THR E 297 6.62 19.87 -31.79
C THR E 297 5.87 20.66 -32.84
N GLY E 298 5.93 21.99 -32.74
CA GLY E 298 5.36 22.85 -33.76
C GLY E 298 6.34 23.00 -34.91
N ASP E 299 6.50 24.22 -35.42
CA ASP E 299 7.50 24.46 -36.43
C ASP E 299 8.89 24.50 -35.81
N ILE E 300 9.88 24.09 -36.60
CA ILE E 300 11.29 24.09 -36.20
C ILE E 300 11.95 25.30 -36.83
N ILE E 301 12.41 26.24 -35.99
CA ILE E 301 12.99 27.49 -36.43
C ILE E 301 14.50 27.43 -36.23
N GLY E 302 15.22 28.14 -37.09
CA GLY E 302 16.66 28.07 -37.14
C GLY E 302 17.10 27.15 -38.28
N ASP E 303 18.38 26.81 -38.24
CA ASP E 303 18.95 25.92 -39.24
C ASP E 303 18.74 24.46 -38.82
N ILE E 304 18.54 23.61 -39.82
CA ILE E 304 17.74 22.40 -39.67
C ILE E 304 18.53 21.12 -39.94
N ARG E 305 19.29 21.06 -41.03
CA ARG E 305 19.67 19.77 -41.59
C ARG E 305 20.80 19.07 -40.84
N GLN E 306 20.63 18.78 -39.55
CA GLN E 306 21.62 18.03 -38.81
C GLN E 306 20.97 17.28 -37.65
N ALA E 307 21.39 16.03 -37.49
CA ALA E 307 21.20 15.29 -36.23
C ALA E 307 22.39 14.33 -36.14
N HIS E 308 23.44 14.77 -35.44
CA HIS E 308 24.77 14.18 -35.56
C HIS E 308 25.33 13.78 -34.20
N CYS E 309 26.27 12.83 -34.25
CA CYS E 309 27.16 12.52 -33.15
C CYS E 309 28.59 12.50 -33.69
N ASN E 310 29.55 12.96 -32.88
CA ASN E 310 30.93 13.11 -33.29
C ASN E 310 31.85 12.38 -32.33
N ILE E 311 32.84 11.69 -32.89
CA ILE E 311 33.84 10.94 -32.14
C ILE E 311 35.21 11.28 -32.71
N SER E 312 36.19 11.49 -31.83
CA SER E 312 37.56 11.71 -32.26
C SER E 312 38.06 10.48 -33.00
N GLU E 313 38.70 10.69 -34.16
CA GLU E 313 39.06 9.56 -35.01
C GLU E 313 40.18 8.74 -34.39
N LYS E 314 41.34 9.35 -34.15
CA LYS E 314 42.52 8.58 -33.76
C LYS E 314 42.34 7.96 -32.38
N GLN E 315 41.65 8.64 -31.48
CA GLN E 315 41.42 8.09 -30.14
C GLN E 315 40.61 6.81 -30.20
N TRP E 316 39.47 6.85 -30.91
CA TRP E 316 38.66 5.65 -31.06
C TRP E 316 39.41 4.59 -31.83
N ASN E 317 40.21 5.00 -32.81
CA ASN E 317 40.98 4.05 -33.61
C ASN E 317 41.95 3.26 -32.73
N GLU E 318 42.70 3.96 -31.88
CA GLU E 318 43.64 3.28 -31.00
C GLU E 318 42.92 2.45 -29.93
N THR E 319 41.75 2.92 -29.46
CA THR E 319 40.98 2.12 -28.52
C THR E 319 40.57 0.80 -29.15
N LEU E 320 40.04 0.85 -30.36
CA LEU E 320 39.70 -0.37 -31.07
C LEU E 320 40.93 -1.23 -31.32
N GLN E 321 42.08 -0.60 -31.54
CA GLN E 321 43.31 -1.36 -31.76
C GLN E 321 43.68 -2.16 -30.52
N LYS E 322 43.58 -1.54 -29.34
CA LYS E 322 43.93 -2.25 -28.12
C LYS E 322 42.91 -3.35 -27.81
N VAL E 323 41.64 -3.11 -28.12
CA VAL E 323 40.65 -4.19 -28.01
C VAL E 323 41.05 -5.35 -28.91
N GLY E 324 41.47 -5.04 -30.14
CA GLY E 324 41.89 -6.09 -31.06
C GLY E 324 43.10 -6.85 -30.54
N LYS E 325 44.05 -6.15 -29.93
CA LYS E 325 45.22 -6.82 -29.38
C LYS E 325 44.83 -7.79 -28.27
N GLU E 326 43.94 -7.37 -27.37
CA GLU E 326 43.52 -8.26 -26.30
C GLU E 326 42.78 -9.47 -26.84
N LEU E 327 41.85 -9.25 -27.79
CA LEU E 327 41.13 -10.38 -28.36
C LEU E 327 42.04 -11.29 -29.16
N GLN E 328 43.13 -10.75 -29.73
CA GLN E 328 44.13 -11.60 -30.36
C GLN E 328 44.88 -12.42 -29.34
N LYS E 329 45.15 -11.87 -28.15
CA LYS E 329 45.71 -12.69 -27.09
C LYS E 329 44.78 -13.84 -26.73
N HIS E 330 43.50 -13.55 -26.55
CA HIS E 330 42.56 -14.62 -26.17
C HIS E 330 42.35 -15.62 -27.30
N PHE E 331 42.29 -15.16 -28.55
CA PHE E 331 42.11 -16.02 -29.71
C PHE E 331 43.43 -16.13 -30.47
N PRO E 332 44.32 -17.05 -30.11
CA PRO E 332 45.69 -17.00 -30.64
C PRO E 332 45.76 -17.30 -32.13
N ASN E 333 46.78 -16.69 -32.75
CA ASN E 333 47.17 -16.98 -34.14
C ASN E 333 46.01 -16.79 -35.13
N LYS E 334 45.28 -15.68 -34.99
CA LYS E 334 44.29 -15.31 -35.98
C LYS E 334 43.96 -13.83 -35.81
N THR E 335 43.58 -13.20 -36.92
CA THR E 335 43.31 -11.77 -36.93
C THR E 335 42.01 -11.48 -36.18
N ILE E 336 41.66 -10.20 -36.14
CA ILE E 336 40.39 -9.72 -35.61
C ILE E 336 39.80 -8.76 -36.62
N LYS E 337 38.50 -8.92 -36.91
CA LYS E 337 37.85 -8.20 -38.00
C LYS E 337 36.47 -7.75 -37.53
N TYR E 338 36.38 -6.49 -37.10
CA TYR E 338 35.09 -5.95 -36.73
C TYR E 338 34.24 -5.70 -37.97
N GLU E 339 32.93 -5.62 -37.77
CA GLU E 339 31.99 -5.55 -38.89
C GLU E 339 30.75 -4.78 -38.48
N ARG E 340 29.90 -4.52 -39.47
CA ARG E 340 28.65 -3.81 -39.27
C ARG E 340 27.75 -4.59 -38.31
N SER E 341 26.72 -3.91 -37.80
CA SER E 341 25.77 -4.58 -36.91
C SER E 341 25.06 -5.70 -37.65
N ALA E 342 24.79 -6.79 -36.93
CA ALA E 342 24.24 -7.98 -37.57
C ALA E 342 22.84 -7.74 -38.11
N GLY E 343 22.00 -7.05 -37.36
CA GLY E 343 20.64 -6.79 -37.78
C GLY E 343 19.75 -6.61 -36.56
N GLY E 344 18.51 -7.06 -36.70
CA GLY E 344 17.57 -7.00 -35.60
C GLY E 344 16.81 -5.68 -35.55
N ASP E 345 16.11 -5.51 -34.43
CA ASP E 345 15.24 -4.35 -34.24
C ASP E 345 16.06 -3.07 -34.24
N MET E 346 15.37 -1.94 -34.42
CA MET E 346 16.04 -0.64 -34.47
C MET E 346 16.74 -0.33 -33.15
N GLU E 347 16.16 -0.77 -32.03
CA GLU E 347 16.72 -0.42 -30.73
C GLU E 347 18.05 -1.11 -30.45
N ILE E 348 18.39 -2.16 -31.20
CA ILE E 348 19.68 -2.82 -31.08
C ILE E 348 20.48 -2.84 -32.38
N ALA E 349 19.85 -2.61 -33.53
CA ALA E 349 20.61 -2.42 -34.76
C ALA E 349 21.33 -1.08 -34.78
N THR E 350 20.93 -0.16 -33.90
CA THR E 350 21.54 1.15 -33.78
C THR E 350 21.91 1.43 -32.34
N HIS E 351 22.93 2.26 -32.15
CA HIS E 351 23.28 2.74 -30.82
C HIS E 351 22.16 3.62 -30.29
N SER E 352 21.73 3.34 -29.05
CA SER E 352 20.58 3.99 -28.45
C SER E 352 20.97 4.62 -27.12
N PHE E 353 20.38 5.77 -26.84
CA PHE E 353 20.63 6.50 -25.61
C PHE E 353 19.66 7.67 -25.55
N ASN E 354 19.64 8.35 -24.40
CA ASN E 354 18.77 9.49 -24.17
C ASN E 354 19.59 10.67 -23.66
N CYS E 355 19.28 11.85 -24.18
CA CYS E 355 19.88 13.11 -23.74
C CYS E 355 18.79 14.15 -23.57
N GLY E 356 18.68 14.67 -22.35
CA GLY E 356 17.73 15.73 -22.06
C GLY E 356 16.30 15.33 -22.33
N GLY E 357 15.97 14.06 -22.07
CA GLY E 357 14.63 13.57 -22.29
C GLY E 357 14.28 13.24 -23.72
N GLU E 358 15.25 13.31 -24.64
CA GLU E 358 15.05 12.95 -26.04
C GLU E 358 15.83 11.69 -26.35
N PHE E 359 15.18 10.73 -27.00
CA PHE E 359 15.76 9.42 -27.28
C PHE E 359 16.40 9.45 -28.67
N PHE E 360 17.67 9.06 -28.73
CA PHE E 360 18.44 9.06 -29.97
C PHE E 360 18.69 7.63 -30.45
N TYR E 361 18.72 7.48 -31.77
CA TYR E 361 19.09 6.23 -32.42
C TYR E 361 20.10 6.57 -33.52
N CYS E 362 21.22 5.87 -33.54
CA CYS E 362 22.35 6.24 -34.41
C CYS E 362 22.91 5.04 -35.14
N ASN E 363 23.02 5.19 -36.46
CA ASN E 363 23.62 4.20 -37.35
C ASN E 363 25.12 4.13 -37.02
N THR E 364 25.59 2.92 -36.67
CA THR E 364 26.97 2.72 -36.25
C THR E 364 27.83 2.02 -37.28
N SER E 365 27.40 1.99 -38.55
CA SER E 365 28.21 1.35 -39.58
C SER E 365 29.54 2.07 -39.79
N LYS E 366 29.57 3.38 -39.51
CA LYS E 366 30.81 4.14 -39.65
C LYS E 366 31.87 3.68 -38.67
N LEU E 367 31.46 3.09 -37.56
CA LEU E 367 32.32 2.97 -36.39
C LEU E 367 33.05 1.62 -36.29
N PHE E 368 32.37 0.52 -36.63
CA PHE E 368 32.93 -0.82 -36.48
C PHE E 368 33.51 -1.38 -37.78
N ASN E 369 33.60 -0.57 -38.84
CA ASN E 369 34.10 -1.02 -40.13
C ASN E 369 35.62 -1.13 -40.08
N GLY E 370 36.12 -2.20 -39.46
CA GLY E 370 37.54 -2.35 -39.18
C GLY E 370 38.19 -3.48 -39.97
N THR E 371 39.37 -3.88 -39.51
CA THR E 371 40.18 -4.93 -40.12
C THR E 371 41.13 -5.45 -39.06
N TYR E 372 42.22 -6.12 -39.49
CA TYR E 372 43.17 -6.79 -38.61
C TYR E 372 43.60 -5.93 -37.43
N ASN E 373 43.17 -6.35 -36.24
CA ASN E 373 43.57 -5.79 -34.94
C ASN E 373 43.42 -4.26 -34.88
N GLY E 374 42.55 -3.71 -35.74
CA GLY E 374 42.33 -2.29 -35.77
C GLY E 374 41.67 -1.85 -37.06
N THR E 375 41.62 -0.53 -37.26
CA THR E 375 41.04 0.02 -38.49
C THR E 375 42.06 -0.05 -39.62
N ASP E 376 41.57 0.09 -40.85
CA ASP E 376 42.42 -0.03 -42.01
C ASP E 376 43.39 1.14 -42.10
N ILE E 377 44.55 0.88 -42.69
CA ILE E 377 45.64 1.83 -42.77
C ILE E 377 46.01 2.02 -44.24
N SER E 385 40.30 15.41 -37.42
CA SER E 385 39.38 14.52 -38.11
C SER E 385 38.42 13.87 -37.12
N THR E 386 37.15 13.81 -37.49
CA THR E 386 36.09 13.29 -36.63
C THR E 386 35.15 12.42 -37.44
N ILE E 387 34.70 11.33 -36.82
CA ILE E 387 33.75 10.41 -37.45
C ILE E 387 32.34 10.85 -37.06
N THR E 388 31.48 11.05 -38.07
CA THR E 388 30.14 11.58 -37.88
C THR E 388 29.13 10.45 -38.03
N LEU E 389 28.27 10.29 -37.02
CA LEU E 389 27.21 9.29 -37.06
C LEU E 389 25.89 9.95 -37.41
N GLN E 390 25.29 9.55 -38.52
CA GLN E 390 23.92 9.94 -38.81
C GLN E 390 23.00 9.28 -37.81
N CYS E 391 21.94 9.99 -37.41
CA CYS E 391 21.07 9.54 -36.34
C CYS E 391 19.62 9.81 -36.67
N ARG E 392 18.74 9.19 -35.89
CA ARG E 392 17.29 9.33 -36.04
C ARG E 392 16.69 9.41 -34.64
N ILE E 393 15.50 9.98 -34.56
CA ILE E 393 14.83 10.26 -33.29
C ILE E 393 13.42 9.67 -33.32
N LYS E 394 13.03 9.05 -32.21
CA LYS E 394 11.68 8.57 -31.97
C LYS E 394 11.12 9.24 -30.73
N GLN E 395 9.82 9.48 -30.73
CA GLN E 395 9.11 9.96 -29.56
C GLN E 395 8.36 8.87 -28.83
N ILE E 396 7.70 7.96 -29.55
CA ILE E 396 6.98 6.85 -28.96
C ILE E 396 7.98 5.75 -28.66
N ILE E 397 8.02 5.32 -27.40
CA ILE E 397 9.05 4.41 -26.90
C ILE E 397 8.39 3.22 -26.23
N ASN E 398 8.82 2.03 -26.61
CA ASN E 398 8.62 0.84 -25.78
C ASN E 398 9.69 0.87 -24.70
N MET E 399 9.27 0.62 -23.45
CA MET E 399 10.09 1.00 -22.31
C MET E 399 11.44 0.28 -22.30
N TRP E 400 11.43 -1.04 -22.41
CA TRP E 400 12.64 -1.84 -22.32
C TRP E 400 12.58 -2.97 -23.34
N GLN E 401 13.32 -2.80 -24.44
CA GLN E 401 13.51 -3.84 -25.44
C GLN E 401 12.18 -4.27 -26.06
N GLY E 402 11.39 -5.04 -25.33
CA GLY E 402 10.12 -5.54 -25.83
C GLY E 402 9.03 -5.65 -24.78
N VAL E 403 9.21 -4.99 -23.62
CA VAL E 403 8.18 -5.03 -22.59
C VAL E 403 6.94 -4.30 -23.09
N GLY E 404 5.79 -4.64 -22.51
CA GLY E 404 4.52 -4.12 -23.01
C GLY E 404 4.24 -2.68 -22.65
N ARG E 405 5.05 -2.05 -21.80
CA ARG E 405 4.81 -0.68 -21.37
C ARG E 405 5.31 0.26 -22.46
N CYS E 406 4.41 1.10 -22.97
CA CYS E 406 4.74 2.09 -23.98
C CYS E 406 4.84 3.47 -23.33
N MET E 407 5.31 4.43 -24.13
CA MET E 407 5.47 5.81 -23.65
C MET E 407 5.38 6.76 -24.84
N TYR E 408 5.08 8.02 -24.53
CA TYR E 408 5.31 9.13 -25.44
C TYR E 408 6.26 10.11 -24.75
N ALA E 409 7.36 10.44 -25.43
CA ALA E 409 8.33 11.38 -24.88
C ALA E 409 7.96 12.79 -25.32
N PRO E 410 7.68 13.72 -24.42
CA PRO E 410 7.38 15.10 -24.86
C PRO E 410 8.60 15.73 -25.51
N PRO E 411 8.42 16.58 -26.52
CA PRO E 411 9.59 17.21 -27.14
C PRO E 411 10.20 18.25 -26.22
N ILE E 412 11.50 18.50 -26.42
CA ILE E 412 12.25 19.49 -25.66
C ILE E 412 12.61 20.63 -26.61
N ALA E 413 12.22 21.85 -26.23
CA ALA E 413 12.44 23.00 -27.09
C ALA E 413 13.92 23.39 -27.10
N GLY E 414 14.30 24.14 -28.13
CA GLY E 414 15.66 24.62 -28.27
C GLY E 414 16.63 23.51 -28.61
N ASN E 415 17.79 23.93 -29.13
CA ASN E 415 18.84 22.98 -29.45
C ASN E 415 19.33 22.28 -28.18
N ILE E 416 19.61 20.99 -28.33
CA ILE E 416 20.01 20.13 -27.23
C ILE E 416 21.34 19.47 -27.57
N THR E 417 22.27 19.49 -26.62
CA THR E 417 23.60 18.94 -26.79
C THR E 417 23.98 18.20 -25.52
N CYS E 418 24.64 17.06 -25.68
CA CYS E 418 25.10 16.27 -24.54
C CYS E 418 26.47 15.71 -24.86
N LYS E 419 27.21 15.42 -23.80
CA LYS E 419 28.55 14.86 -23.87
C LYS E 419 28.58 13.58 -23.03
N SER E 420 29.45 12.65 -23.39
CA SER E 420 29.52 11.37 -22.70
C SER E 420 30.89 10.75 -22.88
N ASN E 421 31.23 9.85 -21.97
CA ASN E 421 32.48 9.12 -21.99
C ASN E 421 32.20 7.65 -22.31
N ILE E 422 32.62 7.21 -23.49
CA ILE E 422 32.50 5.79 -23.85
C ILE E 422 33.51 4.99 -23.05
N THR E 423 33.04 3.95 -22.36
CA THR E 423 33.87 3.16 -21.46
C THR E 423 33.88 1.66 -21.74
N GLY E 424 32.90 1.15 -22.47
CA GLY E 424 32.85 -0.28 -22.74
C GLY E 424 32.00 -0.59 -23.94
N LEU E 425 32.28 -1.75 -24.53
CA LEU E 425 31.62 -2.23 -25.74
C LEU E 425 30.90 -3.53 -25.45
N LEU E 426 29.88 -3.82 -26.25
CA LEU E 426 29.12 -5.06 -26.17
C LEU E 426 29.21 -5.75 -27.53
N LEU E 427 29.80 -6.94 -27.55
CA LEU E 427 30.10 -7.66 -28.79
C LEU E 427 29.55 -9.08 -28.75
N THR E 428 29.37 -9.65 -29.94
CA THR E 428 29.12 -11.07 -30.12
C THR E 428 29.97 -11.55 -31.29
N ARG E 429 29.98 -12.87 -31.50
CA ARG E 429 30.89 -13.50 -32.45
C ARG E 429 30.12 -14.20 -33.55
N ASP E 430 30.76 -14.36 -34.71
CA ASP E 430 30.18 -15.14 -35.78
C ASP E 430 30.11 -16.61 -35.38
N GLY E 431 29.14 -17.32 -35.93
CA GLY E 431 28.84 -18.67 -35.50
C GLY E 431 29.55 -19.77 -36.28
N GLY E 432 28.77 -20.49 -37.10
CA GLY E 432 29.27 -21.69 -37.74
C GLY E 432 30.52 -21.48 -38.57
N THR E 433 31.20 -22.58 -38.84
CA THR E 433 32.54 -22.59 -39.40
C THR E 433 32.63 -23.76 -40.37
N ASN E 434 33.41 -23.67 -41.46
CA ASN E 434 34.23 -22.54 -42.00
C ASN E 434 35.26 -22.01 -40.99
N SER E 435 36.15 -22.90 -40.55
CA SER E 435 37.08 -22.56 -39.48
C SER E 435 38.10 -21.52 -39.94
N ASN E 436 38.71 -21.73 -41.10
CA ASN E 436 39.86 -20.92 -41.49
C ASN E 436 39.50 -19.47 -41.81
N LYS E 437 38.22 -19.13 -41.90
CA LYS E 437 37.80 -17.78 -42.30
C LYS E 437 36.61 -17.27 -41.49
N THR E 438 36.47 -17.69 -40.22
CA THR E 438 35.34 -17.28 -39.38
C THR E 438 35.76 -16.67 -38.05
N GLU E 439 36.81 -17.20 -37.41
CA GLU E 439 37.12 -16.81 -36.04
C GLU E 439 37.43 -15.33 -35.91
N GLU E 440 37.91 -14.70 -36.98
CA GLU E 440 38.35 -13.31 -36.90
C GLU E 440 37.21 -12.31 -36.86
N THR E 441 35.96 -12.73 -37.02
CA THR E 441 34.84 -11.81 -37.15
C THR E 441 34.20 -11.55 -35.79
N PHE E 442 33.99 -10.27 -35.48
CA PHE E 442 33.20 -9.84 -34.33
C PHE E 442 32.27 -8.72 -34.77
N ARG E 443 31.14 -8.59 -34.09
CA ARG E 443 30.13 -7.59 -34.39
C ARG E 443 29.63 -6.95 -33.11
N PRO E 444 29.11 -5.72 -33.18
CA PRO E 444 28.37 -5.20 -32.03
C PRO E 444 27.02 -5.88 -31.90
N ALA E 445 26.48 -5.87 -30.69
CA ALA E 445 25.21 -6.53 -30.41
C ALA E 445 24.46 -5.73 -29.36
N GLY E 446 23.15 -5.94 -29.32
CA GLY E 446 22.33 -5.34 -28.29
C GLY E 446 22.62 -5.98 -26.95
N GLY E 447 21.92 -5.49 -25.94
CA GLY E 447 22.15 -6.00 -24.60
C GLY E 447 21.05 -5.64 -23.62
N ASP E 448 20.59 -6.63 -22.86
CA ASP E 448 19.71 -6.36 -21.75
C ASP E 448 20.43 -5.46 -20.75
N MET E 449 19.65 -4.77 -19.93
CA MET E 449 20.23 -3.86 -18.95
C MET E 449 21.07 -4.60 -17.93
N ARG E 450 20.81 -5.90 -17.75
CA ARG E 450 21.68 -6.72 -16.91
C ARG E 450 23.11 -6.71 -17.45
N ASP E 451 23.26 -6.76 -18.77
CA ASP E 451 24.60 -6.72 -19.34
C ASP E 451 25.29 -5.39 -19.06
N ASN E 452 24.55 -4.29 -19.06
CA ASN E 452 25.14 -3.01 -18.70
C ASN E 452 25.55 -2.99 -17.23
N TRP E 453 24.65 -3.40 -16.35
CA TRP E 453 24.90 -3.26 -14.92
C TRP E 453 25.91 -4.26 -14.40
N ARG E 454 26.10 -5.39 -15.09
CA ARG E 454 27.12 -6.35 -14.66
C ARG E 454 28.52 -5.77 -14.78
N SER E 455 28.76 -4.91 -15.77
CA SER E 455 30.09 -4.30 -15.93
C SER E 455 30.49 -3.46 -14.73
N GLU E 456 29.52 -3.02 -13.91
CA GLU E 456 29.80 -2.30 -12.67
C GLU E 456 29.68 -3.18 -11.43
N LEU E 457 28.70 -4.09 -11.40
CA LEU E 457 28.45 -4.91 -10.22
C LEU E 457 29.13 -6.27 -10.27
N TYR E 458 30.10 -6.48 -11.17
CA TYR E 458 30.97 -7.64 -11.04
C TYR E 458 31.75 -7.63 -9.74
N LYS E 459 31.98 -6.45 -9.16
CA LYS E 459 32.84 -6.32 -7.99
C LYS E 459 32.27 -7.02 -6.77
N TYR E 460 30.97 -6.87 -6.52
CA TYR E 460 30.41 -7.03 -5.19
C TYR E 460 29.80 -8.41 -4.98
N LYS E 461 29.60 -8.75 -3.71
CA LYS E 461 28.92 -9.96 -3.27
C LYS E 461 28.22 -9.66 -1.95
N VAL E 462 27.12 -10.35 -1.70
CA VAL E 462 26.31 -10.17 -0.50
C VAL E 462 26.37 -11.43 0.34
N VAL E 463 26.66 -11.27 1.63
CA VAL E 463 26.75 -12.39 2.56
C VAL E 463 26.07 -11.99 3.86
N LYS E 464 25.37 -12.96 4.48
CA LYS E 464 24.72 -12.72 5.77
C LYS E 464 25.66 -13.14 6.89
N ILE E 465 25.67 -12.35 7.96
CA ILE E 465 26.51 -12.67 9.12
C ILE E 465 25.87 -13.81 9.90
N GLU E 466 26.69 -14.75 10.35
CA GLU E 466 26.28 -15.80 11.29
C GLU E 466 26.97 -15.54 12.63
N PRO E 467 26.44 -14.62 13.44
CA PRO E 467 27.22 -14.10 14.57
C PRO E 467 27.32 -15.02 15.78
N LEU E 468 26.92 -16.29 15.68
CA LEU E 468 27.00 -17.24 16.78
C LEU E 468 27.88 -18.41 16.36
N GLY E 469 28.79 -18.82 17.24
CA GLY E 469 29.65 -19.96 16.99
C GLY E 469 30.01 -20.66 18.28
N VAL E 470 30.51 -21.88 18.12
CA VAL E 470 30.88 -22.75 19.25
C VAL E 470 32.30 -23.27 19.00
N ALA E 471 33.02 -23.52 20.09
CA ALA E 471 34.38 -24.03 19.99
C ALA E 471 34.77 -24.62 21.32
N PRO E 472 35.78 -25.50 21.35
CA PRO E 472 36.27 -26.02 22.64
C PRO E 472 37.29 -25.08 23.26
N THR E 473 37.12 -24.85 24.57
CA THR E 473 38.00 -23.96 25.33
C THR E 473 38.37 -24.66 26.64
N ARG E 474 39.02 -23.91 27.53
CA ARG E 474 39.64 -24.51 28.70
C ARG E 474 38.73 -24.57 29.93
N CYS E 475 37.50 -24.07 29.84
CA CYS E 475 36.64 -23.90 31.00
C CYS E 475 35.54 -24.95 31.07
N LYS E 476 35.35 -25.52 32.25
CA LYS E 476 34.09 -26.13 32.66
C LYS E 476 33.41 -25.16 33.61
N ARG E 477 32.10 -25.01 33.46
CA ARG E 477 31.38 -23.97 34.19
C ARG E 477 31.51 -24.19 35.68
N ARG E 478 32.30 -23.34 36.34
CA ARG E 478 32.41 -23.26 37.79
C ARG E 478 33.20 -24.41 38.41
N VAL E 479 33.84 -25.26 37.61
CA VAL E 479 34.37 -26.54 38.12
C VAL E 479 35.87 -26.72 37.90
N VAL E 480 36.32 -26.84 36.64
CA VAL E 480 37.69 -27.29 36.35
C VAL E 480 38.26 -26.59 35.12
N GLY E 481 39.57 -26.79 34.93
CA GLY E 481 40.30 -26.27 33.79
C GLY E 481 40.52 -27.32 32.72
N ARG E 482 41.67 -27.24 32.04
CA ARG E 482 41.90 -28.07 30.86
C ARG E 482 43.39 -28.26 30.58
N ARG E 483 43.70 -29.41 29.99
CA ARG E 483 44.96 -29.67 29.32
C ARG E 483 44.69 -29.72 27.81
N ARG E 484 45.55 -29.08 27.01
CA ARG E 484 45.27 -28.93 25.59
C ARG E 484 46.57 -28.81 24.80
N ARG E 485 46.41 -28.59 23.49
CA ARG E 485 47.47 -28.63 22.50
C ARG E 485 47.79 -27.23 21.97
N ARG E 486 48.87 -27.16 21.18
CA ARG E 486 49.30 -25.93 20.52
C ARG E 486 49.75 -26.28 19.12
N ARG E 487 49.77 -25.27 18.23
CA ARG E 487 50.46 -25.34 16.94
C ARG E 487 51.82 -26.02 17.06
N ALA F 1 41.55 -19.44 20.75
CA ALA F 1 40.14 -19.57 21.05
C ALA F 1 39.60 -18.41 21.91
N VAL F 2 40.47 -17.48 22.30
CA VAL F 2 40.09 -16.37 23.18
C VAL F 2 41.14 -15.28 23.09
N GLY F 3 40.70 -14.03 23.27
CA GLY F 3 41.61 -12.90 23.22
C GLY F 3 41.03 -11.63 23.81
N ILE F 4 41.89 -10.69 24.20
CA ILE F 4 41.44 -9.44 24.82
C ILE F 4 40.85 -8.53 23.76
N GLY F 5 39.56 -8.24 23.87
CA GLY F 5 38.82 -7.65 22.78
C GLY F 5 38.97 -6.15 22.61
N ALA F 6 38.40 -5.66 21.52
CA ALA F 6 38.43 -4.24 21.17
C ALA F 6 37.25 -3.95 20.25
N VAL F 7 36.99 -2.66 20.03
CA VAL F 7 35.81 -2.21 19.29
C VAL F 7 36.18 -1.23 18.19
N PHE F 8 37.42 -0.74 18.17
CA PHE F 8 37.78 0.35 17.26
C PHE F 8 37.94 -0.08 15.81
N LEU F 9 37.77 -1.37 15.50
CA LEU F 9 37.87 -1.84 14.11
C LEU F 9 36.66 -1.46 13.26
N GLY F 10 35.57 -0.94 13.84
CA GLY F 10 34.43 -0.50 13.05
C GLY F 10 33.52 -1.63 12.61
N PHE F 11 34.06 -2.60 11.88
CA PHE F 11 33.28 -3.71 11.35
C PHE F 11 34.21 -4.92 11.18
N LEU F 12 33.92 -5.80 10.23
CA LEU F 12 34.36 -7.20 10.18
C LEU F 12 35.83 -7.39 9.86
N GLY F 13 36.67 -6.36 10.03
CA GLY F 13 38.04 -6.35 9.55
C GLY F 13 38.91 -7.55 9.92
N ALA F 14 38.47 -8.38 10.86
CA ALA F 14 39.12 -9.65 11.12
C ALA F 14 38.13 -10.61 11.77
N ALA F 15 37.84 -11.79 11.19
CA ALA F 15 38.20 -12.31 9.86
C ALA F 15 39.68 -12.64 9.65
N GLY F 16 39.95 -13.65 8.84
CA GLY F 16 41.29 -13.96 8.41
C GLY F 16 42.18 -14.54 9.49
N SER F 17 42.38 -13.79 10.57
CA SER F 17 43.24 -14.23 11.66
C SER F 17 42.62 -15.44 12.37
N THR F 18 43.47 -16.14 13.14
CA THR F 18 43.01 -17.34 13.82
C THR F 18 41.95 -17.01 14.86
N MET F 19 41.31 -18.05 15.38
CA MET F 19 40.21 -17.86 16.31
C MET F 19 40.70 -17.20 17.60
N GLY F 20 41.91 -17.53 18.03
CA GLY F 20 42.49 -16.90 19.19
C GLY F 20 42.90 -15.46 18.95
N ALA F 21 42.86 -15.03 17.69
CA ALA F 21 43.09 -13.63 17.32
C ALA F 21 41.80 -13.00 16.81
N ALA F 22 40.90 -13.81 16.26
CA ALA F 22 39.64 -13.28 15.74
C ALA F 22 38.58 -13.16 16.84
N SER F 23 38.85 -13.70 18.03
CA SER F 23 37.90 -13.62 19.13
C SER F 23 38.00 -12.31 19.89
N MET F 24 38.80 -11.36 19.39
CA MET F 24 38.84 -10.04 20.01
C MET F 24 37.68 -9.16 19.58
N THR F 25 37.19 -9.32 18.35
CA THR F 25 36.26 -8.38 17.76
C THR F 25 34.80 -8.64 18.13
N LEU F 26 34.53 -9.35 19.23
CA LEU F 26 33.15 -9.75 19.52
C LEU F 26 32.25 -8.54 19.74
N THR F 27 32.77 -7.51 20.40
CA THR F 27 31.95 -6.34 20.72
C THR F 27 31.45 -5.67 19.46
N VAL F 28 32.31 -5.50 18.47
CA VAL F 28 31.93 -4.74 17.29
C VAL F 28 30.92 -5.50 16.44
N GLN F 29 31.09 -6.83 16.28
CA GLN F 29 30.10 -7.60 15.54
C GLN F 29 28.77 -7.66 16.30
N ALA F 30 28.81 -7.72 17.63
CA ALA F 30 27.58 -7.66 18.40
C ALA F 30 26.88 -6.32 18.19
N ARG F 31 27.65 -5.24 18.17
CA ARG F 31 27.06 -3.91 18.02
C ARG F 31 26.43 -3.72 16.66
N ASN F 32 27.17 -4.03 15.60
CA ASN F 32 26.72 -3.74 14.25
C ASN F 32 25.65 -4.70 13.73
N LEU F 33 25.38 -5.78 14.47
CA LEU F 33 24.41 -6.77 14.00
C LEU F 33 23.00 -6.19 13.91
N LEU F 34 22.69 -5.17 14.72
CA LEU F 34 21.33 -4.64 14.83
C LEU F 34 21.30 -3.13 14.58
N SER F 35 22.34 -2.42 15.00
CA SER F 35 22.35 -0.96 14.89
C SER F 35 22.39 -0.53 13.43
N GLY F 36 21.72 0.57 13.13
CA GLY F 36 21.71 1.11 11.79
C GLY F 36 20.80 0.31 10.88
N ILE F 37 20.80 0.65 9.58
CA ILE F 37 21.52 1.79 8.99
C ILE F 37 20.88 3.11 9.38
N VAL F 38 19.55 3.13 9.40
CA VAL F 38 18.80 4.34 9.74
C VAL F 38 19.09 4.74 11.18
N LYS F 56 2.98 9.80 -5.53
CA LYS F 56 3.64 9.99 -4.25
C LYS F 56 3.56 8.72 -3.41
N LEU F 57 2.47 7.97 -3.55
CA LEU F 57 2.31 6.72 -2.84
C LEU F 57 3.31 5.70 -3.36
N THR F 58 4.12 5.13 -2.46
CA THR F 58 5.16 4.18 -2.81
C THR F 58 5.14 3.02 -1.84
N VAL F 59 5.72 1.89 -2.28
CA VAL F 59 5.58 0.63 -1.54
C VAL F 59 6.87 0.15 -0.89
N TRP F 60 8.00 0.83 -1.11
CA TRP F 60 9.25 0.35 -0.52
C TRP F 60 9.30 0.53 0.99
N GLY F 61 8.32 1.23 1.57
CA GLY F 61 8.16 1.15 3.01
C GLY F 61 7.96 -0.28 3.48
N ILE F 62 7.24 -1.07 2.68
CA ILE F 62 7.09 -2.49 2.97
C ILE F 62 8.45 -3.19 2.98
N LYS F 63 9.29 -2.87 1.98
CA LYS F 63 10.61 -3.49 1.90
C LYS F 63 11.46 -3.14 3.12
N GLN F 64 11.47 -1.85 3.48
CA GLN F 64 12.26 -1.40 4.62
C GLN F 64 11.77 -2.06 5.91
N LEU F 65 10.45 -2.11 6.11
CA LEU F 65 9.90 -2.72 7.30
C LEU F 65 10.22 -4.20 7.34
N GLN F 66 10.15 -4.88 6.19
CA GLN F 66 10.48 -6.29 6.13
C GLN F 66 11.93 -6.53 6.54
N ALA F 67 12.84 -5.71 6.01
CA ALA F 67 14.26 -5.86 6.34
C ALA F 67 14.49 -5.63 7.84
N ARG F 68 13.91 -4.56 8.38
CA ARG F 68 14.11 -4.27 9.80
C ARG F 68 13.53 -5.38 10.67
N VAL F 69 12.35 -5.88 10.32
CA VAL F 69 11.71 -6.92 11.12
C VAL F 69 12.51 -8.21 11.07
N LEU F 70 13.05 -8.55 9.88
CA LEU F 70 13.87 -9.75 9.79
C LEU F 70 15.13 -9.63 10.62
N ALA F 71 15.78 -8.45 10.59
CA ALA F 71 16.96 -8.26 11.41
C ALA F 71 16.62 -8.38 12.90
N VAL F 72 15.50 -7.79 13.32
CA VAL F 72 15.12 -7.82 14.72
C VAL F 72 14.82 -9.25 15.16
N GLU F 73 14.13 -10.03 14.31
CA GLU F 73 13.83 -11.41 14.69
C GLU F 73 15.09 -12.26 14.71
N ARG F 74 16.04 -12.00 13.80
CA ARG F 74 17.33 -12.69 13.88
C ARG F 74 18.00 -12.44 15.22
N TYR F 75 18.08 -11.16 15.61
CA TYR F 75 18.72 -10.82 16.88
C TYR F 75 17.99 -11.45 18.05
N LEU F 76 16.66 -11.42 18.02
CA LEU F 76 15.88 -11.96 19.14
C LEU F 76 16.04 -13.48 19.24
N ARG F 77 16.07 -14.18 18.10
CA ARG F 77 16.29 -15.62 18.14
C ARG F 77 17.66 -15.95 18.70
N ASP F 78 18.69 -15.21 18.27
CA ASP F 78 20.03 -15.46 18.80
C ASP F 78 20.08 -15.20 20.31
N GLN F 79 19.47 -14.11 20.76
CA GLN F 79 19.49 -13.79 22.18
C GLN F 79 18.70 -14.81 22.99
N GLN F 80 17.58 -15.30 22.44
CA GLN F 80 16.82 -16.33 23.13
C GLN F 80 17.63 -17.62 23.26
N LEU F 81 18.31 -18.01 22.19
CA LEU F 81 19.13 -19.22 22.26
C LEU F 81 20.25 -19.07 23.27
N LEU F 82 20.85 -17.87 23.35
CA LEU F 82 21.83 -17.64 24.42
C LEU F 82 21.19 -17.69 25.79
N GLY F 83 19.98 -17.15 25.94
CA GLY F 83 19.35 -17.08 27.25
C GLY F 83 18.97 -18.44 27.80
N ILE F 84 18.53 -19.35 26.92
CA ILE F 84 18.14 -20.67 27.38
C ILE F 84 19.35 -21.41 27.96
N TRP F 85 20.53 -21.18 27.39
CA TRP F 85 21.74 -21.88 27.82
C TRP F 85 22.41 -21.22 29.01
N GLY F 86 21.83 -20.18 29.59
CA GLY F 86 22.44 -19.46 30.69
C GLY F 86 23.53 -18.49 30.29
N CYS F 87 23.58 -18.08 29.02
CA CYS F 87 24.64 -17.25 28.49
C CYS F 87 24.23 -15.80 28.22
N SER F 88 22.94 -15.47 28.34
CA SER F 88 22.50 -14.11 28.07
C SER F 88 23.16 -13.14 29.05
N GLY F 89 23.61 -12.01 28.52
CA GLY F 89 24.37 -11.04 29.27
C GLY F 89 25.87 -11.14 29.11
N LYS F 90 26.36 -12.09 28.30
CA LYS F 90 27.79 -12.24 28.04
C LYS F 90 27.98 -12.56 26.57
N LEU F 91 29.18 -12.27 26.07
CA LEU F 91 29.61 -12.69 24.74
C LEU F 91 30.39 -14.00 24.78
N ILE F 92 31.44 -14.07 25.59
CA ILE F 92 32.01 -15.35 25.98
C ILE F 92 31.04 -16.03 26.93
N CYS F 93 31.00 -17.35 26.92
CA CYS F 93 30.15 -18.08 27.87
C CYS F 93 30.69 -19.48 28.06
N CYS F 94 31.29 -19.74 29.21
CA CYS F 94 31.62 -21.09 29.60
C CYS F 94 30.36 -21.86 29.98
N THR F 95 30.34 -23.15 29.65
CA THR F 95 29.22 -24.03 29.94
C THR F 95 29.74 -25.37 30.45
N ASN F 96 28.79 -26.27 30.77
CA ASN F 96 29.12 -27.51 31.47
C ASN F 96 29.14 -28.72 30.54
N VAL F 97 28.50 -28.64 29.38
CA VAL F 97 28.39 -29.76 28.45
C VAL F 97 29.77 -30.28 28.05
N PRO F 98 30.18 -31.48 28.46
CA PRO F 98 31.48 -31.98 27.99
C PRO F 98 31.46 -32.29 26.50
N TRP F 99 32.65 -32.24 25.90
CA TRP F 99 32.82 -32.72 24.53
C TRP F 99 32.38 -34.17 24.45
N ASN F 100 31.55 -34.48 23.46
CA ASN F 100 30.78 -35.72 23.49
C ASN F 100 31.69 -36.93 23.36
N SER F 101 31.11 -38.11 23.62
CA SER F 101 31.80 -39.36 23.34
C SER F 101 32.01 -39.56 21.85
N SER F 102 31.22 -38.88 21.02
CA SER F 102 31.27 -39.08 19.58
C SER F 102 32.54 -38.53 18.93
N TRP F 103 33.10 -37.42 19.42
CA TRP F 103 34.26 -36.86 18.74
C TRP F 103 35.59 -37.39 19.24
N SER F 104 35.99 -36.97 20.45
CA SER F 104 37.30 -37.28 21.05
C SER F 104 38.46 -37.22 20.06
N ASN F 105 38.38 -36.38 19.02
CA ASN F 105 39.29 -36.47 17.88
C ASN F 105 39.75 -35.14 17.30
N ARG F 106 39.10 -34.02 17.63
CA ARG F 106 39.26 -32.82 16.83
C ARG F 106 40.67 -32.24 16.95
N ASN F 107 40.98 -31.39 15.98
CA ASN F 107 42.34 -30.95 15.68
C ASN F 107 42.67 -29.64 16.40
N LEU F 108 42.88 -29.71 17.71
CA LEU F 108 42.91 -28.48 18.51
C LEU F 108 44.20 -27.68 18.31
N SER F 109 45.30 -28.35 17.96
CA SER F 109 46.53 -27.63 17.64
C SER F 109 46.29 -26.65 16.50
N GLU F 110 45.40 -27.00 15.58
CA GLU F 110 44.97 -26.07 14.54
C GLU F 110 43.88 -25.13 15.02
N ILE F 111 43.12 -25.49 16.07
CA ILE F 111 42.11 -24.59 16.60
C ILE F 111 42.76 -23.34 17.19
N TRP F 112 43.76 -23.51 18.05
CA TRP F 112 44.14 -22.39 18.92
C TRP F 112 44.72 -21.22 18.13
N ASP F 113 45.56 -21.51 17.12
CA ASP F 113 46.39 -20.48 16.49
C ASP F 113 46.42 -20.52 14.97
N ASN F 114 45.77 -21.49 14.32
CA ASN F 114 45.86 -21.62 12.86
C ASN F 114 44.53 -21.34 12.18
N MET F 115 43.47 -22.07 12.50
CA MET F 115 42.21 -21.88 11.79
C MET F 115 41.57 -20.56 12.17
N THR F 116 41.07 -19.83 11.17
CA THR F 116 40.17 -18.73 11.42
C THR F 116 38.75 -19.27 11.61
N TRP F 117 37.87 -18.40 12.12
CA TRP F 117 36.49 -18.82 12.37
C TRP F 117 35.80 -19.20 11.06
N LEU F 118 36.11 -18.50 9.97
CA LEU F 118 35.50 -18.79 8.68
C LEU F 118 35.81 -20.20 8.20
N GLN F 119 36.97 -20.76 8.59
CA GLN F 119 37.31 -22.14 8.28
C GLN F 119 36.75 -23.11 9.31
N TRP F 120 36.83 -22.74 10.60
CA TRP F 120 36.38 -23.64 11.65
C TRP F 120 34.88 -23.88 11.58
N ASP F 121 34.13 -22.91 11.04
CA ASP F 121 32.68 -23.06 10.95
C ASP F 121 32.30 -24.24 10.06
N LYS F 122 33.16 -24.58 9.09
CA LYS F 122 32.89 -25.72 8.22
C LYS F 122 33.14 -27.05 8.93
N GLU F 123 34.03 -27.08 9.92
CA GLU F 123 34.38 -28.33 10.61
C GLU F 123 33.45 -28.66 11.78
N ILE F 124 32.54 -27.76 12.16
CA ILE F 124 31.52 -28.05 13.15
C ILE F 124 30.14 -28.23 12.52
N SER F 125 29.97 -27.89 11.23
CA SER F 125 28.72 -28.17 10.55
C SER F 125 28.49 -29.68 10.50
N ASN F 126 27.23 -30.06 10.23
CA ASN F 126 26.72 -31.43 10.20
C ASN F 126 26.54 -32.00 11.61
N TYR F 127 27.02 -31.29 12.65
CA TYR F 127 26.96 -31.74 14.03
C TYR F 127 26.45 -30.68 15.00
N THR F 128 26.21 -29.46 14.54
CA THR F 128 25.86 -28.37 15.46
C THR F 128 24.52 -28.64 16.16
N GLN F 129 23.61 -29.36 15.49
CA GLN F 129 22.29 -29.62 16.04
C GLN F 129 22.33 -30.35 17.38
N ILE F 130 23.34 -31.19 17.62
CA ILE F 130 23.42 -31.91 18.89
C ILE F 130 23.81 -30.98 20.03
N ILE F 131 24.63 -29.98 19.72
CA ILE F 131 25.21 -29.12 20.75
C ILE F 131 24.12 -28.35 21.48
N TYR F 132 23.16 -27.81 20.73
CA TYR F 132 22.11 -27.00 21.34
C TYR F 132 21.23 -27.86 22.25
N GLY F 133 20.90 -29.07 21.82
CA GLY F 133 20.14 -29.96 22.68
C GLY F 133 20.87 -30.29 23.97
N LEU F 134 22.17 -30.59 23.86
CA LEU F 134 22.94 -30.90 25.06
C LEU F 134 22.99 -29.69 26.01
N LEU F 135 23.21 -28.50 25.45
CA LEU F 135 23.26 -27.30 26.28
C LEU F 135 21.95 -27.08 27.00
N GLU F 136 20.83 -27.24 26.29
CA GLU F 136 19.53 -27.02 26.90
C GLU F 136 19.27 -28.02 28.02
N GLU F 137 19.58 -29.30 27.78
CA GLU F 137 19.37 -30.31 28.82
C GLU F 137 20.22 -30.01 30.05
N SER F 138 21.49 -29.69 29.84
CA SER F 138 22.38 -29.41 30.97
C SER F 138 21.92 -28.19 31.75
N GLN F 139 21.49 -27.13 31.05
CA GLN F 139 21.05 -25.93 31.75
C GLN F 139 19.80 -26.20 32.56
N ASN F 140 18.84 -26.95 32.01
CA ASN F 140 17.63 -27.23 32.78
C ASN F 140 17.93 -28.10 33.99
N GLN F 141 18.83 -29.07 33.83
CA GLN F 141 19.26 -29.87 34.97
C GLN F 141 19.87 -29.00 36.06
N GLN F 142 20.74 -28.06 35.66
CA GLN F 142 21.37 -27.19 36.64
C GLN F 142 20.34 -26.30 37.33
N GLU F 143 19.36 -25.81 36.58
CA GLU F 143 18.32 -24.96 37.16
C GLU F 143 17.54 -25.71 38.24
N LYS F 144 17.08 -26.92 37.91
CA LYS F 144 16.32 -27.68 38.90
C LYS F 144 17.20 -28.08 40.07
N ASN F 145 18.50 -28.33 39.82
CA ASN F 145 19.40 -28.63 40.92
C ASN F 145 19.55 -27.44 41.87
N GLU F 146 19.64 -26.24 41.31
CA GLU F 146 19.72 -25.05 42.16
C GLU F 146 18.45 -24.86 42.97
N GLN F 147 17.28 -25.10 42.37
CA GLN F 147 16.05 -25.03 43.15
C GLN F 147 16.04 -26.08 44.26
N ASP F 148 16.51 -27.29 43.95
CA ASP F 148 16.57 -28.34 44.97
C ASP F 148 17.51 -27.97 46.11
N LEU F 149 18.60 -27.27 45.80
CA LEU F 149 19.49 -26.78 46.85
C LEU F 149 18.81 -25.72 47.71
N LEU F 150 18.16 -24.74 47.06
CA LEU F 150 17.54 -23.65 47.80
C LEU F 150 16.36 -24.12 48.62
N ALA F 151 15.70 -25.21 48.21
CA ALA F 151 14.52 -25.69 48.93
C ALA F 151 14.85 -26.31 50.28
N LEU F 152 16.12 -26.57 50.59
CA LEU F 152 16.49 -27.27 51.80
C LEU F 152 16.77 -26.34 52.98
N ASP F 153 17.18 -25.10 52.72
CA ASP F 153 17.54 -24.17 53.79
C ASP F 153 16.35 -23.88 54.71
N GLN G 1 4.95 -25.97 -21.23
CA GLN G 1 5.06 -26.93 -22.31
C GLN G 1 5.76 -26.31 -23.52
N VAL G 2 6.42 -27.14 -24.30
CA VAL G 2 7.15 -26.71 -25.50
C VAL G 2 6.45 -27.33 -26.71
N GLN G 3 6.12 -26.48 -27.68
CA GLN G 3 5.52 -26.92 -28.93
C GLN G 3 6.05 -26.05 -30.06
N LEU G 4 6.56 -26.69 -31.11
CA LEU G 4 7.19 -26.02 -32.23
C LEU G 4 6.46 -26.41 -33.52
N VAL G 5 5.42 -25.68 -33.85
CA VAL G 5 4.69 -25.89 -35.09
C VAL G 5 5.49 -25.28 -36.24
N GLN G 6 5.29 -25.81 -37.45
CA GLN G 6 6.05 -25.38 -38.61
C GLN G 6 5.22 -25.58 -39.87
N SER G 7 5.54 -24.80 -40.89
CA SER G 7 4.76 -24.80 -42.13
C SER G 7 5.14 -25.99 -43.00
N GLY G 8 4.38 -26.17 -44.07
CA GLY G 8 4.61 -27.27 -44.97
C GLY G 8 5.74 -27.01 -45.95
N GLY G 9 5.98 -27.99 -46.80
CA GLY G 9 7.09 -27.95 -47.73
C GLY G 9 6.79 -27.11 -48.96
N GLN G 10 7.83 -26.92 -49.78
CA GLN G 10 7.74 -26.14 -51.00
C GLN G 10 8.73 -26.67 -52.01
N MET G 11 8.54 -26.28 -53.26
CA MET G 11 9.48 -26.53 -54.34
C MET G 11 9.77 -25.20 -55.04
N LYS G 12 11.06 -24.90 -55.22
CA LYS G 12 11.48 -23.59 -55.71
C LYS G 12 12.57 -23.76 -56.76
N LYS G 13 12.67 -22.76 -57.63
CA LYS G 13 13.59 -22.71 -58.76
C LYS G 13 14.93 -22.10 -58.32
N PRO G 14 16.02 -22.35 -59.05
CA PRO G 14 17.28 -21.69 -58.69
C PRO G 14 17.18 -20.18 -58.82
N GLY G 15 17.82 -19.49 -57.88
CA GLY G 15 17.81 -18.03 -57.86
C GLY G 15 16.61 -17.41 -57.17
N GLU G 16 15.57 -18.19 -56.87
CA GLU G 16 14.39 -17.65 -56.22
C GLU G 16 14.63 -17.47 -54.73
N SER G 17 13.76 -16.69 -54.09
CA SER G 17 13.75 -16.52 -52.64
C SER G 17 12.59 -17.32 -52.07
N MET G 18 12.70 -17.69 -50.79
CA MET G 18 11.75 -18.58 -50.15
C MET G 18 11.70 -18.26 -48.66
N ARG G 19 10.55 -18.54 -48.05
CA ARG G 19 10.28 -18.21 -46.65
C ARG G 19 9.81 -19.44 -45.89
N ILE G 20 10.06 -19.46 -44.59
CA ILE G 20 9.57 -20.50 -43.69
C ILE G 20 8.94 -19.79 -42.49
N SER G 21 8.00 -20.46 -41.84
CA SER G 21 7.41 -19.98 -40.60
C SER G 21 7.44 -21.09 -39.56
N CYS G 22 7.70 -20.69 -38.31
CA CYS G 22 7.64 -21.60 -37.18
C CYS G 22 7.06 -20.85 -36.00
N ARG G 23 6.07 -21.47 -35.34
CA ARG G 23 5.27 -20.83 -34.32
C ARG G 23 5.44 -21.55 -33.00
N ALA G 24 5.68 -20.77 -31.93
CA ALA G 24 5.88 -21.32 -30.60
C ALA G 24 4.58 -21.27 -29.80
N SER G 25 4.52 -22.08 -28.74
CA SER G 25 3.36 -22.12 -27.87
C SER G 25 3.71 -22.80 -26.57
N GLY G 26 2.89 -22.56 -25.55
CA GLY G 26 3.02 -23.23 -24.28
C GLY G 26 4.01 -22.61 -23.30
N TYR G 27 4.60 -21.46 -23.63
CA TYR G 27 5.60 -20.85 -22.77
C TYR G 27 5.74 -19.38 -23.14
N GLU G 28 6.58 -18.68 -22.39
CA GLU G 28 6.88 -17.27 -22.67
C GLU G 28 7.90 -17.17 -23.80
N PHE G 29 7.47 -16.63 -24.94
CA PHE G 29 8.30 -16.68 -26.14
C PHE G 29 9.37 -15.59 -26.16
N ILE G 30 9.14 -14.48 -25.45
CA ILE G 30 9.95 -13.29 -25.67
C ILE G 30 11.39 -13.49 -25.21
N ASP G 31 11.60 -14.21 -24.11
CA ASP G 31 12.89 -14.24 -23.43
C ASP G 31 13.69 -15.51 -23.69
N CYS G 32 13.22 -16.40 -24.56
CA CYS G 32 13.80 -17.73 -24.73
C CYS G 32 14.48 -17.83 -26.10
N THR G 33 15.73 -18.29 -26.10
CA THR G 33 16.50 -18.39 -27.33
C THR G 33 15.85 -19.38 -28.29
N LEU G 34 15.95 -19.08 -29.59
CA LEU G 34 15.44 -19.92 -30.65
C LEU G 34 16.53 -20.11 -31.69
N ASN G 35 16.50 -21.25 -32.37
CA ASN G 35 17.54 -21.64 -33.31
C ASN G 35 16.93 -22.19 -34.59
N TRP G 36 17.80 -22.42 -35.58
CA TRP G 36 17.41 -23.05 -36.84
C TRP G 36 18.56 -23.95 -37.30
N ILE G 37 18.26 -25.24 -37.50
CA ILE G 37 19.25 -26.23 -37.92
C ILE G 37 18.89 -26.73 -39.30
N ARG G 38 19.89 -26.81 -40.18
CA ARG G 38 19.71 -27.28 -41.55
C ARG G 38 20.21 -28.70 -41.65
N LEU G 39 19.33 -29.62 -42.05
CA LEU G 39 19.60 -31.06 -42.05
C LEU G 39 19.50 -31.60 -43.48
N ALA G 40 20.61 -31.57 -44.21
CA ALA G 40 20.64 -32.14 -45.55
C ALA G 40 20.80 -33.66 -45.47
N PRO G 41 20.37 -34.39 -46.48
CA PRO G 41 20.46 -35.86 -46.41
C PRO G 41 21.86 -36.36 -46.69
N GLY G 42 22.32 -37.29 -45.86
CA GLY G 42 23.55 -38.02 -46.14
C GLY G 42 24.83 -37.26 -45.96
N LYS G 43 24.84 -36.19 -45.16
CA LYS G 43 26.07 -35.46 -44.91
C LYS G 43 25.93 -34.69 -43.59
N ARG G 44 26.94 -33.87 -43.29
CA ARG G 44 26.96 -33.14 -42.04
C ARG G 44 25.76 -32.19 -41.98
N PRO G 45 24.92 -32.27 -40.94
CA PRO G 45 23.92 -31.20 -40.75
C PRO G 45 24.63 -29.91 -40.37
N GLU G 46 24.14 -28.80 -40.92
CA GLU G 46 24.81 -27.52 -40.82
C GLU G 46 23.95 -26.55 -40.03
N TRP G 47 24.61 -25.55 -39.44
CA TRP G 47 23.93 -24.56 -38.63
C TRP G 47 23.58 -23.34 -39.49
N MET G 48 22.47 -22.67 -39.14
CA MET G 48 22.06 -21.44 -39.79
C MET G 48 22.26 -20.23 -38.89
N GLY G 49 21.62 -20.19 -37.72
CA GLY G 49 21.74 -18.99 -36.90
C GLY G 49 20.93 -19.09 -35.63
N TRP G 50 21.06 -18.03 -34.83
CA TRP G 50 20.34 -17.86 -33.57
C TRP G 50 19.29 -16.77 -33.73
N LEU G 51 18.37 -16.72 -32.78
CA LEU G 51 17.42 -15.62 -32.68
C LEU G 51 17.00 -15.46 -31.24
N LYS G 52 17.06 -14.22 -30.75
CA LYS G 52 16.64 -13.87 -29.40
C LYS G 52 15.35 -13.05 -29.51
N PRO G 53 14.16 -13.63 -29.25
CA PRO G 53 12.92 -12.92 -29.60
C PRO G 53 12.70 -11.60 -28.87
N ARG G 54 13.37 -11.37 -27.74
CA ARG G 54 13.15 -10.13 -27.00
C ARG G 54 13.56 -8.93 -27.86
N GLY G 55 14.84 -8.82 -28.18
CA GLY G 55 15.34 -7.70 -28.96
C GLY G 55 15.40 -7.93 -30.45
N GLY G 56 15.12 -9.15 -30.91
CA GLY G 56 15.30 -9.45 -32.31
C GLY G 56 16.74 -9.64 -32.74
N ALA G 57 17.66 -9.76 -31.78
CA ALA G 57 19.07 -9.97 -32.11
C ALA G 57 19.24 -11.31 -32.82
N VAL G 58 20.18 -11.34 -33.76
CA VAL G 58 20.44 -12.51 -34.57
C VAL G 58 21.95 -12.71 -34.72
N ASN G 59 22.32 -13.91 -35.14
CA ASN G 59 23.69 -14.23 -35.49
C ASN G 59 23.67 -15.36 -36.50
N TYR G 60 24.61 -15.33 -37.44
CA TYR G 60 24.57 -16.19 -38.61
C TYR G 60 25.88 -16.95 -38.77
N ALA G 61 25.78 -18.14 -39.34
CA ALA G 61 26.97 -18.89 -39.70
C ALA G 61 27.74 -18.15 -40.78
N ARG G 62 29.05 -18.34 -40.79
CA ARG G 62 29.91 -17.62 -41.73
C ARG G 62 29.55 -17.84 -43.19
N PRO G 63 29.37 -19.08 -43.68
CA PRO G 63 29.11 -19.23 -45.12
C PRO G 63 27.72 -18.84 -45.57
N LEU G 64 26.81 -18.50 -44.65
CA LEU G 64 25.41 -18.24 -44.97
C LEU G 64 24.97 -16.81 -44.67
N GLN G 65 25.83 -15.97 -44.07
CA GLN G 65 25.38 -14.64 -43.67
C GLN G 65 25.21 -13.68 -44.85
N GLY G 66 25.70 -14.04 -46.04
CA GLY G 66 25.44 -13.22 -47.22
C GLY G 66 24.05 -13.42 -47.81
N ARG G 67 23.28 -14.39 -47.32
CA ARG G 67 21.96 -14.72 -47.84
C ARG G 67 20.88 -14.77 -46.77
N VAL G 68 21.22 -15.23 -45.57
CA VAL G 68 20.19 -15.53 -44.57
C VAL G 68 19.70 -14.25 -43.92
N THR G 69 18.38 -14.20 -43.67
CA THR G 69 17.76 -13.16 -42.87
C THR G 69 16.68 -13.80 -42.00
N MET G 70 16.74 -13.56 -40.70
CA MET G 70 15.86 -14.19 -39.73
C MET G 70 15.13 -13.11 -38.94
N THR G 71 13.82 -13.25 -38.82
CA THR G 71 12.97 -12.26 -38.16
C THR G 71 11.96 -12.99 -37.28
N ARG G 72 11.24 -12.20 -36.48
CA ARG G 72 10.22 -12.74 -35.59
C ARG G 72 9.12 -11.71 -35.41
N ASP G 73 8.00 -12.16 -34.85
CA ASP G 73 6.87 -11.30 -34.50
C ASP G 73 6.43 -11.67 -33.09
N VAL G 74 6.58 -10.74 -32.15
CA VAL G 74 6.32 -11.04 -30.75
C VAL G 74 4.85 -11.31 -30.51
N TYR G 75 3.97 -10.55 -31.17
CA TYR G 75 2.54 -10.64 -30.90
C TYR G 75 1.88 -11.87 -31.52
N SER G 76 2.59 -12.62 -32.37
CA SER G 76 2.10 -13.86 -32.94
C SER G 76 2.91 -15.08 -32.53
N ASP G 77 4.01 -14.90 -31.78
CA ASP G 77 4.85 -16.00 -31.34
C ASP G 77 5.40 -16.81 -32.52
N THR G 78 5.75 -16.12 -33.60
CA THR G 78 6.19 -16.75 -34.84
C THR G 78 7.61 -16.29 -35.18
N ALA G 79 8.47 -17.25 -35.49
CA ALA G 79 9.77 -16.99 -36.08
C ALA G 79 9.70 -17.24 -37.59
N PHE G 80 10.60 -16.58 -38.32
CA PHE G 80 10.65 -16.69 -39.77
C PHE G 80 12.09 -16.73 -40.23
N LEU G 81 12.31 -17.31 -41.41
CA LEU G 81 13.63 -17.45 -42.00
C LEU G 81 13.50 -17.35 -43.50
N GLU G 82 14.58 -16.91 -44.16
CA GLU G 82 14.56 -16.69 -45.59
C GLU G 82 15.96 -16.94 -46.15
N LEU G 83 16.01 -17.33 -47.42
CA LEU G 83 17.24 -17.41 -48.20
C LEU G 83 17.12 -16.45 -49.38
N ARG G 84 17.96 -15.42 -49.39
CA ARG G 84 17.84 -14.38 -50.42
C ARG G 84 18.20 -14.87 -51.81
N SER G 85 18.88 -16.01 -51.92
CA SER G 85 19.24 -16.54 -53.24
C SER G 85 19.47 -18.04 -53.08
N LEU G 86 18.61 -18.85 -53.70
CA LEU G 86 18.65 -20.29 -53.52
C LEU G 86 19.53 -20.95 -54.57
N THR G 87 19.85 -22.21 -54.32
CA THR G 87 20.59 -23.06 -55.25
C THR G 87 20.22 -24.50 -54.92
N VAL G 88 20.64 -25.43 -55.79
CA VAL G 88 20.34 -26.84 -55.59
C VAL G 88 20.91 -27.35 -54.28
N ASP G 89 22.00 -26.77 -53.81
CA ASP G 89 22.66 -27.26 -52.61
C ASP G 89 21.90 -26.96 -51.33
N ASP G 90 20.86 -26.13 -51.38
CA ASP G 90 20.06 -25.85 -50.19
C ASP G 90 18.98 -26.88 -49.94
N THR G 91 18.89 -27.94 -50.75
CA THR G 91 17.88 -28.97 -50.57
C THR G 91 18.07 -29.69 -49.25
N ALA G 92 17.20 -29.43 -48.27
CA ALA G 92 17.37 -29.99 -46.94
C ALA G 92 16.12 -29.72 -46.12
N VAL G 93 16.02 -30.42 -44.99
CA VAL G 93 14.94 -30.24 -44.03
C VAL G 93 15.38 -29.22 -43.00
N TYR G 94 14.49 -28.28 -42.68
CA TYR G 94 14.80 -27.15 -41.80
C TYR G 94 14.01 -27.28 -40.51
N PHE G 95 14.71 -27.21 -39.38
CA PHE G 95 14.14 -27.51 -38.06
C PHE G 95 14.28 -26.29 -37.15
N CYS G 96 13.18 -25.60 -36.88
CA CYS G 96 13.17 -24.59 -35.83
C CYS G 96 13.26 -25.30 -34.48
N THR G 97 14.01 -24.69 -33.55
CA THR G 97 14.52 -25.44 -32.40
C THR G 97 14.76 -24.50 -31.24
N ARG G 98 14.57 -25.02 -30.02
CA ARG G 98 14.80 -24.30 -28.77
C ARG G 98 15.79 -25.05 -27.87
N GLY G 99 16.07 -24.44 -26.71
CA GLY G 99 16.57 -25.16 -25.56
C GLY G 99 15.48 -25.25 -24.49
N LYS G 100 15.59 -26.26 -23.62
CA LYS G 100 14.53 -26.48 -22.64
C LYS G 100 14.59 -25.46 -21.51
N ASN G 101 15.75 -25.29 -20.90
CA ASN G 101 15.98 -24.13 -20.04
C ASN G 101 16.20 -22.87 -20.86
N CYS G 102 16.89 -23.00 -22.00
CA CYS G 102 17.25 -21.90 -22.90
C CYS G 102 17.86 -20.71 -22.17
N ASP G 103 18.61 -20.97 -21.11
CA ASP G 103 19.72 -20.11 -20.70
C ASP G 103 21.03 -20.56 -21.32
N TYR G 104 21.08 -21.78 -21.84
CA TYR G 104 22.20 -22.32 -22.60
C TYR G 104 21.77 -22.36 -24.06
N ASN G 105 22.59 -21.75 -24.93
CA ASN G 105 22.18 -21.57 -26.33
C ASN G 105 21.86 -22.89 -27.00
N TRP G 106 22.59 -23.94 -26.62
CA TRP G 106 22.57 -25.19 -27.35
C TRP G 106 21.27 -25.92 -27.03
N ASP G 107 20.94 -26.99 -27.82
CA ASP G 107 19.56 -27.48 -28.04
C ASP G 107 19.45 -29.02 -28.08
N PHE G 108 19.04 -29.71 -26.99
CA PHE G 108 18.58 -29.32 -25.61
C PHE G 108 17.11 -28.84 -25.61
N GLU G 109 16.36 -29.13 -26.68
CA GLU G 109 14.90 -29.27 -26.72
C GLU G 109 14.50 -29.73 -28.12
N HIS G 110 13.21 -29.84 -28.37
CA HIS G 110 12.64 -29.77 -29.72
C HIS G 110 13.38 -28.72 -30.54
N TRP G 111 13.77 -29.01 -31.80
CA TRP G 111 13.37 -30.11 -32.71
C TRP G 111 11.86 -30.35 -32.82
N GLY G 112 11.18 -29.36 -33.39
CA GLY G 112 9.84 -29.56 -33.90
C GLY G 112 9.84 -30.47 -35.12
N ARG G 113 8.65 -30.63 -35.71
CA ARG G 113 8.44 -31.69 -36.68
C ARG G 113 9.20 -31.50 -37.99
N GLY G 114 9.72 -30.32 -38.28
CA GLY G 114 10.49 -30.10 -39.49
C GLY G 114 9.61 -29.88 -40.71
N THR G 115 10.25 -29.43 -41.78
CA THR G 115 9.60 -29.28 -43.08
C THR G 115 10.63 -29.55 -44.16
N PRO G 116 10.31 -30.31 -45.22
CA PRO G 116 11.26 -30.48 -46.31
C PRO G 116 11.02 -29.46 -47.43
N VAL G 117 12.12 -28.98 -48.00
CA VAL G 117 12.07 -28.09 -49.16
C VAL G 117 13.17 -28.52 -50.13
N ILE G 118 12.81 -28.58 -51.40
CA ILE G 118 13.70 -29.06 -52.46
C ILE G 118 13.86 -27.97 -53.51
N VAL G 119 15.09 -27.78 -53.97
CA VAL G 119 15.40 -26.90 -55.10
C VAL G 119 15.71 -27.79 -56.29
N SER G 120 14.97 -27.60 -57.38
CA SER G 120 15.06 -28.47 -58.55
C SER G 120 15.11 -27.62 -59.81
N SER G 121 15.51 -28.26 -60.90
CA SER G 121 15.63 -27.57 -62.19
C SER G 121 15.36 -28.54 -63.34
N GLU H 1 37.75 -24.80 -36.02
CA GLU H 1 38.51 -25.96 -36.47
C GLU H 1 37.56 -27.16 -36.58
N ILE H 2 38.12 -28.34 -36.86
CA ILE H 2 37.29 -29.55 -36.94
C ILE H 2 36.99 -29.97 -35.51
N VAL H 3 35.88 -29.46 -34.98
CA VAL H 3 35.59 -29.62 -33.56
C VAL H 3 35.00 -30.99 -33.26
N LEU H 4 34.43 -31.67 -34.26
CA LEU H 4 33.81 -32.97 -34.06
C LEU H 4 34.26 -33.95 -35.13
N THR H 5 34.25 -35.23 -34.76
CA THR H 5 34.57 -36.31 -35.66
C THR H 5 34.08 -37.60 -35.02
N GLN H 6 33.24 -38.34 -35.74
CA GLN H 6 32.65 -39.58 -35.26
C GLN H 6 33.22 -40.77 -36.03
N SER H 7 33.16 -41.93 -35.40
CA SER H 7 33.60 -43.17 -36.01
C SER H 7 33.09 -44.33 -35.16
N PRO H 8 32.70 -45.46 -35.78
CA PRO H 8 32.64 -45.81 -37.20
C PRO H 8 31.40 -45.23 -37.89
N GLY H 9 31.55 -44.79 -39.13
CA GLY H 9 30.42 -44.23 -39.86
C GLY H 9 29.33 -45.24 -40.14
N THR H 10 29.72 -46.48 -40.45
CA THR H 10 28.80 -47.54 -40.82
C THR H 10 28.96 -48.69 -39.84
N LEU H 11 27.83 -49.28 -39.44
CA LEU H 11 27.83 -50.37 -38.46
C LEU H 11 26.66 -51.29 -38.75
N SER H 12 26.89 -52.59 -38.58
CA SER H 12 25.87 -53.62 -38.73
C SER H 12 25.74 -54.37 -37.40
N LEU H 13 24.52 -54.50 -36.91
CA LEU H 13 24.28 -55.03 -35.58
C LEU H 13 22.92 -55.73 -35.53
N SER H 14 22.92 -56.93 -34.94
CA SER H 14 21.69 -57.72 -34.78
C SER H 14 20.99 -57.32 -33.47
N PRO H 15 19.66 -57.44 -33.42
CA PRO H 15 18.95 -56.94 -32.23
C PRO H 15 19.33 -57.70 -30.97
N GLY H 16 19.32 -56.98 -29.85
CA GLY H 16 19.75 -57.51 -28.58
C GLY H 16 21.23 -57.38 -28.30
N GLU H 17 22.05 -57.10 -29.31
CA GLU H 17 23.48 -56.90 -29.13
C GLU H 17 23.75 -55.46 -28.69
N THR H 18 24.97 -55.23 -28.21
CA THR H 18 25.39 -53.93 -27.71
C THR H 18 26.12 -53.18 -28.83
N ALA H 19 25.77 -51.91 -29.01
CA ALA H 19 26.40 -51.07 -30.02
C ALA H 19 27.48 -50.19 -29.38
N ILE H 20 28.39 -49.69 -30.23
CA ILE H 20 29.47 -48.81 -29.79
C ILE H 20 29.70 -47.75 -30.84
N ILE H 21 29.70 -46.48 -30.42
CA ILE H 21 30.02 -45.35 -31.29
C ILE H 21 30.97 -44.43 -30.52
N SER H 22 31.93 -43.84 -31.25
CA SER H 22 32.93 -42.95 -30.67
C SER H 22 32.92 -41.60 -31.37
N CYS H 23 32.94 -40.53 -30.56
CA CYS H 23 33.07 -39.16 -31.04
C CYS H 23 34.28 -38.53 -30.36
N ARG H 24 35.16 -37.92 -31.15
CA ARG H 24 36.32 -37.20 -30.65
C ARG H 24 36.09 -35.71 -30.79
N THR H 25 36.24 -34.98 -29.69
CA THR H 25 36.12 -33.53 -29.66
C THR H 25 37.51 -32.93 -29.52
N SER H 26 37.85 -32.01 -30.40
CA SER H 26 39.20 -31.43 -30.43
C SER H 26 39.32 -30.16 -29.60
N GLN H 27 38.24 -29.69 -28.98
CA GLN H 27 38.30 -28.53 -28.10
C GLN H 27 37.43 -28.78 -26.88
N TYR H 28 37.78 -28.12 -25.78
CA TYR H 28 37.03 -28.26 -24.55
C TYR H 28 35.61 -27.73 -24.74
N GLY H 29 34.64 -28.48 -24.25
CA GLY H 29 33.25 -28.07 -24.38
C GLY H 29 32.32 -29.21 -24.06
N SER H 30 31.02 -28.88 -24.07
CA SER H 30 30.00 -29.88 -23.85
C SER H 30 29.97 -30.87 -25.00
N LEU H 31 29.33 -32.01 -24.76
CA LEU H 31 29.16 -33.05 -25.77
C LEU H 31 27.81 -33.70 -25.57
N ALA H 32 27.32 -34.36 -26.62
CA ALA H 32 25.98 -34.93 -26.59
C ALA H 32 25.82 -35.89 -27.75
N TRP H 33 24.67 -36.57 -27.77
CA TRP H 33 24.36 -37.53 -28.81
C TRP H 33 22.89 -37.40 -29.19
N TYR H 34 22.57 -37.73 -30.43
CA TYR H 34 21.22 -37.64 -30.98
C TYR H 34 20.84 -38.97 -31.60
N GLN H 35 19.53 -39.16 -31.79
CA GLN H 35 18.98 -40.33 -32.45
C GLN H 35 18.05 -39.86 -33.56
N GLN H 36 18.47 -40.06 -34.80
CA GLN H 36 17.61 -39.80 -35.94
C GLN H 36 16.80 -41.04 -36.25
N ARG H 37 15.55 -41.07 -35.82
CA ARG H 37 14.65 -42.11 -36.27
C ARG H 37 14.46 -41.94 -37.77
N PRO H 38 14.59 -43.01 -38.58
CA PRO H 38 14.55 -42.81 -40.04
C PRO H 38 13.24 -42.19 -40.51
N GLY H 39 13.36 -41.18 -41.37
CA GLY H 39 12.20 -40.49 -41.89
C GLY H 39 11.42 -39.71 -40.85
N GLN H 40 12.05 -39.31 -39.75
CA GLN H 40 11.38 -38.59 -38.67
C GLN H 40 12.32 -37.52 -38.13
N ALA H 41 11.78 -36.70 -37.23
CA ALA H 41 12.59 -35.67 -36.60
C ALA H 41 13.52 -36.30 -35.55
N PRO H 42 14.83 -36.05 -35.61
CA PRO H 42 15.70 -36.57 -34.54
C PRO H 42 15.35 -35.97 -33.18
N ARG H 43 15.97 -36.52 -32.14
CA ARG H 43 15.68 -36.13 -30.77
C ARG H 43 16.91 -36.31 -29.89
N LEU H 44 16.93 -35.59 -28.78
CA LEU H 44 18.04 -35.66 -27.83
C LEU H 44 18.06 -37.01 -27.12
N VAL H 45 19.27 -37.48 -26.81
CA VAL H 45 19.47 -38.76 -26.14
C VAL H 45 20.35 -38.59 -24.90
N ILE H 46 21.56 -38.08 -25.10
CA ILE H 46 22.52 -37.87 -24.02
C ILE H 46 23.05 -36.45 -24.18
N TYR H 47 23.30 -35.78 -23.05
CA TYR H 47 23.84 -34.43 -23.08
C TYR H 47 24.73 -34.23 -21.85
N SER H 48 25.59 -33.21 -21.95
CA SER H 48 26.54 -32.88 -20.89
C SER H 48 27.44 -34.06 -20.56
N GLY H 49 27.82 -34.82 -21.59
CA GLY H 49 28.66 -35.99 -21.39
C GLY H 49 27.86 -37.27 -21.20
N SER H 50 27.70 -37.68 -19.93
CA SER H 50 27.09 -38.96 -19.60
C SER H 50 25.62 -38.87 -19.21
N THR H 51 25.12 -37.69 -18.85
CA THR H 51 23.75 -37.58 -18.36
C THR H 51 22.75 -37.88 -19.48
N ARG H 52 21.76 -38.71 -19.15
CA ARG H 52 20.77 -39.12 -20.14
C ARG H 52 19.69 -38.05 -20.31
N ALA H 53 19.02 -38.09 -21.46
CA ALA H 53 17.91 -37.20 -21.72
C ALA H 53 16.64 -37.72 -21.03
N ALA H 54 15.57 -36.94 -21.14
CA ALA H 54 14.32 -37.29 -20.49
C ALA H 54 13.65 -38.46 -21.19
N GLY H 55 13.20 -39.44 -20.40
CA GLY H 55 12.45 -40.57 -20.91
C GLY H 55 13.28 -41.64 -21.57
N ILE H 56 14.60 -41.53 -21.57
CA ILE H 56 15.46 -42.49 -22.25
C ILE H 56 15.81 -43.62 -21.28
N PRO H 57 15.65 -44.90 -21.64
CA PRO H 57 16.04 -45.96 -20.70
C PRO H 57 17.55 -45.99 -20.47
N ASP H 58 17.94 -46.91 -19.58
CA ASP H 58 19.33 -47.02 -19.16
C ASP H 58 20.17 -47.80 -20.18
N ARG H 59 19.56 -48.24 -21.30
CA ARG H 59 20.34 -48.81 -22.39
C ARG H 59 21.40 -47.83 -22.89
N PHE H 60 21.10 -46.53 -22.82
CA PHE H 60 21.93 -45.48 -23.40
C PHE H 60 22.87 -44.94 -22.32
N SER H 61 24.17 -44.93 -22.62
CA SER H 61 25.14 -44.41 -21.66
C SER H 61 26.46 -44.17 -22.35
N GLY H 62 27.32 -43.41 -21.70
CA GLY H 62 28.64 -43.11 -22.23
C GLY H 62 29.43 -42.27 -21.25
N SER H 63 30.68 -41.98 -21.62
CA SER H 63 31.56 -41.23 -20.74
C SER H 63 32.79 -40.77 -21.52
N ARG H 64 33.49 -39.78 -20.96
CA ARG H 64 34.73 -39.29 -21.53
C ARG H 64 35.60 -38.67 -20.46
N TRP H 65 36.89 -38.58 -20.76
CA TRP H 65 37.80 -37.62 -20.14
C TRP H 65 38.58 -36.93 -21.25
N GLY H 66 38.43 -35.62 -21.36
CA GLY H 66 39.12 -34.86 -22.36
C GLY H 66 38.59 -35.10 -23.77
N PRO H 67 39.43 -35.60 -24.70
CA PRO H 67 39.05 -35.52 -26.12
C PRO H 67 38.12 -36.61 -26.62
N ASP H 68 38.17 -37.81 -26.04
CA ASP H 68 37.54 -38.98 -26.61
C ASP H 68 36.33 -39.39 -25.78
N TYR H 69 35.19 -39.55 -26.44
CA TYR H 69 33.95 -40.05 -25.85
C TYR H 69 33.55 -41.36 -26.51
N ASN H 70 33.11 -42.31 -25.70
CA ASN H 70 32.55 -43.57 -26.16
C ASN H 70 31.07 -43.62 -25.81
N LEU H 71 30.23 -43.87 -26.81
CA LEU H 71 28.82 -44.14 -26.61
C LEU H 71 28.58 -45.63 -26.76
N THR H 72 27.80 -46.19 -25.83
CA THR H 72 27.45 -47.61 -25.85
C THR H 72 25.95 -47.76 -25.64
N ILE H 73 25.34 -48.66 -26.41
CA ILE H 73 23.90 -48.86 -26.39
C ILE H 73 23.68 -50.35 -26.14
N SER H 74 23.50 -50.72 -24.87
CA SER H 74 23.33 -52.13 -24.53
C SER H 74 21.93 -52.61 -24.90
N ASN H 75 21.86 -53.76 -25.57
CA ASN H 75 20.60 -54.40 -25.94
C ASN H 75 19.78 -53.51 -26.88
N LEU H 76 20.37 -53.17 -28.02
CA LEU H 76 19.70 -52.31 -28.99
C LEU H 76 18.49 -53.00 -29.59
N GLU H 77 17.30 -52.45 -29.35
CA GLU H 77 16.08 -53.00 -29.92
C GLU H 77 15.96 -52.60 -31.39
N SER H 78 14.96 -53.19 -32.06
CA SER H 78 14.76 -52.92 -33.48
C SER H 78 14.38 -51.46 -33.73
N GLY H 79 13.53 -50.88 -32.87
CA GLY H 79 13.11 -49.50 -33.05
C GLY H 79 14.17 -48.48 -32.70
N ASP H 80 15.24 -48.87 -32.02
CA ASP H 80 16.25 -47.93 -31.57
C ASP H 80 17.31 -47.65 -32.62
N PHE H 81 17.32 -48.40 -33.73
CA PHE H 81 18.29 -48.20 -34.80
C PHE H 81 18.11 -46.82 -35.44
N GLY H 82 19.09 -46.40 -36.23
CA GLY H 82 19.00 -45.16 -36.97
C GLY H 82 20.38 -44.59 -37.24
N VAL H 83 20.47 -43.26 -37.17
CA VAL H 83 21.72 -42.53 -37.34
C VAL H 83 21.89 -41.61 -36.14
N TYR H 84 23.09 -41.59 -35.58
CA TYR H 84 23.40 -40.86 -34.35
C TYR H 84 24.43 -39.77 -34.63
N TYR H 85 24.17 -38.57 -34.12
CA TYR H 85 24.98 -37.38 -34.40
C TYR H 85 25.62 -36.87 -33.13
N CYS H 86 26.89 -36.44 -33.24
CA CYS H 86 27.61 -35.81 -32.15
C CYS H 86 27.58 -34.30 -32.38
N GLN H 87 27.39 -33.54 -31.30
CA GLN H 87 27.14 -32.10 -31.40
C GLN H 87 27.87 -31.37 -30.28
N GLN H 88 28.38 -30.17 -30.58
CA GLN H 88 29.10 -29.40 -29.56
C GLN H 88 29.01 -27.90 -29.86
N TYR H 89 28.04 -27.24 -29.22
CA TYR H 89 27.77 -25.80 -29.23
C TYR H 89 27.26 -25.22 -30.54
N GLU H 90 27.74 -25.73 -31.67
CA GLU H 90 27.20 -25.41 -32.98
C GLU H 90 27.38 -26.53 -34.00
N PHE H 91 28.41 -27.35 -33.82
CA PHE H 91 28.89 -28.29 -34.81
C PHE H 91 28.03 -29.55 -34.80
N PHE H 92 28.10 -30.29 -35.90
CA PHE H 92 27.56 -31.64 -35.95
C PHE H 92 28.64 -32.57 -36.47
N GLY H 93 28.70 -33.76 -35.90
CA GLY H 93 29.57 -34.79 -36.44
C GLY H 93 29.04 -35.29 -37.77
N GLN H 94 29.88 -36.06 -38.46
CA GLN H 94 29.48 -36.57 -39.77
C GLN H 94 28.41 -37.66 -39.66
N GLY H 95 28.09 -38.14 -38.46
CA GLY H 95 27.03 -39.11 -38.28
C GLY H 95 27.51 -40.53 -38.38
N THR H 96 26.80 -41.45 -37.72
CA THR H 96 27.14 -42.87 -37.73
C THR H 96 25.86 -43.66 -37.91
N LYS H 97 25.84 -44.53 -38.92
CA LYS H 97 24.65 -45.29 -39.31
C LYS H 97 24.74 -46.70 -38.75
N VAL H 98 23.67 -47.13 -38.06
CA VAL H 98 23.55 -48.47 -37.53
C VAL H 98 22.27 -49.08 -38.10
N GLN H 99 22.39 -50.26 -38.71
CA GLN H 99 21.29 -50.95 -39.36
C GLN H 99 21.09 -52.32 -38.73
N VAL H 100 19.87 -52.82 -38.82
CA VAL H 100 19.47 -54.06 -38.15
C VAL H 100 19.66 -55.21 -39.12
N ASP H 101 20.31 -56.27 -38.66
CA ASP H 101 20.48 -57.49 -39.45
C ASP H 101 19.31 -58.44 -39.19
N ALA I 1 41.87 8.68 40.83
CA ALA I 1 40.48 8.39 41.15
C ALA I 1 40.37 7.12 42.00
N GLU I 2 40.76 7.24 43.27
CA GLU I 2 40.70 6.12 44.21
C GLU I 2 39.40 6.09 45.01
N ASN I 3 38.50 7.06 44.83
CA ASN I 3 37.21 7.10 45.50
C ASN I 3 36.06 7.39 44.56
N LEU I 4 36.26 7.28 43.25
CA LEU I 4 35.36 7.84 42.26
C LEU I 4 35.16 6.84 41.13
N TRP I 5 33.92 6.38 40.93
CA TRP I 5 33.62 5.39 39.90
C TRP I 5 32.27 5.69 39.25
N VAL I 6 32.17 5.35 37.96
CA VAL I 6 30.95 5.63 37.21
C VAL I 6 29.86 4.64 37.59
N THR I 7 28.64 4.94 37.15
CA THR I 7 27.48 4.07 37.38
C THR I 7 26.49 4.29 36.26
N VAL I 8 26.01 3.20 35.68
CA VAL I 8 25.00 3.26 34.64
C VAL I 8 23.62 3.31 35.30
N TYR I 9 22.72 4.09 34.72
CA TYR I 9 21.35 4.20 35.18
C TYR I 9 20.42 4.05 33.98
N TYR I 10 19.27 3.41 34.20
CA TYR I 10 18.28 3.19 33.15
C TYR I 10 16.91 3.56 33.69
N GLY I 11 16.00 3.88 32.77
CA GLY I 11 14.70 4.40 33.17
C GLY I 11 14.78 5.79 33.75
N VAL I 12 15.81 6.55 33.41
CA VAL I 12 16.01 7.87 34.02
C VAL I 12 15.04 8.86 33.41
N PRO I 13 14.50 9.83 34.17
CA PRO I 13 13.59 10.81 33.55
C PRO I 13 14.29 11.95 32.84
N VAL I 14 14.68 11.75 31.58
CA VAL I 14 15.28 12.79 30.76
C VAL I 14 14.63 12.74 29.38
N TRP I 15 14.53 13.90 28.73
CA TRP I 15 13.93 13.97 27.42
C TRP I 15 14.57 15.09 26.61
N LYS I 16 14.41 14.99 25.28
CA LYS I 16 14.87 16.00 24.34
C LYS I 16 13.77 16.25 23.31
N GLU I 17 13.91 17.37 22.58
CA GLU I 17 12.84 17.88 21.73
C GLU I 17 12.93 17.42 20.28
N ALA I 18 12.75 16.14 20.02
CA ALA I 18 12.74 15.62 18.65
C ALA I 18 11.34 15.77 18.04
N LYS I 19 11.20 15.25 16.82
CA LYS I 19 9.95 15.28 16.07
C LYS I 19 9.63 13.88 15.57
N THR I 20 8.34 13.55 15.54
CA THR I 20 7.93 12.21 15.11
C THR I 20 6.47 12.22 14.71
N THR I 21 6.05 11.14 14.05
CA THR I 21 4.65 10.95 13.69
C THR I 21 3.84 10.60 14.94
N LEU I 22 2.56 10.99 14.93
CA LEU I 22 1.67 10.83 16.07
C LEU I 22 0.46 9.98 15.68
N PHE I 23 -0.08 9.28 16.67
CA PHE I 23 -1.27 8.45 16.48
C PHE I 23 -2.52 9.32 16.47
N CYS I 24 -3.50 8.91 15.66
CA CYS I 24 -4.81 9.56 15.64
C CYS I 24 -5.77 8.76 16.51
N ALA I 25 -6.29 9.39 17.56
CA ALA I 25 -7.25 8.78 18.47
C ALA I 25 -8.60 9.45 18.30
N SER I 26 -9.63 8.65 18.06
CA SER I 26 -10.96 9.17 17.74
C SER I 26 -11.76 9.44 19.01
N ASP I 27 -13.06 9.70 18.83
CA ASP I 27 -13.93 10.09 19.94
C ASP I 27 -14.30 8.94 20.86
N ALA I 28 -14.22 7.69 20.41
CA ALA I 28 -14.59 6.53 21.23
C ALA I 28 -16.05 6.63 21.69
N ARG I 29 -16.99 6.53 20.75
CA ARG I 29 -16.82 5.95 19.40
C ARG I 29 -17.96 6.37 18.49
N ALA I 30 -17.61 6.76 17.26
CA ALA I 30 -18.58 7.06 16.21
C ALA I 30 -18.19 6.45 14.87
N TYR I 31 -17.10 5.68 14.81
CA TYR I 31 -16.55 5.17 13.56
C TYR I 31 -17.18 3.83 13.21
N GLU I 32 -17.90 3.79 12.09
CA GLU I 32 -18.15 2.54 11.36
C GLU I 32 -17.06 2.44 10.29
N LYS I 33 -16.14 1.49 10.46
CA LYS I 33 -14.82 1.57 9.84
C LYS I 33 -14.86 1.63 8.32
N GLU I 34 -15.87 1.06 7.67
CA GLU I 34 -15.99 1.14 6.21
C GLU I 34 -17.40 1.46 5.73
N VAL I 35 -18.41 1.24 6.57
CA VAL I 35 -19.80 1.44 6.14
C VAL I 35 -20.05 2.89 5.77
N HIS I 36 -19.61 3.83 6.61
CA HIS I 36 -19.69 5.24 6.31
C HIS I 36 -18.52 5.93 7.00
N ASN I 37 -18.16 7.10 6.49
CA ASN I 37 -17.12 7.92 7.08
C ASN I 37 -17.74 9.12 7.77
N VAL I 38 -17.44 9.24 9.06
CA VAL I 38 -17.98 10.31 9.90
C VAL I 38 -16.88 11.33 10.15
N TRP I 39 -15.64 10.88 10.41
CA TRP I 39 -14.48 11.68 10.06
C TRP I 39 -13.44 10.92 9.25
N ALA I 40 -12.90 9.86 9.85
CA ALA I 40 -11.73 9.15 9.31
C ALA I 40 -11.87 7.65 9.57
N THR I 41 -13.04 7.10 9.28
CA THR I 41 -13.32 5.71 9.63
C THR I 41 -12.39 4.74 8.93
N HIS I 42 -12.08 5.00 7.66
CA HIS I 42 -11.17 4.13 6.93
C HIS I 42 -9.76 4.12 7.52
N ALA I 43 -9.34 5.22 8.15
CA ALA I 43 -7.92 5.46 8.41
C ALA I 43 -7.59 5.57 9.90
N CYS I 44 -8.31 6.42 10.63
CA CYS I 44 -7.93 6.73 12.00
C CYS I 44 -8.40 5.65 12.98
N VAL I 45 -7.85 5.70 14.18
CA VAL I 45 -8.00 4.64 15.18
C VAL I 45 -9.09 5.06 16.17
N PRO I 46 -10.10 4.20 16.46
CA PRO I 46 -10.95 4.44 17.63
C PRO I 46 -10.36 3.87 18.91
N THR I 47 -10.14 4.72 19.92
CA THR I 47 -9.59 4.27 21.19
C THR I 47 -9.83 5.33 22.25
N ASP I 48 -9.59 4.95 23.51
CA ASP I 48 -9.89 5.81 24.63
C ASP I 48 -8.95 7.02 24.63
N PRO I 49 -9.44 8.26 24.55
CA PRO I 49 -8.55 9.43 24.54
C PRO I 49 -8.26 10.05 25.90
N SER I 50 -8.53 9.36 27.01
CA SER I 50 -8.41 9.90 28.36
C SER I 50 -7.03 10.55 28.58
N PRO I 51 -6.93 11.88 28.69
CA PRO I 51 -5.60 12.51 28.80
C PRO I 51 -4.78 12.06 30.01
N GLN I 52 -5.39 11.91 31.18
CA GLN I 52 -4.69 11.50 32.40
C GLN I 52 -3.52 12.43 32.70
N GLU I 53 -3.85 13.70 32.95
CA GLU I 53 -2.82 14.72 33.13
C GLU I 53 -2.01 14.46 34.41
N LEU I 54 -0.72 14.82 34.35
CA LEU I 54 0.19 14.72 35.49
C LEU I 54 0.92 16.04 35.64
N PHE I 55 0.98 16.55 36.86
CA PHE I 55 1.69 17.79 37.15
C PHE I 55 3.11 17.50 37.64
N LEU I 56 4.04 18.39 37.28
CA LEU I 56 5.45 18.23 37.58
C LEU I 56 5.89 19.31 38.57
N GLU I 57 6.78 18.94 39.49
CA GLU I 57 7.09 19.80 40.62
C GLU I 57 7.74 21.10 40.19
N ASN I 58 8.94 21.04 39.60
CA ASN I 58 9.78 22.21 39.35
C ASN I 58 10.23 22.32 37.90
N VAL I 59 9.50 21.72 36.96
CA VAL I 59 9.94 21.74 35.57
C VAL I 59 9.68 23.11 34.97
N THR I 60 10.64 23.59 34.17
CA THR I 60 10.49 24.81 33.38
C THR I 60 10.95 24.50 31.96
N GLU I 61 10.10 24.83 30.99
CA GLU I 61 10.31 24.45 29.61
C GLU I 61 9.95 25.62 28.70
N ASN I 62 10.62 25.68 27.54
CA ASN I 62 10.40 26.73 26.56
C ASN I 62 9.47 26.24 25.47
N PHE I 63 8.36 26.94 25.27
CA PHE I 63 7.36 26.61 24.25
C PHE I 63 7.43 27.62 23.12
N ASN I 64 7.13 27.16 21.90
CA ASN I 64 7.01 28.01 20.73
C ASN I 64 5.83 27.53 19.91
N MET I 65 4.81 28.38 19.80
CA MET I 65 3.60 27.98 19.07
C MET I 65 3.81 28.04 17.56
N TRP I 66 4.58 29.01 17.07
CA TRP I 66 4.71 29.18 15.63
C TRP I 66 5.49 28.04 14.99
N LYS I 67 6.53 27.56 15.67
CA LYS I 67 7.35 26.46 15.15
C LYS I 67 6.79 25.09 15.48
N ASN I 68 5.61 25.01 16.08
CA ASN I 68 5.02 23.73 16.46
C ASN I 68 4.72 22.92 15.21
N ASP I 69 5.50 21.87 14.99
CA ASP I 69 5.34 21.04 13.78
C ASP I 69 4.06 20.24 13.76
N MET I 70 3.36 20.12 14.89
CA MET I 70 2.12 19.35 14.91
C MET I 70 1.06 19.96 13.99
N VAL I 71 1.12 21.27 13.77
CA VAL I 71 0.19 21.87 12.82
C VAL I 71 0.50 21.40 11.40
N ASP I 72 1.79 21.25 11.07
CA ASP I 72 2.15 20.67 9.77
C ASP I 72 1.69 19.23 9.67
N GLN I 73 1.82 18.47 10.77
CA GLN I 73 1.34 17.10 10.78
C GLN I 73 -0.16 17.06 10.52
N MET I 74 -0.91 17.96 11.17
CA MET I 74 -2.35 18.06 10.94
C MET I 74 -2.64 18.40 9.48
N HIS I 75 -1.87 19.32 8.91
CA HIS I 75 -2.09 19.73 7.53
C HIS I 75 -1.93 18.55 6.58
N GLU I 76 -0.84 17.81 6.73
CA GLU I 76 -0.61 16.65 5.86
C GLU I 76 -1.68 15.58 6.07
N ASP I 77 -2.05 15.31 7.33
CA ASP I 77 -3.05 14.29 7.60
C ASP I 77 -4.41 14.67 6.99
N ILE I 78 -4.78 15.94 7.13
CA ILE I 78 -6.06 16.40 6.59
C ILE I 78 -6.09 16.27 5.07
N ILE I 79 -5.02 16.72 4.42
CA ILE I 79 -4.98 16.66 2.96
C ILE I 79 -5.02 15.20 2.49
N SER I 80 -4.26 14.33 3.16
CA SER I 80 -4.28 12.91 2.79
C SER I 80 -5.67 12.31 2.99
N LEU I 81 -6.34 12.67 4.08
CA LEU I 81 -7.67 12.13 4.34
C LEU I 81 -8.64 12.53 3.25
N TRP I 82 -8.72 13.83 2.95
CA TRP I 82 -9.67 14.28 1.94
C TRP I 82 -9.33 13.70 0.57
N ASP I 83 -8.05 13.66 0.21
CA ASP I 83 -7.66 13.14 -1.10
C ASP I 83 -8.00 11.67 -1.24
N GLN I 84 -7.64 10.85 -0.25
CA GLN I 84 -7.90 9.42 -0.38
C GLN I 84 -9.38 9.10 -0.26
N SER I 85 -10.15 9.91 0.47
CA SER I 85 -11.58 9.68 0.56
C SER I 85 -12.31 10.07 -0.72
N LEU I 86 -11.86 11.14 -1.39
CA LEU I 86 -12.55 11.58 -2.60
C LEU I 86 -12.11 10.82 -3.85
N LYS I 87 -11.06 10.01 -3.76
CA LYS I 87 -10.56 9.31 -4.94
C LYS I 87 -11.55 8.33 -5.56
N PRO I 88 -12.21 7.43 -4.83
CA PRO I 88 -13.08 6.45 -5.49
C PRO I 88 -14.36 7.04 -6.07
N CYS I 89 -14.71 8.27 -5.71
CA CYS I 89 -16.03 8.80 -6.02
C CYS I 89 -16.16 9.16 -7.50
N VAL I 90 -17.31 9.74 -7.84
CA VAL I 90 -17.70 9.94 -9.24
C VAL I 90 -16.80 11.01 -9.86
N LYS I 91 -16.60 10.90 -11.18
CA LYS I 91 -16.00 11.97 -11.96
C LYS I 91 -17.07 12.78 -12.67
N LEU I 92 -16.87 14.09 -12.76
CA LEU I 92 -17.82 15.00 -13.39
C LEU I 92 -17.51 15.27 -14.85
N THR I 93 -16.50 14.62 -15.43
CA THR I 93 -16.10 14.88 -16.81
C THR I 93 -17.24 14.74 -17.82
N PRO I 94 -18.10 13.72 -17.76
CA PRO I 94 -19.18 13.64 -18.77
C PRO I 94 -20.17 14.79 -18.71
N LEU I 95 -20.22 15.54 -17.61
CA LEU I 95 -21.21 16.59 -17.44
C LEU I 95 -20.79 17.92 -18.03
N CYS I 96 -19.66 17.99 -18.72
CA CYS I 96 -19.15 19.27 -19.22
C CYS I 96 -19.75 19.64 -20.58
N VAL I 97 -20.93 19.13 -20.89
CA VAL I 97 -21.60 19.47 -22.14
C VAL I 97 -21.99 20.95 -22.11
N THR I 98 -22.15 21.53 -23.30
CA THR I 98 -22.63 22.90 -23.43
C THR I 98 -24.00 23.04 -22.77
N LEU I 99 -24.13 24.07 -21.94
CA LEU I 99 -25.34 24.31 -21.17
C LEU I 99 -26.04 25.56 -21.69
N ILE I 100 -27.33 25.43 -21.99
CA ILE I 100 -28.19 26.55 -22.34
C ILE I 100 -29.02 26.89 -21.11
N CYS I 101 -28.95 28.15 -20.67
CA CYS I 101 -29.50 28.55 -19.38
C CYS I 101 -30.40 29.76 -19.54
N SER I 102 -31.28 29.94 -18.57
CA SER I 102 -32.24 31.04 -18.55
C SER I 102 -32.66 31.31 -17.12
N ASN I 103 -33.30 32.46 -16.92
CA ASN I 103 -33.74 32.85 -15.59
C ASN I 103 -34.78 31.87 -15.05
N ALA I 104 -34.81 31.71 -13.74
CA ALA I 104 -35.70 30.74 -13.11
C ALA I 104 -37.14 31.25 -13.07
N THR I 105 -38.05 30.34 -12.75
CA THR I 105 -39.47 30.63 -12.63
C THR I 105 -39.99 30.06 -11.32
N VAL I 106 -40.93 30.78 -10.70
CA VAL I 106 -41.46 30.43 -9.38
C VAL I 106 -42.96 30.18 -9.53
N ASN I 107 -43.41 29.03 -9.03
CA ASN I 107 -44.82 28.64 -9.17
C ASN I 107 -45.65 29.12 -7.98
N ASN I 108 -45.70 30.44 -7.78
CA ASN I 108 -46.54 31.07 -6.75
C ASN I 108 -46.16 30.60 -5.34
N ARG I 109 -44.93 30.90 -4.94
CA ARG I 109 -44.49 30.75 -3.57
C ARG I 109 -44.72 32.06 -2.81
N THR I 110 -44.22 32.13 -1.58
CA THR I 110 -44.39 33.28 -0.70
C THR I 110 -43.03 33.68 -0.15
N ALA I 111 -42.90 34.96 0.20
CA ALA I 111 -41.65 35.53 0.67
C ALA I 111 -41.71 35.79 2.17
N TYR I 112 -40.63 35.43 2.89
CA TYR I 112 -40.57 35.70 4.32
C TYR I 112 -40.56 37.19 4.59
N ASP I 113 -39.65 37.92 3.93
CA ASP I 113 -39.30 39.27 4.34
C ASP I 113 -40.40 40.29 4.12
N THR I 114 -41.47 39.95 3.40
CA THR I 114 -42.57 40.87 3.18
C THR I 114 -43.88 40.10 3.17
N ARG I 115 -44.95 40.79 3.55
CA ARG I 115 -46.28 40.18 3.66
C ARG I 115 -47.01 40.18 2.32
N SER I 116 -46.40 39.56 1.30
CA SER I 116 -47.02 39.47 0.00
C SER I 116 -46.45 38.28 -0.75
N ASN I 117 -47.21 37.82 -1.75
CA ASN I 117 -46.78 36.67 -2.54
C ASN I 117 -45.64 37.07 -3.49
N VAL I 118 -44.86 36.07 -3.91
CA VAL I 118 -43.77 36.31 -4.83
C VAL I 118 -44.33 36.78 -6.17
N ASN I 119 -43.71 37.83 -6.72
CA ASN I 119 -44.16 38.46 -7.96
C ASN I 119 -43.10 38.38 -9.04
N VAL I 120 -41.84 38.63 -8.68
CA VAL I 120 -40.76 38.64 -9.65
C VAL I 120 -39.44 38.31 -8.95
N THR I 121 -38.57 37.57 -9.63
CA THR I 121 -37.32 37.13 -9.00
C THR I 121 -36.37 38.30 -8.77
N SER I 122 -36.40 39.30 -9.66
CA SER I 122 -35.47 40.43 -9.54
C SER I 122 -35.68 41.23 -8.26
N ILE I 123 -36.91 41.34 -7.78
CA ILE I 123 -37.20 41.98 -6.51
C ILE I 123 -37.18 40.97 -5.36
N ASN I 124 -37.73 39.78 -5.59
CA ASN I 124 -37.59 38.68 -4.64
C ASN I 124 -36.21 38.05 -4.82
N ASN I 125 -35.18 38.79 -4.41
CA ASN I 125 -33.81 38.52 -4.82
C ASN I 125 -33.00 37.85 -3.71
N THR I 126 -33.19 36.53 -3.62
CA THR I 126 -32.34 35.67 -2.82
C THR I 126 -32.68 34.23 -3.18
N ILE I 127 -31.63 33.39 -3.25
CA ILE I 127 -31.72 32.05 -3.80
C ILE I 127 -32.26 32.14 -5.23
N MET I 128 -33.57 32.34 -5.38
CA MET I 128 -34.10 32.73 -6.68
C MET I 128 -33.54 34.09 -7.06
N GLY I 129 -33.14 34.23 -8.32
CA GLY I 129 -32.50 35.41 -8.83
C GLY I 129 -30.99 35.28 -8.98
N GLU I 130 -30.33 34.67 -7.99
CA GLU I 130 -28.92 34.31 -8.10
C GLU I 130 -28.72 32.88 -8.60
N MET I 131 -29.79 32.19 -9.01
CA MET I 131 -29.73 30.80 -9.42
C MET I 131 -30.26 30.69 -10.84
N LYS I 132 -29.48 30.05 -11.71
CA LYS I 132 -29.82 29.91 -13.11
C LYS I 132 -30.36 28.51 -13.39
N ASN I 133 -31.33 28.45 -14.29
CA ASN I 133 -31.96 27.20 -14.72
C ASN I 133 -31.34 26.78 -16.04
N CYS I 134 -30.67 25.63 -16.04
CA CYS I 134 -29.88 25.17 -17.18
C CYS I 134 -30.36 23.80 -17.64
N SER I 135 -30.48 23.63 -18.95
CA SER I 135 -30.83 22.37 -19.59
C SER I 135 -29.73 22.01 -20.59
N PHE I 136 -29.49 20.71 -20.74
CA PHE I 136 -28.35 20.25 -21.51
C PHE I 136 -28.58 18.82 -21.98
N ASN I 137 -28.03 18.49 -23.14
CA ASN I 137 -28.04 17.12 -23.61
C ASN I 137 -27.04 16.30 -22.82
N THR I 138 -27.47 15.12 -22.38
CA THR I 138 -26.64 14.21 -21.60
C THR I 138 -26.73 12.81 -22.18
N THR I 139 -25.62 12.07 -22.10
CA THR I 139 -25.60 10.71 -22.62
C THR I 139 -26.32 9.77 -21.65
N THR I 140 -27.15 8.90 -22.19
CA THR I 140 -27.79 7.86 -21.39
C THR I 140 -26.78 6.73 -21.16
N GLU I 141 -27.26 5.63 -20.57
CA GLU I 141 -26.37 4.53 -20.23
C GLU I 141 -25.89 3.76 -21.47
N ILE I 142 -26.67 3.77 -22.56
CA ILE I 142 -26.39 2.90 -23.70
C ILE I 142 -25.49 3.58 -24.74
N ARG I 143 -25.11 4.84 -24.51
CA ARG I 143 -24.13 5.56 -25.33
C ARG I 143 -24.60 5.90 -26.74
N ASP I 144 -25.82 5.53 -27.11
CA ASP I 144 -26.37 5.84 -28.44
C ASP I 144 -27.64 6.67 -28.38
N LYS I 145 -28.15 6.98 -27.18
CA LYS I 145 -29.32 7.82 -27.01
C LYS I 145 -28.99 8.95 -26.04
N GLU I 146 -29.57 10.11 -26.30
CA GLU I 146 -29.34 11.30 -25.49
C GLU I 146 -30.69 11.97 -25.23
N LYS I 147 -30.77 12.68 -24.11
CA LYS I 147 -32.02 13.25 -23.64
C LYS I 147 -31.77 14.63 -23.04
N LYS I 148 -32.82 15.45 -23.05
CA LYS I 148 -32.74 16.79 -22.49
C LYS I 148 -33.04 16.74 -20.98
N GLU I 149 -31.99 16.71 -20.17
CA GLU I 149 -32.12 16.84 -18.74
C GLU I 149 -32.12 18.32 -18.37
N TYR I 150 -32.45 18.62 -17.11
CA TYR I 150 -32.40 19.98 -16.61
C TYR I 150 -32.01 19.96 -15.14
N ALA I 151 -31.39 21.06 -14.71
CA ALA I 151 -31.01 21.25 -13.32
C ALA I 151 -30.80 22.74 -13.08
N LEU I 152 -30.78 23.12 -11.82
CA LEU I 152 -30.56 24.51 -11.41
C LEU I 152 -29.18 24.64 -10.77
N PHE I 153 -28.41 25.61 -11.26
CA PHE I 153 -27.05 25.86 -10.80
C PHE I 153 -26.95 27.25 -10.21
N TYR I 154 -26.11 27.39 -9.18
CA TYR I 154 -25.75 28.70 -8.69
C TYR I 154 -24.88 29.42 -9.71
N LYS I 155 -25.07 30.74 -9.82
CA LYS I 155 -24.39 31.54 -10.82
C LYS I 155 -22.87 31.44 -10.74
N PRO I 156 -22.25 31.39 -9.55
CA PRO I 156 -20.79 31.18 -9.51
C PRO I 156 -20.32 29.86 -10.10
N ASP I 157 -21.20 28.86 -10.26
CA ASP I 157 -20.79 27.56 -10.78
C ASP I 157 -20.74 27.49 -12.30
N ILE I 158 -21.13 28.55 -13.01
CA ILE I 158 -21.13 28.57 -14.47
C ILE I 158 -20.50 29.86 -14.96
N VAL I 159 -20.00 29.82 -16.19
CA VAL I 159 -19.13 30.87 -16.73
C VAL I 159 -19.53 31.21 -18.16
N PRO I 160 -20.28 32.30 -18.42
CA PRO I 160 -20.47 32.75 -19.80
C PRO I 160 -19.31 33.64 -20.25
N LEU I 161 -19.45 34.24 -21.44
CA LEU I 161 -18.59 35.30 -21.95
C LEU I 161 -17.24 34.79 -22.48
N ASN I 162 -16.93 33.51 -22.25
CA ASN I 162 -16.01 32.80 -23.13
C ASN I 162 -16.78 31.98 -24.16
N GLU I 163 -18.10 31.88 -24.01
CA GLU I 163 -18.98 31.36 -25.05
C GLU I 163 -19.58 32.50 -25.86
N THR I 164 -18.81 33.59 -26.00
CA THR I 164 -19.25 34.80 -26.71
C THR I 164 -20.37 35.50 -25.94
N SER I 165 -20.44 36.82 -26.07
CA SER I 165 -21.28 37.64 -25.19
C SER I 165 -22.72 37.79 -25.69
N ASN I 166 -23.18 36.89 -26.56
CA ASN I 166 -24.54 36.95 -27.06
C ASN I 166 -25.22 35.60 -27.23
N THR I 167 -24.66 34.51 -26.68
CA THR I 167 -25.15 33.17 -26.97
C THR I 167 -26.04 32.59 -25.90
N SER I 168 -25.91 33.05 -24.65
CA SER I 168 -26.59 32.43 -23.51
C SER I 168 -26.21 30.96 -23.37
N GLU I 169 -24.94 30.65 -23.60
CA GLU I 169 -24.41 29.30 -23.47
C GLU I 169 -23.32 29.29 -22.40
N TYR I 170 -23.34 28.28 -21.55
CA TYR I 170 -22.55 28.25 -20.32
C TYR I 170 -21.81 26.93 -20.21
N ARG I 171 -20.64 26.98 -19.56
CA ARG I 171 -19.88 25.80 -19.18
C ARG I 171 -19.92 25.65 -17.66
N LEU I 172 -19.32 24.56 -17.18
CA LEU I 172 -18.94 24.49 -15.78
C LEU I 172 -17.57 25.13 -15.60
N ILE I 173 -17.40 25.85 -14.49
CA ILE I 173 -16.19 26.65 -14.30
C ILE I 173 -14.95 25.78 -14.19
N ASN I 174 -15.10 24.54 -13.71
CA ASN I 174 -13.94 23.69 -13.48
C ASN I 174 -13.24 23.30 -14.78
N CYS I 175 -14.01 23.07 -15.84
CA CYS I 175 -13.46 22.50 -17.08
C CYS I 175 -12.36 23.36 -17.69
N ASN I 176 -12.31 24.66 -17.38
CA ASN I 176 -11.23 25.49 -17.89
C ASN I 176 -9.87 25.03 -17.41
N THR I 177 -9.79 24.38 -16.24
CA THR I 177 -8.51 23.99 -15.64
C THR I 177 -8.44 22.53 -15.25
N SER I 178 -9.53 21.96 -14.74
CA SER I 178 -9.46 20.63 -14.13
C SER I 178 -10.85 19.99 -14.14
N ALA I 179 -10.88 18.72 -13.72
CA ALA I 179 -12.11 17.93 -13.66
C ALA I 179 -12.45 17.67 -12.20
N CYS I 180 -13.71 17.95 -11.84
CA CYS I 180 -14.16 17.78 -10.47
C CYS I 180 -14.47 16.32 -10.18
N THR I 181 -14.64 16.02 -8.90
CA THR I 181 -15.15 14.74 -8.43
C THR I 181 -16.23 14.98 -7.39
N GLN I 182 -17.36 14.27 -7.54
CA GLN I 182 -18.46 14.44 -6.61
C GLN I 182 -18.13 13.81 -5.27
N ALA I 183 -18.61 14.43 -4.19
CA ALA I 183 -18.47 13.84 -2.87
C ALA I 183 -19.41 12.65 -2.73
N CYS I 184 -18.87 11.51 -2.29
CA CYS I 184 -19.70 10.32 -2.14
C CYS I 184 -20.75 10.57 -1.06
N PRO I 185 -22.01 10.15 -1.27
CA PRO I 185 -23.03 10.47 -0.25
C PRO I 185 -22.82 9.74 1.07
N LYS I 186 -22.48 8.45 1.01
CA LYS I 186 -22.22 7.70 2.23
C LYS I 186 -20.96 8.15 2.96
N VAL I 187 -20.06 8.86 2.29
CA VAL I 187 -18.79 9.28 2.90
C VAL I 187 -18.96 10.54 3.76
N THR I 188 -20.09 11.25 3.65
CA THR I 188 -20.27 12.57 4.25
C THR I 188 -19.85 12.62 5.71
N PHE I 189 -18.96 13.56 6.02
CA PHE I 189 -18.24 13.58 7.28
C PHE I 189 -18.08 15.00 7.79
N GLU I 190 -17.95 15.12 9.11
CA GLU I 190 -18.14 16.37 9.82
C GLU I 190 -17.04 16.55 10.83
N PRO I 191 -16.96 17.72 11.51
CA PRO I 191 -15.91 17.91 12.53
C PRO I 191 -16.09 17.06 13.78
N ILE I 192 -15.77 15.77 13.68
CA ILE I 192 -15.71 14.93 14.88
C ILE I 192 -14.49 15.34 15.70
N PRO I 193 -14.55 15.40 17.03
CA PRO I 193 -13.32 15.69 17.79
C PRO I 193 -12.27 14.61 17.60
N ILE I 194 -11.01 15.03 17.57
CA ILE I 194 -9.87 14.15 17.37
C ILE I 194 -8.83 14.44 18.44
N HIS I 195 -8.14 13.38 18.88
CA HIS I 195 -7.08 13.47 19.88
C HIS I 195 -5.81 12.88 19.30
N TYR I 196 -4.68 13.51 19.61
CA TYR I 196 -3.37 13.02 19.21
C TYR I 196 -2.67 12.38 20.40
N CYS I 197 -2.26 11.13 20.23
CA CYS I 197 -1.54 10.37 21.24
C CYS I 197 -0.13 10.11 20.76
N ALA I 198 0.85 10.34 21.64
CA ALA I 198 2.23 10.15 21.25
C ALA I 198 2.52 8.66 21.04
N PRO I 199 3.45 8.31 20.16
CA PRO I 199 3.87 6.90 20.06
C PRO I 199 4.71 6.52 21.27
N ALA I 200 5.05 5.23 21.34
CA ALA I 200 5.86 4.74 22.45
C ALA I 200 7.22 5.42 22.47
N GLY I 201 7.63 5.84 23.67
CA GLY I 201 8.91 6.50 23.85
C GLY I 201 8.88 8.01 23.76
N TYR I 202 7.73 8.61 23.46
CA TYR I 202 7.58 10.06 23.37
C TYR I 202 6.51 10.53 24.34
N ALA I 203 6.71 11.72 24.89
CA ALA I 203 5.79 12.33 25.85
C ALA I 203 5.36 13.69 25.33
N ILE I 204 4.07 13.99 25.47
CA ILE I 204 3.49 15.26 25.06
C ILE I 204 3.37 16.14 26.29
N LEU I 205 4.13 17.22 26.33
CA LEU I 205 4.06 18.19 27.41
C LEU I 205 3.02 19.25 27.09
N LYS I 206 2.42 19.81 28.14
CA LYS I 206 1.38 20.83 28.02
C LYS I 206 1.64 21.94 29.04
N CYS I 207 1.40 23.17 28.62
CA CYS I 207 1.60 24.34 29.47
C CYS I 207 0.24 24.84 29.97
N ASN I 208 0.10 24.95 31.29
CA ASN I 208 -1.16 25.37 31.90
C ASN I 208 -1.23 26.86 32.17
N ASN I 209 -0.09 27.54 32.32
CA ASN I 209 -0.08 28.99 32.55
C ASN I 209 -0.47 29.65 31.23
N GLU I 210 -1.79 29.73 31.01
CA GLU I 210 -2.32 30.03 29.68
C GLU I 210 -1.89 31.40 29.16
N THR I 211 -1.60 32.35 30.05
CA THR I 211 -1.43 33.73 29.64
C THR I 211 -0.06 34.04 29.06
N PHE I 212 0.79 33.04 28.78
CA PHE I 212 2.09 33.37 28.21
C PHE I 212 1.93 33.79 26.75
N ASN I 213 2.82 34.68 26.31
CA ASN I 213 2.68 35.40 25.05
C ASN I 213 2.82 34.51 23.82
N GLY I 214 3.19 33.25 23.98
CA GLY I 214 3.32 32.31 22.88
C GLY I 214 4.73 31.86 22.58
N THR I 215 5.74 32.56 23.06
CA THR I 215 7.14 32.17 22.85
C THR I 215 7.91 32.59 24.11
N GLY I 216 8.13 31.63 25.01
CA GLY I 216 8.84 31.88 26.24
C GLY I 216 8.70 30.74 27.21
N PRO I 217 9.28 30.89 28.40
CA PRO I 217 9.22 29.82 29.39
C PRO I 217 7.81 29.65 29.96
N CYS I 218 7.52 28.43 30.40
CA CYS I 218 6.28 28.10 31.09
C CYS I 218 6.61 27.22 32.28
N SER I 219 6.08 27.61 33.45
CA SER I 219 6.40 26.94 34.71
C SER I 219 5.33 25.98 35.20
N ASN I 220 4.07 26.20 34.83
CA ASN I 220 2.98 25.33 35.26
C ASN I 220 2.83 24.17 34.28
N VAL I 221 3.91 23.43 34.06
CA VAL I 221 3.96 22.41 33.02
C VAL I 221 3.26 21.15 33.50
N SER I 222 2.76 20.37 32.55
CA SER I 222 2.11 19.10 32.84
C SER I 222 2.32 18.15 31.67
N THR I 223 2.20 16.86 31.95
CA THR I 223 2.42 15.79 30.98
C THR I 223 1.09 15.11 30.67
N VAL I 224 0.91 14.76 29.40
CA VAL I 224 -0.34 14.18 28.91
C VAL I 224 -0.01 13.11 27.88
N GLN I 225 -0.79 12.02 27.90
CA GLN I 225 -0.61 10.95 26.93
C GLN I 225 -1.37 11.21 25.63
N CYS I 226 -2.55 11.84 25.71
CA CYS I 226 -3.37 12.14 24.55
C CYS I 226 -3.98 13.52 24.70
N THR I 227 -3.84 14.33 23.65
CA THR I 227 -4.29 15.72 23.70
C THR I 227 -5.81 15.80 23.81
N HIS I 228 -6.29 16.91 24.33
CA HIS I 228 -7.72 17.14 24.43
C HIS I 228 -8.32 17.23 23.02
N GLY I 229 -9.66 17.16 22.98
CA GLY I 229 -10.35 17.09 21.71
C GLY I 229 -10.19 18.31 20.84
N ILE I 230 -9.45 18.17 19.74
CA ILE I 230 -9.39 19.20 18.71
C ILE I 230 -10.38 18.87 17.61
N ARG I 231 -11.10 19.88 17.15
CA ARG I 231 -12.11 19.71 16.12
C ARG I 231 -11.53 20.14 14.76
N PRO I 232 -11.57 19.31 13.71
CA PRO I 232 -10.95 19.72 12.46
C PRO I 232 -11.85 20.64 11.63
N VAL I 233 -12.27 21.75 12.23
CA VAL I 233 -13.11 22.71 11.53
C VAL I 233 -12.23 23.70 10.78
N VAL I 234 -12.72 24.18 9.64
CA VAL I 234 -12.01 25.13 8.79
C VAL I 234 -12.93 26.29 8.48
N SER I 235 -12.48 27.50 8.77
CA SER I 235 -13.26 28.70 8.50
C SER I 235 -12.30 29.88 8.41
N THR I 236 -12.73 30.90 7.67
CA THR I 236 -11.93 32.09 7.39
C THR I 236 -12.57 33.32 8.01
N GLN I 237 -11.70 34.20 8.52
CA GLN I 237 -12.06 35.47 9.17
C GLN I 237 -12.64 35.30 10.58
N LEU I 238 -12.93 34.06 11.00
CA LEU I 238 -13.55 33.82 12.29
C LEU I 238 -13.36 32.35 12.66
N LEU I 239 -12.78 32.11 13.84
CA LEU I 239 -12.71 30.78 14.41
C LEU I 239 -14.03 30.48 15.11
N LEU I 240 -14.54 29.27 14.93
CA LEU I 240 -15.81 28.87 15.51
C LEU I 240 -15.73 27.43 15.99
N ASN I 241 -16.56 27.13 16.99
CA ASN I 241 -16.49 25.84 17.71
C ASN I 241 -15.10 25.60 18.28
N GLY I 242 -14.49 26.66 18.83
CA GLY I 242 -13.19 26.56 19.46
C GLY I 242 -13.29 26.53 20.98
N SER I 243 -12.12 26.56 21.61
CA SER I 243 -12.02 26.62 23.06
C SER I 243 -12.16 28.08 23.51
N LEU I 244 -11.89 28.35 24.78
CA LEU I 244 -11.94 29.70 25.33
C LEU I 244 -10.85 29.86 26.38
N ALA I 245 -10.26 31.04 26.43
CA ALA I 245 -9.21 31.33 27.40
C ALA I 245 -9.81 31.65 28.77
N GLU I 246 -9.15 31.17 29.82
CA GLU I 246 -9.61 31.40 31.18
C GLU I 246 -9.46 32.86 31.61
N LYS I 247 -8.44 33.55 31.11
CA LYS I 247 -8.30 34.99 31.33
C LYS I 247 -9.21 35.67 30.32
N GLU I 248 -9.26 37.00 30.32
CA GLU I 248 -9.99 37.75 29.30
C GLU I 248 -9.28 37.62 27.95
N ILE I 249 -9.73 38.39 26.96
CA ILE I 249 -9.34 38.15 25.56
C ILE I 249 -7.82 38.22 25.40
N VAL I 250 -7.30 37.39 24.49
CA VAL I 250 -5.87 37.17 24.31
C VAL I 250 -5.53 37.42 22.84
N ILE I 251 -4.34 37.99 22.61
CA ILE I 251 -3.88 38.37 21.27
C ILE I 251 -2.46 37.87 21.09
N ARG I 252 -2.15 37.38 19.89
CA ARG I 252 -0.93 36.60 19.67
C ARG I 252 -0.28 36.94 18.34
N SER I 253 1.00 37.28 18.39
CA SER I 253 1.82 37.48 17.20
C SER I 253 3.28 37.44 17.65
N GLU I 254 4.14 36.90 16.79
CA GLU I 254 5.56 36.87 17.12
C GLU I 254 6.18 38.26 17.09
N ASN I 255 5.60 39.19 16.33
CA ASN I 255 5.97 40.59 16.38
C ASN I 255 4.82 41.45 15.89
N LEU I 256 4.14 42.14 16.81
CA LEU I 256 3.03 43.00 16.41
C LEU I 256 3.50 44.12 15.50
N THR I 257 4.73 44.62 15.71
CA THR I 257 5.27 45.63 14.82
C THR I 257 5.44 45.12 13.40
N ASN I 258 5.64 43.82 13.22
CA ASN I 258 5.68 43.21 11.89
C ASN I 258 4.24 43.12 11.39
N ASN I 259 3.85 44.09 10.57
CA ASN I 259 2.44 44.25 10.21
C ASN I 259 1.91 43.07 9.40
N ALA I 260 2.70 42.54 8.46
CA ALA I 260 2.20 41.48 7.60
C ALA I 260 1.92 40.18 8.34
N LYS I 261 2.48 40.00 9.53
CA LYS I 261 2.26 38.77 10.27
C LYS I 261 0.88 38.77 10.89
N ILE I 262 0.18 37.64 10.77
CA ILE I 262 -1.21 37.56 11.21
C ILE I 262 -1.30 37.75 12.72
N ILE I 263 -2.42 38.29 13.16
CA ILE I 263 -2.72 38.49 14.58
C ILE I 263 -3.95 37.66 14.91
N ILE I 264 -3.75 36.64 15.74
CA ILE I 264 -4.83 35.75 16.17
C ILE I 264 -5.34 36.26 17.51
N VAL I 265 -6.65 36.51 17.59
CA VAL I 265 -7.31 36.96 18.80
C VAL I 265 -8.16 35.81 19.33
N HIS I 266 -7.99 35.48 20.60
CA HIS I 266 -8.67 34.36 21.24
C HIS I 266 -9.58 34.89 22.33
N LEU I 267 -10.87 34.55 22.26
CA LEU I 267 -11.86 35.11 23.16
C LEU I 267 -11.97 34.27 24.44
N ASN I 268 -12.63 34.86 25.45
CA ASN I 268 -12.95 34.17 26.69
C ASN I 268 -14.43 33.83 26.81
N THR I 269 -15.31 34.53 26.10
CA THR I 269 -16.74 34.25 26.08
C THR I 269 -17.20 34.13 24.63
N SER I 270 -17.93 33.06 24.35
CA SER I 270 -18.38 32.80 22.99
C SER I 270 -19.55 33.72 22.61
N VAL I 271 -19.64 34.02 21.33
CA VAL I 271 -20.74 34.78 20.75
C VAL I 271 -21.47 33.87 19.77
N GLU I 272 -22.75 33.64 20.02
CA GLU I 272 -23.51 32.64 19.28
C GLU I 272 -23.90 33.18 17.91
N ILE I 273 -23.80 32.32 16.89
CA ILE I 273 -24.14 32.66 15.52
C ILE I 273 -25.05 31.56 14.97
N VAL I 274 -26.10 31.97 14.27
CA VAL I 274 -27.06 31.05 13.64
C VAL I 274 -27.09 31.36 12.15
N CYS I 275 -26.98 30.32 11.33
CA CYS I 275 -27.02 30.43 9.88
C CYS I 275 -28.03 29.44 9.33
N THR I 276 -28.77 29.87 8.30
CA THR I 276 -29.88 29.08 7.80
C THR I 276 -30.08 29.38 6.32
N ARG I 277 -30.45 28.33 5.57
CA ARG I 277 -30.91 28.47 4.19
C ARG I 277 -32.34 27.98 4.12
N PRO I 278 -33.35 28.84 4.29
CA PRO I 278 -34.74 28.37 4.21
C PRO I 278 -35.09 27.90 2.81
N GLY I 279 -36.27 27.30 2.70
CA GLY I 279 -36.73 26.73 1.45
C GLY I 279 -36.33 25.28 1.30
N ASN I 280 -37.25 24.45 0.80
CA ASN I 280 -37.00 23.02 0.66
C ASN I 280 -36.39 22.75 -0.71
N ASN I 281 -35.10 22.40 -0.72
CA ASN I 281 -34.45 21.99 -1.97
C ASN I 281 -34.85 20.57 -2.31
N THR I 282 -35.22 20.36 -3.58
CA THR I 282 -35.61 19.04 -4.07
C THR I 282 -34.42 18.42 -4.79
N ARG I 283 -33.86 17.36 -4.21
CA ARG I 283 -32.69 16.70 -4.78
C ARG I 283 -33.09 15.95 -6.04
N LYS I 284 -32.72 16.49 -7.19
CA LYS I 284 -32.86 15.76 -8.45
C LYS I 284 -31.73 14.76 -8.61
N SER I 285 -32.04 13.61 -9.20
CA SER I 285 -31.06 12.57 -9.49
C SER I 285 -31.11 12.26 -10.98
N VAL I 286 -30.00 12.53 -11.67
CA VAL I 286 -29.88 12.32 -13.10
C VAL I 286 -28.76 11.31 -13.35
N ARG I 287 -28.96 10.45 -14.33
CA ARG I 287 -28.04 9.35 -14.58
C ARG I 287 -26.92 9.76 -15.51
N ILE I 288 -25.73 9.20 -15.25
CA ILE I 288 -24.57 9.34 -16.11
C ILE I 288 -23.93 7.97 -16.24
N GLY I 289 -23.61 7.58 -17.48
CA GLY I 289 -22.89 6.36 -17.72
C GLY I 289 -23.68 5.12 -17.32
N PRO I 290 -22.98 3.98 -17.18
CA PRO I 290 -23.71 2.76 -16.79
C PRO I 290 -24.28 2.80 -15.38
N GLY I 291 -23.47 3.10 -14.37
CA GLY I 291 -23.87 2.98 -12.98
C GLY I 291 -23.43 4.14 -12.11
N GLN I 292 -23.41 5.34 -12.67
CA GLN I 292 -23.02 6.55 -11.95
C GLN I 292 -24.20 7.51 -11.94
N THR I 293 -24.37 8.21 -10.82
CA THR I 293 -25.51 9.11 -10.61
C THR I 293 -25.00 10.47 -10.16
N PHE I 294 -25.61 11.53 -10.71
CA PHE I 294 -25.27 12.90 -10.40
C PHE I 294 -26.47 13.58 -9.73
N TYR I 295 -26.20 14.30 -8.65
CA TYR I 295 -27.22 14.98 -7.86
C TYR I 295 -27.18 16.47 -8.14
N ALA I 296 -28.35 17.07 -8.30
CA ALA I 296 -28.46 18.51 -8.53
C ALA I 296 -29.80 19.00 -7.97
N THR I 297 -29.85 20.29 -7.69
CA THR I 297 -31.06 20.90 -7.16
C THR I 297 -32.10 21.08 -8.27
N GLY I 298 -33.28 20.52 -8.06
CA GLY I 298 -34.39 20.76 -8.96
C GLY I 298 -35.05 22.08 -8.64
N ASP I 299 -36.38 22.11 -8.63
CA ASP I 299 -37.08 23.30 -8.17
C ASP I 299 -37.00 23.40 -6.64
N ILE I 300 -36.94 24.64 -6.16
CA ILE I 300 -36.91 24.94 -4.73
C ILE I 300 -38.32 25.33 -4.32
N ILE I 301 -38.95 24.48 -3.51
CA ILE I 301 -40.35 24.63 -3.12
C ILE I 301 -40.39 25.20 -1.71
N GLY I 302 -41.45 25.94 -1.44
CA GLY I 302 -41.59 26.65 -0.19
C GLY I 302 -41.16 28.11 -0.34
N ASP I 303 -41.13 28.81 0.78
CA ASP I 303 -40.74 30.20 0.78
C ASP I 303 -39.22 30.32 0.65
N ILE I 304 -38.77 31.32 -0.11
CA ILE I 304 -37.49 31.27 -0.80
C ILE I 304 -36.50 32.32 -0.27
N ARG I 305 -36.88 33.60 -0.28
CA ARG I 305 -35.88 34.65 -0.37
C ARG I 305 -35.12 34.91 0.93
N GLN I 306 -34.27 33.96 1.35
CA GLN I 306 -33.39 34.19 2.49
C GLN I 306 -32.17 33.29 2.39
N ALA I 307 -31.01 33.86 2.73
CA ALA I 307 -29.79 33.09 2.96
C ALA I 307 -29.03 33.68 4.13
N HIS I 308 -29.75 34.01 5.21
CA HIS I 308 -29.23 34.89 6.24
C HIS I 308 -28.37 34.16 7.27
N CYS I 309 -27.58 34.95 8.00
CA CYS I 309 -26.94 34.55 9.25
C CYS I 309 -27.20 35.64 10.28
N ASN I 310 -27.29 35.26 11.55
CA ASN I 310 -27.70 36.17 12.61
C ASN I 310 -26.74 36.11 13.79
N ILE I 311 -26.41 37.28 14.32
CA ILE I 311 -25.53 37.43 15.48
C ILE I 311 -26.18 38.43 16.44
N SER I 312 -26.12 38.13 17.74
CA SER I 312 -26.63 39.04 18.75
C SER I 312 -25.84 40.34 18.70
N GLU I 313 -26.54 41.48 18.73
CA GLU I 313 -25.87 42.76 18.55
C GLU I 313 -24.99 43.11 19.73
N LYS I 314 -25.58 43.26 20.92
CA LYS I 314 -24.84 43.81 22.05
C LYS I 314 -23.72 42.87 22.49
N GLN I 315 -23.95 41.55 22.39
CA GLN I 315 -22.92 40.60 22.78
C GLN I 315 -21.68 40.74 21.90
N TRP I 316 -21.87 40.75 20.58
CA TRP I 316 -20.74 40.93 19.67
C TRP I 316 -20.12 42.31 19.86
N ASN I 317 -20.95 43.32 20.13
CA ASN I 317 -20.46 44.67 20.33
C ASN I 317 -19.51 44.74 21.51
N GLU I 318 -19.91 44.17 22.65
CA GLU I 318 -19.03 44.17 23.82
C GLU I 318 -17.81 43.29 23.62
N THR I 319 -17.95 42.19 22.87
CA THR I 319 -16.78 41.36 22.56
C THR I 319 -15.76 42.16 21.78
N LEU I 320 -16.21 42.87 20.74
CA LEU I 320 -15.31 43.72 19.97
C LEU I 320 -14.74 44.83 20.84
N GLN I 321 -15.51 45.33 21.80
CA GLN I 321 -14.99 46.36 22.69
C GLN I 321 -13.83 45.84 23.53
N LYS I 322 -13.97 44.63 24.06
CA LYS I 322 -12.90 44.07 24.87
C LYS I 322 -11.67 43.75 24.02
N VAL I 323 -11.88 43.30 22.78
CA VAL I 323 -10.76 43.15 21.84
C VAL I 323 -10.06 44.49 21.67
N GLY I 324 -10.84 45.56 21.51
CA GLY I 324 -10.27 46.88 21.32
C GLY I 324 -9.45 47.33 22.51
N LYS I 325 -9.95 47.09 23.72
CA LYS I 325 -9.19 47.47 24.91
C LYS I 325 -7.87 46.69 24.99
N GLU I 326 -7.92 45.38 24.75
CA GLU I 326 -6.71 44.58 24.85
C GLU I 326 -5.68 45.00 23.79
N LEU I 327 -6.15 45.33 22.59
CA LEU I 327 -5.23 45.82 21.56
C LEU I 327 -4.71 47.21 21.90
N GLN I 328 -5.53 48.05 22.54
CA GLN I 328 -5.05 49.36 22.97
C GLN I 328 -3.97 49.24 24.01
N LYS I 329 -3.97 48.17 24.82
CA LYS I 329 -2.87 47.97 25.75
C LYS I 329 -1.55 47.83 25.02
N HIS I 330 -1.52 47.02 23.95
CA HIS I 330 -0.27 46.77 23.25
C HIS I 330 0.18 47.96 22.40
N PHE I 331 -0.77 48.71 21.84
CA PHE I 331 -0.48 49.88 21.02
C PHE I 331 -0.85 51.13 21.82
N PRO I 332 0.03 51.62 22.70
CA PRO I 332 -0.39 52.66 23.65
C PRO I 332 -0.71 53.98 22.99
N ASN I 333 -1.63 54.72 23.61
CA ASN I 333 -1.92 56.11 23.28
C ASN I 333 -2.38 56.26 21.83
N LYS I 334 -3.23 55.35 21.36
CA LYS I 334 -3.86 55.50 20.05
C LYS I 334 -5.11 54.63 20.02
N THR I 335 -6.08 55.07 19.21
CA THR I 335 -7.37 54.39 19.13
C THR I 335 -7.22 53.06 18.39
N ILE I 336 -8.34 52.37 18.26
CA ILE I 336 -8.45 51.16 17.44
C ILE I 336 -9.67 51.32 16.55
N LYS I 337 -9.50 51.00 15.25
CA LYS I 337 -10.52 51.29 14.24
C LYS I 337 -10.61 50.08 13.31
N TYR I 338 -11.62 49.24 13.54
CA TYR I 338 -11.86 48.11 12.66
C TYR I 338 -12.47 48.60 11.36
N GLU I 339 -12.34 47.79 10.30
CA GLU I 339 -12.74 48.22 8.98
C GLU I 339 -13.16 47.01 8.15
N ARG I 340 -13.67 47.30 6.96
CA ARG I 340 -14.13 46.27 6.04
C ARG I 340 -12.97 45.38 5.62
N SER I 341 -13.30 44.23 5.03
CA SER I 341 -12.26 43.32 4.55
C SER I 341 -11.44 43.99 3.45
N ALA I 342 -10.15 43.69 3.43
CA ALA I 342 -9.24 44.37 2.51
C ALA I 342 -9.54 44.04 1.06
N GLY I 343 -9.82 42.80 0.76
CA GLY I 343 -10.10 42.36 -0.60
C GLY I 343 -9.70 40.91 -0.78
N GLY I 344 -9.29 40.58 -2.00
CA GLY I 344 -8.83 39.25 -2.31
C GLY I 344 -9.94 38.34 -2.79
N ASP I 345 -9.61 37.06 -2.86
CA ASP I 345 -10.53 36.05 -3.37
C ASP I 345 -11.77 35.96 -2.48
N MET I 346 -12.83 35.35 -3.02
CA MET I 346 -14.07 35.24 -2.28
C MET I 346 -13.91 34.38 -1.04
N GLU I 347 -13.03 33.39 -1.08
CA GLU I 347 -12.87 32.49 0.05
C GLU I 347 -12.24 33.18 1.27
N ILE I 348 -11.61 34.33 1.08
CA ILE I 348 -11.05 35.11 2.19
C ILE I 348 -11.62 36.51 2.27
N ALA I 349 -12.21 37.05 1.20
CA ALA I 349 -12.92 38.32 1.32
C ALA I 349 -14.24 38.17 2.06
N THR I 350 -14.72 36.94 2.22
CA THR I 350 -15.95 36.64 2.94
C THR I 350 -15.69 35.55 3.97
N HIS I 351 -16.48 35.59 5.04
CA HIS I 351 -16.45 34.53 6.04
C HIS I 351 -16.95 33.24 5.40
N SER I 352 -16.19 32.16 5.59
CA SER I 352 -16.46 30.89 4.93
C SER I 352 -16.56 29.78 5.96
N PHE I 353 -17.44 28.82 5.69
CA PHE I 353 -17.67 27.68 6.57
C PHE I 353 -18.61 26.72 5.87
N ASN I 354 -18.81 25.57 6.48
CA ASN I 354 -19.70 24.53 5.97
C ASN I 354 -20.67 24.09 7.05
N CYS I 355 -21.93 23.92 6.66
CA CYS I 355 -22.97 23.39 7.54
C CYS I 355 -23.77 22.34 6.79
N GLY I 356 -23.80 21.12 7.34
CA GLY I 356 -24.57 20.05 6.76
C GLY I 356 -24.14 19.70 5.35
N GLY I 357 -22.83 19.82 5.08
CA GLY I 357 -22.31 19.55 3.77
C GLY I 357 -22.53 20.64 2.73
N GLU I 358 -23.02 21.81 3.14
CA GLU I 358 -23.24 22.94 2.27
C GLU I 358 -22.31 24.09 2.66
N PHE I 359 -21.61 24.63 1.67
CA PHE I 359 -20.60 25.66 1.89
C PHE I 359 -21.24 27.03 1.79
N PHE I 360 -20.97 27.88 2.78
CA PHE I 360 -21.50 29.23 2.86
C PHE I 360 -20.39 30.26 2.71
N TYR I 361 -20.74 31.40 2.12
CA TYR I 361 -19.85 32.54 1.98
C TYR I 361 -20.63 33.79 2.37
N CYS I 362 -20.12 34.53 3.35
CA CYS I 362 -20.87 35.60 4.00
C CYS I 362 -20.12 36.92 3.96
N ASN I 363 -20.80 37.94 3.43
CA ASN I 363 -20.31 39.32 3.43
C ASN I 363 -20.27 39.81 4.87
N THR I 364 -19.09 40.21 5.34
CA THR I 364 -18.88 40.59 6.73
C THR I 364 -18.71 42.10 6.91
N SER I 365 -19.13 42.92 5.94
CA SER I 365 -19.00 44.36 6.09
C SER I 365 -19.86 44.89 7.22
N LYS I 366 -20.97 44.20 7.52
CA LYS I 366 -21.83 44.62 8.63
C LYS I 366 -21.11 44.51 9.97
N LEU I 367 -20.13 43.61 10.07
CA LEU I 367 -19.66 43.14 11.36
C LEU I 367 -18.47 43.93 11.89
N PHE I 368 -17.52 44.29 11.02
CA PHE I 368 -16.28 44.95 11.43
C PHE I 368 -16.32 46.47 11.26
N ASN I 369 -17.47 47.03 10.92
CA ASN I 369 -17.59 48.47 10.70
C ASN I 369 -17.60 49.21 12.04
N GLY I 370 -16.43 49.33 12.67
CA GLY I 370 -16.32 49.86 14.01
C GLY I 370 -15.65 51.23 14.07
N THR I 371 -15.22 51.58 15.28
CA THR I 371 -14.58 52.86 15.57
C THR I 371 -13.78 52.67 16.87
N TYR I 372 -13.46 53.78 17.54
CA TYR I 372 -12.59 53.81 18.71
C TYR I 372 -12.96 52.74 19.74
N ASN I 373 -12.06 51.75 19.88
CA ASN I 373 -12.11 50.69 20.89
C ASN I 373 -13.48 49.98 20.94
N GLY I 374 -14.23 50.04 19.84
CA GLY I 374 -15.53 49.41 19.78
C GLY I 374 -16.36 49.96 18.64
N THR I 375 -17.65 49.61 18.66
CA THR I 375 -18.57 50.12 17.65
C THR I 375 -19.04 51.52 18.01
N ASP I 376 -19.59 52.21 17.03
CA ASP I 376 -20.02 53.59 17.22
C ASP I 376 -21.20 53.67 18.17
N ILE I 377 -21.27 54.78 18.88
CA ILE I 377 -22.28 55.00 19.92
C ILE I 377 -23.05 56.27 19.59
N SER I 385 -32.33 42.93 19.03
CA SER I 385 -31.67 43.41 17.83
C SER I 385 -30.58 42.44 17.40
N THR I 386 -30.55 42.13 16.10
CA THR I 386 -29.63 41.16 15.53
C THR I 386 -29.06 41.67 14.22
N ILE I 387 -27.76 41.49 14.05
CA ILE I 387 -27.08 41.85 12.81
C ILE I 387 -27.27 40.71 11.81
N THR I 388 -27.55 41.08 10.55
CA THR I 388 -27.86 40.12 9.50
C THR I 388 -26.80 40.16 8.42
N LEU I 389 -26.39 38.98 7.96
CA LEU I 389 -25.40 38.83 6.90
C LEU I 389 -26.08 38.21 5.68
N GLN I 390 -25.94 38.86 4.52
CA GLN I 390 -26.52 38.37 3.27
C GLN I 390 -25.51 37.47 2.57
N CYS I 391 -25.56 36.18 2.92
CA CYS I 391 -24.54 35.25 2.48
C CYS I 391 -24.81 34.76 1.06
N ARG I 392 -23.87 33.96 0.54
CA ARG I 392 -23.96 33.38 -0.79
C ARG I 392 -23.42 31.97 -0.72
N ILE I 393 -23.82 31.14 -1.70
CA ILE I 393 -23.56 29.71 -1.68
C ILE I 393 -22.88 29.29 -2.97
N LYS I 394 -21.89 28.41 -2.84
CA LYS I 394 -21.23 27.76 -3.97
C LYS I 394 -21.32 26.25 -3.80
N GLN I 395 -21.22 25.54 -4.92
CA GLN I 395 -21.14 24.09 -4.94
C GLN I 395 -19.80 23.55 -5.39
N ILE I 396 -19.22 24.11 -6.44
CA ILE I 396 -17.89 23.70 -6.90
C ILE I 396 -16.86 24.36 -6.01
N ILE I 397 -15.99 23.56 -5.39
CA ILE I 397 -15.10 24.01 -4.33
C ILE I 397 -13.68 23.60 -4.68
N ASN I 398 -12.77 24.57 -4.62
CA ASN I 398 -11.34 24.29 -4.52
C ASN I 398 -11.05 24.02 -3.05
N MET I 399 -10.24 22.98 -2.78
CA MET I 399 -10.22 22.36 -1.47
C MET I 399 -9.80 23.34 -0.38
N TRP I 400 -8.57 23.85 -0.46
CA TRP I 400 -8.06 24.80 0.52
C TRP I 400 -7.35 25.94 -0.20
N GLN I 401 -7.89 27.13 -0.05
CA GLN I 401 -7.27 28.36 -0.56
C GLN I 401 -7.09 28.31 -2.08
N GLY I 402 -6.02 27.65 -2.54
CA GLY I 402 -5.68 27.63 -3.95
C GLY I 402 -5.07 26.34 -4.45
N VAL I 403 -5.18 25.26 -3.68
CA VAL I 403 -4.65 23.98 -4.13
C VAL I 403 -5.45 23.50 -5.33
N GLY I 404 -4.83 22.67 -6.16
CA GLY I 404 -5.37 22.36 -7.47
C GLY I 404 -6.50 21.35 -7.51
N ARG I 405 -6.87 20.76 -6.38
CA ARG I 405 -7.93 19.76 -6.34
C ARG I 405 -9.26 20.49 -6.29
N CYS I 406 -10.18 20.11 -7.18
CA CYS I 406 -11.52 20.67 -7.21
C CYS I 406 -12.55 19.60 -6.84
N MET I 407 -13.62 20.03 -6.17
CA MET I 407 -14.66 19.12 -5.70
C MET I 407 -16.02 19.77 -5.89
N TYR I 408 -17.01 18.94 -6.21
CA TYR I 408 -18.40 19.36 -6.32
C TYR I 408 -19.16 18.85 -5.10
N ALA I 409 -19.91 19.74 -4.46
CA ALA I 409 -20.69 19.37 -3.28
C ALA I 409 -22.12 19.04 -3.71
N PRO I 410 -22.64 17.84 -3.47
CA PRO I 410 -24.04 17.58 -3.80
C PRO I 410 -24.97 18.43 -2.94
N PRO I 411 -26.13 18.84 -3.46
CA PRO I 411 -27.04 19.64 -2.63
C PRO I 411 -27.71 18.79 -1.56
N ILE I 412 -28.13 19.45 -0.50
CA ILE I 412 -28.83 18.82 0.63
C ILE I 412 -30.28 19.27 0.60
N ALA I 413 -31.19 18.30 0.58
CA ALA I 413 -32.61 18.61 0.49
C ALA I 413 -33.13 19.19 1.80
N GLY I 414 -34.24 19.92 1.69
CA GLY I 414 -34.87 20.51 2.85
C GLY I 414 -34.07 21.68 3.41
N ASN I 415 -34.75 22.47 4.24
CA ASN I 415 -34.08 23.60 4.88
C ASN I 415 -32.99 23.10 5.81
N ILE I 416 -31.91 23.88 5.88
CA ILE I 416 -30.73 23.54 6.67
C ILE I 416 -30.42 24.69 7.61
N THR I 417 -30.15 24.36 8.87
CA THR I 417 -29.85 25.35 9.89
C THR I 417 -28.72 24.79 10.76
N CYS I 418 -27.81 25.67 11.15
CA CYS I 418 -26.70 25.30 12.02
C CYS I 418 -26.45 26.41 13.02
N LYS I 419 -25.83 26.03 14.13
CA LYS I 419 -25.47 26.94 15.21
C LYS I 419 -23.99 26.75 15.52
N SER I 420 -23.34 27.82 15.97
CA SER I 420 -21.92 27.76 16.26
C SER I 420 -21.56 28.79 17.31
N ASN I 421 -20.41 28.57 17.95
CA ASN I 421 -19.87 29.48 18.95
C ASN I 421 -18.62 30.14 18.38
N ILE I 422 -18.67 31.45 18.17
CA ILE I 422 -17.50 32.20 17.73
C ILE I 422 -16.55 32.36 18.90
N THR I 423 -15.29 31.98 18.71
CA THR I 423 -14.30 31.96 19.79
C THR I 423 -13.03 32.73 19.48
N GLY I 424 -12.73 33.04 18.22
CA GLY I 424 -11.51 33.74 17.90
C GLY I 424 -11.61 34.43 16.56
N LEU I 425 -10.83 35.51 16.43
CA LEU I 425 -10.79 36.33 15.24
C LEU I 425 -9.40 36.27 14.62
N LEU I 426 -9.33 36.56 13.31
CA LEU I 426 -8.08 36.62 12.58
C LEU I 426 -7.97 37.99 11.93
N LEU I 427 -6.94 38.75 12.30
CA LEU I 427 -6.78 40.14 11.90
C LEU I 427 -5.41 40.38 11.29
N THR I 428 -5.32 41.47 10.53
CA THR I 428 -4.05 42.03 10.08
C THR I 428 -4.14 43.54 10.23
N ARG I 429 -3.05 44.23 9.90
CA ARG I 429 -2.90 45.65 10.17
C ARG I 429 -2.55 46.41 8.90
N ASP I 430 -2.89 47.69 8.89
CA ASP I 430 -2.49 48.55 7.79
C ASP I 430 -0.98 48.79 7.81
N GLY I 431 -0.42 49.08 6.64
CA GLY I 431 1.02 49.11 6.47
C GLY I 431 1.66 50.48 6.57
N GLY I 432 2.02 51.04 5.41
CA GLY I 432 2.80 52.27 5.37
C GLY I 432 2.15 53.42 6.13
N THR I 433 2.98 54.41 6.44
CA THR I 433 2.65 55.46 7.39
C THR I 433 3.32 56.75 6.92
N ASN I 434 2.72 57.93 7.16
CA ASN I 434 1.40 58.25 7.77
C ASN I 434 1.16 57.69 9.17
N SER I 435 2.07 58.06 10.09
CA SER I 435 2.07 57.47 11.43
C SER I 435 0.87 57.93 12.24
N ASN I 436 0.57 59.23 12.19
CA ASN I 436 -0.46 59.79 13.05
C ASN I 436 -1.87 59.32 12.70
N LYS I 437 -2.06 58.64 11.55
CA LYS I 437 -3.38 58.22 11.11
C LYS I 437 -3.40 56.81 10.51
N THR I 438 -2.54 55.90 10.96
CA THR I 438 -2.47 54.54 10.43
C THR I 438 -2.53 53.45 11.50
N GLU I 439 -1.94 53.66 12.67
CA GLU I 439 -1.79 52.57 13.64
C GLU I 439 -3.13 52.04 14.10
N GLU I 440 -4.16 52.88 14.14
CA GLU I 440 -5.45 52.46 14.67
C GLU I 440 -6.16 51.46 13.78
N THR I 441 -5.83 51.40 12.49
CA THR I 441 -6.60 50.58 11.56
C THR I 441 -6.29 49.10 11.74
N PHE I 442 -7.35 48.28 11.77
CA PHE I 442 -7.25 46.83 11.72
C PHE I 442 -8.35 46.30 10.82
N ARG I 443 -8.09 45.16 10.18
CA ARG I 443 -9.02 44.54 9.26
C ARG I 443 -9.07 43.05 9.51
N PRO I 444 -10.17 42.37 9.13
CA PRO I 444 -10.12 40.91 9.08
C PRO I 444 -9.30 40.45 7.89
N ALA I 445 -8.80 39.23 7.99
CA ALA I 445 -7.96 38.65 6.95
C ALA I 445 -8.25 37.17 6.84
N GLY I 446 -7.88 36.61 5.69
CA GLY I 446 -7.98 35.18 5.50
C GLY I 446 -6.99 34.46 6.40
N GLY I 447 -6.93 33.15 6.21
CA GLY I 447 -6.04 32.36 7.03
C GLY I 447 -5.81 30.96 6.52
N ASP I 448 -4.55 30.56 6.45
CA ASP I 448 -4.23 29.17 6.22
C ASP I 448 -4.77 28.34 7.37
N MET I 449 -5.03 27.06 7.10
CA MET I 449 -5.57 26.20 8.15
C MET I 449 -4.59 26.04 9.31
N ARG I 450 -3.30 26.27 9.06
CA ARG I 450 -2.34 26.32 10.16
C ARG I 450 -2.70 27.41 11.15
N ASP I 451 -3.21 28.54 10.66
CA ASP I 451 -3.63 29.61 11.57
C ASP I 451 -4.79 29.17 12.45
N ASN I 452 -5.72 28.38 11.91
CA ASN I 452 -6.82 27.86 12.72
C ASN I 452 -6.32 26.86 13.75
N TRP I 453 -5.50 25.90 13.30
CA TRP I 453 -5.11 24.81 14.20
C TRP I 453 -4.06 25.25 15.22
N ARG I 454 -3.38 26.37 14.98
CA ARG I 454 -2.45 26.87 15.99
C ARG I 454 -3.17 27.33 17.24
N SER I 455 -4.38 27.88 17.12
CA SER I 455 -5.12 28.32 18.29
C SER I 455 -5.45 27.17 19.23
N GLU I 456 -5.45 25.92 18.75
CA GLU I 456 -5.73 24.75 19.56
C GLU I 456 -4.49 23.96 19.94
N LEU I 457 -3.53 23.79 19.03
CA LEU I 457 -2.25 23.14 19.36
C LEU I 457 -1.23 24.11 19.94
N TYR I 458 -1.66 25.31 20.33
CA TYR I 458 -0.92 26.21 21.20
C TYR I 458 -0.25 25.54 22.39
N LYS I 459 -0.97 24.65 23.06
CA LYS I 459 -0.59 24.22 24.40
C LYS I 459 0.57 23.24 24.42
N TYR I 460 0.82 22.53 23.33
CA TYR I 460 1.53 21.27 23.39
C TYR I 460 2.94 21.35 22.81
N LYS I 461 3.75 20.37 23.20
CA LYS I 461 5.10 20.16 22.69
C LYS I 461 5.39 18.67 22.74
N VAL I 462 6.27 18.21 21.84
CA VAL I 462 6.63 16.80 21.73
C VAL I 462 8.11 16.64 22.04
N VAL I 463 8.42 15.70 22.93
CA VAL I 463 9.80 15.41 23.32
C VAL I 463 9.98 13.90 23.36
N LYS I 464 11.18 13.44 23.01
CA LYS I 464 11.53 12.03 23.06
C LYS I 464 12.28 11.73 24.35
N ILE I 465 11.97 10.58 24.95
CA ILE I 465 12.65 10.17 26.17
C ILE I 465 14.04 9.65 25.82
N GLU I 466 15.02 10.00 26.66
CA GLU I 466 16.34 9.36 26.65
C GLU I 466 16.50 8.57 27.94
N PRO I 467 16.06 7.30 27.98
CA PRO I 467 15.93 6.61 29.28
C PRO I 467 17.24 6.09 29.85
N LEU I 468 18.40 6.49 29.32
CA LEU I 468 19.69 6.02 29.80
C LEU I 468 20.53 7.23 30.23
N GLY I 469 21.16 7.12 31.40
CA GLY I 469 22.02 8.17 31.90
C GLY I 469 23.13 7.60 32.76
N VAL I 470 24.16 8.41 32.95
CA VAL I 470 25.35 8.03 33.70
C VAL I 470 25.61 9.09 34.77
N ALA I 471 26.19 8.68 35.89
CA ALA I 471 26.45 9.59 36.99
C ALA I 471 27.42 8.93 37.95
N PRO I 472 28.09 9.70 38.81
CA PRO I 472 28.92 9.08 39.84
C PRO I 472 28.08 8.62 41.03
N THR I 473 28.43 7.43 41.53
CA THR I 473 27.86 6.87 42.76
C THR I 473 29.00 6.31 43.59
N ARG I 474 28.64 5.72 44.73
CA ARG I 474 29.64 5.37 45.72
C ARG I 474 30.30 4.01 45.48
N CYS I 475 29.81 3.23 44.52
CA CYS I 475 30.21 1.85 44.38
C CYS I 475 31.31 1.66 43.35
N LYS I 476 32.27 0.79 43.67
CA LYS I 476 33.12 0.13 42.70
C LYS I 476 32.64 -1.31 42.60
N ARG I 477 32.63 -1.86 41.38
CA ARG I 477 32.03 -3.17 41.16
C ARG I 477 32.78 -4.23 41.94
N ARG I 478 32.17 -4.67 43.04
CA ARG I 478 32.60 -5.82 43.84
C ARG I 478 33.77 -5.52 44.78
N VAL I 479 34.17 -4.25 44.95
CA VAL I 479 35.41 -3.95 45.66
C VAL I 479 35.23 -3.00 46.85
N VAL I 480 34.87 -1.73 46.62
CA VAL I 480 34.98 -0.69 47.64
C VAL I 480 33.89 0.38 47.51
N GLY I 481 33.80 1.21 48.56
CA GLY I 481 32.91 2.34 48.59
C GLY I 481 33.61 3.64 48.22
N ARG I 482 33.13 4.74 48.79
CA ARG I 482 33.48 6.07 48.30
C ARG I 482 33.43 7.13 49.41
N ARG I 483 34.31 8.12 49.27
CA ARG I 483 34.22 9.38 49.99
C ARG I 483 33.67 10.45 49.04
N ARG I 484 32.74 11.27 49.52
CA ARG I 484 32.05 12.20 48.63
C ARG I 484 31.53 13.41 49.41
N ARG I 485 30.86 14.29 48.67
CA ARG I 485 30.40 15.60 49.13
C ARG I 485 28.88 15.62 49.31
N ARG I 486 28.38 16.73 49.85
CA ARG I 486 26.96 16.97 50.03
C ARG I 486 26.68 18.43 49.69
N ARG I 487 25.41 18.72 49.37
CA ARG I 487 24.89 20.09 49.25
C ARG I 487 25.44 21.02 50.33
N ALA J 1 21.90 10.85 44.15
CA ALA J 1 22.30 10.00 43.04
C ALA J 1 21.62 8.63 43.07
N VAL J 2 20.86 8.33 44.13
CA VAL J 2 20.21 7.04 44.29
C VAL J 2 19.07 7.17 45.29
N GLY J 3 18.02 6.38 45.09
CA GLY J 3 16.87 6.40 45.98
C GLY J 3 16.04 5.13 45.94
N ILE J 4 15.23 4.90 46.97
CA ILE J 4 14.42 3.69 47.03
C ILE J 4 13.29 3.79 46.00
N GLY J 5 13.30 2.86 45.05
CA GLY J 5 12.51 3.03 43.85
C GLY J 5 11.01 2.96 44.08
N ALA J 6 10.28 3.36 43.04
CA ALA J 6 8.83 3.45 43.09
C ALA J 6 8.26 3.24 41.69
N VAL J 7 7.00 2.82 41.64
CA VAL J 7 6.28 2.65 40.38
C VAL J 7 4.89 3.27 40.40
N PHE J 8 4.45 3.90 41.50
CA PHE J 8 3.07 4.35 41.62
C PHE J 8 2.81 5.71 40.97
N LEU J 9 3.82 6.34 40.38
CA LEU J 9 3.65 7.66 39.78
C LEU J 9 3.05 7.60 38.38
N GLY J 10 2.84 6.42 37.81
CA GLY J 10 2.18 6.30 36.53
C GLY J 10 3.08 6.61 35.34
N PHE J 11 3.65 7.81 35.31
CA PHE J 11 4.52 8.23 34.22
C PHE J 11 5.50 9.25 34.79
N LEU J 12 5.96 10.21 33.99
CA LEU J 12 7.19 10.98 34.18
C LEU J 12 7.12 12.02 35.30
N GLY J 13 6.14 11.90 36.22
CA GLY J 13 5.83 12.92 37.21
C GLY J 13 7.00 13.50 37.98
N ALA J 14 8.15 12.85 37.97
CA ALA J 14 9.36 13.43 38.53
C ALA J 14 10.59 12.79 37.89
N ALA J 15 11.49 13.55 37.22
CA ALA J 15 11.43 14.98 36.83
C ALA J 15 11.52 15.97 37.98
N GLY J 16 12.13 17.13 37.71
CA GLY J 16 12.10 18.24 38.63
C GLY J 16 12.93 18.03 39.89
N SER J 17 12.58 17.00 40.66
CA SER J 17 13.30 16.71 41.90
C SER J 17 14.74 16.35 41.60
N THR J 18 15.55 16.38 42.65
CA THR J 18 16.98 16.11 42.49
C THR J 18 17.21 14.67 42.04
N MET J 19 18.44 14.40 41.62
CA MET J 19 18.81 13.09 41.14
C MET J 19 18.64 12.03 42.22
N GLY J 20 18.91 12.40 43.47
CA GLY J 20 18.79 11.48 44.59
C GLY J 20 17.35 11.08 44.89
N ALA J 21 16.39 11.79 44.31
CA ALA J 21 14.97 11.48 44.45
C ALA J 21 14.40 11.06 43.11
N ALA J 22 14.83 11.72 42.03
CA ALA J 22 14.38 11.37 40.70
C ALA J 22 14.90 10.00 40.27
N SER J 23 15.92 9.47 40.94
CA SER J 23 16.41 8.13 40.63
C SER J 23 15.53 7.03 41.20
N MET J 24 14.38 7.36 41.81
CA MET J 24 13.48 6.33 42.33
C MET J 24 12.49 5.87 41.28
N THR J 25 12.22 6.69 40.26
CA THR J 25 11.18 6.40 39.29
C THR J 25 11.64 5.51 38.13
N LEU J 26 12.71 4.73 38.31
CA LEU J 26 13.29 4.02 37.18
C LEU J 26 12.31 3.01 36.59
N THR J 27 11.57 2.32 37.45
CA THR J 27 10.71 1.23 36.99
C THR J 27 9.64 1.74 36.03
N VAL J 28 9.01 2.86 36.36
CA VAL J 28 7.87 3.31 35.55
C VAL J 28 8.34 3.82 34.19
N GLN J 29 9.47 4.54 34.13
CA GLN J 29 9.99 4.94 32.84
C GLN J 29 10.44 3.75 32.03
N ALA J 30 11.02 2.74 32.67
CA ALA J 30 11.39 1.53 31.95
C ALA J 30 10.15 0.83 31.38
N ARG J 31 9.08 0.80 32.17
CA ARG J 31 7.86 0.11 31.75
C ARG J 31 7.20 0.83 30.57
N ASN J 32 7.00 2.14 30.70
CA ASN J 32 6.26 2.89 29.69
C ASN J 32 7.06 3.14 28.42
N LEU J 33 8.36 2.82 28.41
CA LEU J 33 9.18 3.08 27.23
C LEU J 33 8.74 2.28 26.02
N LEU J 34 8.15 1.10 26.25
CA LEU J 34 7.83 0.17 25.17
C LEU J 34 6.36 -0.23 25.19
N SER J 35 5.79 -0.37 26.38
CA SER J 35 4.42 -0.86 26.50
C SER J 35 3.44 0.14 25.91
N GLY J 36 2.41 -0.39 25.25
CA GLY J 36 1.40 0.44 24.64
C GLY J 36 1.92 1.08 23.34
N ILE J 37 1.10 1.95 22.75
CA ILE J 37 -0.26 2.30 23.18
C ILE J 37 -1.24 1.16 22.90
N VAL J 38 -1.09 0.54 21.73
CA VAL J 38 -1.96 -0.56 21.33
C VAL J 38 -1.69 -1.78 22.23
N LYS J 56 -11.41 2.20 0.99
CA LYS J 56 -11.16 1.34 2.15
C LYS J 56 -9.66 1.13 2.34
N LEU J 57 -8.92 1.05 1.24
CA LEU J 57 -7.47 0.88 1.30
C LEU J 57 -6.83 2.16 1.84
N THR J 58 -6.06 2.02 2.91
CA THR J 58 -5.41 3.15 3.56
C THR J 58 -3.96 2.80 3.87
N VAL J 59 -3.12 3.83 4.01
CA VAL J 59 -1.67 3.65 4.11
C VAL J 59 -1.12 3.92 5.51
N TRP J 60 -1.95 4.40 6.44
CA TRP J 60 -1.40 4.74 7.76
C TRP J 60 -0.97 3.50 8.55
N GLY J 61 -1.33 2.30 8.09
CA GLY J 61 -0.70 1.12 8.64
C GLY J 61 0.80 1.18 8.54
N ILE J 62 1.31 1.78 7.46
CA ILE J 62 2.75 2.03 7.34
C ILE J 62 3.22 2.92 8.47
N LYS J 63 2.45 3.97 8.79
CA LYS J 63 2.85 4.88 9.86
C LYS J 63 2.90 4.15 11.21
N GLN J 64 1.87 3.36 11.50
CA GLN J 64 1.81 2.64 12.77
C GLN J 64 2.96 1.64 12.88
N LEU J 65 3.18 0.88 11.81
CA LEU J 65 4.28 -0.09 11.81
C LEU J 65 5.62 0.60 11.95
N GLN J 66 5.78 1.75 11.30
CA GLN J 66 7.03 2.51 11.41
C GLN J 66 7.27 2.94 12.85
N ALA J 67 6.23 3.49 13.50
CA ALA J 67 6.39 3.93 14.88
C ALA J 67 6.73 2.77 15.79
N ARG J 68 6.00 1.66 15.65
CA ARG J 68 6.24 0.49 16.50
C ARG J 68 7.66 -0.04 16.29
N VAL J 69 8.10 -0.12 15.04
CA VAL J 69 9.41 -0.69 14.74
C VAL J 69 10.51 0.20 15.27
N LEU J 70 10.37 1.52 15.12
CA LEU J 70 11.39 2.41 15.68
C LEU J 70 11.45 2.33 17.20
N ALA J 71 10.29 2.25 17.86
CA ALA J 71 10.29 2.12 19.31
C ALA J 71 10.99 0.83 19.74
N VAL J 72 10.67 -0.28 19.08
CA VAL J 72 11.27 -1.56 19.44
C VAL J 72 12.77 -1.54 19.17
N GLU J 73 13.18 -0.92 18.06
CA GLU J 73 14.59 -0.85 17.72
C GLU J 73 15.36 -0.01 18.73
N ARG J 74 14.79 1.12 19.16
CA ARG J 74 15.43 1.94 20.17
C ARG J 74 15.60 1.16 21.48
N TYR J 75 14.54 0.45 21.88
CA TYR J 75 14.63 -0.34 23.11
C TYR J 75 15.71 -1.42 22.99
N LEU J 76 15.76 -2.09 21.84
CA LEU J 76 16.76 -3.15 21.65
C LEU J 76 18.17 -2.58 21.67
N ARG J 77 18.37 -1.41 21.06
CA ARG J 77 19.69 -0.78 21.11
C ARG J 77 20.09 -0.46 22.55
N ASP J 78 19.16 0.09 23.33
CA ASP J 78 19.47 0.42 24.72
C ASP J 78 19.80 -0.85 25.51
N GLN J 79 19.03 -1.90 25.31
CA GLN J 79 19.26 -3.14 26.05
C GLN J 79 20.59 -3.77 25.64
N GLN J 80 20.93 -3.70 24.36
CA GLN J 80 22.22 -4.22 23.90
C GLN J 80 23.37 -3.44 24.53
N LEU J 81 23.25 -2.11 24.59
CA LEU J 81 24.31 -1.31 25.20
C LEU J 81 24.45 -1.65 26.67
N LEU J 82 23.34 -1.89 27.37
CA LEU J 82 23.44 -2.35 28.74
C LEU J 82 24.09 -3.72 28.83
N GLY J 83 23.78 -4.61 27.88
CA GLY J 83 24.31 -5.97 27.94
C GLY J 83 25.81 -6.01 27.74
N ILE J 84 26.33 -5.16 26.85
CA ILE J 84 27.77 -5.16 26.59
C ILE J 84 28.53 -4.74 27.85
N TRP J 85 27.97 -3.82 28.63
CA TRP J 85 28.64 -3.30 29.82
C TRP J 85 28.45 -4.17 31.04
N GLY J 86 27.83 -5.34 30.91
CA GLY J 86 27.58 -6.20 32.05
C GLY J 86 26.44 -5.75 32.94
N CYS J 87 25.50 -4.96 32.40
CA CYS J 87 24.43 -4.37 33.18
C CYS J 87 23.04 -4.89 32.84
N SER J 88 22.90 -5.73 31.81
CA SER J 88 21.58 -6.25 31.45
C SER J 88 21.00 -7.06 32.59
N GLY J 89 19.71 -6.85 32.85
CA GLY J 89 19.03 -7.47 33.97
C GLY J 89 18.90 -6.60 35.20
N LYS J 90 19.44 -5.38 35.17
CA LYS J 90 19.32 -4.45 36.29
C LYS J 90 19.05 -3.06 35.75
N LEU J 91 18.42 -2.23 36.57
CA LEU J 91 18.25 -0.81 36.28
C LEU J 91 19.40 0.01 36.84
N ILE J 92 19.65 -0.09 38.14
CA ILE J 92 20.92 0.35 38.70
C ILE J 92 22.00 -0.62 38.25
N CYS J 93 23.22 -0.11 38.05
CA CYS J 93 24.32 -1.00 37.69
C CYS J 93 25.63 -0.34 38.08
N CYS J 94 26.27 -0.87 39.12
CA CYS J 94 27.62 -0.46 39.46
C CYS J 94 28.62 -1.09 38.49
N THR J 95 29.65 -0.32 38.13
CA THR J 95 30.69 -0.77 37.21
C THR J 95 32.06 -0.44 37.81
N ASN J 96 33.10 -0.73 37.04
CA ASN J 96 34.49 -0.68 37.52
C ASN J 96 35.28 0.50 36.96
N VAL J 97 34.81 1.12 35.88
CA VAL J 97 35.56 2.20 35.23
C VAL J 97 35.74 3.36 36.20
N PRO J 98 36.97 3.74 36.56
CA PRO J 98 37.12 4.90 37.46
C PRO J 98 36.72 6.20 36.80
N TRP J 99 36.44 7.18 37.64
CA TRP J 99 36.14 8.53 37.20
C TRP J 99 37.32 9.05 36.38
N ASN J 100 37.02 9.67 35.24
CA ASN J 100 38.01 9.86 34.20
C ASN J 100 39.18 10.71 34.69
N SER J 101 40.37 10.41 34.14
CA SER J 101 41.57 11.19 34.46
C SER J 101 41.41 12.64 34.05
N SER J 102 40.66 12.91 32.98
CA SER J 102 40.49 14.26 32.49
C SER J 102 39.45 15.07 33.26
N TRP J 103 38.56 14.42 34.03
CA TRP J 103 37.49 15.19 34.67
C TRP J 103 37.93 15.71 36.04
N SER J 104 37.99 14.82 37.04
CA SER J 104 38.46 15.08 38.40
C SER J 104 38.01 16.43 38.97
N ASN J 105 36.84 16.95 38.55
CA ASN J 105 36.44 18.31 38.88
C ASN J 105 34.95 18.50 39.12
N ARG J 106 34.13 17.47 38.94
CA ARG J 106 32.70 17.72 38.79
C ARG J 106 32.07 18.07 40.14
N ASN J 107 30.86 18.62 40.06
CA ASN J 107 30.24 19.34 41.15
C ASN J 107 29.32 18.43 41.95
N LEU J 108 29.90 17.51 42.73
CA LEU J 108 29.14 16.38 43.26
C LEU J 108 28.21 16.81 44.40
N SER J 109 28.61 17.82 45.17
CA SER J 109 27.73 18.39 46.18
C SER J 109 26.40 18.82 45.56
N GLU J 110 26.45 19.29 44.31
CA GLU J 110 25.26 19.63 43.55
C GLU J 110 24.65 18.42 42.85
N ILE J 111 25.42 17.34 42.65
CA ILE J 111 24.85 16.11 42.10
C ILE J 111 23.86 15.51 43.08
N TRP J 112 24.24 15.39 44.36
CA TRP J 112 23.50 14.48 45.24
C TRP J 112 22.08 14.97 45.49
N ASP J 113 21.90 16.27 45.74
CA ASP J 113 20.64 16.80 46.26
C ASP J 113 20.14 18.07 45.60
N ASN J 114 20.84 18.64 44.62
CA ASN J 114 20.39 19.86 43.94
C ASN J 114 20.03 19.61 42.48
N MET J 115 20.96 19.13 41.64
CA MET J 115 20.66 19.03 40.22
C MET J 115 19.65 17.92 39.97
N THR J 116 18.63 18.22 39.17
CA THR J 116 17.76 17.20 38.62
C THR J 116 18.44 16.54 37.42
N TRP J 117 17.88 15.40 37.01
CA TRP J 117 18.45 14.67 35.88
C TRP J 117 18.40 15.50 34.60
N LEU J 118 17.32 16.27 34.41
CA LEU J 118 17.19 17.10 33.22
C LEU J 118 18.29 18.14 33.12
N GLN J 119 18.83 18.61 34.25
CA GLN J 119 19.96 19.52 34.26
C GLN J 119 21.29 18.77 34.15
N TRP J 120 21.44 17.68 34.90
CA TRP J 120 22.71 16.97 34.91
C TRP J 120 23.02 16.36 33.55
N ASP J 121 21.98 16.04 32.76
CA ASP J 121 22.22 15.45 31.45
C ASP J 121 22.93 16.43 30.52
N LYS J 122 22.77 17.74 30.75
CA LYS J 122 23.45 18.72 29.91
C LYS J 122 24.94 18.82 30.23
N GLU J 123 25.35 18.45 31.45
CA GLU J 123 26.74 18.55 31.85
C GLU J 123 27.58 17.34 31.46
N ILE J 124 27.01 16.14 31.48
CA ILE J 124 27.75 14.96 31.03
C ILE J 124 27.88 14.91 29.52
N SER J 125 27.17 15.77 28.78
CA SER J 125 27.34 15.85 27.34
C SER J 125 28.76 16.28 27.01
N ASN J 126 29.18 16.05 25.76
CA ASN J 126 30.53 16.31 25.26
C ASN J 126 31.56 15.33 25.81
N TYR J 127 31.15 14.37 26.64
CA TYR J 127 32.06 13.40 27.22
C TYR J 127 31.52 11.99 27.30
N THR J 128 30.24 11.77 26.98
CA THR J 128 29.62 10.46 27.16
C THR J 128 30.24 9.42 26.24
N GLN J 129 30.62 9.83 25.01
CA GLN J 129 31.21 8.92 24.04
C GLN J 129 32.48 8.25 24.56
N ILE J 130 33.21 8.90 25.47
CA ILE J 130 34.37 8.26 26.08
C ILE J 130 33.92 7.14 27.02
N ILE J 131 32.84 7.38 27.77
CA ILE J 131 32.35 6.40 28.73
C ILE J 131 31.82 5.16 28.00
N TYR J 132 31.13 5.36 26.88
CA TYR J 132 30.59 4.21 26.17
C TYR J 132 31.69 3.33 25.55
N GLY J 133 32.94 3.79 25.51
CA GLY J 133 34.05 2.94 25.14
C GLY J 133 34.76 2.35 26.35
N LEU J 134 34.94 3.18 27.39
CA LEU J 134 35.61 2.72 28.60
C LEU J 134 34.87 1.56 29.24
N LEU J 135 33.53 1.64 29.30
CA LEU J 135 32.75 0.60 29.94
C LEU J 135 32.95 -0.74 29.25
N GLU J 136 32.85 -0.77 27.92
CA GLU J 136 32.96 -2.05 27.22
C GLU J 136 34.39 -2.57 27.27
N GLU J 137 35.38 -1.67 27.24
CA GLU J 137 36.77 -2.11 27.41
C GLU J 137 36.96 -2.83 28.74
N SER J 138 36.52 -2.19 29.83
CA SER J 138 36.65 -2.80 31.15
C SER J 138 35.87 -4.11 31.24
N GLN J 139 34.67 -4.15 30.66
CA GLN J 139 33.85 -5.36 30.73
C GLN J 139 34.52 -6.52 30.00
N ASN J 140 35.09 -6.26 28.82
CA ASN J 140 35.75 -7.34 28.10
C ASN J 140 37.00 -7.82 28.84
N GLN J 141 37.75 -6.90 29.44
CA GLN J 141 38.88 -7.30 30.27
C GLN J 141 38.43 -8.21 31.39
N GLN J 142 37.36 -7.82 32.10
CA GLN J 142 36.87 -8.63 33.20
C GLN J 142 36.36 -9.99 32.72
N GLU J 143 35.72 -10.02 31.54
CA GLU J 143 35.21 -11.26 30.98
C GLU J 143 36.34 -12.25 30.74
N LYS J 144 37.38 -11.80 30.04
CA LYS J 144 38.49 -12.72 29.78
C LYS J 144 39.21 -13.09 31.07
N ASN J 145 39.27 -12.18 32.04
CA ASN J 145 39.89 -12.50 33.32
C ASN J 145 39.12 -13.61 34.03
N GLU J 146 37.80 -13.53 34.06
CA GLU J 146 37.01 -14.57 34.71
C GLU J 146 37.13 -15.90 33.96
N GLN J 147 37.16 -15.85 32.63
CA GLN J 147 37.34 -17.07 31.86
C GLN J 147 38.69 -17.72 32.17
N ASP J 148 39.75 -16.91 32.28
CA ASP J 148 41.06 -17.45 32.63
C ASP J 148 41.05 -18.03 34.03
N LEU J 149 40.39 -17.35 34.97
CA LEU J 149 40.31 -17.86 36.35
C LEU J 149 39.62 -19.20 36.39
N LEU J 150 38.52 -19.36 35.65
CA LEU J 150 37.86 -20.67 35.59
C LEU J 150 38.76 -21.70 34.93
N ALA J 151 39.49 -21.30 33.88
CA ALA J 151 40.40 -22.23 33.22
C ALA J 151 41.58 -22.62 34.09
N LEU J 152 41.88 -21.86 35.15
CA LEU J 152 43.04 -22.12 35.98
C LEU J 152 42.98 -23.49 36.65
N ASP J 153 41.81 -23.95 37.07
CA ASP J 153 41.69 -25.20 37.83
C ASP J 153 42.02 -26.42 36.97
N GLN K 1 15.24 29.04 -8.26
CA GLN K 1 15.70 30.28 -8.86
C GLN K 1 14.62 31.35 -8.79
N VAL K 2 15.05 32.61 -8.76
CA VAL K 2 14.15 33.76 -8.66
C VAL K 2 14.32 34.61 -9.91
N GLN K 3 13.21 34.96 -10.54
CA GLN K 3 13.20 35.82 -11.71
C GLN K 3 11.94 36.66 -11.69
N LEU K 4 12.11 37.98 -11.83
CA LEU K 4 11.01 38.95 -11.72
C LEU K 4 10.98 39.77 -13.00
N VAL K 5 10.17 39.34 -13.96
CA VAL K 5 9.98 40.06 -15.22
C VAL K 5 8.96 41.17 -14.99
N GLN K 6 9.02 42.21 -15.81
CA GLN K 6 8.12 43.35 -15.70
C GLN K 6 7.81 43.90 -17.09
N SER K 7 6.70 44.62 -17.17
CA SER K 7 6.27 45.20 -18.43
C SER K 7 7.00 46.52 -18.69
N GLY K 8 6.83 47.03 -19.90
CA GLY K 8 7.45 48.28 -20.29
C GLY K 8 6.76 49.49 -19.69
N GLY K 9 7.34 50.65 -19.95
CA GLY K 9 6.83 51.90 -19.42
C GLY K 9 5.63 52.41 -20.20
N GLN K 10 5.03 53.47 -19.65
CA GLN K 10 3.87 54.11 -20.24
C GLN K 10 3.90 55.59 -19.90
N MET K 11 3.05 56.34 -20.61
CA MET K 11 2.78 57.74 -20.29
C MET K 11 1.27 57.92 -20.18
N LYS K 12 0.82 58.45 -19.05
CA LYS K 12 -0.60 58.52 -18.72
C LYS K 12 -0.97 59.97 -18.38
N LYS K 13 -2.26 60.29 -18.60
CA LYS K 13 -2.83 61.60 -18.34
C LYS K 13 -3.35 61.69 -16.91
N PRO K 14 -3.49 62.89 -16.33
CA PRO K 14 -4.07 62.98 -14.99
C PRO K 14 -5.50 62.47 -14.97
N GLY K 15 -5.86 61.78 -13.88
CA GLY K 15 -7.18 61.20 -13.74
C GLY K 15 -7.35 59.86 -14.43
N GLU K 16 -6.39 59.44 -15.25
CA GLU K 16 -6.47 58.16 -15.94
C GLU K 16 -6.00 57.04 -15.00
N SER K 17 -6.15 55.79 -15.44
CA SER K 17 -5.63 54.63 -14.73
C SER K 17 -4.55 53.94 -15.56
N MET K 18 -3.64 53.27 -14.85
CA MET K 18 -2.63 52.42 -15.43
C MET K 18 -2.70 51.02 -14.83
N ARG K 19 -2.31 50.04 -15.61
CA ARG K 19 -2.09 48.67 -15.15
C ARG K 19 -0.63 48.31 -15.37
N ILE K 20 -0.09 47.48 -14.47
CA ILE K 20 1.27 46.98 -14.56
C ILE K 20 1.22 45.48 -14.29
N SER K 21 2.15 44.74 -14.91
CA SER K 21 2.25 43.30 -14.77
C SER K 21 3.66 42.92 -14.36
N CYS K 22 3.77 41.93 -13.47
CA CYS K 22 5.04 41.34 -13.09
C CYS K 22 4.86 39.84 -13.00
N ARG K 23 5.77 39.10 -13.65
CA ARG K 23 5.63 37.66 -13.84
C ARG K 23 6.76 36.94 -13.12
N ALA K 24 6.43 35.84 -12.47
CA ALA K 24 7.38 35.06 -11.69
C ALA K 24 7.81 33.81 -12.45
N SER K 25 8.91 33.22 -11.98
CA SER K 25 9.42 31.98 -12.57
C SER K 25 10.49 31.40 -11.66
N GLY K 26 10.70 30.08 -11.81
CA GLY K 26 11.78 29.40 -11.13
C GLY K 26 11.47 28.93 -9.72
N TYR K 27 10.26 29.13 -9.22
CA TYR K 27 9.91 28.75 -7.86
C TYR K 27 8.41 28.53 -7.78
N GLU K 28 7.96 28.12 -6.59
CA GLU K 28 6.54 27.95 -6.33
C GLU K 28 5.88 29.29 -6.06
N PHE K 29 5.07 29.77 -7.01
CA PHE K 29 4.52 31.11 -6.91
C PHE K 29 3.39 31.20 -5.90
N ILE K 30 2.68 30.10 -5.65
CA ILE K 30 1.44 30.18 -4.88
C ILE K 30 1.74 30.53 -3.42
N ASP K 31 2.83 30.01 -2.86
CA ASP K 31 3.07 30.05 -1.42
C ASP K 31 3.93 31.22 -0.96
N CYS K 32 4.48 32.02 -1.86
CA CYS K 32 5.56 32.95 -1.53
C CYS K 32 5.05 34.38 -1.59
N THR K 33 5.37 35.16 -0.56
CA THR K 33 4.93 36.55 -0.48
C THR K 33 5.54 37.37 -1.59
N LEU K 34 4.79 38.37 -2.07
CA LEU K 34 5.22 39.29 -3.10
C LEU K 34 4.88 40.70 -2.66
N ASN K 35 5.67 41.67 -3.13
CA ASN K 35 5.56 43.06 -2.68
C ASN K 35 5.64 44.01 -3.88
N TRP K 36 5.43 45.29 -3.60
CA TRP K 36 5.58 46.36 -4.58
C TRP K 36 6.12 47.59 -3.86
N ILE K 37 7.06 48.29 -4.50
CA ILE K 37 7.69 49.48 -3.94
C ILE K 37 7.64 50.59 -4.99
N ARG K 38 7.18 51.77 -4.57
CA ARG K 38 7.14 52.96 -5.42
C ARG K 38 8.42 53.76 -5.18
N LEU K 39 9.40 53.55 -6.05
CA LEU K 39 10.70 54.22 -5.92
C LEU K 39 10.67 55.52 -6.72
N ALA K 40 10.20 56.57 -6.07
CA ALA K 40 10.19 57.88 -6.70
C ALA K 40 11.61 58.45 -6.73
N PRO K 41 11.91 59.36 -7.67
CA PRO K 41 13.27 59.91 -7.73
C PRO K 41 13.46 61.06 -6.75
N GLY K 42 14.62 61.05 -6.10
CA GLY K 42 15.05 62.18 -5.29
C GLY K 42 14.34 62.34 -3.97
N LYS K 43 13.66 61.31 -3.47
CA LYS K 43 12.98 61.41 -2.18
C LYS K 43 12.82 60.00 -1.63
N ARG K 44 12.10 59.90 -0.50
CA ARG K 44 11.89 58.63 0.16
C ARG K 44 11.13 57.67 -0.76
N PRO K 45 11.68 56.50 -1.07
CA PRO K 45 10.86 55.50 -1.77
C PRO K 45 9.82 54.90 -0.83
N GLU K 46 8.56 55.03 -1.22
CA GLU K 46 7.42 54.66 -0.39
C GLU K 46 6.99 53.24 -0.70
N TRP K 47 6.25 52.65 0.22
CA TRP K 47 5.71 51.31 0.06
C TRP K 47 4.31 51.38 -0.56
N MET K 48 3.92 50.30 -1.25
CA MET K 48 2.59 50.20 -1.87
C MET K 48 1.69 49.19 -1.16
N GLY K 49 2.12 47.94 -1.01
CA GLY K 49 1.28 46.94 -0.37
C GLY K 49 1.90 45.57 -0.48
N TRP K 50 1.16 44.56 -0.02
CA TRP K 50 1.63 43.18 -0.03
C TRP K 50 0.69 42.36 -0.90
N LEU K 51 1.13 41.15 -1.26
CA LEU K 51 0.28 40.17 -1.93
C LEU K 51 0.73 38.77 -1.55
N LYS K 52 -0.22 37.91 -1.22
CA LYS K 52 0.03 36.50 -0.89
C LYS K 52 -0.70 35.65 -1.93
N PRO K 53 -0.01 35.12 -2.96
CA PRO K 53 -0.74 34.50 -4.07
C PRO K 53 -1.57 33.28 -3.71
N ARG K 54 -1.30 32.62 -2.57
CA ARG K 54 -2.05 31.44 -2.21
C ARG K 54 -3.53 31.73 -2.06
N GLY K 55 -3.87 32.74 -1.25
CA GLY K 55 -5.25 33.12 -1.02
C GLY K 55 -5.67 34.39 -1.72
N GLY K 56 -4.71 35.13 -2.28
CA GLY K 56 -5.00 36.43 -2.84
C GLY K 56 -5.14 37.53 -1.82
N ALA K 57 -4.79 37.28 -0.57
CA ALA K 57 -4.86 38.31 0.46
C ALA K 57 -3.90 39.45 0.14
N VAL K 58 -4.32 40.67 0.49
CA VAL K 58 -3.56 41.87 0.20
C VAL K 58 -3.58 42.78 1.42
N ASN K 59 -2.65 43.74 1.42
CA ASN K 59 -2.60 44.81 2.40
C ASN K 59 -2.02 46.02 1.71
N TYR K 60 -2.46 47.21 2.12
CA TYR K 60 -2.14 48.44 1.42
C TYR K 60 -1.59 49.48 2.38
N ALA K 61 -0.69 50.32 1.87
CA ALA K 61 -0.23 51.46 2.63
C ALA K 61 -1.39 52.40 2.89
N ARG K 62 -1.42 52.97 4.09
CA ARG K 62 -2.57 53.78 4.50
C ARG K 62 -2.85 54.97 3.59
N PRO K 63 -1.88 55.76 3.13
CA PRO K 63 -2.23 56.88 2.24
C PRO K 63 -2.58 56.47 0.82
N LEU K 64 -2.54 55.17 0.48
CA LEU K 64 -2.80 54.68 -0.86
C LEU K 64 -3.96 53.70 -0.95
N GLN K 65 -4.60 53.35 0.16
CA GLN K 65 -5.63 52.31 0.11
C GLN K 65 -6.93 52.78 -0.52
N GLY K 66 -7.10 54.09 -0.75
CA GLY K 66 -8.26 54.57 -1.47
C GLY K 66 -8.17 54.44 -2.99
N ARG K 67 -7.00 54.05 -3.52
CA ARG K 67 -6.76 53.98 -4.95
C ARG K 67 -6.19 52.65 -5.41
N VAL K 68 -5.34 52.02 -4.59
CA VAL K 68 -4.58 50.86 -5.05
C VAL K 68 -5.45 49.62 -5.04
N THR K 69 -5.27 48.77 -6.06
CA THR K 69 -5.88 47.45 -6.12
C THR K 69 -4.87 46.49 -6.71
N MET K 70 -4.54 45.43 -5.96
CA MET K 70 -3.52 44.47 -6.34
C MET K 70 -4.15 43.08 -6.50
N THR K 71 -3.89 42.47 -7.65
CA THR K 71 -4.47 41.18 -7.99
C THR K 71 -3.38 40.27 -8.54
N ARG K 72 -3.73 39.00 -8.74
CA ARG K 72 -2.80 38.02 -9.27
C ARG K 72 -3.58 36.95 -10.03
N ASP K 73 -2.85 36.12 -10.78
CA ASP K 73 -3.40 34.98 -11.49
C ASP K 73 -2.47 33.80 -11.27
N VAL K 74 -2.97 32.77 -10.59
CA VAL K 74 -2.12 31.65 -10.21
C VAL K 74 -1.68 30.85 -11.44
N TYR K 75 -2.57 30.66 -12.40
CA TYR K 75 -2.29 29.81 -13.56
C TYR K 75 -1.32 30.45 -14.55
N SER K 76 -1.01 31.74 -14.40
CA SER K 76 -0.02 32.41 -15.24
C SER K 76 1.18 32.93 -14.46
N ASP K 77 1.18 32.79 -13.13
CA ASP K 77 2.30 33.25 -12.30
C ASP K 77 2.54 34.74 -12.46
N THR K 78 1.47 35.51 -12.63
CA THR K 78 1.54 36.95 -12.90
C THR K 78 0.89 37.72 -11.75
N ALA K 79 1.58 38.72 -11.24
CA ALA K 79 1.01 39.70 -10.35
C ALA K 79 0.63 40.95 -11.14
N PHE K 80 -0.29 41.73 -10.59
CA PHE K 80 -0.78 42.95 -11.24
C PHE K 80 -1.02 44.02 -10.19
N LEU K 81 -0.95 45.27 -10.65
CA LEU K 81 -1.13 46.44 -9.81
C LEU K 81 -1.88 47.50 -10.60
N GLU K 82 -2.47 48.46 -9.89
CA GLU K 82 -3.27 49.49 -10.55
C GLU K 82 -3.42 50.69 -9.64
N LEU K 83 -3.59 51.86 -10.24
CA LEU K 83 -3.95 53.09 -9.56
C LEU K 83 -5.28 53.58 -10.12
N ARG K 84 -6.32 53.60 -9.28
CA ARG K 84 -7.65 53.92 -9.77
C ARG K 84 -7.81 55.37 -10.20
N SER K 85 -6.93 56.26 -9.76
CA SER K 85 -7.04 57.68 -10.10
C SER K 85 -5.68 58.31 -9.94
N LEU K 86 -5.08 58.73 -11.06
CA LEU K 86 -3.69 59.16 -11.08
C LEU K 86 -3.56 60.67 -10.88
N THR K 87 -2.33 61.10 -10.60
CA THR K 87 -1.94 62.50 -10.53
C THR K 87 -0.47 62.59 -10.89
N VAL K 88 0.01 63.81 -11.14
CA VAL K 88 1.41 64.01 -11.52
C VAL K 88 2.37 63.54 -10.43
N ASP K 89 1.92 63.50 -9.18
CA ASP K 89 2.78 63.11 -8.08
C ASP K 89 3.13 61.63 -8.07
N ASP K 90 2.48 60.81 -8.90
CA ASP K 90 2.75 59.37 -8.94
C ASP K 90 3.90 59.00 -9.86
N THR K 91 4.57 59.97 -10.47
CA THR K 91 5.68 59.69 -11.37
C THR K 91 6.81 58.97 -10.64
N ALA K 92 7.02 57.70 -10.94
CA ALA K 92 8.01 56.90 -10.24
C ALA K 92 8.19 55.57 -10.96
N VAL K 93 9.19 54.82 -10.53
CA VAL K 93 9.48 53.48 -11.03
C VAL K 93 8.86 52.49 -10.06
N TYR K 94 8.14 51.50 -10.59
CA TYR K 94 7.39 50.54 -9.78
C TYR K 94 8.13 49.20 -9.83
N PHE K 95 8.53 48.70 -8.66
CA PHE K 95 9.40 47.53 -8.55
C PHE K 95 8.65 46.39 -7.87
N CYS K 96 8.27 45.37 -8.64
CA CYS K 96 7.77 44.14 -8.02
C CYS K 96 8.94 43.39 -7.39
N THR K 97 8.66 42.70 -6.29
CA THR K 97 9.73 42.30 -5.38
C THR K 97 9.28 41.11 -4.53
N ARG K 98 10.22 40.22 -4.21
CA ARG K 98 10.00 39.08 -3.33
C ARG K 98 10.88 39.17 -2.08
N GLY K 99 10.72 38.17 -1.20
CA GLY K 99 11.74 37.81 -0.23
C GLY K 99 12.35 36.48 -0.66
N LYS K 100 13.59 36.20 -0.27
CA LYS K 100 14.27 35.03 -0.85
C LYS K 100 13.75 33.73 -0.23
N ASN K 101 13.75 33.65 1.10
CA ASN K 101 13.01 32.57 1.76
C ASN K 101 11.52 32.88 1.76
N CYS K 102 11.16 34.15 1.88
CA CYS K 102 9.78 34.63 1.97
C CYS K 102 8.93 33.83 2.94
N ASP K 103 9.53 33.43 4.06
CA ASP K 103 8.81 33.27 5.32
C ASP K 103 8.86 34.55 6.14
N TYR K 104 9.59 35.56 5.67
CA TYR K 104 9.71 36.87 6.30
C TYR K 104 9.23 37.88 5.29
N ASN K 105 8.26 38.72 5.69
CA ASN K 105 7.54 39.57 4.75
C ASN K 105 8.49 40.48 3.96
N TRP K 106 9.58 40.87 4.60
CA TRP K 106 10.54 41.84 4.10
C TRP K 106 11.27 41.29 2.88
N ASP K 107 12.05 42.18 2.17
CA ASP K 107 12.64 41.92 0.84
C ASP K 107 14.04 42.55 0.78
N PHE K 108 15.14 41.79 0.88
CA PHE K 108 15.37 40.34 1.16
C PHE K 108 15.10 39.45 -0.10
N GLU K 109 15.10 40.06 -1.29
CA GLU K 109 15.34 39.43 -2.60
C GLU K 109 15.26 40.52 -3.66
N HIS K 110 15.43 40.15 -4.94
CA HIS K 110 14.95 40.92 -6.08
C HIS K 110 13.57 41.49 -5.76
N TRP K 111 13.31 42.78 -6.03
CA TRP K 111 13.99 43.73 -6.94
C TRP K 111 14.32 43.19 -8.33
N GLY K 112 13.27 42.93 -9.11
CA GLY K 112 13.39 42.75 -10.54
C GLY K 112 13.73 44.06 -11.25
N ARG K 113 13.79 44.05 -12.58
CA ARG K 113 14.39 45.16 -13.31
C ARG K 113 13.58 46.46 -13.23
N GLY K 114 12.34 46.43 -12.76
CA GLY K 114 11.54 47.63 -12.64
C GLY K 114 10.88 48.03 -13.94
N THR K 115 10.09 49.10 -13.86
CA THR K 115 9.41 49.67 -15.01
C THR K 115 9.11 51.13 -14.70
N PRO K 116 9.56 52.10 -15.50
CA PRO K 116 9.24 53.51 -15.21
C PRO K 116 7.97 53.95 -15.91
N VAL K 117 7.21 54.80 -15.23
CA VAL K 117 6.00 55.40 -15.79
C VAL K 117 5.95 56.85 -15.34
N ILE K 118 5.54 57.74 -16.24
CA ILE K 118 5.50 59.17 -16.00
C ILE K 118 4.06 59.65 -16.22
N VAL K 119 3.58 60.50 -15.32
CA VAL K 119 2.30 61.18 -15.46
C VAL K 119 2.61 62.63 -15.80
N SER K 120 2.12 63.09 -16.95
CA SER K 120 2.46 64.40 -17.47
C SER K 120 1.19 65.09 -17.96
N SER K 121 1.32 66.38 -18.22
CA SER K 121 0.21 67.21 -18.69
C SER K 121 0.69 68.31 -19.61
N GLU L 1 5.52 55.92 13.43
CA GLU L 1 6.30 57.12 13.68
C GLU L 1 7.45 57.18 12.67
N ILE L 2 8.37 58.14 12.84
CA ILE L 2 9.51 58.25 11.94
C ILE L 2 10.49 57.14 12.33
N VAL L 3 10.34 55.99 11.68
CA VAL L 3 11.08 54.80 12.12
C VAL L 3 12.52 54.84 11.65
N LEU L 4 12.81 55.56 10.56
CA LEU L 4 14.14 55.58 9.96
C LEU L 4 14.58 57.01 9.70
N THR L 5 15.89 57.23 9.82
CA THR L 5 16.48 58.54 9.55
C THR L 5 17.96 58.32 9.26
N GLN L 6 18.38 58.55 8.03
CA GLN L 6 19.77 58.38 7.62
C GLN L 6 20.50 59.72 7.69
N SER L 7 21.82 59.65 7.75
CA SER L 7 22.68 60.83 7.75
C SER L 7 24.12 60.37 7.57
N PRO L 8 24.96 61.15 6.86
CA PRO L 8 24.72 62.40 6.14
C PRO L 8 24.11 62.17 4.76
N GLY L 9 23.20 63.06 4.35
CA GLY L 9 22.54 62.90 3.06
C GLY L 9 23.50 63.01 1.89
N THR L 10 24.48 63.91 1.99
CA THR L 10 25.44 64.16 0.91
C THR L 10 26.83 63.84 1.43
N LEU L 11 27.61 63.13 0.61
CA LEU L 11 28.97 62.74 0.98
C LEU L 11 29.85 62.83 -0.27
N SER L 12 31.02 63.44 -0.10
CA SER L 12 32.03 63.56 -1.14
C SER L 12 33.23 62.71 -0.74
N LEU L 13 33.65 61.82 -1.62
CA LEU L 13 34.69 60.84 -1.29
C LEU L 13 35.49 60.50 -2.54
N SER L 14 36.82 60.46 -2.39
CA SER L 14 37.73 60.10 -3.47
C SER L 14 37.90 58.59 -3.53
N PRO L 15 38.19 58.00 -4.70
CA PRO L 15 38.27 56.54 -4.78
C PRO L 15 39.42 55.98 -3.94
N GLY L 16 39.20 54.77 -3.41
CA GLY L 16 40.13 54.15 -2.49
C GLY L 16 39.93 54.52 -1.04
N GLU L 17 39.18 55.58 -0.75
CA GLU L 17 38.91 56.00 0.61
C GLU L 17 37.73 55.21 1.18
N THR L 18 37.63 55.20 2.51
CA THR L 18 36.59 54.47 3.22
C THR L 18 35.40 55.40 3.47
N ALA L 19 34.21 54.92 3.12
CA ALA L 19 32.98 55.69 3.31
C ALA L 19 32.31 55.33 4.63
N ILE L 20 31.47 56.24 5.13
CA ILE L 20 30.74 56.05 6.38
C ILE L 20 29.34 56.62 6.21
N ILE L 21 28.33 55.82 6.57
CA ILE L 21 26.94 56.25 6.59
C ILE L 21 26.30 55.73 7.88
N SER L 22 25.35 56.50 8.41
CA SER L 22 24.65 56.15 9.64
C SER L 22 23.14 56.23 9.45
N CYS L 23 22.44 55.23 9.99
CA CYS L 23 20.98 55.22 10.06
C CYS L 23 20.57 54.99 11.50
N ARG L 24 19.65 55.82 12.00
CA ARG L 24 19.09 55.70 13.33
C ARG L 24 17.69 55.12 13.24
N THR L 25 17.45 54.03 13.97
CA THR L 25 16.14 53.39 14.04
C THR L 25 15.52 53.73 15.39
N SER L 26 14.30 54.25 15.36
CA SER L 26 13.62 54.69 16.57
C SER L 26 12.75 53.60 17.20
N GLN L 27 12.66 52.42 16.60
CA GLN L 27 11.92 51.31 17.18
C GLN L 27 12.69 50.02 16.94
N TYR L 28 12.48 49.06 17.85
CA TYR L 28 13.12 47.76 17.74
C TYR L 28 12.68 47.07 16.45
N GLY L 29 13.64 46.47 15.76
CA GLY L 29 13.32 45.76 14.53
C GLY L 29 14.57 45.45 13.74
N SER L 30 14.37 44.71 12.66
CA SER L 30 15.44 44.41 11.73
C SER L 30 15.93 45.70 11.06
N LEU L 31 17.02 45.56 10.33
CA LEU L 31 17.65 46.70 9.69
C LEU L 31 18.53 46.19 8.56
N ALA L 32 18.87 47.08 7.62
CA ALA L 32 19.58 46.66 6.43
C ALA L 32 20.07 47.88 5.66
N TRP L 33 20.75 47.63 4.56
CA TRP L 33 21.23 48.67 3.68
C TRP L 33 21.12 48.21 2.23
N TYR L 34 20.89 49.16 1.34
CA TYR L 34 20.70 48.90 -0.08
C TYR L 34 21.65 49.75 -0.90
N GLN L 35 22.08 49.22 -2.04
CA GLN L 35 22.93 49.95 -2.98
C GLN L 35 22.12 50.21 -4.23
N GLN L 36 21.86 51.48 -4.52
CA GLN L 36 21.25 51.89 -5.78
C GLN L 36 22.38 52.21 -6.75
N ARG L 37 22.65 51.28 -7.66
CA ARG L 37 23.54 51.59 -8.76
C ARG L 37 22.86 52.66 -9.62
N PRO L 38 23.55 53.75 -10.00
CA PRO L 38 22.86 54.85 -10.69
C PRO L 38 22.18 54.39 -11.98
N GLY L 39 20.91 54.76 -12.12
CA GLY L 39 20.14 54.41 -13.28
C GLY L 39 19.87 52.92 -13.44
N GLN L 40 19.89 52.17 -12.34
CA GLN L 40 19.68 50.73 -12.38
C GLN L 40 18.83 50.31 -11.18
N ALA L 41 18.48 49.03 -11.14
CA ALA L 41 17.70 48.49 -10.05
C ALA L 41 18.57 48.37 -8.79
N PRO L 42 18.12 48.84 -7.61
CA PRO L 42 18.90 48.62 -6.40
C PRO L 42 19.07 47.14 -6.07
N ARG L 43 19.89 46.89 -5.05
CA ARG L 43 20.26 45.53 -4.67
C ARG L 43 20.57 45.49 -3.18
N LEU L 44 20.30 44.34 -2.57
CA LEU L 44 20.57 44.14 -1.15
C LEU L 44 22.08 44.09 -0.90
N VAL L 45 22.50 44.62 0.25
CA VAL L 45 23.92 44.68 0.63
C VAL L 45 24.14 44.00 1.98
N ILE L 46 23.51 44.55 3.03
CA ILE L 46 23.63 44.04 4.39
C ILE L 46 22.22 43.91 4.94
N TYR L 47 21.99 42.87 5.75
CA TYR L 47 20.69 42.67 6.37
C TYR L 47 20.86 42.06 7.74
N SER L 48 19.81 42.18 8.57
CA SER L 48 19.81 41.69 9.94
C SER L 48 20.95 42.31 10.74
N GLY L 49 21.24 43.58 10.50
CA GLY L 49 22.32 44.26 11.15
C GLY L 49 23.62 44.18 10.38
N SER L 50 24.48 43.23 10.74
CA SER L 50 25.83 43.14 10.20
C SER L 50 26.01 42.07 9.12
N THR L 51 25.09 41.11 9.03
CA THR L 51 25.25 40.01 8.08
C THR L 51 25.19 40.52 6.64
N ARG L 52 26.15 40.09 5.82
CA ARG L 52 26.26 40.58 4.46
C ARG L 52 25.31 39.82 3.53
N ALA L 53 25.02 40.45 2.39
CA ALA L 53 24.23 39.81 1.35
C ALA L 53 25.11 38.88 0.53
N ALA L 54 24.47 38.13 -0.38
CA ALA L 54 25.18 37.18 -1.21
C ALA L 54 26.09 37.92 -2.20
N GLY L 55 27.31 37.41 -2.37
CA GLY L 55 28.23 37.93 -3.35
C GLY L 55 28.81 39.29 -3.04
N ILE L 56 28.88 39.67 -1.77
CA ILE L 56 29.39 40.98 -1.35
C ILE L 56 30.66 40.75 -0.55
N PRO L 57 31.80 41.36 -0.92
CA PRO L 57 33.01 41.18 -0.10
C PRO L 57 32.86 41.81 1.27
N ASP L 58 33.92 41.63 2.08
CA ASP L 58 33.92 42.05 3.47
C ASP L 58 34.11 43.55 3.63
N ARG L 59 34.33 44.27 2.53
CA ARG L 59 34.44 45.72 2.59
C ARG L 59 33.17 46.35 3.16
N PHE L 60 32.02 45.71 2.94
CA PHE L 60 30.73 46.22 3.40
C PHE L 60 30.45 45.63 4.78
N SER L 61 30.33 46.48 5.79
CA SER L 61 30.15 45.99 7.16
C SER L 61 29.56 47.09 8.02
N GLY L 62 29.09 46.70 9.20
CA GLY L 62 28.52 47.64 10.15
C GLY L 62 28.03 46.91 11.37
N SER L 63 27.52 47.68 12.33
CA SER L 63 27.06 47.11 13.59
C SER L 63 26.23 48.15 14.33
N ARG L 64 25.48 47.66 15.33
CA ARG L 64 24.71 48.53 16.21
C ARG L 64 24.46 47.85 17.54
N TRP L 65 24.10 48.69 18.51
CA TRP L 65 23.34 48.26 19.68
C TRP L 65 22.19 49.23 19.86
N GLY L 66 20.96 48.75 19.72
CA GLY L 66 19.79 49.56 19.92
C GLY L 66 19.53 50.54 18.78
N PRO L 67 19.58 51.86 19.02
CA PRO L 67 19.02 52.80 18.04
C PRO L 67 19.95 53.18 16.90
N ASP L 68 21.27 53.17 17.09
CA ASP L 68 22.20 53.79 16.15
C ASP L 68 23.02 52.70 15.45
N TYR L 69 23.04 52.76 14.11
CA TYR L 69 23.84 51.87 13.28
C TYR L 69 24.80 52.69 12.44
N ASN L 70 26.05 52.20 12.34
CA ASN L 70 27.07 52.76 11.47
C ASN L 70 27.37 51.79 10.34
N LEU L 71 27.31 52.27 9.10
CA LEU L 71 27.76 51.51 7.94
C LEU L 71 29.10 52.06 7.50
N THR L 72 29.98 51.16 7.06
CA THR L 72 31.30 51.52 6.54
C THR L 72 31.59 50.72 5.29
N ILE L 73 32.08 51.42 4.26
CA ILE L 73 32.46 50.82 2.99
C ILE L 73 33.93 51.16 2.77
N SER L 74 34.78 50.14 2.78
CA SER L 74 36.21 50.35 2.70
C SER L 74 36.70 50.22 1.26
N ASN L 75 37.55 51.18 0.86
CA ASN L 75 38.16 51.19 -0.47
C ASN L 75 37.10 51.22 -1.56
N LEU L 76 36.35 52.32 -1.58
CA LEU L 76 35.22 52.45 -2.51
C LEU L 76 35.76 52.77 -3.90
N GLU L 77 35.62 51.83 -4.83
CA GLU L 77 35.96 52.08 -6.22
C GLU L 77 34.80 52.77 -6.92
N SER L 78 35.02 53.09 -8.20
CA SER L 78 34.05 53.90 -8.94
C SER L 78 32.71 53.18 -9.09
N GLY L 79 32.75 51.85 -9.26
CA GLY L 79 31.54 51.11 -9.58
C GLY L 79 30.47 51.15 -8.50
N ASP L 80 30.86 51.21 -7.23
CA ASP L 80 29.93 51.07 -6.12
C ASP L 80 29.42 52.40 -5.58
N PHE L 81 29.76 53.53 -6.19
CA PHE L 81 29.17 54.80 -5.79
C PHE L 81 27.68 54.81 -6.10
N GLY L 82 26.98 55.76 -5.47
CA GLY L 82 25.56 55.96 -5.73
C GLY L 82 24.79 56.49 -4.53
N VAL L 83 23.62 55.92 -4.29
CA VAL L 83 22.74 56.30 -3.19
C VAL L 83 22.42 55.05 -2.38
N TYR L 84 22.50 55.17 -1.06
CA TYR L 84 22.33 54.04 -0.14
C TYR L 84 21.11 54.29 0.76
N TYR L 85 20.25 53.28 0.88
CA TYR L 85 18.97 53.40 1.56
C TYR L 85 18.92 52.52 2.79
N CYS L 86 18.17 52.96 3.80
CA CYS L 86 17.97 52.24 5.05
C CYS L 86 16.51 51.80 5.14
N GLN L 87 16.28 50.51 5.42
CA GLN L 87 14.96 49.92 5.36
C GLN L 87 14.67 49.15 6.64
N GLN L 88 13.40 49.15 7.07
CA GLN L 88 13.01 48.41 8.27
C GLN L 88 11.53 48.05 8.22
N TYR L 89 11.23 46.83 7.76
CA TYR L 89 9.93 46.17 7.68
C TYR L 89 8.94 46.74 6.67
N GLU L 90 8.94 48.06 6.48
CA GLU L 90 8.30 48.68 5.32
C GLU L 90 8.95 50.01 4.93
N PHE L 91 9.54 50.70 5.91
CA PHE L 91 9.98 52.08 5.73
C PHE L 91 11.21 52.14 4.84
N PHE L 92 11.52 53.35 4.39
CA PHE L 92 12.80 53.64 3.76
C PHE L 92 13.31 54.97 4.30
N GLY L 93 14.62 55.03 4.51
CA GLY L 93 15.23 56.29 4.88
C GLY L 93 15.26 57.24 3.70
N GLN L 94 15.65 58.48 3.97
CA GLN L 94 15.70 59.49 2.91
C GLN L 94 16.85 59.22 1.94
N GLY L 95 17.76 58.30 2.29
CA GLY L 95 18.86 57.96 1.40
C GLY L 95 20.04 58.88 1.59
N THR L 96 21.24 58.39 1.24
CA THR L 96 22.47 59.15 1.36
C THR L 96 23.27 58.99 0.08
N LYS L 97 23.65 60.11 -0.52
CA LYS L 97 24.31 60.12 -1.83
C LYS L 97 25.82 60.23 -1.63
N VAL L 98 26.55 59.35 -2.30
CA VAL L 98 28.01 59.34 -2.29
C VAL L 98 28.49 59.50 -3.73
N GLN L 99 29.33 60.51 -3.96
CA GLN L 99 29.84 60.85 -5.28
C GLN L 99 31.36 60.76 -5.28
N VAL L 100 31.93 60.51 -6.46
CA VAL L 100 33.35 60.27 -6.61
C VAL L 100 34.02 61.57 -7.01
N ASP L 101 35.11 61.91 -6.32
CA ASP L 101 35.92 63.08 -6.66
C ASP L 101 36.99 62.70 -7.68
C1 NAG M . -14.79 51.88 24.27
C2 NAG M . -14.77 53.08 25.17
C3 NAG M . -15.82 52.92 26.27
C4 NAG M . -17.19 52.54 25.72
C5 NAG M . -17.09 51.44 24.64
C6 NAG M . -18.34 51.31 23.79
C7 NAG M . -13.03 54.45 26.23
C8 NAG M . -11.64 54.47 26.79
N2 NAG M . -13.45 53.29 25.75
O3 NAG M . -15.92 54.14 27.01
O4 NAG M . -17.91 52.03 26.84
O5 NAG M . -16.04 51.74 23.69
O6 NAG M . -18.07 50.65 22.57
O7 NAG M . -13.74 55.46 26.21
C1 NAG M . -19.37 51.99 26.98
C2 NAG M . -20.17 53.03 26.16
C3 NAG M . -21.67 52.79 26.30
C4 NAG M . -22.02 51.34 25.98
C5 NAG M . -21.19 50.42 26.88
C6 NAG M . -21.44 48.95 26.64
C7 NAG M . -19.63 55.39 25.70
C8 NAG M . -19.29 56.73 26.31
N2 NAG M . -19.83 54.39 26.56
O3 NAG M . -22.38 53.66 25.43
O4 NAG M . -23.41 51.10 26.17
O5 NAG M . -19.80 50.65 26.63
O6 NAG M . -21.12 48.57 25.31
O7 NAG M . -19.73 55.23 24.49
C1 BMA M . -23.98 50.39 25.04
C2 BMA M . -25.44 50.05 25.39
C3 BMA M . -26.07 49.29 24.23
C4 BMA M . -25.87 50.03 22.89
C5 BMA M . -24.39 50.40 22.69
C6 BMA M . -24.15 51.24 21.44
O2 BMA M . -26.20 51.23 25.58
O3 BMA M . -27.45 49.06 24.45
O4 BMA M . -26.30 49.19 21.83
O5 BMA M . -23.95 51.15 23.84
O6 BMA M . -22.78 51.14 21.09
C1 NAG N . -37.75 -26.95 -12.86
C2 NAG N . -38.43 -25.60 -12.68
C3 NAG N . -39.94 -25.78 -12.48
C4 NAG N . -40.53 -26.64 -13.59
C5 NAG N . -39.75 -27.94 -13.72
C6 NAG N . -40.20 -28.77 -14.89
C7 NAG N . -36.77 -24.11 -11.63
C8 NAG N . -36.33 -23.46 -10.36
N2 NAG N . -37.85 -24.88 -11.54
O3 NAG N . -40.57 -24.50 -12.46
O4 NAG N . -41.88 -26.98 -13.27
O5 NAG N . -38.36 -27.65 -13.93
O6 NAG N . -39.77 -28.21 -16.12
O7 NAG N . -36.17 -23.95 -12.69
C1 NAG N . -42.86 -26.12 -13.89
C2 NAG N . -44.23 -26.78 -13.70
C3 NAG N . -45.33 -25.91 -14.27
C4 NAG N . -45.26 -24.50 -13.66
C5 NAG N . -43.86 -23.93 -13.85
C6 NAG N . -43.67 -22.60 -13.17
C7 NAG N . -43.78 -29.20 -13.75
C8 NAG N . -43.89 -30.47 -14.53
N2 NAG N . -44.25 -28.10 -14.33
O3 NAG N . -46.59 -26.48 -14.00
O4 NAG N . -46.19 -23.64 -14.30
O5 NAG N . -42.88 -24.82 -13.29
O6 NAG N . -43.81 -22.71 -11.76
O7 NAG N . -43.28 -29.18 -12.62
C1 BMA N . -47.52 -23.65 -13.72
C2 BMA N . -48.16 -22.29 -14.06
C3 BMA N . -49.59 -22.26 -13.55
C4 BMA N . -50.38 -23.48 -14.05
C5 BMA N . -49.64 -24.77 -13.68
C6 BMA N . -50.32 -26.02 -14.22
O2 BMA N . -48.23 -22.09 -15.46
O3 BMA N . -50.25 -21.06 -13.94
O4 BMA N . -51.67 -23.49 -13.45
O5 BMA N . -48.31 -24.71 -14.24
O6 BMA N . -49.64 -27.15 -13.71
C1 NAG O . -26.02 -38.40 -19.10
C2 NAG O . -25.02 -38.83 -20.18
C3 NAG O . -25.69 -38.76 -21.55
C4 NAG O . -26.96 -39.59 -21.55
C5 NAG O . -27.87 -39.16 -20.41
C6 NAG O . -29.09 -40.05 -20.27
C7 NAG O . -23.77 -36.71 -20.35
C8 NAG O . -22.41 -36.08 -20.27
N2 NAG O . -23.80 -38.03 -20.15
O3 NAG O . -24.78 -39.27 -22.54
O4 NAG O . -27.67 -39.39 -22.78
O5 NAG O . -27.17 -39.23 -19.16
O6 NAG O . -28.74 -41.33 -19.75
O7 NAG O . -24.78 -36.05 -20.57
C1 NAG O . -27.27 -40.26 -23.87
C2 NAG O . -28.49 -40.54 -24.71
C3 NAG O . -28.13 -41.44 -25.89
C4 NAG O . -26.98 -40.83 -26.68
C5 NAG O . -25.81 -40.49 -25.75
C6 NAG O . -24.71 -39.75 -26.44
C7 NAG O . -30.79 -40.63 -23.81
C8 NAG O . -31.73 -41.41 -22.94
N2 NAG O . -29.56 -41.15 -23.91
O3 NAG O . -29.27 -41.61 -26.73
O4 NAG O . -26.50 -41.76 -27.65
O5 NAG O . -26.27 -39.65 -24.67
O6 NAG O . -23.77 -39.21 -25.51
O7 NAG O . -31.13 -39.61 -24.39
C1 BMA O . -27.24 -41.79 -28.90
C2 BMA O . -26.27 -42.30 -29.96
C3 BMA O . -27.00 -42.54 -31.28
C4 BMA O . -28.25 -43.39 -31.06
C5 BMA O . -29.14 -42.72 -30.00
C6 BMA O . -30.39 -43.52 -29.71
O2 BMA O . -25.71 -43.55 -29.59
O3 BMA O . -26.15 -43.16 -32.24
O4 BMA O . -28.96 -43.53 -32.28
O5 BMA O . -28.38 -42.62 -28.79
O6 BMA O . -31.22 -42.75 -28.85
C1 NAG P . -25.17 -14.52 -36.32
C2 NAG P . -24.95 -15.68 -37.29
C3 NAG P . -23.79 -15.37 -38.24
C4 NAG P . -24.01 -14.02 -38.92
C5 NAG P . -24.27 -12.94 -37.88
C6 NAG P . -24.62 -11.61 -38.50
C7 NAG P . -25.66 -17.81 -36.30
C8 NAG P . -25.21 -19.03 -35.55
N2 NAG P . -24.70 -16.92 -36.57
O3 NAG P . -23.69 -16.39 -39.21
O4 NAG P . -22.85 -13.70 -39.68
O5 NAG P . -25.38 -13.31 -37.05
O6 NAG P . -25.91 -11.64 -39.10
O7 NAG P . -26.82 -17.65 -36.63
C1 NAG P . -23.13 -13.53 -41.09
C2 NAG P . -21.79 -13.37 -41.80
C3 NAG P . -22.00 -13.18 -43.29
C4 NAG P . -22.84 -14.34 -43.85
C5 NAG P . -24.13 -14.48 -43.04
C6 NAG P . -24.95 -15.69 -43.45
C7 NAG P . -21.42 -10.98 -41.24
C8 NAG P . -20.48 -10.00 -40.62
N2 NAG P . -21.02 -12.26 -41.24
O3 NAG P . -20.74 -13.13 -43.95
O4 NAG P . -23.16 -14.09 -45.21
O5 NAG P . -23.83 -14.65 -41.64
O6 NAG P . -26.00 -15.94 -42.54
O7 NAG P . -22.50 -10.64 -41.71
C1 NAG Q . -13.67 -30.97 -7.89
C2 NAG Q . -13.25 -29.77 -8.73
C3 NAG Q . -13.02 -30.18 -10.18
C4 NAG Q . -11.98 -31.29 -10.24
C5 NAG Q . -12.43 -32.45 -9.35
C6 NAG Q . -11.40 -33.56 -9.27
C7 NAG Q . -15.50 -28.79 -9.04
C8 NAG Q . -16.34 -27.56 -8.88
N2 NAG Q . -14.23 -28.68 -8.65
O3 NAG Q . -12.58 -29.05 -10.92
O4 NAG Q . -11.83 -31.77 -11.57
O5 NAG Q . -12.66 -31.99 -8.01
O6 NAG Q . -11.85 -34.62 -8.43
O7 NAG Q . -15.96 -29.82 -9.51
C1 NAG Q . -10.88 -30.98 -12.35
C2 NAG Q . -10.39 -31.83 -13.51
C3 NAG Q . -9.38 -31.04 -14.34
C4 NAG Q . -9.98 -29.71 -14.78
C5 NAG Q . -10.57 -28.95 -13.57
C6 NAG Q . -11.33 -27.71 -13.98
C7 NAG Q . -10.32 -34.28 -13.27
C8 NAG Q . -9.57 -35.44 -12.69
N2 NAG Q . -9.80 -33.07 -13.03
O3 NAG Q . -9.02 -31.80 -15.49
O4 NAG Q . -8.97 -28.89 -15.34
O5 NAG Q . -11.48 -29.79 -12.86
O6 NAG Q . -11.94 -27.09 -12.86
O7 NAG Q . -11.35 -34.44 -13.92
C1 BMA Q . -8.87 -28.96 -16.78
C2 BMA Q . -7.94 -27.81 -17.22
C3 BMA Q . -7.60 -27.92 -18.71
C4 BMA Q . -7.16 -29.34 -19.07
C5 BMA Q . -8.23 -30.34 -18.61
C6 BMA Q . -7.85 -31.79 -18.92
O2 BMA Q . -6.71 -27.87 -16.51
O3 BMA Q . -6.55 -27.00 -19.09
O4 BMA Q . -6.99 -29.45 -20.47
O5 BMA Q . -8.38 -30.23 -17.20
O6 BMA Q . -6.62 -32.06 -18.26
C1 MAN Q . -6.96 -25.61 -18.98
C2 MAN Q . -6.15 -24.81 -20.06
C3 MAN Q . -4.71 -24.60 -19.62
C4 MAN Q . -4.65 -24.03 -18.20
C5 MAN Q . -5.37 -24.99 -17.26
C6 MAN Q . -5.37 -24.50 -15.82
O2 MAN Q . -6.69 -23.49 -20.25
O3 MAN Q . -4.00 -23.76 -20.52
O4 MAN Q . -3.30 -23.88 -17.79
O5 MAN Q . -6.74 -25.11 -17.67
O6 MAN Q . -6.00 -23.23 -15.77
C1 MAN Q . -6.05 -33.28 -18.76
C2 MAN Q . -4.89 -33.69 -17.81
C3 MAN Q . -3.70 -32.74 -17.98
C4 MAN Q . -3.31 -32.62 -19.46
C5 MAN Q . -4.53 -32.18 -20.28
C6 MAN Q . -4.25 -32.09 -21.77
O2 MAN Q . -4.39 -34.99 -18.11
O3 MAN Q . -2.58 -33.14 -17.21
O4 MAN Q . -2.27 -31.67 -19.62
O5 MAN Q . -5.59 -33.13 -20.10
O6 MAN Q . -5.46 -31.76 -22.44
C1 NAG R . -37.07 -45.92 4.05
C2 NAG R . -37.86 -47.07 4.63
C3 NAG R . -37.21 -48.39 4.21
C4 NAG R . -36.93 -48.46 2.71
C5 NAG R . -36.33 -47.15 2.18
C6 NAG R . -36.39 -47.03 0.67
C7 NAG R . -38.88 -47.60 6.80
C8 NAG R . -38.81 -47.39 8.28
N2 NAG R . -37.93 -46.97 6.07
O3 NAG R . -38.05 -49.47 4.60
O4 NAG R . -36.00 -49.52 2.55
O5 NAG R . -37.04 -46.01 2.67
O6 NAG R . -36.26 -45.68 0.25
O7 NAG R . -39.74 -48.30 6.28
C1 NAG R . -35.78 -50.33 1.34
C2 NAG R . -36.98 -50.41 0.36
C3 NAG R . -36.57 -51.14 -0.92
C4 NAG R . -35.31 -50.53 -1.51
C5 NAG R . -34.20 -50.53 -0.47
C6 NAG R . -32.91 -49.92 -0.94
C7 NAG R . -39.38 -50.64 0.84
C8 NAG R . -40.42 -51.44 1.57
N2 NAG R . -38.12 -51.06 0.99
O3 NAG R . -37.64 -51.08 -1.87
O4 NAG R . -34.90 -51.25 -2.67
O5 NAG R . -34.64 -49.75 0.66
O6 NAG R . -33.07 -48.57 -1.32
O7 NAG R . -39.68 -49.66 0.17
C1 BMA R . -34.60 -50.36 -3.78
C2 BMA R . -34.00 -51.21 -4.91
C3 BMA R . -33.66 -50.30 -6.09
C4 BMA R . -34.84 -49.42 -6.49
C5 BMA R . -35.43 -48.69 -5.26
C6 BMA R . -36.69 -47.90 -5.58
O2 BMA R . -34.94 -52.16 -5.39
O3 BMA R . -33.20 -51.05 -7.21
O4 BMA R . -34.42 -48.46 -7.45
O5 BMA R . -35.75 -49.67 -4.26
O6 BMA R . -36.89 -46.93 -4.55
C1 NAG S . 23.49 2.42 -41.88
C2 NAG S . 22.39 1.43 -42.26
C3 NAG S . 22.79 0.64 -43.51
C4 NAG S . 23.21 1.58 -44.63
C5 NAG S . 24.27 2.55 -44.14
C6 NAG S . 24.64 3.59 -45.16
C7 NAG S . 21.26 0.83 -40.16
C8 NAG S . 21.09 -0.23 -39.11
N2 NAG S . 22.10 0.53 -41.16
O3 NAG S . 21.68 -0.15 -43.93
O4 NAG S . 23.78 0.82 -45.70
O5 NAG S . 23.79 3.25 -42.99
O6 NAG S . 23.63 4.58 -45.28
O7 NAG S . 20.67 1.90 -40.11
C1 NAG S . 22.87 0.53 -46.77
C2 NAG S . 23.71 0.01 -47.94
C3 NAG S . 22.81 -0.40 -49.11
C4 NAG S . 21.76 -1.38 -48.64
C5 NAG S . 21.00 -0.81 -47.45
C6 NAG S . 20.00 -1.77 -46.86
C7 NAG S . 25.88 1.17 -47.78
C8 NAG S . 26.75 2.23 -48.35
N2 NAG S . 24.69 1.00 -48.36
O3 NAG S . 23.62 -0.97 -50.13
O4 NAG S . 20.84 -1.66 -49.68
O5 NAG S . 21.91 -0.46 -46.40
O6 NAG S . 20.65 -2.90 -46.30
O7 NAG S . 26.23 0.46 -46.83
C1 BMA S . 21.25 -2.68 -50.63
C2 BMA S . 20.00 -3.39 -51.13
C3 BMA S . 20.38 -4.41 -52.21
C4 BMA S . 21.24 -3.77 -53.30
C5 BMA S . 22.46 -3.06 -52.66
C6 BMA S . 23.31 -2.33 -53.69
O2 BMA S . 19.11 -2.47 -51.75
O3 BMA S . 19.22 -5.01 -52.78
O4 BMA S . 21.69 -4.77 -54.20
O5 BMA S . 21.97 -2.10 -51.71
O6 BMA S . 24.49 -1.88 -53.05
C1 NAG T . 30.54 17.34 -35.86
C2 NAG T . 30.44 18.82 -35.55
C3 NAG T . 29.92 19.58 -36.77
C4 NAG T . 30.80 19.29 -37.98
C5 NAG T . 30.93 17.78 -38.19
C6 NAG T . 31.91 17.42 -39.28
C7 NAG T . 28.31 18.76 -34.30
C8 NAG T . 27.63 19.10 -33.01
N2 NAG T . 29.60 19.07 -34.39
O3 NAG T . 29.93 20.98 -36.49
O4 NAG T . 30.23 19.85 -39.15
O5 NAG T . 31.39 17.14 -36.99
O6 NAG T . 33.24 17.54 -38.82
O7 NAG T . 27.71 18.21 -35.22
C1 NAG T . 30.56 21.24 -39.40
C2 NAG T . 30.64 21.43 -40.91
C3 NAG T . 30.97 22.89 -41.23
C4 NAG T . 30.00 23.82 -40.53
C5 NAG T . 29.92 23.51 -39.04
C6 NAG T . 28.85 24.31 -38.33
C7 NAG T . 31.31 19.67 -42.49
C8 NAG T . 32.45 18.83 -42.98
N2 NAG T . 31.60 20.54 -41.51
O3 NAG T . 30.93 23.08 -42.64
O4 NAG T . 30.42 25.18 -40.67
O5 NAG T . 29.60 22.12 -38.84
O6 NAG T . 28.62 23.81 -37.02
O7 NAG T . 30.18 19.59 -42.97
C1 BMA T . 30.05 25.82 -41.91
C2 BMA T . 30.03 27.34 -41.63
C3 BMA T . 29.82 28.12 -42.92
C4 BMA T . 30.80 27.66 -44.00
C5 BMA T . 30.67 26.15 -44.20
C6 BMA T . 31.63 25.61 -45.24
O2 BMA T . 31.28 27.76 -41.09
O3 BMA T . 29.95 29.52 -42.70
O4 BMA T . 30.53 28.34 -45.21
O5 BMA T . 30.96 25.50 -42.95
O6 BMA T . 31.32 24.25 -45.48
C1 NAG U . 1.98 22.46 -40.85
C2 NAG U . 2.69 23.75 -41.23
C3 NAG U . 1.95 24.95 -40.64
C4 NAG U . 0.48 24.92 -41.02
C5 NAG U . -0.14 23.57 -40.66
C6 NAG U . -1.56 23.43 -41.15
C7 NAG U . 5.08 23.31 -41.55
C8 NAG U . 6.44 23.36 -40.92
N2 NAG U . 4.07 23.73 -40.79
O3 NAG U . 2.55 26.15 -41.11
O4 NAG U . -0.20 25.96 -40.31
O5 NAG U . 0.61 22.52 -41.27
O6 NAG U . -1.62 23.36 -42.57
O7 NAG U . 4.91 22.90 -42.69
C1 NAG U . -0.92 26.85 -41.18
C2 NAG U . -1.49 27.96 -40.31
C3 NAG U . -2.28 28.95 -41.17
C4 NAG U . -1.40 29.47 -42.30
C5 NAG U . -0.79 28.30 -43.08
C6 NAG U . 0.19 28.75 -44.14
C7 NAG U . -3.43 26.71 -39.42
C8 NAG U . -4.13 26.26 -38.18
N2 NAG U . -2.32 27.44 -39.23
O3 NAG U . -2.71 30.04 -40.36
O4 NAG U . -2.17 30.27 -43.19
O5 NAG U . -0.08 27.43 -42.20
O6 NAG U . 0.89 27.64 -44.69
O7 NAG U . -3.84 26.42 -40.55
C1 NAG V . 26.78 11.51 -18.96
C2 NAG V . 25.31 11.91 -18.87
C3 NAG V . 25.10 13.32 -19.39
C4 NAG V . 26.01 14.28 -18.62
C5 NAG V . 27.46 13.82 -18.73
C6 NAG V . 28.41 14.67 -17.91
C7 NAG V . 24.51 10.71 -20.87
C8 NAG V . 23.53 9.71 -21.40
N2 NAG V . 24.45 10.96 -19.56
O3 NAG V . 23.74 13.68 -19.22
O4 NAG V . 25.89 15.60 -19.15
O5 NAG V . 27.58 12.47 -18.26
O6 NAG V . 29.75 14.19 -18.01
O7 NAG V . 25.33 11.27 -21.61
C1 NAG V . 24.78 16.36 -18.60
C2 NAG V . 25.06 17.85 -18.77
C3 NAG V . 23.91 18.65 -18.20
C4 NAG V . 22.59 18.21 -18.79
C5 NAG V . 22.42 16.69 -18.70
C6 NAG V . 21.21 16.19 -19.45
C7 NAG V . 27.46 18.43 -18.83
C8 NAG V . 28.65 18.80 -18.01
N2 NAG V . 26.32 18.22 -18.14
O3 NAG V . 24.13 20.04 -18.45
O4 NAG V . 21.51 18.81 -18.08
O5 NAG V . 23.56 16.02 -19.26
O6 NAG V . 21.14 14.77 -19.42
O7 NAG V . 27.51 18.33 -20.06
C1 BMA V . 20.97 19.98 -18.72
C2 BMA V . 19.69 20.37 -17.95
C3 BMA V . 19.16 21.73 -18.40
C4 BMA V . 20.27 22.77 -18.44
C5 BMA V . 21.43 22.25 -19.32
C6 BMA V . 22.58 23.24 -19.40
O2 BMA V . 19.96 20.48 -16.55
O3 BMA V . 18.09 22.21 -17.57
O4 BMA V . 19.79 23.99 -18.97
O5 BMA V . 21.92 21.04 -18.74
O6 BMA V . 23.06 23.47 -18.08
C1 MAN V . 16.87 21.43 -17.68
C2 MAN V . 15.68 22.39 -17.36
C3 MAN V . 15.57 22.64 -15.86
C4 MAN V . 15.57 21.33 -15.09
C5 MAN V . 16.86 20.57 -15.41
C6 MAN V . 16.95 19.24 -14.68
O2 MAN V . 14.43 21.80 -17.75
O3 MAN V . 14.41 23.40 -15.54
O4 MAN V . 15.50 21.57 -13.69
O5 MAN V . 16.89 20.29 -16.82
O6 MAN V . 15.83 18.44 -15.06
C1 MAN V . 23.98 24.58 -18.08
C2 MAN V . 24.70 24.60 -16.70
C3 MAN V . 23.72 25.04 -15.60
C4 MAN V . 23.03 26.36 -15.99
C5 MAN V . 22.32 26.19 -17.35
C6 MAN V . 21.66 27.47 -17.83
O2 MAN V . 25.77 25.54 -16.67
O3 MAN V . 24.37 25.18 -14.34
O4 MAN V . 22.07 26.71 -15.00
O5 MAN V . 23.30 25.81 -18.34
O6 MAN V . 21.11 27.21 -19.12
C1 NAG W . 47.36 -3.44 -35.32
C2 NAG W . 48.72 -3.82 -35.87
C3 NAG W . 49.70 -2.68 -35.64
C4 NAG W . 49.14 -1.33 -36.11
C5 NAG W . 47.68 -1.14 -35.69
C6 NAG W . 46.98 -0.02 -36.45
C7 NAG W . 50.14 -5.82 -35.82
C8 NAG W . 50.52 -7.04 -35.04
N2 NAG W . 49.21 -5.04 -35.26
O3 NAG W . 50.92 -2.96 -36.32
O4 NAG W . 49.96 -0.34 -35.48
O5 NAG W . 46.90 -2.31 -35.96
O6 NAG W . 45.57 -0.15 -36.38
O7 NAG W . 50.64 -5.55 -36.90
C1 NAG W . 50.21 1.02 -35.95
C2 NAG W . 50.02 1.27 -37.46
C3 NAG W . 50.16 2.76 -37.78
C4 NAG W . 49.23 3.59 -36.89
C5 NAG W . 49.54 3.28 -35.44
C6 NAG W . 48.68 4.04 -34.45
C7 NAG W . 50.65 -0.16 -39.36
C8 NAG W . 51.77 -0.91 -40.02
N2 NAG W . 50.98 0.49 -38.23
O3 NAG W . 49.84 2.98 -39.15
O4 NAG W . 49.40 4.97 -37.16
O5 NAG W . 49.30 1.88 -35.20
O6 NAG W . 47.30 3.73 -34.62
O7 NAG W . 49.52 -0.13 -39.84
C1 BMA W . 48.12 5.64 -37.32
C2 BMA W . 48.38 7.15 -37.42
C3 BMA W . 47.05 7.88 -37.58
C4 BMA W . 46.20 7.28 -38.72
C5 BMA W . 46.09 5.75 -38.57
C6 BMA W . 45.38 5.09 -39.74
O2 BMA W . 49.16 7.45 -38.57
O3 BMA W . 47.24 9.27 -37.79
O4 BMA W . 44.92 7.86 -38.71
O5 BMA W . 47.41 5.19 -38.48
O6 BMA W . 44.89 3.83 -39.32
C1 NAG X . -20.43 43.51 0.94
C2 NAG X . -19.55 43.66 -0.30
C3 NAG X . -19.34 45.14 -0.62
C4 NAG X . -20.67 45.88 -0.69
C5 NAG X . -21.48 45.63 0.57
C6 NAG X . -22.86 46.23 0.52
C7 NAG X . -18.09 41.69 -0.35
C8 NAG X . -16.71 41.16 -0.11
N2 NAG X . -18.28 42.98 -0.12
O3 NAG X . -18.66 45.24 -1.88
O4 NAG X . -20.43 47.27 -0.79
O5 NAG X . -21.64 44.22 0.76
O6 NAG X . -23.72 45.46 -0.30
O7 NAG X . -19.00 40.96 -0.75
C1 NAG X . -20.46 47.80 -2.14
C2 NAG X . -20.50 49.32 -2.04
C3 NAG X . -20.46 49.95 -3.44
C4 NAG X . -19.27 49.42 -4.22
C5 NAG X . -19.29 47.89 -4.22
C6 NAG X . -18.07 47.29 -4.89
C7 NAG X . -21.74 49.82 0.02
C8 NAG X . -23.02 50.31 0.60
N2 NAG X . -21.67 49.77 -1.31
O3 NAG X . -20.39 51.36 -3.32
O4 NAG X . -19.32 49.88 -5.56
O5 NAG X . -19.31 47.39 -2.88
O6 NAG X . -16.89 47.62 -4.18
O7 NAG X . -20.79 49.48 0.73
C1 BMA X . -18.73 51.17 -5.79
C2 BMA X . -18.26 51.22 -7.26
C3 BMA X . -17.70 52.58 -7.58
C4 BMA X . -18.69 53.69 -7.20
C5 BMA X . -19.11 53.54 -5.73
C6 BMA X . -20.15 54.56 -5.30
O2 BMA X . -19.34 51.00 -8.14
O3 BMA X . -17.36 52.70 -8.96
O4 BMA X . -18.10 54.97 -7.40
O5 BMA X . -19.65 52.22 -5.54
O6 BMA X . -20.37 54.43 -3.91
C1 NAG Y . -32.51 36.41 11.51
C2 NAG Y . -33.76 35.56 11.73
C3 NAG Y . -34.87 36.00 10.79
C4 NAG Y . -35.11 37.50 10.94
C5 NAG Y . -33.81 38.27 10.78
C6 NAG Y . -33.97 39.75 11.07
C7 NAG Y . -33.04 33.57 10.47
C8 NAG Y . -32.82 32.09 10.52
N2 NAG Y . -33.49 34.13 11.59
O3 NAG Y . -36.06 35.28 11.08
O4 NAG Y . -36.03 37.95 9.94
O5 NAG Y . -32.83 37.78 11.70
O6 NAG Y . -34.11 39.99 12.46
O7 NAG Y . -32.83 34.22 9.44
C1 NAG Y . -37.43 37.79 10.27
C2 NAG Y . -38.20 38.92 9.62
C3 NAG Y . -39.69 38.79 9.92
C4 NAG Y . -40.18 37.40 9.51
C5 NAG Y . -39.31 36.31 10.14
C6 NAG Y . -39.66 34.93 9.65
C7 NAG Y . -37.05 41.07 9.26
C8 NAG Y . -36.62 42.36 9.90
N2 NAG Y . -37.71 40.22 10.06
O3 NAG Y . -40.41 39.79 9.21
O4 NAG Y . -41.52 37.20 9.97
O5 NAG Y . -37.93 36.54 9.82
O6 NAG Y . -38.66 33.98 10.03
O7 NAG Y . -36.81 40.82 8.09
C1 BMA Y . -42.55 37.79 9.14
C2 BMA Y . -43.82 36.95 9.35
C3 BMA Y . -45.02 37.62 8.68
C4 BMA Y . -45.12 39.08 9.07
C5 BMA Y . -43.80 39.79 8.74
C6 BMA Y . -43.80 41.27 9.10
O2 BMA Y . -44.13 36.86 10.74
O3 BMA Y . -46.23 36.94 9.00
O4 BMA Y . -46.19 39.70 8.37
O5 BMA Y . -42.76 39.15 9.48
O6 BMA Y . -42.65 41.86 8.55
C1 NAG Z . -36.32 24.91 -15.31
C2 NAG Z . -37.71 25.05 -14.73
C3 NAG Z . -38.51 23.77 -14.98
C4 NAG Z . -38.49 23.40 -16.45
C5 NAG Z . -37.07 23.36 -16.98
C6 NAG Z . -37.00 23.16 -18.47
C7 NAG Z . -37.70 26.59 -12.81
C8 NAG Z . -37.62 26.69 -11.32
N2 NAG Z . -37.66 25.34 -13.30
O3 NAG Z . -39.85 23.95 -14.53
O4 NAG Z . -39.09 22.11 -16.61
O5 NAG Z . -36.40 24.61 -16.70
O6 NAG Z . -37.48 24.31 -19.17
O7 NAG Z . -37.79 27.57 -13.53
C1 NAG Z . -40.20 22.13 -17.53
C2 NAG Z . -40.83 20.73 -17.50
C3 NAG Z . -42.02 20.67 -18.44
C4 NAG Z . -43.01 21.77 -18.10
C5 NAG Z . -42.32 23.13 -18.08
C6 NAG Z . -43.21 24.25 -17.63
C7 NAG Z . -39.19 19.61 -18.98
C8 NAG Z . -38.23 18.47 -19.10
N2 NAG Z . -39.85 19.70 -17.81
O3 NAG Z . -42.65 19.40 -18.32
O4 NAG Z . -44.06 21.80 -19.07
O5 NAG Z . -41.20 23.10 -17.18
O6 NAG Z . -42.48 25.45 -17.43
O7 NAG Z . -39.36 20.42 -19.88
C1 NAG AA . -20.31 23.44 15.63
C2 NAG AA . -20.51 22.52 14.43
C3 NAG AA . -21.99 22.30 14.16
C4 NAG AA . -22.67 21.76 15.42
C5 NAG AA . -22.40 22.70 16.59
C6 NAG AA . -22.94 22.17 17.90
C7 NAG AA . -20.11 24.20 12.67
C8 NAG AA . -19.30 24.52 11.45
N2 NAG AA . -19.83 23.02 13.25
O3 NAG AA . -22.15 21.39 13.09
O4 NAG AA . -24.08 21.64 15.23
O5 NAG AA . -20.99 22.89 16.78
O6 NAG AA . -22.70 23.08 18.97
O7 NAG AA . -20.97 24.95 13.10
C1 NAG AA . -24.46 20.40 14.58
C2 NAG AA . -25.93 20.13 14.88
C3 NAG AA . -26.37 18.82 14.23
C4 NAG AA . -26.04 18.84 12.73
C5 NAG AA . -24.59 19.24 12.49
C6 NAG AA . -24.27 19.46 11.04
C7 NAG AA . -26.70 21.10 17.01
C8 NAG AA . -26.87 20.87 18.48
N2 NAG AA . -26.17 20.09 16.31
O3 NAG AA . -27.76 18.64 14.42
O4 NAG AA . -26.24 17.54 12.19
O5 NAG AA . -24.28 20.47 13.16
O6 NAG AA . -22.95 19.96 10.85
O7 NAG AA . -27.03 22.15 16.48
C1 BMA AA . -27.53 17.35 11.58
C2 BMA AA . -27.46 15.99 10.85
C3 BMA AA . -28.85 15.57 10.35
C4 BMA AA . -29.90 15.73 11.45
C5 BMA AA . -29.87 17.16 12.01
C6 BMA AA . -30.88 17.39 13.11
O2 BMA AA . -27.03 14.97 11.74
O3 BMA AA . -28.87 14.21 9.86
O4 BMA AA . -31.19 15.45 10.94
O5 BMA AA . -28.56 17.39 12.54
O6 BMA AA . -30.58 16.49 14.16
C1 MAN AA . -28.11 14.02 8.65
C2 MAN AA . -28.75 12.83 7.88
C3 MAN AA . -28.36 11.50 8.52
C4 MAN AA . -26.86 11.41 8.73
C5 MAN AA . -26.39 12.57 9.60
C6 MAN AA . -24.90 12.57 9.85
O2 MAN AA . -28.26 12.76 6.53
O3 MAN AA . -28.82 10.40 7.75
O4 MAN AA . -26.51 10.18 9.35
O5 MAN AA . -26.72 13.80 8.93
O6 MAN AA . -24.24 12.66 8.59
C1 MAN AA . -31.67 16.47 15.13
C2 MAN AA . -31.16 15.75 16.40
C3 MAN AA . -31.01 14.24 16.13
C4 MAN AA . -32.30 13.67 15.52
C5 MAN AA . -32.65 14.44 14.24
C6 MAN AA . -33.95 13.97 13.61
O2 MAN AA . -32.10 15.86 17.47
O3 MAN AA . -30.66 13.53 17.30
O4 MAN AA . -32.11 12.30 15.20
O5 MAN AA . -32.82 15.84 14.57
O6 MAN AA . -34.22 14.81 12.49
C1 NAG BA . -29.87 -28.52 -43.58
C2 NAG BA . -29.89 -27.33 -44.53
C3 NAG BA . -31.27 -27.20 -45.19
C4 NAG BA . -31.65 -28.51 -45.86
C5 NAG BA . -31.55 -29.67 -44.86
C6 NAG BA . -31.79 -31.01 -45.49
C7 NAG BA . -30.20 -25.53 -42.87
C8 NAG BA . -29.65 -24.24 -42.34
N2 NAG BA . -29.52 -26.08 -43.88
O3 NAG BA . -31.24 -26.15 -46.15
O4 NAG BA . -32.98 -28.43 -46.35
O5 NAG BA . -30.24 -29.71 -44.28
O6 NAG BA . -30.65 -31.45 -46.23
O7 NAG BA . -31.20 -26.06 -42.40
C1 NAG CA . -42.18 -37.12 -8.32
C2 NAG CA . -42.26 -37.40 -9.82
C3 NAG CA . -43.60 -38.03 -10.16
C4 NAG CA . -43.84 -39.26 -9.31
C5 NAG CA . -43.69 -38.92 -7.82
C6 NAG CA . -43.78 -40.13 -6.92
C7 NAG CA . -40.85 -35.80 -11.02
C8 NAG CA . -40.81 -34.51 -11.80
N2 NAG CA . -42.05 -36.18 -10.59
O3 NAG CA . -43.62 -38.38 -11.54
O4 NAG CA . -45.15 -39.77 -9.54
O5 NAG CA . -42.40 -38.33 -7.59
O6 NAG CA . -45.12 -40.60 -6.82
O7 NAG CA . -39.83 -36.44 -10.80
C1 NAG DA . 12.34 31.04 -49.83
C2 NAG DA . 10.87 31.37 -50.12
C3 NAG DA . 10.55 31.15 -51.60
C4 NAG DA . 11.52 31.94 -52.46
C5 NAG DA . 12.97 31.59 -52.09
C6 NAG DA . 13.98 32.45 -52.82
C7 NAG DA . 9.85 29.28 -49.29
C8 NAG DA . 8.84 28.69 -48.36
N2 NAG DA . 9.95 30.61 -49.27
O3 NAG DA . 9.21 31.56 -51.86
O4 NAG DA . 11.31 31.63 -53.84
O5 NAG DA . 13.18 31.82 -50.69
O6 NAG DA . 14.04 33.75 -52.27
O7 NAG DA . 10.55 28.57 -50.01
C1 NAG EA . 35.01 0.59 -44.68
C2 NAG EA . 34.67 1.84 -45.49
C3 NAG EA . 35.26 1.73 -46.89
C4 NAG EA . 36.75 1.43 -46.83
C5 NAG EA . 37.01 0.20 -45.95
C6 NAG EA . 38.47 -0.07 -45.72
C7 NAG EA . 32.58 2.83 -44.69
C8 NAG EA . 31.11 2.95 -44.90
N2 NAG EA . 33.24 2.07 -45.55
O3 NAG EA . 35.04 2.94 -47.60
O4 NAG EA . 37.26 1.19 -48.13
O5 NAG EA . 36.41 0.39 -44.66
O6 NAG EA . 39.09 -0.56 -46.91
O7 NAG EA . 33.15 3.40 -43.76
C1 NAG FA . -48.72 33.73 -9.45
C2 NAG FA . -48.95 33.19 -10.86
C3 NAG FA . -49.34 34.33 -11.80
C4 NAG FA . -50.54 35.08 -11.25
C5 NAG FA . -50.27 35.54 -9.82
C6 NAG FA . -51.47 36.18 -9.18
C7 NAG FA . -46.58 33.02 -11.56
C8 NAG FA . -45.53 32.12 -12.11
N2 NAG FA . -47.79 32.47 -11.37
O3 NAG FA . -49.63 33.80 -13.09
O4 NAG FA . -50.82 36.21 -12.07
O5 NAG FA . -49.90 34.42 -9.00
O6 NAG FA . -52.41 35.20 -8.75
O7 NAG FA . -46.37 34.20 -11.31
C1 NAG GA . -20.86 51.94 9.49
C2 NAG GA . -22.29 51.95 8.95
C3 NAG GA . -22.77 53.39 8.79
C4 NAG GA . -22.60 54.16 10.09
C5 NAG GA . -21.17 54.04 10.58
C6 NAG GA . -20.95 54.68 11.94
C7 NAG GA . -22.71 49.93 7.63
C8 NAG GA . -22.77 49.35 6.24
N2 NAG GA . -22.40 51.23 7.70
O3 NAG GA . -24.14 53.39 8.40
O4 NAG GA . -22.92 55.53 9.88
O5 NAG GA . -20.80 52.66 10.72
O6 NAG GA . -20.84 56.09 11.84
O7 NAG GA . -22.93 49.26 8.62
#